data_8G77
#
_entry.id   8G77
#
_cell.length_a   1.00
_cell.length_b   1.00
_cell.length_c   1.00
_cell.angle_alpha   90.00
_cell.angle_beta   90.00
_cell.angle_gamma   90.00
#
_symmetry.space_group_name_H-M   'P 1'
#
loop_
_entity.id
_entity.type
_entity.pdbx_description
1 polymer 'Spike glycoprotein'
2 polymer Nanosota-6
3 branched 2-acetamido-2-deoxy-beta-D-glucopyranose-(1-4)-2-acetamido-2-deoxy-beta-D-glucopyranose
4 non-polymer 2-acetamido-2-deoxy-beta-D-glucopyranose
#
loop_
_entity_poly.entity_id
_entity_poly.type
_entity_poly.pdbx_seq_one_letter_code
_entity_poly.pdbx_strand_id
1 'polypeptide(L)'
;QCVNLTTRTQLPPAYTNSFTRGVYYPDKVFRSSVLHSTQDLFLPFFSNVTWFHAIHVSGTNGTKRFDNPVLPFNDGVYFA
STEKSNIIRGWIFGTTLDSKTQSLLIVNNATNVVIKVCEFQFCNDPFLGVYYHKNNKSWMESEFRVYSSANNCTFEYVSQ
PFLMDLEGKQGNFKNLREFVFKNIDGYFKIYSKHTPINLVRDLPQGFSALEPLVDLPIGINITRFQTLLALHRSYLTPGD
SSSGWTAGAAAYYVGYLQPRTFLLKYNENGTITDAVDCALDPLSETKCTLKSFTVEKGIYQTSNFRVQPTESIVRFPNIT
NLCPFGEVFNATRFASVYAWNRKRISNCVADYSVLYNSASFSTFKCYGVSPTKLNDLCFTNVYADSFVIRGDEVRQIAPG
QTGKIADYNYKLPDDFTGCVIAWNSNNLDSKVGGNYNYLYRLFRKSNLKPFERDISTEIYQAGSTPCNGVEGFNCYFPLQ
SYGFQPTNGVGYQPYRVVVLSFELLHAPATVCGPKKSTNLVKNKCVNFNFNGLTGTGVLTESNKKFLPFQQFGRDIADTT
DAVRDPQTLEILDITPCSFGGVSVITPGTNTSNQVAVLYQGVNCTEVPVAIHADQLTPTWRVYSTGSNVFQTRAGCLIGA
EHVNNSYECDIPIGAGICASYQTQTNSPAGARSVASQSIIAYTMSLGAENSVAYSNNSIAIPTNFTISVTTEILPVSMTK
TSVDCTMYICGDSTECSNLLLQYGSFCTQLNRALTGIAVEQDKNTQEVFAQVKQIYKTPPIKDFGGFNFSQILPDPSKPS
KRSPIEDLLFNKVTLADAGFIKQYGDCLGDIAARDLICAQKFNGLTVLPPLLTDEMIAQYTSALLAGTITSGWTFGAGPA
LQIPFPMQMAYRFNGIGVTQNVLYENQKLIANQFNSAIGKIQDSLSSTPSALGKLQDVVNQNAQALNTLVKQLSSNFGAI
SSVLNDILSRLDPPEAEVQIDRLITGRLQSLQTYVTQQLIRAAEIRASANLAATKMSECVLGQSKRVDFCGKGYHLMSFP
QSAPHGVVFLHVTYVPAQEKNFTTAPAICHDGKAHFPREGVFVSNGTHWFVTQRNFYEPQIITTDNTFVSGNCDVVIGIV
NNTVYDPLQPELDSFKEELDKYFKNHTSPDVDLGDISGINASVVNIQKEIDRLNEVAKNLNESLIDLQELGKYEQYIKGS
GYIPEAPRDGQAYVRKDGEWVLLSTFLGHHHHHH
;
A,B,D
2 'polypeptide(L)'
;MAQVQLQESGGGLVQPGGSLRLSCVASGSVTFNSMGWYRQAPGKQRELVAQITAGGDTHYADSVKGRFTISEHRGKNAVY
LEMHSLKPEDTAVYYCHLQVPFLGGGYDYWGQGTQVTVSSGGQHHHHHHGAYPYDVPDYAS
;
G,F,K
#
loop_
_chem_comp.id
_chem_comp.type
_chem_comp.name
_chem_comp.formula
NAG D-saccharide, beta linking 2-acetamido-2-deoxy-beta-D-glucopyranose 'C8 H15 N O6'
#
# COMPACT_ATOMS: atom_id res chain seq x y z
N GLN A 1 -6.74 25.71 69.00
CA GLN A 1 -6.51 24.39 69.59
C GLN A 1 -7.67 23.45 69.22
N CYS A 2 -7.59 22.19 69.64
CA CYS A 2 -8.62 21.21 69.36
C CYS A 2 -9.27 20.74 70.66
N VAL A 3 -10.59 20.49 70.60
CA VAL A 3 -11.35 19.94 71.71
C VAL A 3 -12.13 18.72 71.23
N ASN A 4 -12.47 17.85 72.18
CA ASN A 4 -13.01 16.54 71.92
C ASN A 4 -14.52 16.59 71.71
N LEU A 5 -15.08 15.48 71.28
CA LEU A 5 -16.53 15.29 71.14
C LEU A 5 -16.96 14.15 72.06
N THR A 6 -18.14 14.28 72.65
CA THR A 6 -18.54 13.42 73.76
C THR A 6 -19.29 12.16 73.32
N THR A 7 -20.44 12.32 72.68
CA THR A 7 -21.34 11.22 72.38
C THR A 7 -21.17 10.78 70.93
N ARG A 8 -20.98 9.47 70.72
CA ARG A 8 -20.69 8.95 69.39
C ARG A 8 -21.80 8.07 68.84
N THR A 9 -22.16 6.99 69.54
CA THR A 9 -23.16 6.02 69.08
C THR A 9 -22.82 5.46 67.70
N GLN A 10 -23.74 4.71 67.10
CA GLN A 10 -23.47 4.11 65.80
C GLN A 10 -24.79 3.91 65.05
N LEU A 11 -24.66 3.77 63.73
CA LEU A 11 -25.76 3.59 62.79
C LEU A 11 -25.15 3.04 61.50
N PRO A 12 -25.65 1.93 60.94
CA PRO A 12 -24.98 1.33 59.80
C PRO A 12 -25.06 2.24 58.58
N PRO A 13 -24.05 2.21 57.71
CA PRO A 13 -23.99 3.17 56.60
C PRO A 13 -25.05 2.89 55.54
N ALA A 14 -25.38 3.94 54.81
CA ALA A 14 -26.33 3.89 53.71
C ALA A 14 -25.60 4.10 52.38
N TYR A 15 -26.28 3.74 51.29
CA TYR A 15 -25.75 3.93 49.95
C TYR A 15 -26.86 4.46 49.05
N THR A 16 -26.46 4.99 47.89
CA THR A 16 -27.40 5.57 46.95
C THR A 16 -26.83 5.41 45.55
N ASN A 17 -27.72 5.49 44.55
CA ASN A 17 -27.32 5.43 43.15
C ASN A 17 -26.87 6.80 42.67
N SER A 18 -26.12 6.80 41.56
CA SER A 18 -25.55 8.00 40.97
C SER A 18 -25.74 8.02 39.46
N PHE A 19 -26.98 7.75 39.02
CA PHE A 19 -27.27 7.67 37.59
C PHE A 19 -27.06 9.02 36.91
N THR A 20 -26.17 9.04 35.92
CA THR A 20 -25.82 10.23 35.15
C THR A 20 -25.52 11.43 36.06
N ARG A 21 -24.44 11.27 36.82
CA ARG A 21 -24.04 12.32 37.76
C ARG A 21 -22.53 12.36 37.83
N GLY A 22 -21.97 13.57 37.74
CA GLY A 22 -20.54 13.77 37.88
C GLY A 22 -19.76 13.76 36.59
N VAL A 23 -20.20 14.57 35.62
CA VAL A 23 -19.52 14.72 34.34
C VAL A 23 -18.95 16.13 34.28
N TYR A 24 -17.69 16.24 33.91
CA TYR A 24 -17.01 17.53 33.81
C TYR A 24 -16.45 17.70 32.40
N TYR A 25 -16.03 18.93 32.10
CA TYR A 25 -15.42 19.21 30.81
C TYR A 25 -13.98 18.72 30.80
N PRO A 26 -13.63 17.78 29.91
CA PRO A 26 -12.29 17.19 29.96
C PRO A 26 -11.18 18.16 29.59
N ASP A 27 -11.31 18.81 28.45
CA ASP A 27 -10.29 19.70 27.92
C ASP A 27 -10.86 21.12 27.80
N LYS A 28 -10.06 22.03 27.26
CA LYS A 28 -10.47 23.41 27.04
C LYS A 28 -10.50 23.65 25.54
N VAL A 29 -11.60 23.22 24.91
CA VAL A 29 -11.84 23.36 23.48
C VAL A 29 -13.35 23.56 23.33
N PHE A 30 -13.75 24.19 22.23
CA PHE A 30 -15.14 24.48 21.97
C PHE A 30 -15.66 23.56 20.87
N ARG A 31 -16.81 22.92 21.12
CA ARG A 31 -17.47 22.06 20.16
C ARG A 31 -18.92 22.50 20.01
N SER A 32 -19.49 22.28 18.82
CA SER A 32 -20.85 22.70 18.52
C SER A 32 -21.57 21.60 17.77
N SER A 33 -22.72 21.17 18.32
CA SER A 33 -23.64 20.26 17.65
C SER A 33 -22.96 18.97 17.19
N VAL A 34 -21.92 18.55 17.92
CA VAL A 34 -21.19 17.33 17.60
C VAL A 34 -21.06 16.50 18.86
N LEU A 35 -21.18 15.19 18.72
CA LEU A 35 -20.93 14.26 19.80
C LEU A 35 -19.50 13.73 19.67
N HIS A 36 -18.75 13.78 20.77
CA HIS A 36 -17.32 13.53 20.74
C HIS A 36 -16.98 12.55 21.85
N SER A 37 -16.16 11.55 21.53
CA SER A 37 -15.80 10.51 22.46
C SER A 37 -14.44 10.83 23.08
N THR A 38 -14.40 10.95 24.39
CA THR A 38 -13.19 11.26 25.13
C THR A 38 -12.75 10.05 25.95
N GLN A 39 -11.64 10.22 26.65
CA GLN A 39 -11.09 9.16 27.50
C GLN A 39 -10.39 9.84 28.66
N ASP A 40 -10.97 9.71 29.86
CA ASP A 40 -10.44 10.35 31.05
C ASP A 40 -10.94 9.58 32.27
N LEU A 41 -10.81 10.18 33.44
CA LEU A 41 -11.24 9.57 34.69
C LEU A 41 -12.60 10.14 35.06
N PHE A 42 -13.66 9.38 34.81
CA PHE A 42 -15.02 9.77 35.13
C PHE A 42 -15.59 8.86 36.20
N LEU A 43 -16.67 9.32 36.82
CA LEU A 43 -17.43 8.49 37.74
C LEU A 43 -18.37 7.61 36.95
N PRO A 44 -18.25 6.28 37.03
CA PRO A 44 -19.11 5.41 36.21
C PRO A 44 -20.58 5.58 36.55
N PHE A 45 -21.42 5.41 35.54
CA PHE A 45 -22.86 5.53 35.71
C PHE A 45 -23.39 4.41 36.58
N PHE A 46 -24.47 4.70 37.30
CA PHE A 46 -25.07 3.75 38.25
C PHE A 46 -24.05 3.24 39.27
N SER A 47 -23.21 4.15 39.77
CA SER A 47 -22.22 3.76 40.75
C SER A 47 -22.84 3.71 42.15
N ASN A 48 -22.14 3.03 43.05
CA ASN A 48 -22.55 2.90 44.45
C ASN A 48 -21.76 3.92 45.24
N VAL A 49 -22.39 5.02 45.62
CA VAL A 49 -21.74 6.10 46.35
C VAL A 49 -22.10 6.00 47.81
N THR A 50 -21.09 6.01 48.68
CA THR A 50 -21.34 5.97 50.12
C THR A 50 -22.08 7.22 50.56
N TRP A 51 -22.97 7.05 51.54
CA TRP A 51 -23.85 8.11 52.01
C TRP A 51 -23.53 8.41 53.46
N PHE A 52 -23.24 9.67 53.75
CA PHE A 52 -22.96 10.14 55.11
C PHE A 52 -23.97 11.21 55.50
N HIS A 53 -24.53 11.06 56.70
CA HIS A 53 -25.37 12.10 57.28
C HIS A 53 -24.51 13.03 58.12
N ALA A 54 -24.66 14.33 57.89
CA ALA A 54 -23.79 15.30 58.56
C ALA A 54 -23.93 15.21 60.08
N ILE A 55 -25.15 15.12 60.57
CA ILE A 55 -25.42 14.97 61.99
C ILE A 55 -25.79 13.51 62.21
N HIS A 56 -24.88 12.73 62.79
CA HIS A 56 -25.12 11.30 62.99
C HIS A 56 -26.09 11.13 64.15
N VAL A 57 -27.37 11.10 63.82
CA VAL A 57 -28.43 11.09 64.81
C VAL A 57 -28.68 9.67 65.28
N SER A 58 -28.71 9.47 66.59
CA SER A 58 -29.15 8.20 67.16
C SER A 58 -30.67 8.18 67.29
N GLY A 59 -31.25 9.32 67.67
CA GLY A 59 -32.69 9.47 67.71
C GLY A 59 -33.04 10.93 67.60
N THR A 60 -34.21 11.21 67.03
CA THR A 60 -34.58 12.59 66.73
C THR A 60 -34.72 13.44 67.99
N ASN A 61 -34.49 12.88 69.19
CA ASN A 61 -34.64 13.74 70.36
C ASN A 61 -33.59 14.85 70.38
N GLY A 62 -32.37 14.53 69.93
CA GLY A 62 -31.24 15.42 70.14
C GLY A 62 -29.93 14.68 70.38
N THR A 63 -29.99 13.34 70.41
CA THR A 63 -28.78 12.53 70.53
C THR A 63 -28.08 12.46 69.18
N LYS A 64 -26.86 12.99 69.11
CA LYS A 64 -26.20 13.27 67.84
C LYS A 64 -24.76 12.75 67.86
N ARG A 65 -24.06 13.02 66.75
CA ARG A 65 -22.61 12.91 66.57
C ARG A 65 -22.28 13.43 65.17
N PHE A 66 -21.01 13.79 64.98
CA PHE A 66 -20.49 14.08 63.65
C PHE A 66 -20.05 12.80 62.95
N ASP A 67 -20.30 12.73 61.65
CA ASP A 67 -19.93 11.59 60.83
C ASP A 67 -18.94 12.13 59.79
N ASN A 68 -17.66 12.14 60.15
CA ASN A 68 -16.61 12.67 59.29
C ASN A 68 -15.37 11.78 59.20
N PRO A 69 -15.54 10.48 58.91
CA PRO A 69 -14.39 9.57 58.94
C PRO A 69 -13.37 9.91 57.87
N VAL A 70 -12.12 9.53 58.14
CA VAL A 70 -11.06 9.71 57.17
C VAL A 70 -11.25 8.71 56.03
N LEU A 71 -11.21 9.21 54.79
CA LEU A 71 -11.53 8.39 53.64
C LEU A 71 -10.36 8.37 52.65
N PRO A 72 -10.22 7.31 51.88
CA PRO A 72 -9.14 7.26 50.89
C PRO A 72 -9.37 8.21 49.73
N PHE A 73 -8.30 8.44 48.98
CA PHE A 73 -8.31 9.32 47.80
C PHE A 73 -7.65 8.52 46.68
N ASN A 74 -8.45 7.85 45.87
CA ASN A 74 -7.97 6.94 44.84
C ASN A 74 -8.24 7.55 43.47
N ASP A 75 -7.19 8.12 42.86
CA ASP A 75 -7.25 8.65 41.50
C ASP A 75 -8.35 9.70 41.33
N GLY A 76 -8.71 10.38 42.40
CA GLY A 76 -9.74 11.39 42.32
C GLY A 76 -10.98 10.99 43.10
N VAL A 77 -11.81 11.99 43.39
CA VAL A 77 -13.00 11.81 44.21
C VAL A 77 -14.09 12.73 43.69
N TYR A 78 -15.30 12.19 43.51
CA TYR A 78 -16.49 12.99 43.24
C TYR A 78 -17.20 13.24 44.55
N PHE A 79 -17.47 14.51 44.84
CA PHE A 79 -18.05 14.91 46.12
C PHE A 79 -19.29 15.75 45.86
N ALA A 80 -20.38 15.41 46.52
CA ALA A 80 -21.63 16.14 46.42
C ALA A 80 -22.18 16.41 47.81
N SER A 81 -22.83 17.56 47.96
CA SER A 81 -23.39 17.98 49.23
C SER A 81 -24.82 18.45 49.03
N THR A 82 -25.71 18.01 49.91
CA THR A 82 -27.09 18.46 49.94
C THR A 82 -27.34 19.06 51.32
N GLU A 83 -27.54 20.36 51.37
CA GLU A 83 -27.68 21.05 52.65
C GLU A 83 -28.50 22.32 52.45
N LYS A 84 -28.94 22.88 53.57
CA LYS A 84 -29.74 24.10 53.57
C LYS A 84 -29.23 25.18 54.50
N SER A 85 -28.19 24.90 55.30
CA SER A 85 -27.67 25.90 56.24
C SER A 85 -26.14 25.90 56.29
N ASN A 86 -25.47 25.46 55.24
CA ASN A 86 -24.02 25.56 55.11
C ASN A 86 -23.28 24.83 56.23
N ILE A 87 -23.69 23.57 56.47
CA ILE A 87 -23.00 22.76 57.46
C ILE A 87 -21.62 22.35 56.95
N ILE A 88 -21.53 21.95 55.68
CA ILE A 88 -20.25 21.56 55.11
C ILE A 88 -19.40 22.81 54.91
N ARG A 89 -18.10 22.71 55.23
CA ARG A 89 -17.26 23.89 55.21
C ARG A 89 -15.85 23.66 54.67
N GLY A 90 -15.57 22.51 54.07
CA GLY A 90 -14.29 22.28 53.45
C GLY A 90 -13.75 20.90 53.71
N TRP A 91 -12.51 20.68 53.32
CA TRP A 91 -11.87 19.37 53.41
C TRP A 91 -10.39 19.56 53.72
N ILE A 92 -9.76 18.47 54.17
CA ILE A 92 -8.32 18.43 54.40
C ILE A 92 -7.77 17.22 53.66
N PHE A 93 -6.60 17.40 53.02
CA PHE A 93 -6.01 16.38 52.18
C PHE A 93 -4.59 16.10 52.64
N GLY A 94 -4.09 14.93 52.29
CA GLY A 94 -2.73 14.56 52.64
C GLY A 94 -2.56 13.05 52.63
N THR A 95 -1.44 12.62 53.22
CA THR A 95 -1.12 11.21 53.37
C THR A 95 -1.29 10.70 54.79
N THR A 96 -0.64 11.36 55.75
CA THR A 96 -0.70 10.96 57.15
C THR A 96 -1.46 11.93 58.03
N LEU A 97 -1.76 13.14 57.53
CA LEU A 97 -2.56 14.12 58.25
C LEU A 97 -1.94 14.48 59.61
N ASP A 98 -0.61 14.58 59.64
CA ASP A 98 0.09 14.99 60.85
C ASP A 98 1.25 15.90 60.43
N SER A 99 2.14 16.19 61.39
CA SER A 99 3.25 17.09 61.13
C SER A 99 4.38 16.46 60.34
N LYS A 100 4.37 15.14 60.14
CA LYS A 100 5.46 14.49 59.43
C LYS A 100 5.50 14.92 57.97
N THR A 101 4.34 15.04 57.32
CA THR A 101 4.27 15.37 55.91
C THR A 101 3.31 16.53 55.67
N GLN A 102 3.47 17.17 54.52
CA GLN A 102 2.65 18.30 54.16
C GLN A 102 1.21 17.88 53.90
N SER A 103 0.28 18.82 54.11
CA SER A 103 -1.14 18.55 53.95
C SER A 103 -1.84 19.82 53.48
N LEU A 104 -2.78 19.67 52.55
CA LEU A 104 -3.53 20.79 52.01
C LEU A 104 -4.83 20.98 52.76
N LEU A 105 -5.23 22.23 52.95
CA LEU A 105 -6.45 22.59 53.66
C LEU A 105 -7.23 23.63 52.86
N ILE A 106 -8.52 23.38 52.65
CA ILE A 106 -9.41 24.31 51.97
C ILE A 106 -10.62 24.50 52.88
N VAL A 107 -10.58 25.54 53.72
CA VAL A 107 -11.60 25.77 54.73
C VAL A 107 -12.25 27.12 54.48
N ASN A 108 -13.59 27.15 54.52
CA ASN A 108 -14.37 28.38 54.45
C ASN A 108 -14.81 28.74 55.86
N ASN A 109 -13.91 29.40 56.60
CA ASN A 109 -14.19 29.72 57.99
C ASN A 109 -15.00 31.02 58.10
N ALA A 110 -16.19 30.97 57.50
CA ALA A 110 -17.17 32.07 57.56
C ALA A 110 -16.68 33.32 56.86
N THR A 111 -15.65 33.98 57.42
CA THR A 111 -15.21 35.26 56.89
C THR A 111 -14.73 35.15 55.46
N ASN A 112 -13.83 34.20 55.18
CA ASN A 112 -13.29 34.06 53.84
C ASN A 112 -12.65 32.68 53.68
N VAL A 113 -12.63 32.21 52.44
CA VAL A 113 -12.05 30.90 52.12
C VAL A 113 -10.53 30.99 52.24
N VAL A 114 -9.92 29.97 52.84
CA VAL A 114 -8.50 29.98 53.16
C VAL A 114 -7.88 28.67 52.68
N ILE A 115 -7.11 28.74 51.59
CA ILE A 115 -6.32 27.60 51.12
C ILE A 115 -4.91 27.73 51.66
N LYS A 116 -4.42 26.68 52.30
CA LYS A 116 -3.05 26.66 52.80
C LYS A 116 -2.43 25.29 52.53
N VAL A 117 -1.11 25.28 52.36
CA VAL A 117 -0.35 24.04 52.21
C VAL A 117 0.79 24.11 53.24
N CYS A 118 0.54 23.58 54.43
CA CYS A 118 1.51 23.60 55.52
C CYS A 118 1.52 22.24 56.20
N GLU A 119 2.51 22.03 57.06
CA GLU A 119 2.64 20.79 57.81
C GLU A 119 1.83 20.92 59.11
N PHE A 120 0.52 20.85 58.96
CA PHE A 120 -0.37 20.99 60.10
C PHE A 120 -0.29 19.76 61.01
N GLN A 121 -0.69 19.96 62.27
CA GLN A 121 -0.84 18.88 63.24
C GLN A 121 -2.34 18.71 63.47
N PHE A 122 -2.96 17.89 62.62
CA PHE A 122 -4.40 17.72 62.70
C PHE A 122 -4.78 16.85 63.88
N CYS A 123 -5.86 17.23 64.57
CA CYS A 123 -6.41 16.43 65.63
C CYS A 123 -7.35 15.37 65.07
N ASN A 124 -7.83 14.48 65.96
CA ASN A 124 -8.65 13.37 65.51
C ASN A 124 -10.00 13.85 64.98
N ASP A 125 -10.57 14.89 65.58
CA ASP A 125 -11.90 15.38 65.22
C ASP A 125 -11.77 16.85 64.86
N PRO A 126 -11.52 17.17 63.59
CA PRO A 126 -11.53 18.57 63.15
C PRO A 126 -12.96 19.03 62.88
N PHE A 127 -13.31 20.19 63.43
CA PHE A 127 -14.65 20.74 63.29
C PHE A 127 -14.58 22.24 63.53
N LEU A 128 -15.57 22.95 63.00
CA LEU A 128 -15.70 24.39 63.20
C LEU A 128 -16.98 24.65 63.95
N GLY A 129 -16.85 25.11 65.20
CA GLY A 129 -18.02 25.35 66.03
C GLY A 129 -18.75 26.63 65.64
N VAL A 130 -20.07 26.59 65.71
CA VAL A 130 -20.93 27.73 65.42
C VAL A 130 -21.79 28.00 66.64
N TYR A 131 -21.63 29.18 67.22
CA TYR A 131 -22.49 29.62 68.32
C TYR A 131 -23.63 30.48 67.78
N TYR A 132 -24.47 29.82 66.99
CA TYR A 132 -25.58 30.52 66.32
C TYR A 132 -26.55 31.11 67.34
N HIS A 133 -26.88 30.37 68.39
CA HIS A 133 -27.78 30.85 69.43
C HIS A 133 -27.16 30.77 70.82
N LYS A 134 -25.87 30.50 70.92
CA LYS A 134 -25.23 30.36 72.24
C LYS A 134 -25.26 31.68 72.99
N ASN A 135 -25.01 32.79 72.31
CA ASN A 135 -25.01 34.09 72.94
C ASN A 135 -26.44 34.60 73.11
N ASN A 136 -26.58 35.76 73.75
CA ASN A 136 -27.91 36.28 74.08
C ASN A 136 -28.72 36.56 72.82
N LYS A 137 -28.13 37.29 71.87
CA LYS A 137 -28.81 37.57 70.61
C LYS A 137 -28.57 36.43 69.62
N SER A 138 -29.32 36.47 68.53
CA SER A 138 -29.29 35.42 67.50
C SER A 138 -28.36 35.88 66.38
N TRP A 139 -27.12 35.40 66.40
CA TRP A 139 -26.17 35.69 65.35
C TRP A 139 -25.12 34.60 65.29
N MET A 140 -24.66 34.30 64.08
CA MET A 140 -23.64 33.28 63.89
C MET A 140 -22.29 33.75 64.41
N GLU A 141 -21.61 32.88 65.15
CA GLU A 141 -20.25 33.14 65.61
C GLU A 141 -19.44 31.87 65.41
N SER A 142 -18.37 31.97 64.64
CA SER A 142 -17.65 30.79 64.18
C SER A 142 -16.56 30.39 65.18
N GLU A 143 -15.82 29.34 64.83
CA GLU A 143 -14.74 28.82 65.66
C GLU A 143 -13.84 27.97 64.77
N PHE A 144 -12.53 28.05 64.99
CA PHE A 144 -11.54 27.34 64.17
C PHE A 144 -10.81 26.35 65.04
N ARG A 145 -11.04 25.06 64.79
CA ARG A 145 -10.52 23.99 65.63
C ARG A 145 -10.04 22.82 64.78
N VAL A 146 -9.27 23.13 63.74
CA VAL A 146 -8.83 22.13 62.77
C VAL A 146 -7.51 21.49 63.20
N TYR A 147 -6.47 22.30 63.35
CA TYR A 147 -5.13 21.80 63.64
C TYR A 147 -4.60 22.43 64.92
N SER A 148 -3.37 22.04 65.28
CA SER A 148 -2.68 22.57 66.46
C SER A 148 -1.53 23.49 66.09
N SER A 149 -0.61 23.03 65.23
CA SER A 149 0.53 23.84 64.80
C SER A 149 0.67 23.75 63.29
N ALA A 150 1.10 24.85 62.68
CA ALA A 150 1.26 24.95 61.24
C ALA A 150 2.67 25.41 60.93
N ASN A 151 3.34 24.71 60.01
CA ASN A 151 4.70 25.05 59.61
C ASN A 151 4.85 24.80 58.12
N ASN A 152 5.84 25.48 57.52
CA ASN A 152 6.17 25.34 56.11
C ASN A 152 4.97 25.65 55.21
N CYS A 153 4.40 26.84 55.41
CA CYS A 153 3.24 27.25 54.61
C CYS A 153 3.73 27.69 53.23
N THR A 154 3.96 26.69 52.38
CA THR A 154 4.49 26.95 51.04
C THR A 154 3.50 27.74 50.19
N PHE A 155 2.23 27.34 50.20
CA PHE A 155 1.20 27.97 49.41
C PHE A 155 0.17 28.62 50.34
N GLU A 156 -0.39 29.73 49.89
CA GLU A 156 -1.39 30.44 50.68
C GLU A 156 -2.29 31.24 49.76
N TYR A 157 -3.60 31.07 49.92
CA TYR A 157 -4.59 31.87 49.24
C TYR A 157 -5.67 32.27 50.23
N VAL A 158 -6.07 33.54 50.19
CA VAL A 158 -7.15 34.04 51.02
C VAL A 158 -8.07 34.87 50.14
N SER A 159 -9.34 34.93 50.53
CA SER A 159 -10.35 35.62 49.75
C SER A 159 -10.78 36.92 50.45
N GLN A 160 -11.39 37.80 49.68
CA GLN A 160 -11.91 39.03 50.26
C GLN A 160 -13.07 38.71 51.20
N PRO A 161 -13.20 39.43 52.32
CA PRO A 161 -14.21 39.09 53.32
C PRO A 161 -15.62 39.09 52.74
N PHE A 162 -16.43 38.14 53.20
CA PHE A 162 -17.84 38.08 52.85
C PHE A 162 -18.60 37.50 54.04
N LEU A 163 -19.86 37.88 54.17
CA LEU A 163 -20.70 37.47 55.28
C LEU A 163 -21.93 36.74 54.76
N MET A 164 -22.21 35.57 55.33
CA MET A 164 -23.41 34.83 54.99
C MET A 164 -24.58 35.36 55.82
N ASP A 165 -25.70 35.65 55.15
CA ASP A 165 -26.90 36.16 55.79
C ASP A 165 -28.10 35.36 55.33
N LEU A 166 -28.89 34.85 56.28
CA LEU A 166 -30.07 34.06 55.98
C LEU A 166 -31.36 34.75 56.38
N GLU A 167 -31.48 35.13 57.65
CA GLU A 167 -32.69 35.76 58.19
C GLU A 167 -33.94 34.93 57.89
N GLY A 171 -37.76 26.59 55.67
CA GLY A 171 -36.48 25.91 55.72
C GLY A 171 -36.44 24.65 54.89
N ASN A 172 -36.65 24.80 53.58
CA ASN A 172 -36.64 23.66 52.67
C ASN A 172 -35.91 23.98 51.37
N PHE A 173 -35.10 25.05 51.34
CA PHE A 173 -34.39 25.45 50.13
C PHE A 173 -33.01 24.82 50.10
N LYS A 174 -33.00 23.48 49.99
CA LYS A 174 -31.76 22.74 49.95
C LYS A 174 -30.99 23.06 48.67
N ASN A 175 -29.68 22.88 48.73
CA ASN A 175 -28.79 23.19 47.61
C ASN A 175 -27.87 22.01 47.34
N LEU A 176 -27.55 21.82 46.06
CA LEU A 176 -26.66 20.75 45.62
C LEU A 176 -25.36 21.37 45.11
N ARG A 177 -24.24 20.85 45.61
CA ARG A 177 -22.92 21.37 45.26
C ARG A 177 -22.00 20.20 44.92
N GLU A 178 -21.82 19.94 43.62
CA GLU A 178 -20.97 18.86 43.17
C GLU A 178 -19.53 19.33 43.04
N PHE A 179 -18.60 18.47 43.45
CA PHE A 179 -17.18 18.77 43.34
C PHE A 179 -16.44 17.56 42.80
N VAL A 180 -15.44 17.80 41.96
CA VAL A 180 -14.54 16.76 41.48
C VAL A 180 -13.12 17.18 41.82
N PHE A 181 -12.42 16.34 42.57
CA PHE A 181 -11.04 16.57 42.96
C PHE A 181 -10.14 15.59 42.21
N LYS A 182 -9.08 16.11 41.61
CA LYS A 182 -8.14 15.29 40.86
C LYS A 182 -6.74 15.85 41.06
N ASN A 183 -5.77 14.95 41.18
CA ASN A 183 -4.39 15.31 41.48
C ASN A 183 -3.46 14.55 40.54
N ILE A 184 -3.01 15.24 39.48
CA ILE A 184 -2.12 14.64 38.49
C ILE A 184 -0.98 15.60 38.21
N ASP A 185 0.18 15.02 37.84
CA ASP A 185 1.40 15.74 37.50
C ASP A 185 1.69 16.90 38.44
N GLY A 186 1.36 16.72 39.73
CA GLY A 186 1.61 17.76 40.71
C GLY A 186 0.67 18.94 40.65
N TYR A 187 -0.51 18.77 40.05
CA TYR A 187 -1.48 19.85 39.96
C TYR A 187 -2.80 19.37 40.58
N PHE A 188 -3.41 20.22 41.40
CA PHE A 188 -4.68 19.92 42.04
C PHE A 188 -5.80 20.65 41.30
N LYS A 189 -6.79 19.90 40.84
CA LYS A 189 -7.89 20.43 40.05
C LYS A 189 -9.18 20.41 40.85
N ILE A 190 -9.98 21.45 40.71
CA ILE A 190 -11.29 21.54 41.33
C ILE A 190 -12.32 21.91 40.26
N TYR A 191 -13.36 21.10 40.15
CA TYR A 191 -14.52 21.39 39.32
C TYR A 191 -15.73 21.50 40.23
N SER A 192 -16.69 22.34 39.86
CA SER A 192 -17.82 22.57 40.74
C SER A 192 -19.05 22.95 39.94
N LYS A 193 -20.21 22.80 40.58
CA LYS A 193 -21.50 23.25 40.05
C LYS A 193 -22.45 23.46 41.21
N HIS A 194 -23.41 24.37 41.01
CA HIS A 194 -24.44 24.65 41.99
C HIS A 194 -25.81 24.49 41.33
N THR A 195 -26.74 23.86 42.04
CA THR A 195 -28.07 23.60 41.50
C THR A 195 -29.11 23.75 42.59
N PRO A 196 -30.14 24.57 42.39
CA PRO A 196 -31.22 24.65 43.37
C PRO A 196 -32.04 23.37 43.38
N ILE A 197 -32.59 23.07 44.56
CA ILE A 197 -33.40 21.86 44.75
C ILE A 197 -34.29 22.09 45.97
N ASN A 198 -35.35 21.29 46.09
CA ASN A 198 -36.25 21.43 47.21
C ASN A 198 -36.86 20.09 47.58
N LEU A 199 -36.82 19.76 48.87
CA LEU A 199 -37.49 18.59 49.44
C LEU A 199 -37.05 17.30 48.73
N VAL A 200 -35.77 16.99 48.92
CA VAL A 200 -35.17 15.76 48.41
C VAL A 200 -34.57 14.99 49.58
N ARG A 201 -34.85 13.69 49.63
CA ARG A 201 -34.24 12.85 50.67
C ARG A 201 -32.78 12.56 50.34
N ASP A 202 -32.46 12.41 49.07
CA ASP A 202 -31.08 12.20 48.63
C ASP A 202 -30.90 12.89 47.28
N LEU A 203 -29.75 12.68 46.67
CA LEU A 203 -29.46 13.32 45.40
C LEU A 203 -30.38 12.79 44.31
N PRO A 204 -31.05 13.66 43.55
CA PRO A 204 -31.96 13.18 42.51
C PRO A 204 -31.20 12.85 41.22
N GLN A 205 -31.94 12.27 40.28
CA GLN A 205 -31.37 11.99 38.97
C GLN A 205 -31.44 13.23 38.09
N GLY A 206 -30.74 13.17 36.98
CA GLY A 206 -30.67 14.30 36.06
C GLY A 206 -29.31 14.32 35.37
N PHE A 207 -28.90 15.52 34.97
CA PHE A 207 -27.62 15.69 34.30
C PHE A 207 -27.15 17.13 34.46
N SER A 208 -25.86 17.29 34.79
CA SER A 208 -25.23 18.60 34.85
C SER A 208 -23.74 18.42 34.63
N ALA A 209 -23.16 19.31 33.82
CA ALA A 209 -21.74 19.25 33.49
C ALA A 209 -20.96 20.19 34.40
N LEU A 210 -19.89 19.69 34.99
CA LEU A 210 -19.11 20.43 35.98
C LEU A 210 -18.01 21.22 35.27
N GLU A 211 -18.02 22.55 35.44
CA GLU A 211 -17.03 23.41 34.81
C GLU A 211 -15.84 23.61 35.73
N PRO A 212 -14.63 23.73 35.17
CA PRO A 212 -13.45 23.93 36.01
C PRO A 212 -13.55 25.20 36.82
N LEU A 213 -12.95 25.17 38.01
CA LEU A 213 -12.99 26.31 38.91
C LEU A 213 -11.61 26.85 39.25
N VAL A 214 -10.60 25.98 39.36
CA VAL A 214 -9.24 26.42 39.64
C VAL A 214 -8.27 25.29 39.33
N ASP A 215 -7.06 25.64 38.92
CA ASP A 215 -6.00 24.66 38.78
C ASP A 215 -4.86 25.14 39.70
N LEU A 216 -4.41 24.27 40.60
CA LEU A 216 -3.47 24.65 41.66
C LEU A 216 -2.14 23.91 41.56
N PRO A 217 -0.99 24.62 41.66
CA PRO A 217 0.32 23.98 41.63
C PRO A 217 0.83 23.57 43.01
N ILE A 218 0.00 22.81 43.74
CA ILE A 218 0.40 22.34 45.07
C ILE A 218 1.54 21.35 44.99
N GLY A 219 1.42 20.35 44.10
CA GLY A 219 2.48 19.40 43.86
C GLY A 219 2.91 18.57 45.06
N ILE A 220 1.94 18.03 45.81
CA ILE A 220 2.26 17.16 46.95
C ILE A 220 1.61 15.80 46.75
N ASN A 221 1.80 14.92 47.73
CA ASN A 221 1.30 13.55 47.69
C ASN A 221 -0.01 13.48 48.45
N ILE A 222 -1.05 12.95 47.80
CA ILE A 222 -2.39 12.85 48.37
C ILE A 222 -2.80 11.38 48.32
N THR A 223 -3.18 10.83 49.47
CA THR A 223 -3.65 9.45 49.53
C THR A 223 -4.97 9.35 50.29
N ARG A 224 -5.16 10.21 51.29
CA ARG A 224 -6.35 10.18 52.12
C ARG A 224 -6.86 11.60 52.30
N PHE A 225 -8.11 11.72 52.76
CA PHE A 225 -8.70 13.03 53.00
C PHE A 225 -9.83 12.89 54.02
N GLN A 226 -10.24 14.03 54.56
CA GLN A 226 -11.31 14.09 55.55
C GLN A 226 -12.24 15.24 55.19
N THR A 227 -13.21 15.53 56.06
CA THR A 227 -14.20 16.56 55.82
C THR A 227 -14.38 17.40 57.08
N LEU A 228 -14.62 18.69 56.89
CA LEU A 228 -14.86 19.63 57.98
C LEU A 228 -16.34 19.99 58.01
N LEU A 229 -16.95 19.90 59.18
CA LEU A 229 -18.37 20.17 59.37
C LEU A 229 -18.57 21.24 60.43
N ALA A 230 -19.64 22.00 60.28
CA ALA A 230 -19.95 23.08 61.22
C ALA A 230 -20.64 22.50 62.44
N LEU A 231 -20.08 22.74 63.62
CA LEU A 231 -20.67 22.28 64.87
C LEU A 231 -21.66 23.35 65.34
N HIS A 232 -22.94 23.09 65.14
CA HIS A 232 -23.98 23.98 65.60
C HIS A 232 -24.09 24.04 67.12
N ARG A 233 -23.44 23.14 67.82
CA ARG A 233 -23.47 23.10 69.27
C ARG A 233 -22.11 23.51 69.83
N SER A 234 -22.01 23.41 71.15
CA SER A 234 -20.75 23.46 71.84
C SER A 234 -20.37 22.04 72.23
N TYR A 235 -19.31 21.89 73.02
CA TYR A 235 -18.82 20.57 73.41
C TYR A 235 -19.04 20.25 74.87
N LEU A 236 -19.14 21.27 75.74
CA LEU A 236 -19.36 21.03 77.15
C LEU A 236 -20.84 20.77 77.44
N THR A 237 -21.70 21.74 77.16
CA THR A 237 -23.14 21.60 77.31
C THR A 237 -23.80 22.56 76.33
N PRO A 238 -24.19 22.10 75.15
CA PRO A 238 -24.70 22.99 74.11
C PRO A 238 -25.97 23.73 74.48
N GLY A 239 -27.03 22.99 74.82
CA GLY A 239 -28.32 23.59 75.08
C GLY A 239 -29.39 22.59 75.46
N ASP A 240 -30.64 22.91 75.17
CA ASP A 240 -31.75 22.04 75.55
C ASP A 240 -31.66 20.69 74.82
N SER A 241 -31.79 20.71 73.50
CA SER A 241 -31.78 19.49 72.70
C SER A 241 -31.71 19.88 71.23
N SER A 242 -31.59 18.87 70.37
CA SER A 242 -31.54 19.04 68.92
C SER A 242 -30.45 20.02 68.51
N SER A 243 -29.22 19.69 68.92
CA SER A 243 -28.09 20.58 68.71
C SER A 243 -27.81 20.77 67.22
N GLY A 244 -27.66 19.67 66.48
CA GLY A 244 -27.48 19.78 65.04
C GLY A 244 -28.76 20.22 64.35
N TRP A 245 -28.60 20.79 63.15
CA TRP A 245 -29.75 21.29 62.42
C TRP A 245 -30.58 20.13 61.86
N THR A 246 -31.87 20.11 62.20
CA THR A 246 -32.88 19.24 61.56
C THR A 246 -32.50 17.76 61.58
N ALA A 247 -31.68 17.35 62.56
CA ALA A 247 -31.43 15.94 62.83
C ALA A 247 -30.90 15.19 61.61
N GLY A 248 -29.88 15.77 60.97
CA GLY A 248 -29.16 15.07 59.92
C GLY A 248 -29.68 15.25 58.51
N ALA A 249 -30.51 16.27 58.26
CA ALA A 249 -30.95 16.51 56.89
C ALA A 249 -29.78 16.87 55.98
N ALA A 250 -28.79 17.59 56.50
CA ALA A 250 -27.56 17.81 55.74
C ALA A 250 -26.82 16.49 55.56
N ALA A 251 -26.32 16.27 54.35
CA ALA A 251 -25.66 15.01 54.04
C ALA A 251 -24.73 15.23 52.86
N TYR A 252 -23.78 14.30 52.70
CA TYR A 252 -22.85 14.36 51.58
C TYR A 252 -22.51 12.95 51.12
N TYR A 253 -22.11 12.85 49.85
CA TYR A 253 -21.85 11.59 49.19
C TYR A 253 -20.46 11.62 48.56
N VAL A 254 -19.84 10.45 48.50
CA VAL A 254 -18.48 10.31 47.99
C VAL A 254 -18.45 9.22 46.93
N GLY A 255 -17.89 9.54 45.76
CA GLY A 255 -17.66 8.55 44.73
C GLY A 255 -16.23 8.65 44.23
N TYR A 256 -15.79 7.58 43.58
CA TYR A 256 -14.41 7.46 43.14
C TYR A 256 -14.34 7.37 41.62
N LEU A 257 -13.42 8.12 41.03
CA LEU A 257 -13.25 8.15 39.59
C LEU A 257 -12.41 6.97 39.11
N GLN A 258 -12.74 6.49 37.91
CA GLN A 258 -12.05 5.36 37.31
C GLN A 258 -11.79 5.67 35.85
N PRO A 259 -10.77 5.06 35.24
CA PRO A 259 -10.52 5.31 33.81
C PRO A 259 -11.60 4.73 32.91
N ARG A 260 -12.40 5.60 32.30
CA ARG A 260 -13.50 5.17 31.46
C ARG A 260 -13.42 5.82 30.07
N THR A 261 -14.46 5.62 29.27
CA THR A 261 -14.57 6.25 27.96
C THR A 261 -16.01 6.66 27.76
N PHE A 262 -16.26 7.96 27.66
CA PHE A 262 -17.59 8.50 27.50
C PHE A 262 -17.78 9.05 26.09
N LEU A 263 -19.04 9.24 25.72
CA LEU A 263 -19.43 9.84 24.44
C LEU A 263 -20.24 11.09 24.76
N LEU A 264 -19.54 12.21 24.93
CA LEU A 264 -20.18 13.47 25.28
C LEU A 264 -20.90 14.06 24.08
N LYS A 265 -22.04 14.71 24.34
CA LYS A 265 -22.86 15.31 23.31
C LYS A 265 -22.94 16.82 23.55
N TYR A 266 -22.34 17.60 22.66
CA TYR A 266 -22.40 19.05 22.72
C TYR A 266 -23.55 19.55 21.86
N ASN A 267 -24.28 20.53 22.36
CA ASN A 267 -25.35 21.13 21.60
C ASN A 267 -24.80 22.33 20.81
N GLU A 268 -25.70 23.15 20.25
CA GLU A 268 -25.27 24.26 19.41
C GLU A 268 -24.62 25.39 20.21
N ASN A 269 -24.85 25.45 21.52
CA ASN A 269 -24.25 26.49 22.35
C ASN A 269 -22.94 26.05 22.99
N GLY A 270 -22.49 24.82 22.74
CA GLY A 270 -21.22 24.35 23.24
C GLY A 270 -21.22 23.77 24.63
N THR A 271 -22.39 23.51 25.21
CA THR A 271 -22.48 22.94 26.55
C THR A 271 -22.87 21.46 26.45
N ILE A 272 -22.28 20.65 27.33
CA ILE A 272 -22.55 19.23 27.33
C ILE A 272 -23.96 18.99 27.84
N THR A 273 -24.74 18.23 27.08
CA THR A 273 -26.14 17.97 27.41
C THR A 273 -26.43 16.54 27.78
N ASP A 274 -25.72 15.57 27.21
CA ASP A 274 -25.94 14.17 27.52
C ASP A 274 -24.66 13.39 27.24
N ALA A 275 -24.59 12.19 27.78
CA ALA A 275 -23.43 11.31 27.60
C ALA A 275 -23.85 9.88 27.82
N VAL A 276 -23.00 8.95 27.36
CA VAL A 276 -23.19 7.53 27.60
C VAL A 276 -21.88 6.96 28.13
N ASP A 277 -21.99 5.86 28.87
CA ASP A 277 -20.84 5.13 29.40
C ASP A 277 -20.68 3.87 28.55
N CYS A 278 -19.58 3.81 27.79
CA CYS A 278 -19.44 2.77 26.78
C CYS A 278 -19.40 1.37 27.41
N ALA A 279 -18.74 1.24 28.56
CA ALA A 279 -18.55 -0.06 29.20
C ALA A 279 -19.58 -0.32 30.29
N LEU A 280 -20.82 0.14 30.10
CA LEU A 280 -21.88 -0.05 31.07
C LEU A 280 -22.76 -1.25 30.74
N ASP A 281 -23.23 -1.35 29.51
CA ASP A 281 -24.11 -2.43 29.09
C ASP A 281 -23.97 -2.57 27.57
N PRO A 282 -24.47 -3.68 26.99
CA PRO A 282 -24.29 -3.87 25.54
C PRO A 282 -24.87 -2.77 24.67
N LEU A 283 -26.00 -2.19 25.08
CA LEU A 283 -26.61 -1.13 24.28
C LEU A 283 -25.70 0.09 24.19
N SER A 284 -25.05 0.44 25.30
CA SER A 284 -24.10 1.55 25.27
C SER A 284 -22.88 1.22 24.43
N GLU A 285 -22.45 -0.05 24.42
CA GLU A 285 -21.39 -0.46 23.51
C GLU A 285 -21.79 -0.25 22.06
N THR A 286 -23.03 -0.62 21.72
CA THR A 286 -23.52 -0.40 20.36
C THR A 286 -23.57 1.08 20.03
N LYS A 287 -24.04 1.90 20.97
CA LYS A 287 -24.11 3.33 20.72
C LYS A 287 -22.73 3.93 20.51
N CYS A 288 -21.74 3.50 21.31
CA CYS A 288 -20.40 4.03 21.18
C CYS A 288 -19.74 3.60 19.88
N THR A 289 -19.88 2.32 19.51
CA THR A 289 -19.30 1.84 18.26
C THR A 289 -19.96 2.50 17.05
N LEU A 290 -21.29 2.65 17.09
CA LEU A 290 -22.02 3.26 16.00
C LEU A 290 -21.94 4.79 16.01
N LYS A 291 -21.45 5.37 17.10
CA LYS A 291 -21.22 6.81 17.20
C LYS A 291 -22.52 7.60 17.06
N SER A 292 -23.53 7.20 17.83
CA SER A 292 -24.83 7.83 17.78
C SER A 292 -25.59 7.50 19.05
N PHE A 293 -26.69 8.22 19.29
CA PHE A 293 -27.54 8.00 20.44
C PHE A 293 -28.76 7.15 20.13
N THR A 294 -28.95 6.77 18.86
CA THR A 294 -30.07 5.93 18.46
C THR A 294 -29.56 4.83 17.53
N VAL A 295 -30.09 3.62 17.71
CA VAL A 295 -29.67 2.46 16.94
C VAL A 295 -30.90 1.84 16.28
N GLU A 296 -30.79 1.53 15.00
CA GLU A 296 -31.85 0.82 14.30
C GLU A 296 -31.73 -0.68 14.53
N LYS A 297 -32.73 -1.42 14.06
CA LYS A 297 -32.73 -2.87 14.19
C LYS A 297 -31.57 -3.48 13.41
N GLY A 298 -31.05 -4.58 13.93
CA GLY A 298 -30.06 -5.35 13.21
C GLY A 298 -29.04 -5.96 14.15
N ILE A 299 -27.99 -6.49 13.54
CA ILE A 299 -26.85 -7.09 14.23
C ILE A 299 -25.69 -6.13 14.14
N TYR A 300 -25.03 -5.88 15.27
CA TYR A 300 -23.91 -4.97 15.33
C TYR A 300 -22.72 -5.66 15.97
N GLN A 301 -21.59 -5.67 15.26
CA GLN A 301 -20.36 -6.28 15.74
C GLN A 301 -19.60 -5.25 16.57
N THR A 302 -19.57 -5.45 17.89
CA THR A 302 -19.02 -4.46 18.81
C THR A 302 -17.61 -4.78 19.27
N SER A 303 -17.40 -5.94 19.90
CA SER A 303 -16.14 -6.23 20.56
C SER A 303 -15.72 -7.66 20.26
N ASN A 304 -14.68 -8.11 20.95
CA ASN A 304 -14.18 -9.48 20.85
C ASN A 304 -13.74 -9.93 22.23
N PHE A 305 -14.32 -11.01 22.72
CA PHE A 305 -13.86 -11.60 23.97
C PHE A 305 -12.73 -12.60 23.69
N ARG A 306 -11.90 -12.83 24.70
CA ARG A 306 -10.68 -13.61 24.51
C ARG A 306 -10.41 -14.68 25.57
N VAL A 307 -11.12 -14.65 26.71
CA VAL A 307 -10.88 -15.56 27.83
C VAL A 307 -9.47 -15.35 28.37
N GLN A 308 -9.38 -14.69 29.52
CA GLN A 308 -8.07 -14.32 30.06
C GLN A 308 -7.40 -15.53 30.70
N PRO A 309 -6.07 -15.59 30.65
CA PRO A 309 -5.34 -16.70 31.25
C PRO A 309 -5.03 -16.45 32.73
N THR A 310 -4.64 -17.53 33.40
CA THR A 310 -4.35 -17.49 34.83
C THR A 310 -3.15 -18.39 35.12
N GLU A 311 -2.62 -18.26 36.35
CA GLU A 311 -1.55 -19.10 36.90
C GLU A 311 -0.43 -19.39 35.91
N SER A 312 0.32 -18.35 35.52
CA SER A 312 1.48 -18.54 34.65
C SER A 312 2.47 -19.51 35.26
N ILE A 313 3.01 -20.40 34.43
CA ILE A 313 3.93 -21.43 34.89
C ILE A 313 5.22 -21.37 34.08
N VAL A 314 6.33 -21.75 34.72
CA VAL A 314 7.63 -21.84 34.08
C VAL A 314 8.19 -23.24 34.30
N ARG A 315 8.95 -23.74 33.32
CA ARG A 315 9.43 -25.12 33.31
C ARG A 315 10.89 -25.23 32.85
N PHE A 316 11.75 -24.44 33.48
CA PHE A 316 13.20 -24.48 33.20
C PHE A 316 13.81 -25.79 33.67
N PRO A 317 14.98 -26.16 33.13
CA PRO A 317 15.60 -27.47 33.54
C PRO A 317 16.00 -27.39 35.00
N ASN A 318 16.01 -28.54 35.68
CA ASN A 318 16.24 -28.55 37.10
C ASN A 318 17.71 -28.73 37.49
N ILE A 319 18.63 -28.64 36.53
CA ILE A 319 20.05 -28.76 36.84
C ILE A 319 20.47 -27.62 37.77
N THR A 320 21.52 -27.87 38.55
CA THR A 320 21.83 -27.03 39.70
C THR A 320 23.24 -26.45 39.69
N ASN A 321 24.20 -27.12 39.05
CA ASN A 321 25.59 -26.69 39.12
C ASN A 321 25.77 -25.28 38.57
N LEU A 322 26.54 -24.46 39.29
CA LEU A 322 26.64 -23.04 39.00
C LEU A 322 27.66 -22.77 37.89
N CYS A 323 27.65 -21.54 37.40
CA CYS A 323 28.49 -21.10 36.30
C CYS A 323 29.87 -20.68 36.80
N PRO A 324 30.95 -21.13 36.16
CA PRO A 324 32.30 -20.68 36.55
C PRO A 324 32.67 -19.35 35.90
N PHE A 325 31.88 -18.31 36.20
CA PHE A 325 32.18 -16.98 35.67
C PHE A 325 33.53 -16.48 36.18
N GLY A 326 33.78 -16.61 37.48
CA GLY A 326 34.99 -16.07 38.06
C GLY A 326 36.25 -16.67 37.47
N GLU A 327 36.25 -17.98 37.23
CA GLU A 327 37.41 -18.64 36.66
C GLU A 327 37.67 -18.22 35.22
N VAL A 328 36.74 -17.51 34.59
CA VAL A 328 36.88 -17.12 33.20
C VAL A 328 37.25 -15.64 33.05
N PHE A 329 36.55 -14.76 33.78
CA PHE A 329 36.76 -13.33 33.56
C PHE A 329 37.68 -12.67 34.57
N ASN A 330 37.89 -13.26 35.74
CA ASN A 330 38.89 -12.74 36.67
C ASN A 330 40.27 -12.85 36.01
N ALA A 331 40.72 -14.09 35.82
CA ALA A 331 41.74 -14.46 34.83
C ALA A 331 42.88 -13.45 34.74
N THR A 332 43.64 -13.33 35.83
CA THR A 332 44.72 -12.34 35.88
C THR A 332 45.71 -12.55 34.74
N ARG A 333 45.82 -13.76 34.20
CA ARG A 333 46.65 -14.05 33.03
C ARG A 333 45.77 -13.89 31.81
N PHE A 334 45.96 -12.79 31.07
CA PHE A 334 45.19 -12.53 29.86
C PHE A 334 46.03 -12.81 28.63
N ALA A 335 45.41 -13.45 27.64
CA ALA A 335 46.07 -13.73 26.38
C ALA A 335 46.15 -12.47 25.52
N SER A 336 46.91 -12.56 24.43
CA SER A 336 47.11 -11.44 23.54
C SER A 336 45.87 -11.20 22.69
N VAL A 337 45.96 -10.24 21.77
CA VAL A 337 44.84 -9.89 20.90
C VAL A 337 44.81 -10.77 19.66
N TYR A 338 45.97 -10.97 19.02
CA TYR A 338 46.03 -11.81 17.84
C TYR A 338 45.73 -13.27 18.15
N ALA A 339 45.85 -13.67 19.42
CA ALA A 339 45.52 -15.02 19.88
C ALA A 339 44.68 -14.88 21.14
N TRP A 340 43.36 -14.83 20.97
CA TRP A 340 42.43 -14.64 22.07
C TRP A 340 41.91 -15.98 22.55
N ASN A 341 41.99 -16.22 23.86
CA ASN A 341 41.49 -17.47 24.42
C ASN A 341 39.96 -17.49 24.41
N ARG A 342 39.40 -18.63 24.03
CA ARG A 342 37.96 -18.82 23.97
C ARG A 342 37.56 -19.93 24.94
N LYS A 343 36.55 -19.67 25.76
CA LYS A 343 36.09 -20.61 26.77
C LYS A 343 34.63 -20.96 26.51
N ARG A 344 34.31 -22.25 26.54
CA ARG A 344 32.96 -22.74 26.31
C ARG A 344 32.26 -22.98 27.64
N ILE A 345 31.00 -22.56 27.72
CA ILE A 345 30.21 -22.57 28.95
C ILE A 345 28.97 -23.41 28.73
N SER A 346 28.79 -24.46 29.53
CA SER A 346 27.68 -25.38 29.33
C SER A 346 27.24 -25.98 30.65
N ASN A 347 26.02 -26.51 30.66
CA ASN A 347 25.44 -27.31 31.74
C ASN A 347 25.31 -26.54 33.05
N CYS A 348 25.49 -25.23 33.03
CA CYS A 348 25.60 -24.44 34.25
C CYS A 348 24.47 -23.43 34.36
N VAL A 349 24.19 -23.01 35.60
CA VAL A 349 23.26 -21.94 35.89
C VAL A 349 24.05 -20.65 36.02
N ALA A 350 23.71 -19.65 35.21
CA ALA A 350 24.43 -18.39 35.17
C ALA A 350 23.57 -17.29 35.78
N ASP A 351 24.14 -16.55 36.73
CA ASP A 351 23.49 -15.41 37.36
C ASP A 351 24.22 -14.17 36.85
N TYR A 352 23.59 -13.45 35.93
CA TYR A 352 24.17 -12.26 35.33
C TYR A 352 23.93 -10.99 36.13
N SER A 353 23.04 -11.03 37.13
CA SER A 353 22.77 -9.84 37.92
C SER A 353 24.01 -9.40 38.70
N VAL A 354 24.71 -10.35 39.32
CA VAL A 354 25.89 -10.01 40.11
C VAL A 354 26.95 -9.37 39.24
N LEU A 355 27.11 -9.87 38.01
CA LEU A 355 28.09 -9.26 37.10
C LEU A 355 27.62 -7.89 36.62
N TYR A 356 26.32 -7.71 36.43
CA TYR A 356 25.82 -6.44 35.92
C TYR A 356 26.06 -5.30 36.90
N ASN A 357 25.77 -5.53 38.18
CA ASN A 357 25.98 -4.52 39.22
C ASN A 357 27.19 -4.86 40.09
N SER A 358 28.25 -5.40 39.48
CA SER A 358 29.48 -5.64 40.21
C SER A 358 30.23 -4.35 40.49
N ALA A 359 29.91 -3.27 39.78
CA ALA A 359 30.52 -1.96 39.99
C ALA A 359 32.04 -2.02 39.86
N SER A 360 32.52 -2.79 38.88
CA SER A 360 33.95 -2.90 38.64
C SER A 360 34.30 -2.93 37.16
N PHE A 361 33.39 -2.49 36.29
CA PHE A 361 33.60 -2.55 34.84
C PHE A 361 33.42 -1.17 34.23
N SER A 362 34.22 -0.89 33.20
CA SER A 362 34.11 0.40 32.51
C SER A 362 32.88 0.45 31.62
N THR A 363 32.60 -0.63 30.91
CA THR A 363 31.46 -0.68 30.00
C THR A 363 30.76 -2.02 30.11
N PHE A 364 29.45 -1.99 29.85
CA PHE A 364 28.62 -3.19 29.85
C PHE A 364 27.65 -3.14 28.68
N LYS A 365 28.08 -2.56 27.56
CA LYS A 365 27.20 -2.44 26.41
C LYS A 365 26.77 -3.81 25.92
N CYS A 366 25.46 -4.02 25.80
CA CYS A 366 24.94 -5.27 25.29
C CYS A 366 24.02 -5.16 24.08
N TYR A 367 24.32 -6.01 23.10
CA TYR A 367 23.74 -5.96 21.76
C TYR A 367 22.80 -7.14 21.59
N GLY A 368 21.59 -6.85 21.12
CA GLY A 368 20.59 -7.85 20.87
C GLY A 368 19.86 -8.33 22.10
N VAL A 369 20.20 -7.81 23.28
CA VAL A 369 19.63 -8.29 24.53
C VAL A 369 19.85 -7.21 25.57
N SER A 370 19.02 -7.19 26.61
CA SER A 370 19.16 -6.24 27.69
C SER A 370 19.70 -6.92 28.94
N PRO A 371 20.70 -6.33 29.58
CA PRO A 371 21.26 -6.91 30.80
C PRO A 371 20.22 -7.26 31.85
N THR A 372 19.17 -6.43 32.00
CA THR A 372 18.16 -6.68 33.02
C THR A 372 17.42 -7.99 32.76
N LYS A 373 17.13 -8.29 31.50
CA LYS A 373 16.37 -9.47 31.13
C LYS A 373 17.24 -10.70 30.88
N LEU A 374 18.56 -10.59 31.07
CA LEU A 374 19.45 -11.73 30.83
C LEU A 374 19.17 -12.89 31.78
N ASN A 375 18.57 -12.63 32.94
CA ASN A 375 18.32 -13.69 33.91
C ASN A 375 17.17 -14.59 33.49
N ASP A 376 16.22 -14.08 32.70
CA ASP A 376 15.05 -14.87 32.34
C ASP A 376 15.31 -15.81 31.17
N LEU A 377 16.25 -15.48 30.29
CA LEU A 377 16.46 -16.26 29.08
C LEU A 377 17.24 -17.53 29.36
N CYS A 378 17.20 -18.45 28.38
CA CYS A 378 18.00 -19.66 28.39
C CYS A 378 18.74 -19.76 27.07
N PHE A 379 20.00 -20.16 27.13
CA PHE A 379 20.86 -20.25 25.94
C PHE A 379 21.43 -21.65 25.82
N THR A 380 21.66 -22.06 24.58
CA THR A 380 22.28 -23.37 24.34
C THR A 380 23.71 -23.42 24.85
N ASN A 381 24.47 -22.35 24.63
CA ASN A 381 25.89 -22.31 24.99
C ASN A 381 26.29 -20.85 25.13
N VAL A 382 27.40 -20.61 25.83
CA VAL A 382 27.97 -19.28 25.98
C VAL A 382 29.45 -19.34 25.69
N TYR A 383 29.93 -18.37 24.90
CA TYR A 383 31.34 -18.26 24.55
C TYR A 383 31.91 -16.99 25.15
N ALA A 384 33.07 -17.11 25.79
CA ALA A 384 33.75 -15.98 26.41
C ALA A 384 35.15 -15.83 25.82
N ASP A 385 35.45 -14.62 25.36
CA ASP A 385 36.76 -14.29 24.80
C ASP A 385 37.35 -13.12 25.57
N SER A 386 38.65 -13.18 25.83
CA SER A 386 39.33 -12.18 26.64
C SER A 386 40.64 -11.75 25.98
N PHE A 387 40.95 -10.46 26.09
CA PHE A 387 42.19 -9.89 25.59
C PHE A 387 42.34 -8.50 26.19
N VAL A 388 43.45 -7.84 25.89
CA VAL A 388 43.79 -6.54 26.47
C VAL A 388 43.89 -5.51 25.34
N ILE A 389 43.17 -4.40 25.49
CA ILE A 389 43.05 -3.38 24.46
C ILE A 389 43.31 -2.02 25.08
N ARG A 390 43.77 -1.07 24.26
CA ARG A 390 43.96 0.30 24.70
C ARG A 390 42.61 0.99 24.90
N GLY A 391 42.63 2.10 25.64
CA GLY A 391 41.40 2.82 25.93
C GLY A 391 40.73 3.37 24.69
N ASP A 392 41.51 3.94 23.77
CA ASP A 392 40.94 4.53 22.57
C ASP A 392 40.50 3.48 21.55
N GLU A 393 41.02 2.26 21.64
CA GLU A 393 40.69 1.20 20.69
C GLU A 393 39.54 0.32 21.16
N VAL A 394 38.88 0.67 22.27
CA VAL A 394 37.77 -0.12 22.76
C VAL A 394 36.61 -0.10 21.78
N ARG A 395 36.38 1.04 21.12
CA ARG A 395 35.21 1.16 20.26
C ARG A 395 35.37 0.40 18.95
N GLN A 396 36.53 -0.20 18.71
CA GLN A 396 36.69 -1.14 17.60
C GLN A 396 35.88 -2.42 17.81
N ILE A 397 35.61 -2.78 19.06
CA ILE A 397 34.90 -4.02 19.36
C ILE A 397 33.40 -3.67 19.40
N ALA A 398 32.73 -3.87 18.27
CA ALA A 398 31.31 -3.61 18.11
C ALA A 398 30.85 -4.15 16.76
N PRO A 399 29.60 -4.58 16.64
CA PRO A 399 29.11 -5.04 15.33
C PRO A 399 29.11 -3.90 14.31
N GLY A 400 29.48 -4.22 13.08
CA GLY A 400 29.50 -3.24 12.00
C GLY A 400 30.42 -2.07 12.25
N GLN A 401 31.65 -2.33 12.71
CA GLN A 401 32.60 -1.30 13.04
C GLN A 401 33.91 -1.53 12.32
N THR A 402 34.61 -0.44 12.01
CA THR A 402 35.91 -0.47 11.37
C THR A 402 36.99 -0.12 12.39
N GLY A 403 38.24 -0.09 11.92
CA GLY A 403 39.37 0.12 12.80
C GLY A 403 40.41 -0.96 12.62
N LYS A 404 41.66 -0.67 12.99
CA LYS A 404 42.75 -1.62 12.71
C LYS A 404 42.53 -2.95 13.41
N ILE A 405 42.27 -2.91 14.73
CA ILE A 405 41.99 -4.15 15.45
C ILE A 405 40.68 -4.77 14.98
N ALA A 406 39.70 -3.94 14.61
CA ALA A 406 38.41 -4.46 14.20
C ALA A 406 38.52 -5.32 12.94
N ASP A 407 39.33 -4.90 11.97
CA ASP A 407 39.43 -5.61 10.71
C ASP A 407 40.67 -6.47 10.58
N TYR A 408 41.59 -6.41 11.54
CA TYR A 408 42.85 -7.14 11.44
C TYR A 408 43.17 -8.04 12.62
N ASN A 409 42.55 -7.84 13.78
CA ASN A 409 42.80 -8.68 14.95
C ASN A 409 41.58 -9.44 15.41
N TYR A 410 40.44 -8.76 15.59
CA TYR A 410 39.24 -9.41 16.12
C TYR A 410 38.03 -8.68 15.57
N LYS A 411 37.21 -9.38 14.77
CA LYS A 411 36.03 -8.81 14.15
C LYS A 411 34.78 -9.49 14.68
N LEU A 412 33.82 -8.69 15.16
CA LEU A 412 32.52 -9.20 15.54
C LEU A 412 31.59 -9.24 14.34
N PRO A 413 30.66 -10.20 14.30
CA PRO A 413 29.70 -10.24 13.19
C PRO A 413 28.74 -9.06 13.25
N ASP A 414 28.21 -8.71 12.08
CA ASP A 414 27.27 -7.59 12.00
C ASP A 414 25.99 -7.89 12.80
N ASP A 415 25.56 -9.15 12.83
CA ASP A 415 24.39 -9.57 13.57
C ASP A 415 24.72 -10.14 14.94
N PHE A 416 25.81 -9.66 15.56
CA PHE A 416 26.26 -10.22 16.82
C PHE A 416 25.22 -10.01 17.92
N THR A 417 24.89 -11.09 18.62
CA THR A 417 24.06 -11.04 19.82
C THR A 417 24.87 -11.56 20.99
N GLY A 418 24.89 -10.79 22.07
CA GLY A 418 25.79 -10.99 23.20
C GLY A 418 26.27 -9.65 23.68
N CYS A 419 27.25 -9.63 24.58
CA CYS A 419 27.74 -8.31 24.95
C CYS A 419 29.17 -8.32 25.49
N VAL A 420 29.74 -7.11 25.55
CA VAL A 420 31.16 -6.87 25.75
C VAL A 420 31.35 -6.19 27.10
N ILE A 421 32.34 -6.65 27.86
CA ILE A 421 32.64 -6.11 29.18
C ILE A 421 34.12 -5.75 29.23
N ALA A 422 34.42 -4.54 29.71
CA ALA A 422 35.80 -4.06 29.78
C ALA A 422 36.04 -3.33 31.09
N TRP A 423 37.28 -3.38 31.55
CA TRP A 423 37.71 -2.65 32.74
C TRP A 423 39.19 -2.28 32.59
N ASN A 424 39.61 -1.33 33.41
CA ASN A 424 41.00 -0.88 33.37
C ASN A 424 41.90 -1.85 34.13
N SER A 425 43.12 -2.02 33.63
CA SER A 425 44.11 -2.89 34.25
C SER A 425 45.44 -2.17 34.37
N ASN A 426 45.41 -0.93 34.84
CA ASN A 426 46.63 -0.17 35.09
C ASN A 426 47.50 -0.87 36.13
N ASN A 427 46.89 -1.29 37.24
CA ASN A 427 47.62 -1.87 38.36
C ASN A 427 47.79 -3.37 38.24
N LEU A 428 47.27 -3.99 37.18
CA LEU A 428 47.37 -5.42 36.99
C LEU A 428 48.24 -5.84 35.80
N ASP A 429 48.27 -5.03 34.75
CA ASP A 429 48.99 -5.38 33.52
C ASP A 429 50.19 -4.50 33.25
N SER A 430 50.03 -3.18 33.32
CA SER A 430 51.10 -2.27 32.94
C SER A 430 52.28 -2.38 33.90
N LYS A 431 53.49 -2.31 33.34
CA LYS A 431 54.74 -2.36 34.10
C LYS A 431 55.56 -1.10 33.81
N VAL A 432 56.42 -0.76 34.77
CA VAL A 432 57.23 0.46 34.65
C VAL A 432 58.15 0.38 33.43
N GLY A 433 58.80 -0.77 33.24
CA GLY A 433 59.72 -0.94 32.14
C GLY A 433 59.09 -1.23 30.79
N GLY A 434 57.77 -1.36 30.73
CA GLY A 434 57.10 -1.61 29.47
C GLY A 434 56.76 -3.07 29.26
N ASN A 435 55.49 -3.35 28.96
CA ASN A 435 55.02 -4.72 28.73
C ASN A 435 54.86 -4.92 27.24
N TYR A 436 55.84 -5.59 26.62
CA TYR A 436 55.82 -5.90 25.20
C TYR A 436 55.48 -7.37 24.96
N ASN A 437 54.73 -8.00 25.86
CA ASN A 437 54.41 -9.41 25.78
C ASN A 437 53.14 -9.69 24.99
N TYR A 438 52.49 -8.66 24.46
CA TYR A 438 51.27 -8.81 23.68
C TYR A 438 51.51 -8.25 22.28
N LEU A 439 51.24 -9.06 21.26
CA LEU A 439 51.54 -8.72 19.88
C LEU A 439 50.25 -8.55 19.08
N TYR A 440 50.26 -7.58 18.16
CA TYR A 440 49.08 -7.21 17.39
C TYR A 440 49.47 -7.09 15.93
N ARG A 441 48.49 -7.34 15.05
CA ARG A 441 48.72 -7.35 13.61
C ARG A 441 48.26 -6.03 13.01
N LEU A 442 49.19 -5.32 12.37
CA LEU A 442 48.90 -4.04 11.73
C LEU A 442 48.92 -4.10 10.21
N PHE A 443 49.31 -5.23 9.62
CA PHE A 443 49.35 -5.37 8.17
C PHE A 443 49.01 -6.81 7.80
N ARG A 444 48.00 -6.98 6.95
CA ARG A 444 47.61 -8.30 6.48
C ARG A 444 47.13 -8.20 5.05
N LYS A 445 47.13 -9.33 4.36
CA LYS A 445 46.79 -9.35 2.93
C LYS A 445 45.34 -8.93 2.72
N SER A 446 44.42 -9.47 3.52
CA SER A 446 42.99 -9.21 3.34
C SER A 446 42.36 -8.86 4.69
N ASN A 447 41.05 -8.70 4.69
CA ASN A 447 40.31 -8.36 5.89
C ASN A 447 40.02 -9.62 6.71
N LEU A 448 39.26 -9.46 7.78
CA LEU A 448 38.89 -10.54 8.68
C LEU A 448 37.44 -10.94 8.43
N LYS A 449 37.19 -12.24 8.36
CA LYS A 449 35.78 -12.58 8.52
C LYS A 449 35.48 -12.79 9.99
N PRO A 450 34.22 -12.62 10.42
CA PRO A 450 33.93 -12.60 11.85
C PRO A 450 34.36 -13.88 12.55
N PHE A 451 34.92 -13.71 13.75
CA PHE A 451 35.42 -14.80 14.58
C PHE A 451 36.52 -15.59 13.86
N GLU A 452 37.62 -14.89 13.58
CA GLU A 452 38.76 -15.45 12.89
C GLU A 452 39.99 -15.38 13.78
N ARG A 453 40.73 -16.49 13.88
CA ARG A 453 41.96 -16.56 14.67
C ARG A 453 42.92 -17.48 13.93
N ASP A 454 43.83 -16.90 13.15
CA ASP A 454 44.81 -17.65 12.36
C ASP A 454 46.20 -17.15 12.73
N ILE A 455 46.88 -17.87 13.63
CA ILE A 455 48.18 -17.45 14.12
C ILE A 455 49.20 -17.62 12.98
N SER A 456 49.61 -16.50 12.39
CA SER A 456 50.59 -16.49 11.32
C SER A 456 51.65 -15.43 11.62
N THR A 457 52.92 -15.82 11.53
CA THR A 457 54.03 -14.91 11.82
C THR A 457 54.91 -14.68 10.59
N GLU A 458 54.39 -14.95 9.39
CA GLU A 458 55.15 -14.72 8.18
C GLU A 458 55.46 -13.24 8.01
N ILE A 459 56.64 -12.95 7.46
CA ILE A 459 57.03 -11.58 7.20
C ILE A 459 56.38 -11.13 5.89
N TYR A 460 55.46 -10.17 5.99
CA TYR A 460 54.66 -9.76 4.84
C TYR A 460 55.51 -8.93 3.88
N GLN A 461 55.07 -8.90 2.63
CA GLN A 461 55.77 -8.19 1.55
C GLN A 461 55.00 -6.91 1.25
N ALA A 462 55.49 -5.78 1.79
CA ALA A 462 54.86 -4.51 1.49
C ALA A 462 55.12 -4.07 0.06
N GLY A 463 56.30 -4.38 -0.47
CA GLY A 463 56.66 -4.03 -1.83
C GLY A 463 56.42 -5.17 -2.80
N SER A 464 57.13 -5.11 -3.92
CA SER A 464 56.99 -6.13 -4.96
C SER A 464 57.95 -7.29 -4.80
N THR A 465 59.13 -7.06 -4.21
CA THR A 465 60.09 -8.14 -4.03
C THR A 465 59.61 -9.10 -2.94
N PRO A 466 59.79 -10.41 -3.12
CA PRO A 466 59.40 -11.35 -2.08
C PRO A 466 60.39 -11.32 -0.92
N CYS A 467 59.85 -11.22 0.30
CA CYS A 467 60.71 -11.19 1.48
C CYS A 467 61.31 -12.57 1.76
N ASN A 468 60.60 -13.64 1.39
CA ASN A 468 61.06 -15.02 1.58
C ASN A 468 61.37 -15.29 3.06
N GLY A 469 60.54 -14.76 3.95
CA GLY A 469 60.74 -14.96 5.37
C GLY A 469 61.91 -14.21 5.96
N VAL A 470 62.37 -13.15 5.30
CA VAL A 470 63.49 -12.35 5.78
C VAL A 470 63.07 -10.88 5.79
N GLU A 471 63.29 -10.21 6.92
CA GLU A 471 62.98 -8.80 7.02
C GLU A 471 63.96 -7.97 6.19
N GLY A 472 63.53 -6.76 5.84
CA GLY A 472 64.34 -5.87 5.05
C GLY A 472 63.56 -4.71 4.47
N PHE A 473 63.90 -4.30 3.25
CA PHE A 473 63.18 -3.22 2.60
C PHE A 473 61.78 -3.67 2.23
N ASN A 474 60.77 -2.92 2.69
CA ASN A 474 59.37 -3.24 2.45
C ASN A 474 59.02 -4.64 2.96
N CYS A 475 59.60 -5.01 4.10
CA CYS A 475 59.37 -6.30 4.75
C CYS A 475 59.15 -6.02 6.23
N TYR A 476 57.89 -5.84 6.62
CA TYR A 476 57.54 -5.44 7.98
C TYR A 476 57.06 -6.65 8.78
N PHE A 477 57.38 -6.65 10.06
CA PHE A 477 56.99 -7.74 10.94
C PHE A 477 55.51 -7.61 11.30
N PRO A 478 54.72 -8.66 11.14
CA PRO A 478 53.27 -8.55 11.41
C PRO A 478 52.93 -8.27 12.86
N LEU A 479 53.82 -8.56 13.80
CA LEU A 479 53.51 -8.50 15.23
C LEU A 479 54.34 -7.38 15.87
N GLN A 480 53.72 -6.23 16.09
CA GLN A 480 54.32 -5.13 16.83
C GLN A 480 53.66 -4.99 18.18
N SER A 481 54.47 -4.98 19.24
CA SER A 481 53.97 -4.80 20.59
C SER A 481 53.86 -3.32 20.91
N TYR A 482 53.20 -3.02 22.04
CA TYR A 482 53.00 -1.65 22.49
C TYR A 482 53.64 -1.46 23.86
N GLY A 483 53.71 -0.20 24.29
CA GLY A 483 54.33 0.17 25.55
C GLY A 483 53.42 0.33 26.76
N PHE A 484 52.92 -0.77 27.34
CA PHE A 484 52.22 -0.67 28.62
C PHE A 484 53.13 -0.06 29.68
N GLN A 485 52.74 1.10 30.20
CA GLN A 485 53.41 1.73 31.32
C GLN A 485 52.37 2.34 32.25
N PRO A 486 52.66 2.38 33.55
CA PRO A 486 51.72 3.03 34.49
C PRO A 486 51.58 4.52 34.26
N THR A 487 52.54 5.16 33.59
CA THR A 487 52.48 6.59 33.32
C THR A 487 51.89 6.91 31.96
N ASN A 488 51.44 5.90 31.20
CA ASN A 488 50.83 6.14 29.91
C ASN A 488 49.48 6.86 30.08
N GLY A 489 49.10 7.59 29.04
CA GLY A 489 47.84 8.29 29.06
C GLY A 489 46.66 7.34 29.00
N VAL A 490 45.48 7.89 29.30
CA VAL A 490 44.27 7.08 29.39
C VAL A 490 44.02 6.36 28.07
N GLY A 491 44.24 7.04 26.95
CA GLY A 491 44.11 6.40 25.65
C GLY A 491 45.15 5.34 25.36
N TYR A 492 46.20 5.25 26.18
CA TYR A 492 47.24 4.25 26.00
C TYR A 492 47.29 3.27 27.16
N GLN A 493 46.41 3.42 28.16
CA GLN A 493 46.38 2.53 29.30
C GLN A 493 45.83 1.16 28.92
N PRO A 494 46.10 0.13 29.72
CA PRO A 494 45.53 -1.21 29.44
C PRO A 494 44.07 -1.30 29.85
N TYR A 495 43.25 -1.86 28.96
CA TYR A 495 41.88 -2.21 29.25
C TYR A 495 41.68 -3.69 28.92
N ARG A 496 41.19 -4.45 29.88
CA ARG A 496 40.92 -5.86 29.67
C ARG A 496 39.48 -6.03 29.21
N VAL A 497 39.30 -6.66 28.05
CA VAL A 497 38.00 -6.76 27.40
C VAL A 497 37.54 -8.22 27.44
N VAL A 498 36.31 -8.44 27.89
CA VAL A 498 35.67 -9.75 27.88
C VAL A 498 34.36 -9.62 27.12
N VAL A 499 34.16 -10.47 26.12
CA VAL A 499 32.99 -10.42 25.26
C VAL A 499 32.26 -11.76 25.36
N LEU A 500 30.94 -11.68 25.60
CA LEU A 500 30.09 -12.85 25.73
C LEU A 500 29.18 -12.95 24.52
N SER A 501 29.13 -14.12 23.90
CA SER A 501 28.26 -14.37 22.76
C SER A 501 27.30 -15.49 23.10
N PHE A 502 26.01 -15.25 22.87
CA PHE A 502 24.97 -16.23 23.12
C PHE A 502 24.41 -16.73 21.79
N GLU A 503 24.13 -18.03 21.71
CA GLU A 503 23.45 -18.60 20.56
C GLU A 503 22.05 -19.04 20.99
N LEU A 504 21.04 -18.50 20.30
CA LEU A 504 19.65 -18.85 20.55
C LEU A 504 19.17 -19.95 19.62
N LEU A 505 19.91 -21.06 19.59
CA LEU A 505 19.57 -22.17 18.71
C LEU A 505 18.37 -22.95 19.26
N HIS A 506 17.66 -23.61 18.34
CA HIS A 506 16.52 -24.44 18.69
C HIS A 506 17.01 -25.84 19.09
N ALA A 507 17.73 -25.87 20.20
CA ALA A 507 18.30 -27.08 20.77
C ALA A 507 18.07 -27.03 22.27
N PRO A 508 18.15 -28.18 22.96
CA PRO A 508 17.96 -28.17 24.41
C PRO A 508 18.93 -27.23 25.10
N ALA A 509 18.42 -26.48 26.07
CA ALA A 509 19.18 -25.42 26.73
C ALA A 509 20.02 -25.99 27.86
N THR A 510 21.27 -25.51 27.94
CA THR A 510 22.19 -25.91 29.01
C THR A 510 22.52 -24.79 29.97
N VAL A 511 22.46 -23.54 29.53
CA VAL A 511 22.74 -22.37 30.37
C VAL A 511 21.43 -21.62 30.58
N CYS A 512 20.99 -21.56 31.84
CA CYS A 512 19.75 -20.89 32.20
C CYS A 512 19.96 -20.02 33.42
N GLY A 513 19.14 -18.98 33.54
CA GLY A 513 19.27 -18.04 34.62
C GLY A 513 18.75 -18.58 35.93
N PRO A 514 18.90 -17.78 36.98
CA PRO A 514 18.48 -18.20 38.34
C PRO A 514 16.98 -18.13 38.54
N LYS A 515 16.25 -18.96 37.78
CA LYS A 515 14.80 -19.03 37.85
C LYS A 515 14.38 -20.42 38.26
N LYS A 516 13.40 -20.50 39.16
CA LYS A 516 12.92 -21.77 39.69
C LYS A 516 11.71 -22.24 38.92
N SER A 517 11.73 -23.49 38.47
CA SER A 517 10.61 -24.05 37.72
C SER A 517 9.47 -24.40 38.69
N THR A 518 8.28 -23.89 38.40
CA THR A 518 7.12 -24.12 39.23
C THR A 518 6.40 -25.38 38.79
N ASN A 519 5.33 -25.73 39.51
CA ASN A 519 4.56 -26.91 39.19
C ASN A 519 3.80 -26.73 37.87
N LEU A 520 3.55 -27.84 37.20
CA LEU A 520 2.86 -27.83 35.92
C LEU A 520 1.35 -27.88 36.13
N VAL A 521 0.64 -27.00 35.42
CA VAL A 521 -0.82 -26.94 35.47
C VAL A 521 -1.34 -27.35 34.11
N LYS A 522 -2.22 -28.36 34.09
CA LYS A 522 -2.69 -28.96 32.86
C LYS A 522 -4.16 -28.67 32.63
N ASN A 523 -4.53 -28.59 31.35
CA ASN A 523 -5.92 -28.43 30.92
C ASN A 523 -6.53 -27.12 31.37
N LYS A 524 -5.71 -26.08 31.50
CA LYS A 524 -6.19 -24.74 31.81
C LYS A 524 -5.41 -23.74 30.96
N CYS A 525 -6.04 -22.59 30.69
CA CYS A 525 -5.40 -21.56 29.88
C CYS A 525 -4.44 -20.77 30.78
N VAL A 526 -3.14 -20.92 30.52
CA VAL A 526 -2.10 -20.35 31.35
C VAL A 526 -1.09 -19.63 30.46
N ASN A 527 -0.10 -18.99 31.09
CA ASN A 527 1.05 -18.42 30.41
C ASN A 527 2.24 -19.34 30.68
N PHE A 528 2.65 -20.09 29.66
CA PHE A 528 3.71 -21.07 29.83
C PHE A 528 5.07 -20.48 29.48
N ASN A 529 6.11 -21.14 29.98
CA ASN A 529 7.49 -20.72 29.70
C ASN A 529 8.35 -21.99 29.70
N PHE A 530 8.55 -22.56 28.50
CA PHE A 530 9.30 -23.80 28.34
C PHE A 530 10.67 -23.47 27.76
N ASN A 531 11.71 -23.59 28.59
CA ASN A 531 13.10 -23.36 28.17
C ASN A 531 13.29 -21.97 27.57
N GLY A 532 12.56 -20.98 28.09
CA GLY A 532 12.69 -19.62 27.65
C GLY A 532 11.66 -19.18 26.63
N LEU A 533 11.02 -20.12 25.94
CA LEU A 533 9.96 -19.77 25.00
C LEU A 533 8.66 -19.57 25.76
N THR A 534 7.98 -18.46 25.49
CA THR A 534 6.78 -18.08 26.21
C THR A 534 5.58 -18.07 25.27
N GLY A 535 4.40 -17.95 25.87
CA GLY A 535 3.17 -17.90 25.09
C GLY A 535 1.97 -17.98 26.02
N THR A 536 0.82 -18.33 25.43
CA THR A 536 -0.42 -18.43 26.19
C THR A 536 -1.36 -19.40 25.50
N GLY A 537 -1.97 -20.29 26.28
CA GLY A 537 -2.89 -21.26 25.73
C GLY A 537 -3.24 -22.30 26.78
N VAL A 538 -4.07 -23.25 26.35
CA VAL A 538 -4.49 -24.36 27.20
C VAL A 538 -3.62 -25.56 26.89
N LEU A 539 -2.97 -26.11 27.92
CA LEU A 539 -2.01 -27.19 27.79
C LEU A 539 -2.69 -28.52 28.11
N THR A 540 -2.92 -29.33 27.09
CA THR A 540 -3.44 -30.67 27.23
C THR A 540 -2.36 -31.68 26.90
N GLU A 541 -2.65 -32.96 27.14
CA GLU A 541 -1.76 -34.01 26.70
C GLU A 541 -2.02 -34.33 25.24
N SER A 542 -1.00 -34.90 24.58
CA SER A 542 -1.06 -35.17 23.16
C SER A 542 -0.66 -36.60 22.87
N ASN A 543 -1.19 -37.14 21.77
CA ASN A 543 -0.87 -38.49 21.31
C ASN A 543 0.16 -38.51 20.19
N LYS A 544 0.65 -37.34 19.77
CA LYS A 544 1.70 -37.30 18.77
C LYS A 544 2.98 -37.90 19.32
N LYS A 545 3.64 -38.72 18.51
CA LYS A 545 4.83 -39.46 18.93
C LYS A 545 6.05 -38.79 18.32
N PHE A 546 6.72 -37.97 19.13
CA PHE A 546 7.94 -37.30 18.67
C PHE A 546 9.06 -38.32 18.48
N LEU A 547 9.94 -38.03 17.54
CA LEU A 547 11.18 -38.77 17.45
C LEU A 547 12.12 -38.31 18.58
N PRO A 548 13.02 -39.18 19.03
CA PRO A 548 13.78 -38.86 20.25
C PRO A 548 14.59 -37.58 20.19
N PHE A 549 14.98 -37.12 19.00
CA PHE A 549 15.79 -35.92 18.86
C PHE A 549 14.98 -34.65 18.67
N GLN A 550 13.65 -34.74 18.66
CA GLN A 550 12.80 -33.60 18.34
C GLN A 550 12.27 -32.95 19.62
N GLN A 551 12.28 -31.62 19.64
CA GLN A 551 11.86 -30.86 20.81
C GLN A 551 10.50 -30.19 20.63
N PHE A 552 10.33 -29.40 19.57
CA PHE A 552 9.10 -28.68 19.35
C PHE A 552 8.24 -29.38 18.30
N GLY A 553 7.13 -28.75 17.94
CA GLY A 553 6.29 -29.22 16.85
C GLY A 553 5.64 -28.04 16.17
N ARG A 554 5.79 -27.95 14.85
CA ARG A 554 5.25 -26.83 14.06
C ARG A 554 4.57 -27.42 12.83
N ASP A 555 3.29 -27.73 12.97
CA ASP A 555 2.51 -28.31 11.87
C ASP A 555 1.90 -27.25 10.96
N ILE A 556 2.15 -25.96 11.24
CA ILE A 556 1.68 -24.87 10.39
C ILE A 556 2.86 -23.99 10.02
N ALA A 557 4.00 -24.22 10.67
CA ALA A 557 5.32 -23.63 10.40
C ALA A 557 5.48 -22.21 10.90
N ASP A 558 4.52 -21.67 11.65
CA ASP A 558 4.72 -20.38 12.31
C ASP A 558 4.37 -20.37 13.78
N THR A 559 3.63 -21.36 14.30
CA THR A 559 3.31 -21.44 15.71
C THR A 559 3.62 -22.84 16.22
N THR A 560 4.16 -22.91 17.43
CA THR A 560 4.52 -24.18 18.06
C THR A 560 3.25 -24.90 18.49
N ASP A 561 2.87 -25.93 17.73
CA ASP A 561 1.68 -26.71 18.06
C ASP A 561 1.89 -27.47 19.37
N ALA A 562 3.03 -28.15 19.50
CA ALA A 562 3.30 -28.98 20.66
C ALA A 562 4.73 -28.73 21.14
N VAL A 563 4.96 -28.98 22.42
CA VAL A 563 6.26 -28.82 23.05
C VAL A 563 6.56 -30.06 23.87
N ARG A 564 7.83 -30.19 24.28
CA ARG A 564 8.27 -31.28 25.14
C ARG A 564 8.71 -30.68 26.47
N ASP A 565 8.13 -31.17 27.55
CA ASP A 565 8.52 -30.73 28.89
C ASP A 565 9.92 -31.22 29.20
N PRO A 566 10.83 -30.35 29.66
CA PRO A 566 12.19 -30.82 29.95
C PRO A 566 12.31 -31.59 31.26
N GLN A 567 11.49 -31.25 32.26
CA GLN A 567 11.53 -32.00 33.52
C GLN A 567 11.11 -33.44 33.31
N THR A 568 9.95 -33.66 32.68
CA THR A 568 9.49 -34.99 32.30
C THR A 568 9.32 -35.01 30.78
N LEU A 569 9.93 -35.98 30.13
CA LEU A 569 10.02 -36.00 28.67
C LEU A 569 8.69 -36.17 27.97
N GLU A 570 7.55 -36.19 28.65
CA GLU A 570 6.26 -36.22 27.98
C GLU A 570 6.05 -34.94 27.18
N ILE A 571 5.36 -35.06 26.05
CA ILE A 571 5.10 -33.93 25.16
C ILE A 571 3.65 -33.50 25.32
N LEU A 572 3.42 -32.19 25.26
CA LEU A 572 2.11 -31.59 25.42
C LEU A 572 1.78 -30.76 24.20
N ASP A 573 0.52 -30.78 23.78
CA ASP A 573 0.07 -29.94 22.68
C ASP A 573 -0.47 -28.62 23.21
N ILE A 574 -0.28 -27.57 22.43
CA ILE A 574 -0.66 -26.21 22.83
C ILE A 574 -1.83 -25.77 21.96
N THR A 575 -2.94 -25.42 22.60
CA THR A 575 -4.16 -24.99 21.95
C THR A 575 -4.45 -23.53 22.32
N PRO A 576 -4.87 -22.70 21.36
CA PRO A 576 -5.17 -21.31 21.69
C PRO A 576 -6.29 -21.19 22.72
N CYS A 577 -6.24 -20.11 23.49
CA CYS A 577 -7.11 -19.84 24.63
C CYS A 577 -8.54 -19.44 24.21
N SER A 578 -8.90 -19.63 22.94
CA SER A 578 -10.24 -19.38 22.42
C SER A 578 -10.54 -17.89 22.33
N PHE A 579 -11.44 -17.53 21.43
CA PHE A 579 -11.76 -16.13 21.13
C PHE A 579 -13.00 -16.13 20.25
N GLY A 580 -13.41 -14.94 19.83
CA GLY A 580 -14.56 -14.81 18.98
C GLY A 580 -15.16 -13.42 19.08
N GLY A 581 -15.98 -13.09 18.08
CA GLY A 581 -16.64 -11.81 18.07
C GLY A 581 -17.84 -11.76 18.98
N VAL A 582 -18.35 -10.55 19.18
CA VAL A 582 -19.51 -10.30 20.02
C VAL A 582 -20.47 -9.41 19.25
N SER A 583 -21.70 -9.88 19.04
CA SER A 583 -22.71 -9.14 18.32
C SER A 583 -23.92 -8.91 19.21
N VAL A 584 -24.59 -7.79 19.00
CA VAL A 584 -25.71 -7.36 19.83
C VAL A 584 -26.96 -7.34 18.98
N ILE A 585 -27.95 -8.15 19.35
CA ILE A 585 -29.25 -8.16 18.67
C ILE A 585 -30.13 -7.12 19.34
N THR A 586 -30.60 -6.14 18.56
CA THR A 586 -31.43 -5.10 19.13
C THR A 586 -32.62 -4.82 18.22
N PRO A 587 -33.79 -4.56 18.81
CA PRO A 587 -34.88 -3.94 18.04
C PRO A 587 -34.59 -2.46 17.87
N GLY A 588 -35.55 -1.71 17.33
CA GLY A 588 -35.38 -0.26 17.27
C GLY A 588 -35.11 0.30 18.66
N THR A 589 -34.22 1.28 18.72
CA THR A 589 -33.81 1.83 20.02
C THR A 589 -34.99 2.46 20.75
N ASN A 590 -36.00 2.93 20.03
CA ASN A 590 -37.15 3.55 20.65
C ASN A 590 -38.34 2.62 20.76
N THR A 591 -38.25 1.41 20.20
CA THR A 591 -39.26 0.39 20.47
C THR A 591 -39.11 -0.17 21.87
N SER A 592 -37.88 -0.46 22.28
CA SER A 592 -37.58 -0.98 23.62
C SER A 592 -36.08 -0.83 23.85
N ASN A 593 -35.64 -1.23 25.04
CA ASN A 593 -34.24 -1.24 25.39
C ASN A 593 -33.69 -2.65 25.61
N GLN A 594 -34.52 -3.68 25.41
CA GLN A 594 -34.04 -5.05 25.53
C GLN A 594 -33.07 -5.36 24.41
N VAL A 595 -32.01 -6.10 24.75
CA VAL A 595 -31.00 -6.52 23.79
C VAL A 595 -30.67 -7.99 24.02
N ALA A 596 -30.09 -8.61 22.99
CA ALA A 596 -29.55 -9.95 23.08
C ALA A 596 -28.14 -9.93 22.52
N VAL A 597 -27.28 -10.78 23.09
CA VAL A 597 -25.87 -10.82 22.74
C VAL A 597 -25.53 -12.19 22.19
N LEU A 598 -24.78 -12.23 21.09
CA LEU A 598 -24.35 -13.46 20.44
C LEU A 598 -22.83 -13.53 20.47
N TYR A 599 -22.31 -14.65 20.97
CA TYR A 599 -20.88 -14.94 20.95
C TYR A 599 -20.60 -15.91 19.81
N GLN A 600 -19.75 -15.51 18.87
CA GLN A 600 -19.58 -16.23 17.63
C GLN A 600 -18.78 -17.52 17.84
N GLY A 601 -19.43 -18.65 17.57
CA GLY A 601 -18.76 -19.93 17.48
C GLY A 601 -18.06 -20.40 18.74
N VAL A 602 -18.71 -20.32 19.89
CA VAL A 602 -18.16 -20.80 21.15
C VAL A 602 -19.22 -21.62 21.88
N ASN A 603 -18.76 -22.67 22.56
CA ASN A 603 -19.66 -23.49 23.37
C ASN A 603 -20.17 -22.69 24.55
N CYS A 604 -21.41 -22.98 24.96
CA CYS A 604 -21.99 -22.24 26.08
C CYS A 604 -21.52 -22.80 27.42
N THR A 605 -20.24 -22.99 27.56
CA THR A 605 -19.59 -23.41 28.80
C THR A 605 -18.46 -22.48 29.21
N GLU A 606 -17.72 -21.95 28.25
CA GLU A 606 -16.66 -20.98 28.51
C GLU A 606 -17.14 -19.54 28.39
N VAL A 607 -18.42 -19.34 28.05
CA VAL A 607 -18.96 -17.97 28.03
C VAL A 607 -18.88 -17.29 29.39
N PRO A 608 -19.21 -17.95 30.53
CA PRO A 608 -19.09 -17.24 31.81
C PRO A 608 -17.70 -16.69 32.09
N VAL A 609 -16.69 -17.56 32.10
CA VAL A 609 -15.30 -17.12 32.26
C VAL A 609 -14.76 -16.89 30.85
N ALA A 610 -15.05 -15.70 30.32
CA ALA A 610 -14.62 -15.35 28.97
C ALA A 610 -14.03 -13.95 28.82
N ILE A 611 -14.22 -13.06 29.79
CA ILE A 611 -13.67 -11.72 29.71
C ILE A 611 -13.77 -11.04 31.08
N ARG A 621 -20.20 -5.48 31.56
CA ARG A 621 -21.27 -6.29 30.93
C ARG A 621 -21.09 -7.75 31.36
N VAL A 622 -22.05 -8.29 32.11
CA VAL A 622 -21.95 -9.70 32.61
C VAL A 622 -22.71 -10.63 31.66
N TYR A 623 -22.84 -11.91 32.03
CA TYR A 623 -23.56 -12.90 31.19
C TYR A 623 -25.03 -12.95 31.62
N SER A 624 -25.49 -11.93 32.36
CA SER A 624 -26.90 -11.88 32.82
C SER A 624 -27.30 -13.24 33.42
N THR A 625 -26.46 -13.79 34.31
CA THR A 625 -26.78 -15.08 34.97
C THR A 625 -27.22 -16.09 33.90
N GLY A 626 -28.46 -16.58 33.98
CA GLY A 626 -28.94 -17.59 33.02
C GLY A 626 -30.25 -17.14 32.37
N SER A 627 -30.20 -16.07 31.58
CA SER A 627 -31.40 -15.63 30.84
C SER A 627 -31.48 -16.38 29.50
N ASN A 628 -31.44 -17.72 29.56
CA ASN A 628 -31.48 -18.57 28.34
C ASN A 628 -30.13 -18.55 27.64
N VAL A 629 -29.27 -19.55 27.91
CA VAL A 629 -27.96 -19.63 27.21
C VAL A 629 -28.14 -20.53 25.98
N PHE A 630 -29.38 -20.64 25.49
CA PHE A 630 -29.70 -21.43 24.32
C PHE A 630 -28.58 -21.38 23.27
N GLN A 631 -28.09 -22.55 22.90
CA GLN A 631 -26.92 -22.69 22.05
C GLN A 631 -27.34 -22.89 20.60
N THR A 632 -26.73 -22.14 19.70
CA THR A 632 -26.98 -22.23 18.26
C THR A 632 -25.73 -22.70 17.54
N ARG A 633 -25.91 -23.07 16.28
CA ARG A 633 -24.76 -23.38 15.43
C ARG A 633 -23.97 -22.13 15.08
N ALA A 634 -24.59 -20.95 15.16
CA ALA A 634 -23.88 -19.70 14.98
C ALA A 634 -23.05 -19.30 16.20
N GLY A 635 -23.48 -19.72 17.39
CA GLY A 635 -22.77 -19.39 18.60
C GLY A 635 -23.69 -19.52 19.81
N CYS A 636 -23.30 -18.84 20.88
CA CYS A 636 -24.05 -18.85 22.13
C CYS A 636 -24.91 -17.59 22.20
N LEU A 637 -26.22 -17.77 22.33
CA LEU A 637 -27.17 -16.66 22.33
C LEU A 637 -27.71 -16.45 23.74
N ILE A 638 -27.64 -15.22 24.22
CA ILE A 638 -28.02 -14.86 25.58
C ILE A 638 -29.08 -13.77 25.52
N GLY A 639 -30.17 -13.98 26.24
CA GLY A 639 -31.24 -12.99 26.33
C GLY A 639 -32.43 -13.23 25.43
N ALA A 640 -32.50 -14.38 24.76
CA ALA A 640 -33.60 -14.71 23.87
C ALA A 640 -34.09 -16.12 24.16
N GLU A 641 -35.38 -16.33 23.98
CA GLU A 641 -35.98 -17.65 24.17
C GLU A 641 -36.10 -18.38 22.85
N HIS A 642 -36.07 -19.71 22.93
CA HIS A 642 -36.31 -20.55 21.76
C HIS A 642 -37.79 -20.87 21.66
N VAL A 643 -38.34 -20.75 20.46
CA VAL A 643 -39.77 -20.94 20.22
C VAL A 643 -39.94 -22.00 19.15
N ASN A 644 -40.89 -22.91 19.38
CA ASN A 644 -41.16 -23.97 18.42
C ASN A 644 -41.81 -23.44 17.14
N ASN A 645 -42.42 -22.26 17.17
CA ASN A 645 -43.06 -21.73 15.97
C ASN A 645 -42.01 -21.20 15.00
N SER A 646 -42.45 -20.95 13.77
CA SER A 646 -41.61 -20.44 12.69
C SER A 646 -42.28 -19.25 12.03
N TYR A 647 -41.49 -18.23 11.71
CA TYR A 647 -41.99 -17.03 11.04
C TYR A 647 -40.98 -16.59 10.00
N GLU A 648 -41.36 -15.57 9.23
CA GLU A 648 -40.43 -14.95 8.29
C GLU A 648 -39.32 -14.22 9.05
N CYS A 649 -38.14 -14.18 8.45
CA CYS A 649 -36.98 -13.65 9.14
C CYS A 649 -37.09 -12.15 9.34
N ASP A 650 -36.67 -11.68 10.52
CA ASP A 650 -36.62 -10.26 10.84
C ASP A 650 -35.19 -9.80 11.10
N ILE A 651 -34.49 -10.43 12.03
CA ILE A 651 -33.07 -10.15 12.27
C ILE A 651 -32.30 -11.45 12.06
N PRO A 652 -31.53 -11.58 10.98
CA PRO A 652 -30.82 -12.84 10.74
C PRO A 652 -29.67 -13.03 11.72
N ILE A 653 -29.62 -14.22 12.32
CA ILE A 653 -28.52 -14.60 13.20
C ILE A 653 -27.52 -15.48 12.47
N GLY A 654 -28.00 -16.48 11.73
CA GLY A 654 -27.14 -17.37 10.99
C GLY A 654 -27.54 -18.83 11.16
N ALA A 655 -27.16 -19.66 10.18
CA ALA A 655 -27.45 -21.10 10.20
C ALA A 655 -28.95 -21.37 10.28
N GLY A 656 -29.75 -20.53 9.61
CA GLY A 656 -31.18 -20.71 9.58
C GLY A 656 -31.93 -20.15 10.77
N ILE A 657 -31.25 -19.54 11.73
CA ILE A 657 -31.87 -19.01 12.94
C ILE A 657 -32.08 -17.51 12.75
N CYS A 658 -33.27 -17.04 13.08
CA CYS A 658 -33.63 -15.63 12.95
C CYS A 658 -34.33 -15.19 14.23
N ALA A 659 -34.13 -13.93 14.60
CA ALA A 659 -34.69 -13.39 15.83
C ALA A 659 -35.56 -12.18 15.54
N SER A 660 -36.52 -11.92 16.43
CA SER A 660 -37.41 -10.78 16.28
C SER A 660 -37.93 -10.37 17.64
N TYR A 661 -38.50 -9.17 17.70
CA TYR A 661 -39.09 -8.62 18.91
C TYR A 661 -40.60 -8.78 18.82
N GLN A 662 -41.15 -9.69 19.64
CA GLN A 662 -42.56 -10.00 19.61
C GLN A 662 -43.10 -10.08 21.02
N THR A 663 -44.32 -9.59 21.22
CA THR A 663 -44.97 -9.63 22.52
C THR A 663 -45.32 -11.06 22.91
N GLN A 677 -38.35 -13.60 28.41
CA GLN A 677 -37.99 -12.33 27.79
C GLN A 677 -39.00 -11.93 26.72
N SER A 678 -38.61 -10.99 25.88
CA SER A 678 -39.47 -10.51 24.79
C SER A 678 -38.79 -10.55 23.44
N ILE A 679 -37.52 -10.93 23.36
CA ILE A 679 -36.84 -11.22 22.11
C ILE A 679 -36.89 -12.73 21.91
N ILE A 680 -37.51 -13.16 20.82
CA ILE A 680 -37.68 -14.58 20.53
C ILE A 680 -36.70 -15.00 19.44
N ALA A 681 -36.30 -16.26 19.48
CA ALA A 681 -35.44 -16.86 18.47
C ALA A 681 -36.11 -18.10 17.90
N TYR A 682 -36.07 -18.25 16.58
CA TYR A 682 -36.82 -19.30 15.91
C TYR A 682 -36.10 -19.67 14.62
N THR A 683 -36.45 -20.84 14.08
CA THR A 683 -35.99 -21.24 12.77
C THR A 683 -36.79 -20.52 11.70
N MET A 684 -36.12 -20.14 10.62
CA MET A 684 -36.76 -19.41 9.54
C MET A 684 -37.78 -20.29 8.81
N SER A 685 -38.85 -19.64 8.34
CA SER A 685 -39.88 -20.29 7.55
C SER A 685 -39.77 -19.81 6.11
N LEU A 686 -39.71 -20.75 5.17
CA LEU A 686 -39.49 -20.37 3.77
C LEU A 686 -40.74 -19.78 3.13
N GLY A 687 -41.91 -20.15 3.61
CA GLY A 687 -43.14 -19.62 3.06
C GLY A 687 -44.30 -20.54 3.36
N ALA A 688 -45.48 -20.10 2.95
CA ALA A 688 -46.70 -20.87 3.18
C ALA A 688 -46.72 -22.09 2.28
N GLU A 689 -47.01 -23.25 2.85
CA GLU A 689 -47.07 -24.48 2.08
C GLU A 689 -48.35 -24.51 1.24
N ASN A 690 -48.24 -25.09 0.04
CA ASN A 690 -49.37 -25.11 -0.88
C ASN A 690 -49.16 -26.28 -1.83
N SER A 691 -50.24 -27.00 -2.11
CA SER A 691 -50.23 -28.11 -3.06
C SER A 691 -51.21 -27.82 -4.18
N VAL A 692 -50.76 -28.02 -5.41
CA VAL A 692 -51.59 -27.78 -6.59
C VAL A 692 -52.35 -29.05 -6.93
N ALA A 693 -53.64 -28.90 -7.27
CA ALA A 693 -54.51 -30.04 -7.52
C ALA A 693 -54.29 -30.56 -8.94
N TYR A 694 -53.16 -31.23 -9.11
CA TYR A 694 -52.77 -31.74 -10.42
C TYR A 694 -53.55 -33.00 -10.77
N SER A 695 -53.99 -33.08 -12.02
CA SER A 695 -54.56 -34.29 -12.58
C SER A 695 -54.35 -34.22 -14.09
N ASN A 696 -54.54 -35.36 -14.75
CA ASN A 696 -54.21 -35.46 -16.17
C ASN A 696 -55.30 -34.94 -17.09
N ASN A 697 -56.44 -34.49 -16.56
CA ASN A 697 -57.47 -33.91 -17.42
C ASN A 697 -58.14 -32.71 -16.76
N SER A 698 -57.41 -31.95 -15.95
CA SER A 698 -57.96 -30.79 -15.27
C SER A 698 -57.10 -29.56 -15.53
N ILE A 699 -57.76 -28.44 -15.79
CA ILE A 699 -57.09 -27.17 -16.05
C ILE A 699 -57.76 -26.08 -15.23
N ALA A 700 -57.00 -25.02 -14.95
CA ALA A 700 -57.51 -23.84 -14.27
C ALA A 700 -57.26 -22.62 -15.15
N ILE A 701 -58.32 -21.87 -15.43
CA ILE A 701 -58.24 -20.69 -16.28
C ILE A 701 -58.86 -19.50 -15.56
N PRO A 702 -58.16 -18.37 -15.46
CA PRO A 702 -58.72 -17.22 -14.73
C PRO A 702 -59.92 -16.63 -15.43
N THR A 703 -60.86 -16.14 -14.62
CA THR A 703 -62.10 -15.54 -15.12
C THR A 703 -62.14 -14.03 -14.89
N ASN A 704 -61.04 -13.44 -14.43
CA ASN A 704 -60.98 -12.01 -14.16
C ASN A 704 -59.51 -11.61 -14.15
N PHE A 705 -59.25 -10.35 -13.84
CA PHE A 705 -57.88 -9.86 -13.84
C PHE A 705 -57.75 -8.68 -12.90
N THR A 706 -56.51 -8.27 -12.66
CA THR A 706 -56.17 -7.17 -11.78
C THR A 706 -54.98 -6.43 -12.36
N ILE A 707 -55.00 -5.11 -12.30
CA ILE A 707 -53.92 -4.27 -12.81
C ILE A 707 -53.10 -3.77 -11.64
N SER A 708 -51.80 -4.01 -11.68
CA SER A 708 -50.89 -3.73 -10.59
C SER A 708 -49.78 -2.79 -11.06
N VAL A 709 -49.35 -1.91 -10.15
CA VAL A 709 -48.24 -0.99 -10.40
C VAL A 709 -47.21 -1.20 -9.30
N THR A 710 -45.98 -1.48 -9.69
CA THR A 710 -44.87 -1.69 -8.76
C THR A 710 -43.83 -0.60 -8.96
N THR A 711 -42.80 -0.62 -8.12
CA THR A 711 -41.75 0.40 -8.12
C THR A 711 -40.39 -0.27 -8.07
N GLU A 712 -39.44 0.29 -8.83
CA GLU A 712 -38.06 -0.18 -8.81
C GLU A 712 -37.13 1.01 -8.78
N ILE A 713 -36.16 1.00 -7.87
CA ILE A 713 -35.23 2.10 -7.67
C ILE A 713 -33.83 1.61 -8.00
N LEU A 714 -33.11 2.38 -8.83
CA LEU A 714 -31.75 2.04 -9.22
C LEU A 714 -30.86 3.26 -9.08
N PRO A 715 -29.71 3.15 -8.41
CA PRO A 715 -28.73 4.23 -8.45
C PRO A 715 -28.14 4.39 -9.85
N VAL A 716 -27.80 5.63 -10.19
CA VAL A 716 -27.29 5.98 -11.51
C VAL A 716 -25.91 6.63 -11.43
N SER A 717 -25.76 7.63 -10.56
CA SER A 717 -24.53 8.39 -10.48
C SER A 717 -24.09 8.55 -9.03
N MET A 718 -22.82 8.90 -8.86
CA MET A 718 -22.20 9.08 -7.57
C MET A 718 -21.66 10.50 -7.47
N THR A 719 -21.58 11.03 -6.24
CA THR A 719 -21.12 12.39 -6.04
C THR A 719 -19.72 12.59 -6.62
N LYS A 720 -19.55 13.67 -7.36
CA LYS A 720 -18.34 13.94 -8.12
C LYS A 720 -17.35 14.69 -7.23
N THR A 721 -16.28 14.00 -6.83
CA THR A 721 -15.35 14.51 -5.84
C THR A 721 -13.94 14.52 -6.39
N SER A 722 -13.22 15.63 -6.19
CA SER A 722 -11.82 15.75 -6.55
C SER A 722 -11.02 16.12 -5.31
N VAL A 723 -9.85 15.49 -5.15
CA VAL A 723 -9.00 15.71 -3.99
C VAL A 723 -7.62 16.13 -4.47
N ASP A 724 -7.12 17.25 -3.94
CA ASP A 724 -5.80 17.75 -4.27
C ASP A 724 -4.74 17.01 -3.46
N CYS A 725 -3.59 16.79 -4.10
CA CYS A 725 -2.55 15.92 -3.54
C CYS A 725 -1.68 16.65 -2.52
N THR A 726 -0.99 17.70 -2.96
CA THR A 726 -0.04 18.40 -2.10
C THR A 726 -0.76 19.15 -0.98
N MET A 727 -1.94 19.71 -1.26
CA MET A 727 -2.69 20.38 -0.20
C MET A 727 -3.07 19.41 0.91
N TYR A 728 -3.47 18.20 0.56
CA TYR A 728 -3.80 17.20 1.58
C TYR A 728 -2.56 16.75 2.33
N ILE A 729 -1.49 16.40 1.60
CA ILE A 729 -0.32 15.81 2.24
C ILE A 729 0.55 16.89 2.87
N CYS A 730 0.88 17.93 2.12
CA CYS A 730 1.89 18.92 2.52
C CYS A 730 1.33 20.33 2.44
N GLY A 731 0.16 20.53 3.04
CA GLY A 731 -0.56 21.79 2.91
C GLY A 731 0.21 23.04 3.27
N ASP A 732 0.46 23.89 2.27
CA ASP A 732 1.11 25.19 2.46
C ASP A 732 2.46 25.06 3.16
N SER A 733 3.27 24.11 2.72
CA SER A 733 4.61 23.91 3.29
C SER A 733 5.58 23.57 2.16
N THR A 734 6.65 24.36 2.05
CA THR A 734 7.62 24.16 0.98
C THR A 734 8.52 22.96 1.24
N GLU A 735 8.97 22.78 2.48
CA GLU A 735 9.86 21.67 2.81
C GLU A 735 9.17 20.33 2.59
N CYS A 736 7.90 20.23 2.98
CA CYS A 736 7.17 18.99 2.78
C CYS A 736 7.02 18.67 1.30
N SER A 737 6.72 19.67 0.48
CA SER A 737 6.59 19.43 -0.96
C SER A 737 7.92 19.04 -1.58
N ASN A 738 9.02 19.65 -1.13
CA ASN A 738 10.34 19.27 -1.62
C ASN A 738 10.67 17.83 -1.26
N LEU A 739 10.30 17.40 -0.05
CA LEU A 739 10.49 16.01 0.32
C LEU A 739 9.56 15.08 -0.45
N LEU A 740 8.35 15.55 -0.78
CA LEU A 740 7.37 14.73 -1.46
C LEU A 740 7.73 14.49 -2.92
N LEU A 741 8.42 15.44 -3.55
CA LEU A 741 8.80 15.25 -4.95
C LEU A 741 9.79 14.10 -5.15
N GLN A 742 10.39 13.59 -4.08
CA GLN A 742 11.30 12.45 -4.19
C GLN A 742 10.57 11.14 -4.48
N TYR A 743 9.24 11.11 -4.40
CA TYR A 743 8.46 9.90 -4.67
C TYR A 743 8.03 9.78 -6.12
N GLY A 744 8.45 10.69 -6.98
CA GLY A 744 8.16 10.55 -8.39
C GLY A 744 6.76 11.04 -8.71
N SER A 745 6.00 10.19 -9.41
CA SER A 745 4.69 10.56 -9.93
C SER A 745 3.56 9.83 -9.21
N PHE A 746 3.71 9.59 -7.90
CA PHE A 746 2.62 9.01 -7.13
C PHE A 746 1.40 9.90 -7.12
N CYS A 747 1.59 11.22 -7.17
CA CYS A 747 0.49 12.16 -7.03
C CYS A 747 -0.33 12.26 -8.31
N THR A 748 0.32 12.20 -9.47
CA THR A 748 -0.37 12.40 -10.74
C THR A 748 -1.38 11.28 -11.02
N GLN A 749 -1.03 10.05 -10.68
CA GLN A 749 -1.93 8.92 -10.95
C GLN A 749 -3.22 9.03 -10.13
N LEU A 750 -3.11 9.50 -8.89
CA LEU A 750 -4.30 9.63 -8.04
C LEU A 750 -5.28 10.63 -8.63
N ASN A 751 -4.78 11.80 -9.04
CA ASN A 751 -5.64 12.81 -9.66
C ASN A 751 -6.21 12.30 -10.97
N ARG A 752 -5.41 11.57 -11.75
CA ARG A 752 -5.88 11.02 -13.01
C ARG A 752 -7.03 10.03 -12.79
N ALA A 753 -6.89 9.17 -11.79
CA ALA A 753 -7.96 8.21 -11.49
C ALA A 753 -9.24 8.91 -11.02
N LEU A 754 -9.09 9.93 -10.16
CA LEU A 754 -10.26 10.66 -9.69
C LEU A 754 -10.97 11.37 -10.85
N THR A 755 -10.19 11.95 -11.78
CA THR A 755 -10.78 12.60 -12.94
C THR A 755 -11.50 11.60 -13.83
N GLY A 756 -10.93 10.40 -13.99
CA GLY A 756 -11.62 9.36 -14.74
C GLY A 756 -12.96 8.99 -14.13
N ILE A 757 -13.01 8.85 -12.81
CA ILE A 757 -14.28 8.58 -12.14
C ILE A 757 -15.27 9.72 -12.38
N ALA A 758 -14.78 10.96 -12.27
CA ALA A 758 -15.65 12.12 -12.44
C ALA A 758 -16.27 12.16 -13.84
N VAL A 759 -15.47 11.82 -14.86
CA VAL A 759 -16.01 11.79 -16.23
C VAL A 759 -17.00 10.63 -16.39
N GLU A 760 -16.70 9.49 -15.78
CA GLU A 760 -17.57 8.33 -15.89
C GLU A 760 -18.97 8.63 -15.32
N GLN A 761 -19.05 9.44 -14.27
CA GLN A 761 -20.37 9.74 -13.68
C GLN A 761 -21.27 10.47 -14.69
N ASP A 762 -20.72 11.47 -15.37
CA ASP A 762 -21.49 12.17 -16.39
C ASP A 762 -21.84 11.24 -17.54
N LYS A 763 -20.92 10.34 -17.91
CA LYS A 763 -21.24 9.35 -18.93
C LYS A 763 -22.44 8.48 -18.52
N ASN A 764 -22.46 8.05 -17.25
CA ASN A 764 -23.57 7.24 -16.76
C ASN A 764 -24.90 7.98 -16.88
N THR A 765 -24.93 9.22 -16.39
CA THR A 765 -26.19 9.98 -16.44
C THR A 765 -26.64 10.19 -17.88
N GLN A 766 -25.71 10.54 -18.77
CA GLN A 766 -26.06 10.77 -20.17
C GLN A 766 -26.59 9.50 -20.82
N GLU A 767 -25.96 8.35 -20.55
CA GLU A 767 -26.38 7.11 -21.18
C GLU A 767 -27.73 6.63 -20.63
N VAL A 768 -28.08 7.01 -19.40
CA VAL A 768 -29.36 6.58 -18.86
C VAL A 768 -30.50 7.47 -19.36
N PHE A 769 -30.34 8.78 -19.28
CA PHE A 769 -31.49 9.66 -19.46
C PHE A 769 -31.65 10.22 -20.87
N ALA A 770 -30.56 10.44 -21.61
CA ALA A 770 -30.64 11.06 -22.92
C ALA A 770 -30.87 10.01 -24.01
N GLN A 771 -32.04 9.39 -23.95
CA GLN A 771 -32.43 8.36 -24.91
C GLN A 771 -33.41 8.85 -25.97
N VAL A 772 -33.79 10.13 -25.94
CA VAL A 772 -34.76 10.68 -26.88
C VAL A 772 -34.14 11.91 -27.53
N LYS A 773 -34.30 12.02 -28.85
CA LYS A 773 -33.63 13.07 -29.63
C LYS A 773 -34.47 14.33 -29.78
N GLN A 774 -35.76 14.30 -29.44
CA GLN A 774 -36.59 15.49 -29.43
C GLN A 774 -37.35 15.59 -28.11
N ILE A 775 -37.92 16.76 -27.86
CA ILE A 775 -38.67 17.02 -26.63
C ILE A 775 -40.14 17.05 -27.00
N TYR A 776 -40.92 16.13 -26.42
CA TYR A 776 -42.35 16.04 -26.69
C TYR A 776 -43.14 16.60 -25.52
N LYS A 777 -44.33 17.12 -25.83
CA LYS A 777 -45.22 17.68 -24.83
C LYS A 777 -46.62 17.12 -25.00
N THR A 778 -47.29 16.86 -23.88
CA THR A 778 -48.65 16.38 -23.90
C THR A 778 -49.61 17.50 -24.31
N PRO A 779 -50.72 17.15 -24.96
CA PRO A 779 -51.70 18.18 -25.30
C PRO A 779 -52.35 18.74 -24.05
N PRO A 780 -52.85 19.98 -24.11
CA PRO A 780 -53.53 20.55 -22.92
C PRO A 780 -54.78 19.79 -22.51
N ILE A 781 -55.41 19.05 -23.42
CA ILE A 781 -56.60 18.28 -23.11
C ILE A 781 -56.20 16.91 -22.58
N LYS A 782 -56.89 16.48 -21.53
CA LYS A 782 -56.59 15.20 -20.87
C LYS A 782 -57.57 14.10 -21.26
N ASP A 783 -58.02 14.09 -22.51
CA ASP A 783 -58.93 13.06 -23.02
C ASP A 783 -58.15 11.75 -23.24
N PHE A 784 -57.88 11.04 -22.16
CA PHE A 784 -57.17 9.79 -22.34
C PHE A 784 -58.07 8.57 -22.13
N GLY A 785 -59.37 8.73 -22.37
CA GLY A 785 -60.29 7.62 -22.23
C GLY A 785 -60.57 7.23 -20.79
N GLY A 786 -60.34 8.12 -19.84
CA GLY A 786 -60.54 7.82 -18.44
C GLY A 786 -59.27 7.52 -17.67
N PHE A 787 -58.11 7.62 -18.30
CA PHE A 787 -56.83 7.37 -17.64
C PHE A 787 -56.28 8.69 -17.12
N ASN A 788 -56.01 8.76 -15.83
CA ASN A 788 -55.59 9.97 -15.14
C ASN A 788 -54.09 9.87 -14.86
N PHE A 789 -53.31 10.71 -15.54
CA PHE A 789 -51.85 10.70 -15.43
C PHE A 789 -51.32 11.86 -14.61
N SER A 790 -52.18 12.50 -13.80
CA SER A 790 -51.78 13.72 -13.11
C SER A 790 -50.67 13.47 -12.09
N GLN A 791 -50.62 12.27 -11.51
CA GLN A 791 -49.63 12.00 -10.48
C GLN A 791 -48.22 11.94 -11.04
N ILE A 792 -48.05 11.52 -12.29
CA ILE A 792 -46.73 11.40 -12.89
C ILE A 792 -46.43 12.52 -13.88
N LEU A 793 -47.45 13.22 -14.38
CA LEU A 793 -47.21 14.31 -15.32
C LEU A 793 -46.62 15.52 -14.60
N PRO A 794 -45.85 16.35 -15.32
CA PRO A 794 -45.26 17.53 -14.68
C PRO A 794 -46.34 18.48 -14.16
N ASP A 795 -46.06 19.11 -13.02
CA ASP A 795 -47.01 20.00 -12.39
C ASP A 795 -46.57 21.44 -12.66
N PRO A 796 -47.31 22.20 -13.48
CA PRO A 796 -46.89 23.58 -13.78
C PRO A 796 -47.11 24.54 -12.62
N SER A 797 -48.01 24.23 -11.69
CA SER A 797 -48.23 25.12 -10.55
C SER A 797 -47.01 25.21 -9.66
N LYS A 798 -46.31 24.09 -9.46
CA LYS A 798 -45.12 24.07 -8.63
C LYS A 798 -44.01 24.90 -9.25
N PRO A 799 -43.18 25.57 -8.43
CA PRO A 799 -42.08 26.37 -8.99
C PRO A 799 -41.11 25.55 -9.82
N SER A 800 -40.87 24.30 -9.44
CA SER A 800 -40.06 23.37 -10.24
C SER A 800 -41.00 22.43 -10.96
N LYS A 801 -40.75 22.22 -12.26
CA LYS A 801 -41.64 21.40 -13.07
C LYS A 801 -41.46 19.92 -12.75
N ARG A 802 -41.87 19.51 -11.57
CA ARG A 802 -41.79 18.13 -11.13
C ARG A 802 -43.18 17.57 -10.89
N SER A 803 -43.30 16.26 -11.06
CA SER A 803 -44.52 15.56 -10.71
C SER A 803 -44.65 15.53 -9.19
N PRO A 804 -45.87 15.31 -8.68
CA PRO A 804 -46.00 15.10 -7.23
C PRO A 804 -45.14 13.95 -6.72
N ILE A 805 -45.11 12.83 -7.46
CA ILE A 805 -44.29 11.70 -7.04
C ILE A 805 -42.82 12.06 -7.04
N GLU A 806 -42.39 12.85 -8.03
CA GLU A 806 -41.00 13.30 -8.07
C GLU A 806 -40.67 14.16 -6.86
N ASP A 807 -41.62 14.99 -6.42
CA ASP A 807 -41.38 15.81 -5.24
C ASP A 807 -41.31 14.96 -3.97
N LEU A 808 -42.17 13.94 -3.85
CA LEU A 808 -42.03 13.02 -2.73
C LEU A 808 -40.65 12.35 -2.72
N LEU A 809 -40.19 11.90 -3.89
CA LEU A 809 -38.88 11.26 -3.96
C LEU A 809 -37.77 12.25 -3.63
N PHE A 810 -37.89 13.50 -4.07
CA PHE A 810 -36.87 14.50 -3.79
C PHE A 810 -36.80 14.83 -2.31
N ASN A 811 -37.95 14.89 -1.64
CA ASN A 811 -37.96 15.22 -0.22
C ASN A 811 -37.58 14.03 0.66
N LYS A 812 -37.83 12.80 0.20
CA LYS A 812 -37.56 11.63 1.03
C LYS A 812 -36.07 11.28 1.09
N VAL A 813 -35.23 11.90 0.26
CA VAL A 813 -33.80 11.62 0.25
C VAL A 813 -33.06 12.85 0.74
N THR A 814 -32.21 12.67 1.74
CA THR A 814 -31.45 13.77 2.31
C THR A 814 -30.17 14.03 1.51
N PHE A 842 -12.05 21.09 3.21
CA PHE A 842 -11.28 22.33 3.14
C PHE A 842 -9.79 22.04 3.12
N ASN A 843 -9.43 20.77 3.02
CA ASN A 843 -8.05 20.32 3.04
C ASN A 843 -7.60 19.83 1.68
N GLY A 844 -8.03 20.50 0.62
CA GLY A 844 -7.78 20.06 -0.73
C GLY A 844 -8.90 19.23 -1.34
N LEU A 845 -10.07 19.21 -0.71
CA LEU A 845 -11.20 18.42 -1.20
C LEU A 845 -12.22 19.35 -1.84
N THR A 846 -12.62 19.02 -3.07
CA THR A 846 -13.61 19.78 -3.80
C THR A 846 -14.68 18.85 -4.34
N VAL A 847 -15.89 19.39 -4.49
CA VAL A 847 -17.00 18.69 -5.13
C VAL A 847 -17.35 19.43 -6.41
N LEU A 848 -17.46 18.69 -7.51
CA LEU A 848 -17.77 19.32 -8.78
C LEU A 848 -19.25 19.15 -9.13
N PRO A 849 -19.88 20.17 -9.70
CA PRO A 849 -21.29 20.05 -10.04
C PRO A 849 -21.48 19.12 -11.22
N PRO A 850 -22.58 18.37 -11.25
CA PRO A 850 -22.86 17.54 -12.42
C PRO A 850 -23.17 18.37 -13.65
N LEU A 851 -22.86 17.81 -14.82
CA LEU A 851 -23.07 18.53 -16.07
C LEU A 851 -24.55 18.81 -16.30
N LEU A 852 -25.41 17.85 -16.00
CA LEU A 852 -26.85 17.99 -16.19
C LEU A 852 -27.49 18.38 -14.86
N THR A 853 -28.17 19.52 -14.85
CA THR A 853 -28.88 19.96 -13.66
C THR A 853 -30.13 19.10 -13.47
N ASP A 854 -30.76 19.23 -12.30
CA ASP A 854 -31.95 18.45 -11.99
C ASP A 854 -33.10 18.80 -12.91
N GLU A 855 -33.21 20.09 -13.28
CA GLU A 855 -34.29 20.51 -14.18
C GLU A 855 -34.14 19.87 -15.55
N MET A 856 -32.90 19.68 -16.02
CA MET A 856 -32.69 19.02 -17.30
C MET A 856 -33.09 17.55 -17.25
N ILE A 857 -32.79 16.87 -16.15
CA ILE A 857 -33.22 15.48 -15.98
C ILE A 857 -34.75 15.41 -15.96
N ALA A 858 -35.38 16.36 -15.27
CA ALA A 858 -36.85 16.40 -15.24
C ALA A 858 -37.42 16.63 -16.63
N GLN A 859 -36.79 17.49 -17.42
CA GLN A 859 -37.25 17.71 -18.79
C GLN A 859 -37.12 16.46 -19.64
N TYR A 860 -36.01 15.74 -19.47
CA TYR A 860 -35.81 14.48 -20.20
C TYR A 860 -36.90 13.47 -19.85
N THR A 861 -37.18 13.32 -18.55
CA THR A 861 -38.22 12.36 -18.14
C THR A 861 -39.60 12.80 -18.62
N SER A 862 -39.88 14.10 -18.61
CA SER A 862 -41.16 14.59 -19.11
C SER A 862 -41.31 14.33 -20.60
N ALA A 863 -40.23 14.50 -21.38
CA ALA A 863 -40.28 14.19 -22.80
C ALA A 863 -40.53 12.71 -23.03
N LEU A 864 -39.85 11.84 -22.27
CA LEU A 864 -40.08 10.41 -22.39
C LEU A 864 -41.52 10.04 -22.06
N LEU A 865 -42.07 10.62 -20.99
CA LEU A 865 -43.43 10.33 -20.58
C LEU A 865 -44.44 10.80 -21.62
N ALA A 866 -44.25 12.01 -22.16
CA ALA A 866 -45.17 12.53 -23.17
C ALA A 866 -45.12 11.69 -24.43
N GLY A 867 -43.91 11.29 -24.87
CA GLY A 867 -43.80 10.41 -26.02
C GLY A 867 -44.50 9.09 -25.81
N THR A 868 -44.30 8.48 -24.64
CA THR A 868 -44.94 7.20 -24.35
C THR A 868 -46.46 7.34 -24.34
N ILE A 869 -46.98 8.41 -23.75
CA ILE A 869 -48.42 8.58 -23.65
C ILE A 869 -49.04 8.84 -25.02
N THR A 870 -48.40 9.67 -25.84
CA THR A 870 -49.04 10.12 -27.07
C THR A 870 -48.73 9.27 -28.29
N SER A 871 -47.68 8.45 -28.26
CA SER A 871 -47.32 7.69 -29.46
C SER A 871 -46.98 6.23 -29.21
N GLY A 872 -47.10 5.73 -27.98
CA GLY A 872 -46.78 4.33 -27.74
C GLY A 872 -45.28 4.08 -27.87
N TRP A 873 -44.94 2.96 -28.50
CA TRP A 873 -43.55 2.58 -28.69
C TRP A 873 -42.97 3.06 -30.01
N THR A 874 -43.74 3.81 -30.81
CA THR A 874 -43.29 4.18 -32.14
C THR A 874 -42.19 5.25 -32.11
N PHE A 875 -42.18 6.09 -31.08
CA PHE A 875 -41.18 7.16 -31.01
C PHE A 875 -39.79 6.64 -30.70
N GLY A 876 -39.65 5.37 -30.29
CA GLY A 876 -38.36 4.79 -30.03
C GLY A 876 -37.72 4.18 -31.25
N ALA A 877 -38.54 3.67 -32.18
CA ALA A 877 -37.99 3.08 -33.40
C ALA A 877 -37.67 4.14 -34.45
N GLY A 878 -38.54 5.14 -34.60
CA GLY A 878 -38.36 6.16 -35.60
C GLY A 878 -39.17 7.40 -35.31
N PRO A 879 -39.79 7.97 -36.34
CA PRO A 879 -40.67 9.13 -36.12
C PRO A 879 -41.87 8.76 -35.25
N ALA A 880 -42.29 9.71 -34.42
CA ALA A 880 -43.42 9.49 -33.54
C ALA A 880 -44.73 9.54 -34.33
N LEU A 881 -45.59 8.55 -34.09
CA LEU A 881 -46.89 8.46 -34.73
C LEU A 881 -47.96 8.42 -33.65
N GLN A 882 -48.92 9.33 -33.71
CA GLN A 882 -49.94 9.41 -32.68
C GLN A 882 -50.90 8.23 -32.79
N ILE A 883 -51.47 7.85 -31.65
CA ILE A 883 -52.44 6.76 -31.56
C ILE A 883 -53.28 6.99 -30.30
N PRO A 884 -54.59 6.79 -30.35
CA PRO A 884 -55.39 6.95 -29.13
C PRO A 884 -54.95 5.97 -28.05
N PHE A 885 -54.99 6.43 -26.80
CA PHE A 885 -54.48 5.61 -25.70
C PHE A 885 -55.24 4.30 -25.52
N PRO A 886 -56.57 4.24 -25.60
CA PRO A 886 -57.24 2.92 -25.53
C PRO A 886 -56.77 1.96 -26.61
N MET A 887 -56.49 2.44 -27.82
CA MET A 887 -56.01 1.54 -28.87
C MET A 887 -54.60 1.06 -28.57
N GLN A 888 -53.76 1.91 -28.00
CA GLN A 888 -52.44 1.49 -27.57
C GLN A 888 -52.53 0.42 -26.48
N MET A 889 -53.45 0.60 -25.53
CA MET A 889 -53.66 -0.40 -24.49
C MET A 889 -54.18 -1.71 -25.07
N ALA A 890 -55.03 -1.63 -26.09
CA ALA A 890 -55.48 -2.84 -26.77
C ALA A 890 -54.31 -3.56 -27.44
N TYR A 891 -53.39 -2.79 -28.03
CA TYR A 891 -52.18 -3.38 -28.61
C TYR A 891 -51.35 -4.09 -27.54
N ARG A 892 -51.20 -3.46 -26.36
CA ARG A 892 -50.47 -4.10 -25.28
C ARG A 892 -51.15 -5.39 -24.82
N PHE A 893 -52.48 -5.37 -24.72
CA PHE A 893 -53.22 -6.57 -24.34
C PHE A 893 -53.01 -7.69 -25.36
N ASN A 894 -53.04 -7.36 -26.65
CA ASN A 894 -52.67 -8.34 -27.66
C ASN A 894 -51.25 -8.83 -27.47
N GLY A 895 -50.36 -7.94 -27.02
CA GLY A 895 -48.97 -8.34 -26.80
C GLY A 895 -48.82 -9.37 -25.70
N ILE A 896 -49.62 -9.26 -24.63
CA ILE A 896 -49.51 -10.22 -23.54
C ILE A 896 -50.37 -11.46 -23.81
N GLY A 897 -50.95 -11.54 -24.99
CA GLY A 897 -51.69 -12.74 -25.37
C GLY A 897 -53.17 -12.74 -25.04
N VAL A 898 -53.76 -11.58 -24.76
CA VAL A 898 -55.18 -11.47 -24.48
C VAL A 898 -55.82 -10.70 -25.63
N THR A 899 -56.94 -11.20 -26.13
CA THR A 899 -57.59 -10.55 -27.27
C THR A 899 -58.07 -9.16 -26.89
N GLN A 900 -58.14 -8.27 -27.89
CA GLN A 900 -58.29 -6.85 -27.64
C GLN A 900 -59.72 -6.43 -27.28
N ASN A 901 -60.73 -7.23 -27.62
CA ASN A 901 -62.08 -6.89 -27.22
C ASN A 901 -62.29 -6.98 -25.71
N VAL A 902 -61.42 -7.71 -25.02
CA VAL A 902 -61.49 -7.79 -23.57
C VAL A 902 -61.30 -6.43 -22.95
N LEU A 903 -60.38 -5.62 -23.50
CA LEU A 903 -60.16 -4.28 -22.98
C LEU A 903 -61.33 -3.35 -23.31
N TYR A 904 -61.84 -3.43 -24.53
CA TYR A 904 -62.95 -2.55 -24.92
C TYR A 904 -64.22 -2.86 -24.15
N GLU A 905 -64.43 -4.13 -23.79
CA GLU A 905 -65.59 -4.47 -22.98
C GLU A 905 -65.43 -4.09 -21.52
N ASN A 906 -64.20 -3.93 -21.03
CA ASN A 906 -63.93 -3.62 -19.63
C ASN A 906 -63.06 -2.38 -19.51
N GLN A 907 -63.37 -1.33 -20.28
CA GLN A 907 -62.50 -0.16 -20.31
C GLN A 907 -62.60 0.65 -19.02
N LYS A 908 -63.83 0.87 -18.52
CA LYS A 908 -64.00 1.66 -17.31
C LYS A 908 -63.37 0.99 -16.10
N LEU A 909 -63.55 -0.33 -15.96
CA LEU A 909 -62.95 -1.05 -14.85
C LEU A 909 -61.43 -0.99 -14.91
N ILE A 910 -60.86 -1.14 -16.11
CA ILE A 910 -59.42 -1.08 -16.27
C ILE A 910 -58.89 0.30 -15.90
N ALA A 911 -59.57 1.36 -16.35
CA ALA A 911 -59.15 2.71 -16.02
C ALA A 911 -59.21 2.97 -14.53
N ASN A 912 -60.29 2.54 -13.87
CA ASN A 912 -60.43 2.73 -12.43
C ASN A 912 -59.35 1.97 -11.67
N GLN A 913 -59.07 0.73 -12.07
CA GLN A 913 -58.03 -0.05 -11.42
C GLN A 913 -56.67 0.61 -11.57
N PHE A 914 -56.37 1.11 -12.77
CA PHE A 914 -55.10 1.80 -12.99
C PHE A 914 -55.00 3.05 -12.13
N ASN A 915 -56.09 3.83 -12.05
CA ASN A 915 -56.05 5.05 -11.26
C ASN A 915 -55.84 4.75 -9.77
N SER A 916 -56.54 3.74 -9.24
CA SER A 916 -56.35 3.36 -7.86
C SER A 916 -54.93 2.86 -7.60
N ALA A 917 -54.40 2.04 -8.51
CA ALA A 917 -53.06 1.50 -8.34
C ALA A 917 -52.02 2.61 -8.35
N ILE A 918 -52.17 3.59 -9.25
CA ILE A 918 -51.20 4.68 -9.30
C ILE A 918 -51.38 5.62 -8.11
N GLY A 919 -52.58 5.70 -7.55
CA GLY A 919 -52.77 6.46 -6.33
C GLY A 919 -52.10 5.82 -5.13
N LYS A 920 -52.12 4.49 -5.05
CA LYS A 920 -51.62 3.80 -3.87
C LYS A 920 -50.11 3.94 -3.70
N ILE A 921 -49.36 4.11 -4.79
CA ILE A 921 -47.91 4.03 -4.70
C ILE A 921 -47.33 5.21 -3.93
N GLN A 922 -47.98 6.37 -3.97
CA GLN A 922 -47.52 7.51 -3.18
C GLN A 922 -47.46 7.16 -1.70
N ASP A 923 -48.58 6.63 -1.17
CA ASP A 923 -48.60 6.21 0.22
C ASP A 923 -47.64 5.05 0.46
N SER A 924 -47.53 4.14 -0.51
CA SER A 924 -46.67 2.98 -0.32
C SER A 924 -45.22 3.39 -0.14
N LEU A 925 -44.75 4.37 -0.92
CA LEU A 925 -43.37 4.81 -0.78
C LEU A 925 -43.17 5.82 0.35
N SER A 926 -44.22 6.58 0.70
CA SER A 926 -44.08 7.55 1.78
C SER A 926 -44.11 6.89 3.14
N SER A 927 -44.92 5.84 3.31
CA SER A 927 -45.11 5.24 4.63
C SER A 927 -43.84 4.55 5.12
N THR A 928 -43.11 3.89 4.21
CA THR A 928 -41.95 3.10 4.61
C THR A 928 -40.68 3.91 4.44
N PRO A 929 -39.95 4.22 5.51
CA PRO A 929 -38.68 4.94 5.36
C PRO A 929 -37.68 4.24 4.46
N SER A 930 -37.64 2.91 4.48
CA SER A 930 -36.62 2.13 3.78
C SER A 930 -36.97 1.87 2.32
N ALA A 931 -37.99 2.55 1.78
CA ALA A 931 -38.34 2.36 0.37
C ALA A 931 -37.22 2.84 -0.54
N LEU A 932 -36.64 4.01 -0.23
CA LEU A 932 -35.58 4.61 -1.04
C LEU A 932 -34.20 4.36 -0.44
N GLY A 933 -33.98 3.19 0.17
CA GLY A 933 -32.73 2.92 0.82
C GLY A 933 -31.55 2.84 -0.12
N LYS A 934 -31.78 2.42 -1.36
CA LYS A 934 -30.67 2.18 -2.28
C LYS A 934 -29.87 3.45 -2.54
N LEU A 935 -30.54 4.60 -2.63
CA LEU A 935 -29.84 5.87 -2.81
C LEU A 935 -29.21 6.36 -1.51
N GLN A 936 -29.90 6.13 -0.39
CA GLN A 936 -29.36 6.57 0.90
C GLN A 936 -28.07 5.86 1.24
N ASP A 937 -27.97 4.56 0.91
CA ASP A 937 -26.73 3.83 1.17
C ASP A 937 -25.56 4.40 0.40
N VAL A 938 -25.73 4.74 -0.89
CA VAL A 938 -24.59 5.27 -1.63
C VAL A 938 -24.21 6.65 -1.12
N VAL A 939 -25.20 7.48 -0.78
CA VAL A 939 -24.89 8.78 -0.22
C VAL A 939 -24.10 8.63 1.08
N ASN A 940 -24.56 7.74 1.96
CA ASN A 940 -23.91 7.54 3.25
C ASN A 940 -22.52 6.97 3.09
N GLN A 941 -22.33 6.04 2.14
CA GLN A 941 -21.01 5.48 1.91
C GLN A 941 -20.03 6.54 1.46
N ASN A 942 -20.43 7.39 0.52
CA ASN A 942 -19.53 8.46 0.07
C ASN A 942 -19.20 9.41 1.21
N ALA A 943 -20.20 9.82 1.98
CA ALA A 943 -19.96 10.74 3.08
C ALA A 943 -19.04 10.14 4.13
N GLN A 944 -19.25 8.87 4.47
CA GLN A 944 -18.44 8.21 5.49
C GLN A 944 -17.00 8.02 5.03
N ALA A 945 -16.81 7.68 3.75
CA ALA A 945 -15.45 7.55 3.23
C ALA A 945 -14.72 8.89 3.28
N LEU A 946 -15.40 9.96 2.89
CA LEU A 946 -14.76 11.29 2.94
C LEU A 946 -14.44 11.68 4.38
N ASN A 947 -15.35 11.40 5.31
CA ASN A 947 -15.12 11.72 6.72
C ASN A 947 -13.92 10.95 7.27
N THR A 948 -13.80 9.66 6.93
CA THR A 948 -12.66 8.89 7.38
C THR A 948 -11.35 9.44 6.81
N LEU A 949 -11.37 9.82 5.52
CA LEU A 949 -10.17 10.41 4.92
C LEU A 949 -9.77 11.69 5.66
N VAL A 950 -10.73 12.53 6.00
CA VAL A 950 -10.42 13.76 6.73
C VAL A 950 -9.88 13.44 8.12
N LYS A 951 -10.51 12.50 8.81
CA LYS A 951 -10.10 12.17 10.18
C LYS A 951 -8.70 11.56 10.21
N GLN A 952 -8.26 10.93 9.13
CA GLN A 952 -6.92 10.36 9.11
C GLN A 952 -5.81 11.41 9.19
N LEU A 953 -6.16 12.69 9.12
CA LEU A 953 -5.17 13.76 9.19
C LEU A 953 -4.75 14.09 10.61
N SER A 954 -5.38 13.47 11.62
CA SER A 954 -5.07 13.72 13.02
C SER A 954 -4.09 12.72 13.61
N SER A 955 -3.57 11.80 12.81
CA SER A 955 -2.70 10.74 13.31
C SER A 955 -1.23 11.18 13.23
N ASN A 956 -0.42 10.58 14.09
CA ASN A 956 1.02 10.86 14.13
C ASN A 956 1.81 9.96 13.20
N PHE A 957 1.39 8.70 13.05
CA PHE A 957 2.13 7.70 12.28
C PHE A 957 3.55 7.54 12.79
N GLY A 958 3.72 7.63 14.10
CA GLY A 958 5.01 7.47 14.74
C GLY A 958 5.78 8.75 14.95
N ALA A 959 5.32 9.88 14.41
CA ALA A 959 6.00 11.15 14.61
C ALA A 959 5.68 11.70 16.01
N ILE A 960 6.16 12.91 16.28
CA ILE A 960 5.93 13.53 17.57
C ILE A 960 4.69 14.42 17.61
N SER A 961 4.20 14.85 16.46
CA SER A 961 3.01 15.68 16.38
C SER A 961 2.32 15.44 15.05
N SER A 962 1.00 15.57 15.05
CA SER A 962 0.22 15.38 13.84
C SER A 962 0.07 16.63 13.00
N VAL A 963 0.55 17.77 13.48
CA VAL A 963 0.43 19.04 12.76
C VAL A 963 1.80 19.38 12.19
N LEU A 964 1.85 19.60 10.88
CA LEU A 964 3.12 19.85 10.21
C LEU A 964 3.73 21.17 10.64
N ASN A 965 2.91 22.17 10.93
CA ASN A 965 3.42 23.49 11.30
C ASN A 965 4.18 23.46 12.61
N ASP A 966 3.70 22.69 13.60
CA ASP A 966 4.42 22.58 14.86
C ASP A 966 5.79 21.93 14.67
N ILE A 967 5.85 20.86 13.87
CA ILE A 967 7.13 20.22 13.60
C ILE A 967 8.07 21.19 12.91
N LEU A 968 7.56 21.94 11.93
CA LEU A 968 8.41 22.87 11.20
C LEU A 968 8.91 23.99 12.09
N SER A 969 8.07 24.51 12.98
CA SER A 969 8.43 25.64 13.82
C SER A 969 9.16 25.24 15.10
N ARG A 970 9.24 23.94 15.41
CA ARG A 970 9.87 23.49 16.64
C ARG A 970 11.29 22.96 16.43
N LEU A 971 11.56 22.29 15.32
CA LEU A 971 12.81 21.58 15.11
C LEU A 971 13.59 22.21 13.96
N ASP A 972 14.73 21.61 13.65
CA ASP A 972 15.63 21.96 12.57
C ASP A 972 15.48 20.97 11.42
N PRO A 973 15.91 21.35 10.21
CA PRO A 973 15.69 20.49 9.03
C PRO A 973 16.21 19.07 9.21
N PRO A 974 17.39 18.86 9.84
CA PRO A 974 17.87 17.47 9.97
C PRO A 974 16.91 16.53 10.68
N GLU A 975 16.12 17.01 11.64
CA GLU A 975 15.12 16.18 12.30
C GLU A 975 13.70 16.46 11.82
N ALA A 976 13.45 17.68 11.35
CA ALA A 976 12.18 17.98 10.71
C ALA A 976 11.94 17.04 9.54
N GLU A 977 12.98 16.75 8.75
CA GLU A 977 12.83 15.79 7.66
C GLU A 977 12.48 14.41 8.19
N VAL A 978 13.12 14.00 9.30
CA VAL A 978 12.87 12.67 9.86
C VAL A 978 11.41 12.52 10.24
N GLN A 979 10.81 13.55 10.83
CA GLN A 979 9.40 13.45 11.20
C GLN A 979 8.47 13.61 10.00
N ILE A 980 8.82 14.50 9.08
CA ILE A 980 7.96 14.77 7.93
C ILE A 980 7.89 13.54 7.02
N ASP A 981 8.95 12.74 6.94
CA ASP A 981 8.87 11.51 6.15
C ASP A 981 7.82 10.55 6.71
N ARG A 982 7.76 10.40 8.04
CA ARG A 982 6.74 9.54 8.63
C ARG A 982 5.34 10.07 8.31
N LEU A 983 5.14 11.39 8.48
CA LEU A 983 3.83 11.96 8.16
C LEU A 983 3.48 11.74 6.70
N ILE A 984 4.45 11.92 5.80
CA ILE A 984 4.20 11.79 4.36
C ILE A 984 3.81 10.37 4.01
N THR A 985 4.53 9.39 4.55
CA THR A 985 4.19 8.00 4.26
C THR A 985 2.78 7.66 4.73
N GLY A 986 2.43 8.09 5.94
CA GLY A 986 1.10 7.80 6.45
C GLY A 986 0.00 8.43 5.60
N ARG A 987 0.17 9.70 5.25
CA ARG A 987 -0.87 10.39 4.50
C ARG A 987 -0.97 9.86 3.07
N LEU A 988 0.16 9.48 2.47
CA LEU A 988 0.13 8.86 1.14
C LEU A 988 -0.62 7.54 1.17
N GLN A 989 -0.38 6.72 2.20
CA GLN A 989 -1.09 5.45 2.30
C GLN A 989 -2.60 5.68 2.45
N SER A 990 -2.98 6.67 3.26
CA SER A 990 -4.40 6.98 3.41
C SER A 990 -5.03 7.39 2.08
N LEU A 991 -4.35 8.26 1.33
CA LEU A 991 -4.88 8.69 0.04
C LEU A 991 -5.02 7.52 -0.93
N GLN A 992 -4.03 6.63 -0.97
CA GLN A 992 -4.10 5.48 -1.87
C GLN A 992 -5.26 4.56 -1.52
N THR A 993 -5.47 4.32 -0.22
CA THR A 993 -6.61 3.50 0.19
C THR A 993 -7.93 4.12 -0.25
N TYR A 994 -8.07 5.43 -0.05
CA TYR A 994 -9.29 6.13 -0.47
C TYR A 994 -9.53 5.98 -1.97
N VAL A 995 -8.48 6.17 -2.77
CA VAL A 995 -8.63 6.12 -4.21
C VAL A 995 -9.01 4.72 -4.67
N THR A 996 -8.41 3.68 -4.08
CA THR A 996 -8.73 2.31 -4.49
C THR A 996 -10.19 1.98 -4.18
N GLN A 997 -10.65 2.33 -2.97
CA GLN A 997 -12.04 2.03 -2.64
C GLN A 997 -13.00 2.82 -3.52
N GLN A 998 -12.64 4.06 -3.88
CA GLN A 998 -13.47 4.84 -4.78
C GLN A 998 -13.57 4.20 -6.16
N LEU A 999 -12.46 3.66 -6.66
CA LEU A 999 -12.48 2.98 -7.96
C LEU A 999 -13.42 1.78 -7.94
N ILE A 1000 -13.34 0.97 -6.89
CA ILE A 1000 -14.19 -0.22 -6.81
C ILE A 1000 -15.67 0.18 -6.75
N ARG A 1001 -15.99 1.18 -5.92
CA ARG A 1001 -17.37 1.63 -5.81
C ARG A 1001 -17.88 2.22 -7.13
N ALA A 1002 -17.01 2.94 -7.84
CA ALA A 1002 -17.41 3.51 -9.12
C ALA A 1002 -17.71 2.41 -10.13
N ALA A 1003 -16.93 1.33 -10.12
CA ALA A 1003 -17.23 0.21 -11.01
C ALA A 1003 -18.61 -0.39 -10.72
N GLU A 1004 -18.92 -0.56 -9.43
CA GLU A 1004 -20.25 -1.10 -9.10
C GLU A 1004 -21.36 -0.16 -9.54
N ILE A 1005 -21.17 1.15 -9.33
CA ILE A 1005 -22.17 2.13 -9.75
C ILE A 1005 -22.35 2.10 -11.27
N ARG A 1006 -21.26 1.91 -12.00
CA ARG A 1006 -21.36 1.84 -13.46
C ARG A 1006 -22.17 0.62 -13.90
N ALA A 1007 -21.98 -0.51 -13.24
CA ALA A 1007 -22.80 -1.68 -13.54
C ALA A 1007 -24.28 -1.40 -13.30
N SER A 1008 -24.59 -0.74 -12.17
CA SER A 1008 -25.99 -0.39 -11.90
C SER A 1008 -26.56 0.55 -12.95
N ALA A 1009 -25.76 1.53 -13.39
CA ALA A 1009 -26.23 2.48 -14.40
C ALA A 1009 -26.45 1.81 -15.75
N ASN A 1010 -25.60 0.84 -16.10
CA ASN A 1010 -25.84 0.08 -17.32
C ASN A 1010 -27.14 -0.70 -17.25
N LEU A 1011 -27.43 -1.31 -16.09
CA LEU A 1011 -28.71 -1.99 -15.93
C LEU A 1011 -29.87 -1.02 -16.07
N ALA A 1012 -29.75 0.17 -15.48
CA ALA A 1012 -30.82 1.17 -15.57
C ALA A 1012 -31.05 1.61 -17.01
N ALA A 1013 -29.97 1.81 -17.78
CA ALA A 1013 -30.11 2.18 -19.18
C ALA A 1013 -30.80 1.08 -19.99
N THR A 1014 -30.44 -0.18 -19.74
CA THR A 1014 -31.11 -1.29 -20.41
C THR A 1014 -32.59 -1.33 -20.08
N LYS A 1015 -32.93 -1.12 -18.80
CA LYS A 1015 -34.34 -1.12 -18.40
C LYS A 1015 -35.10 0.03 -19.06
N MET A 1016 -34.48 1.21 -19.15
CA MET A 1016 -35.14 2.32 -19.81
C MET A 1016 -35.38 2.02 -21.29
N SER A 1017 -34.41 1.40 -21.96
CA SER A 1017 -34.60 1.06 -23.36
C SER A 1017 -35.69 0.01 -23.55
N GLU A 1018 -35.75 -1.00 -22.68
CA GLU A 1018 -36.60 -2.15 -22.97
C GLU A 1018 -37.99 -2.06 -22.34
N CYS A 1019 -38.09 -1.68 -21.07
CA CYS A 1019 -39.39 -1.60 -20.41
C CYS A 1019 -40.17 -0.35 -20.81
N VAL A 1020 -39.49 0.77 -20.99
CA VAL A 1020 -40.17 2.05 -21.20
C VAL A 1020 -40.38 2.33 -22.68
N LEU A 1021 -39.37 2.15 -23.51
CA LEU A 1021 -39.50 2.41 -24.94
C LEU A 1021 -40.13 1.27 -25.71
N GLY A 1022 -40.41 0.14 -25.05
CA GLY A 1022 -41.09 -0.96 -25.69
C GLY A 1022 -41.86 -1.81 -24.70
N GLN A 1023 -42.26 -3.01 -25.12
CA GLN A 1023 -42.93 -3.97 -24.25
C GLN A 1023 -42.12 -5.26 -24.27
N SER A 1024 -41.64 -5.69 -23.10
CA SER A 1024 -40.70 -6.79 -23.00
C SER A 1024 -41.41 -8.10 -22.65
N LYS A 1025 -40.96 -9.18 -23.26
CA LYS A 1025 -41.42 -10.52 -22.96
C LYS A 1025 -40.55 -11.25 -21.95
N ARG A 1026 -39.44 -10.64 -21.53
CA ARG A 1026 -38.57 -11.25 -20.54
C ARG A 1026 -39.28 -11.30 -19.19
N VAL A 1027 -39.22 -12.47 -18.54
CA VAL A 1027 -39.96 -12.71 -17.32
C VAL A 1027 -39.27 -12.01 -16.15
N ASP A 1028 -40.05 -11.26 -15.38
CA ASP A 1028 -39.63 -10.56 -14.17
C ASP A 1028 -38.59 -9.46 -14.44
N PHE A 1029 -38.39 -9.08 -15.71
CA PHE A 1029 -37.48 -7.99 -16.00
C PHE A 1029 -38.11 -6.64 -15.70
N CYS A 1030 -39.40 -6.49 -15.96
CA CYS A 1030 -40.10 -5.24 -15.73
C CYS A 1030 -41.23 -5.44 -14.73
N GLY A 1031 -40.95 -6.11 -13.62
CA GLY A 1031 -41.93 -6.32 -12.56
C GLY A 1031 -42.58 -7.69 -12.64
N LYS A 1032 -43.29 -8.02 -11.56
CA LYS A 1032 -43.99 -9.30 -11.48
C LYS A 1032 -45.33 -9.23 -12.20
N GLY A 1033 -45.60 -10.23 -13.03
CA GLY A 1033 -46.77 -10.25 -13.87
C GLY A 1033 -46.40 -10.05 -15.32
N TYR A 1034 -47.44 -9.95 -16.16
CA TYR A 1034 -47.25 -9.73 -17.58
C TYR A 1034 -47.09 -8.23 -17.84
N HIS A 1035 -45.92 -7.85 -18.35
CA HIS A 1035 -45.60 -6.45 -18.53
C HIS A 1035 -46.53 -5.78 -19.53
N LEU A 1036 -47.03 -4.60 -19.18
CA LEU A 1036 -47.85 -3.78 -20.06
C LEU A 1036 -47.12 -2.52 -20.49
N MET A 1037 -46.68 -1.70 -19.53
CA MET A 1037 -45.93 -0.49 -19.81
C MET A 1037 -45.29 -0.02 -18.50
N SER A 1038 -44.34 0.91 -18.63
CA SER A 1038 -43.70 1.49 -17.46
C SER A 1038 -43.38 2.95 -17.75
N PHE A 1039 -43.25 3.73 -16.66
CA PHE A 1039 -43.03 5.16 -16.74
C PHE A 1039 -41.79 5.52 -15.92
N PRO A 1040 -40.86 6.30 -16.47
CA PRO A 1040 -39.69 6.71 -15.70
C PRO A 1040 -39.99 7.90 -14.80
N GLN A 1041 -39.24 7.98 -13.70
CA GLN A 1041 -39.39 9.06 -12.73
C GLN A 1041 -38.03 9.35 -12.13
N SER A 1042 -37.62 10.61 -12.16
CA SER A 1042 -36.29 10.98 -11.72
C SER A 1042 -36.23 11.11 -10.19
N ALA A 1043 -35.07 10.74 -9.64
CA ALA A 1043 -34.79 10.81 -8.23
C ALA A 1043 -33.36 11.31 -8.06
N PRO A 1044 -33.01 11.85 -6.89
CA PRO A 1044 -31.62 12.29 -6.69
C PRO A 1044 -30.63 11.14 -6.77
N HIS A 1045 -29.68 11.26 -7.70
CA HIS A 1045 -28.65 10.25 -7.94
C HIS A 1045 -29.23 8.91 -8.38
N GLY A 1046 -30.36 8.93 -9.08
CA GLY A 1046 -30.95 7.67 -9.51
C GLY A 1046 -32.22 7.90 -10.30
N VAL A 1047 -32.93 6.79 -10.52
CA VAL A 1047 -34.18 6.80 -11.27
C VAL A 1047 -35.08 5.72 -10.68
N VAL A 1048 -36.39 5.96 -10.75
CA VAL A 1048 -37.38 4.96 -10.32
C VAL A 1048 -38.29 4.66 -11.51
N PHE A 1049 -38.70 3.40 -11.61
CA PHE A 1049 -39.60 2.94 -12.66
C PHE A 1049 -40.92 2.50 -12.04
N LEU A 1050 -42.01 2.79 -12.74
CA LEU A 1050 -43.35 2.42 -12.31
C LEU A 1050 -43.88 1.41 -13.34
N HIS A 1051 -43.76 0.13 -13.02
CA HIS A 1051 -44.10 -0.94 -13.95
C HIS A 1051 -45.58 -1.28 -13.81
N VAL A 1052 -46.30 -1.21 -14.92
CA VAL A 1052 -47.71 -1.59 -14.98
C VAL A 1052 -47.79 -2.99 -15.56
N THR A 1053 -48.36 -3.92 -14.79
CA THR A 1053 -48.42 -5.32 -15.17
C THR A 1053 -49.85 -5.83 -15.07
N TYR A 1054 -50.08 -6.98 -15.69
CA TYR A 1054 -51.38 -7.63 -15.72
C TYR A 1054 -51.27 -8.94 -14.94
N VAL A 1055 -52.09 -9.09 -13.91
CA VAL A 1055 -52.08 -10.33 -13.13
C VAL A 1055 -53.46 -10.97 -13.18
N PRO A 1056 -53.55 -12.29 -13.35
CA PRO A 1056 -54.85 -12.96 -13.42
C PRO A 1056 -55.52 -13.11 -12.06
N ALA A 1057 -56.82 -12.86 -12.04
CA ALA A 1057 -57.64 -12.96 -10.83
C ALA A 1057 -58.29 -14.34 -10.76
N GLN A 1058 -59.33 -14.47 -9.92
CA GLN A 1058 -59.95 -15.74 -9.57
C GLN A 1058 -60.11 -16.67 -10.76
N GLU A 1059 -59.85 -17.95 -10.52
CA GLU A 1059 -59.85 -18.98 -11.54
C GLU A 1059 -60.99 -19.96 -11.28
N LYS A 1060 -61.14 -20.94 -12.16
CA LYS A 1060 -62.17 -21.95 -12.00
C LYS A 1060 -61.64 -23.33 -12.38
N ASN A 1061 -62.52 -24.29 -12.17
CA ASN A 1061 -62.14 -25.66 -12.38
C ASN A 1061 -62.18 -25.81 -13.88
N PHE A 1062 -61.71 -26.91 -14.45
CA PHE A 1062 -62.21 -27.32 -15.77
C PHE A 1062 -61.63 -28.68 -16.13
N THR A 1063 -62.31 -29.34 -17.05
CA THR A 1063 -61.87 -30.58 -17.67
C THR A 1063 -61.43 -30.30 -19.10
N THR A 1064 -60.36 -30.97 -19.53
CA THR A 1064 -59.67 -30.61 -20.76
C THR A 1064 -59.45 -31.84 -21.62
N ALA A 1065 -59.36 -31.62 -22.92
CA ALA A 1065 -59.06 -32.63 -23.92
C ALA A 1065 -57.97 -32.14 -24.85
N PRO A 1066 -57.00 -32.99 -25.19
CA PRO A 1066 -56.01 -32.59 -26.21
C PRO A 1066 -56.61 -32.38 -27.58
N ALA A 1067 -57.63 -33.13 -27.96
CA ALA A 1067 -58.23 -33.04 -29.28
C ALA A 1067 -59.66 -33.53 -29.21
N ILE A 1068 -60.37 -33.47 -30.33
CA ILE A 1068 -61.77 -33.87 -30.44
C ILE A 1068 -61.93 -34.75 -31.68
N CYS A 1069 -62.58 -35.89 -31.52
CA CYS A 1069 -62.83 -36.82 -32.61
C CYS A 1069 -64.25 -36.64 -33.13
N HIS A 1070 -64.39 -36.41 -34.43
CA HIS A 1070 -65.69 -36.15 -35.03
C HIS A 1070 -66.11 -37.24 -36.00
N ASP A 1071 -65.33 -37.50 -37.05
CA ASP A 1071 -65.63 -38.52 -38.05
C ASP A 1071 -64.39 -39.35 -38.34
N GLY A 1072 -63.68 -39.75 -37.30
CA GLY A 1072 -62.36 -40.28 -37.46
C GLY A 1072 -61.29 -39.24 -37.64
N LYS A 1073 -61.65 -37.95 -37.60
CA LYS A 1073 -60.72 -36.85 -37.71
C LYS A 1073 -60.41 -36.29 -36.32
N ALA A 1074 -59.19 -35.80 -36.15
CA ALA A 1074 -58.77 -35.17 -34.92
C ALA A 1074 -58.73 -33.66 -35.13
N HIS A 1075 -59.47 -32.93 -34.31
CA HIS A 1075 -59.56 -31.48 -34.39
C HIS A 1075 -58.75 -30.87 -33.25
N PHE A 1076 -57.79 -30.02 -33.58
CA PHE A 1076 -56.98 -29.33 -32.60
C PHE A 1076 -57.30 -27.84 -32.61
N PRO A 1077 -57.28 -27.17 -31.47
CA PRO A 1077 -57.59 -25.74 -31.44
C PRO A 1077 -56.47 -24.92 -32.06
N ARG A 1078 -56.84 -23.95 -32.90
CA ARG A 1078 -55.85 -23.11 -33.56
C ARG A 1078 -55.09 -22.29 -32.53
N GLU A 1079 -55.80 -21.61 -31.64
CA GLU A 1079 -55.22 -21.00 -30.46
C GLU A 1079 -56.23 -21.09 -29.33
N GLY A 1080 -55.83 -21.69 -28.22
CA GLY A 1080 -56.67 -21.85 -27.07
C GLY A 1080 -56.72 -23.29 -26.62
N VAL A 1081 -57.67 -23.59 -25.75
CA VAL A 1081 -57.85 -24.92 -25.19
C VAL A 1081 -59.31 -25.33 -25.29
N PHE A 1082 -59.53 -26.64 -25.28
CA PHE A 1082 -60.87 -27.21 -25.19
C PHE A 1082 -61.22 -27.39 -23.71
N VAL A 1083 -62.32 -26.77 -23.29
CA VAL A 1083 -62.77 -26.88 -21.90
C VAL A 1083 -64.22 -27.34 -21.89
N SER A 1084 -64.62 -27.93 -20.77
CA SER A 1084 -65.97 -28.44 -20.61
C SER A 1084 -66.49 -28.06 -19.23
N ASN A 1085 -67.71 -27.52 -19.20
CA ASN A 1085 -68.38 -27.24 -17.92
C ASN A 1085 -69.18 -28.44 -17.45
N GLY A 1086 -68.55 -29.61 -17.50
CA GLY A 1086 -69.17 -30.84 -17.09
C GLY A 1086 -70.10 -31.45 -18.13
N THR A 1087 -70.76 -30.64 -18.94
CA THR A 1087 -71.80 -31.15 -19.82
C THR A 1087 -71.55 -30.83 -21.29
N HIS A 1088 -71.21 -29.59 -21.65
CA HIS A 1088 -70.81 -29.23 -23.01
C HIS A 1088 -69.34 -28.84 -23.08
N TRP A 1089 -68.81 -28.89 -24.31
CA TRP A 1089 -67.43 -28.56 -24.61
C TRP A 1089 -67.36 -27.23 -25.37
N PHE A 1090 -66.38 -26.40 -24.98
CA PHE A 1090 -66.15 -25.11 -25.60
C PHE A 1090 -64.66 -24.96 -25.90
N VAL A 1091 -64.31 -23.84 -26.53
CA VAL A 1091 -62.92 -23.46 -26.76
C VAL A 1091 -62.74 -22.03 -26.28
N THR A 1092 -61.74 -21.80 -25.45
CA THR A 1092 -61.44 -20.48 -24.90
C THR A 1092 -59.99 -20.14 -25.15
N GLN A 1093 -59.65 -18.86 -24.98
CA GLN A 1093 -58.26 -18.44 -24.96
C GLN A 1093 -57.61 -18.88 -23.65
N ARG A 1094 -56.29 -19.08 -23.71
CA ARG A 1094 -55.58 -19.68 -22.58
C ARG A 1094 -55.56 -18.78 -21.35
N ASN A 1095 -55.53 -17.46 -21.54
CA ASN A 1095 -55.23 -16.53 -20.46
C ASN A 1095 -56.44 -15.78 -19.93
N PHE A 1096 -57.65 -16.13 -20.37
CA PHE A 1096 -58.87 -15.46 -19.93
C PHE A 1096 -60.05 -16.31 -20.37
N TYR A 1097 -61.04 -16.45 -19.50
CA TYR A 1097 -62.15 -17.35 -19.77
C TYR A 1097 -63.19 -16.67 -20.66
N GLU A 1098 -63.43 -17.25 -21.83
CA GLU A 1098 -64.43 -16.78 -22.78
C GLU A 1098 -64.87 -17.94 -23.67
N PRO A 1099 -65.85 -18.72 -23.25
CA PRO A 1099 -66.22 -19.92 -24.01
C PRO A 1099 -66.83 -19.59 -25.36
N GLN A 1100 -66.58 -20.48 -26.32
CA GLN A 1100 -67.11 -20.34 -27.67
C GLN A 1100 -67.47 -21.70 -28.22
N ILE A 1101 -68.32 -21.70 -29.25
CA ILE A 1101 -68.79 -22.94 -29.86
C ILE A 1101 -67.69 -23.50 -30.74
N ILE A 1102 -67.45 -24.81 -30.64
CA ILE A 1102 -66.44 -25.48 -31.46
C ILE A 1102 -66.91 -25.44 -32.91
N THR A 1103 -66.17 -24.73 -33.76
CA THR A 1103 -66.46 -24.64 -35.18
C THR A 1103 -65.22 -25.00 -35.98
N THR A 1104 -65.40 -25.17 -37.29
CA THR A 1104 -64.28 -25.42 -38.18
C THR A 1104 -63.39 -24.21 -38.37
N ASP A 1105 -63.83 -23.03 -37.91
CA ASP A 1105 -63.00 -21.83 -37.96
C ASP A 1105 -62.09 -21.68 -36.75
N ASN A 1106 -62.31 -22.45 -35.69
CA ASN A 1106 -61.44 -22.43 -34.52
C ASN A 1106 -60.45 -23.58 -34.49
N THR A 1107 -60.66 -24.62 -35.30
CA THR A 1107 -59.89 -25.84 -35.22
C THR A 1107 -59.32 -26.20 -36.59
N PHE A 1108 -58.30 -27.04 -36.58
CA PHE A 1108 -57.74 -27.63 -37.79
C PHE A 1108 -57.69 -29.15 -37.63
N VAL A 1109 -57.68 -29.84 -38.77
CA VAL A 1109 -57.75 -31.29 -38.80
C VAL A 1109 -56.36 -31.85 -39.08
N SER A 1110 -55.99 -32.90 -38.34
CA SER A 1110 -54.71 -33.56 -38.53
C SER A 1110 -54.84 -35.02 -38.16
N GLY A 1111 -54.65 -35.91 -39.13
CA GLY A 1111 -54.59 -37.33 -38.85
C GLY A 1111 -55.93 -37.93 -38.45
N ASN A 1112 -55.86 -38.96 -37.62
CA ASN A 1112 -57.03 -39.71 -37.17
C ASN A 1112 -57.07 -39.70 -35.64
N CYS A 1113 -57.99 -40.50 -35.09
CA CYS A 1113 -58.21 -40.57 -33.65
C CYS A 1113 -57.53 -41.77 -33.01
N ASP A 1114 -56.64 -42.45 -33.72
CA ASP A 1114 -56.00 -43.65 -33.23
C ASP A 1114 -54.59 -43.42 -32.68
N VAL A 1115 -54.11 -42.17 -32.66
CA VAL A 1115 -52.75 -41.85 -32.27
C VAL A 1115 -52.72 -41.03 -30.98
N VAL A 1116 -53.50 -39.94 -30.92
CA VAL A 1116 -53.46 -39.05 -29.77
C VAL A 1116 -54.11 -39.73 -28.57
N ILE A 1117 -53.44 -39.65 -27.43
CA ILE A 1117 -53.91 -40.29 -26.21
C ILE A 1117 -54.81 -39.34 -25.45
N GLY A 1118 -55.97 -39.82 -25.03
CA GLY A 1118 -56.91 -39.01 -24.28
C GLY A 1118 -57.84 -38.15 -25.11
N ILE A 1119 -58.00 -38.47 -26.39
CA ILE A 1119 -58.85 -37.67 -27.27
C ILE A 1119 -60.32 -37.97 -26.97
N VAL A 1120 -61.10 -36.91 -26.74
CA VAL A 1120 -62.52 -37.08 -26.43
C VAL A 1120 -63.38 -37.04 -27.69
N ASN A 1121 -64.63 -37.43 -27.53
CA ASN A 1121 -65.56 -37.76 -28.61
C ASN A 1121 -66.69 -36.74 -28.60
N ASN A 1122 -66.93 -36.07 -29.73
CA ASN A 1122 -67.87 -34.96 -29.76
C ASN A 1122 -68.15 -34.56 -31.21
N THR A 1123 -68.97 -33.52 -31.38
CA THR A 1123 -69.46 -33.06 -32.68
C THR A 1123 -69.00 -31.62 -32.92
N VAL A 1124 -68.17 -31.43 -33.95
CA VAL A 1124 -67.67 -30.10 -34.31
C VAL A 1124 -68.65 -29.49 -35.31
N TYR A 1125 -69.12 -28.28 -35.00
CA TYR A 1125 -70.12 -27.65 -35.84
C TYR A 1125 -69.48 -26.95 -37.03
N ASP A 1126 -70.18 -26.99 -38.16
CA ASP A 1126 -69.67 -26.41 -39.40
C ASP A 1126 -70.66 -25.32 -39.84
N PRO A 1127 -70.22 -24.06 -39.97
CA PRO A 1127 -71.12 -22.97 -40.35
C PRO A 1127 -71.27 -22.78 -41.87
N LEU A 1128 -71.52 -23.88 -42.57
CA LEU A 1128 -71.73 -23.80 -44.01
C LEU A 1128 -73.02 -24.49 -44.45
N GLN A 1129 -73.40 -25.59 -43.80
CA GLN A 1129 -74.65 -26.26 -44.12
C GLN A 1129 -75.87 -25.43 -43.73
N PRO A 1130 -75.84 -24.59 -42.67
CA PRO A 1130 -77.00 -23.71 -42.44
C PRO A 1130 -77.27 -22.78 -43.61
N GLU A 1131 -76.22 -22.26 -44.25
CA GLU A 1131 -76.41 -21.44 -45.44
C GLU A 1131 -76.74 -22.28 -46.66
N LEU A 1132 -76.25 -23.52 -46.71
CA LEU A 1132 -76.62 -24.42 -47.80
C LEU A 1132 -78.12 -24.70 -47.80
N ASP A 1133 -78.70 -24.89 -46.62
CA ASP A 1133 -80.13 -25.21 -46.54
C ASP A 1133 -80.98 -24.07 -47.08
N SER A 1134 -80.64 -22.84 -46.74
CA SER A 1134 -81.40 -21.69 -47.23
C SER A 1134 -80.91 -21.23 -48.60
N GLN B 1 52.53 -48.68 17.53
CA GLN B 1 53.36 -48.40 16.36
C GLN B 1 52.66 -48.79 15.07
N CYS B 2 53.36 -48.67 13.95
CA CYS B 2 52.81 -48.99 12.64
C CYS B 2 53.79 -49.86 11.86
N VAL B 3 53.24 -50.60 10.90
CA VAL B 3 54.03 -51.43 10.00
C VAL B 3 53.68 -51.05 8.57
N ASN B 4 54.67 -51.12 7.70
CA ASN B 4 54.46 -50.77 6.30
C ASN B 4 53.67 -51.86 5.59
N LEU B 5 52.89 -51.45 4.59
CA LEU B 5 52.18 -52.37 3.72
C LEU B 5 52.43 -51.97 2.27
N THR B 6 52.17 -52.91 1.36
CA THR B 6 52.46 -52.72 -0.04
C THR B 6 51.72 -51.51 -0.61
N THR B 7 52.29 -50.95 -1.68
CA THR B 7 51.77 -49.72 -2.27
C THR B 7 50.39 -49.93 -2.88
N ARG B 8 49.57 -48.89 -2.81
CA ARG B 8 48.22 -48.95 -3.37
C ARG B 8 48.23 -49.07 -4.89
N THR B 9 49.33 -48.67 -5.55
CA THR B 9 49.52 -48.76 -6.99
C THR B 9 48.52 -47.92 -7.78
N GLN B 10 47.67 -47.15 -7.11
CA GLN B 10 46.69 -46.28 -7.74
C GLN B 10 45.80 -47.06 -8.72
N LEU B 11 45.16 -48.09 -8.17
CA LEU B 11 44.26 -48.90 -8.98
C LEU B 11 43.06 -48.08 -9.42
N PRO B 12 42.60 -48.23 -10.67
CA PRO B 12 41.46 -47.46 -11.14
C PRO B 12 40.16 -48.01 -10.59
N PRO B 13 39.44 -47.24 -9.77
CA PRO B 13 38.18 -47.71 -9.21
C PRO B 13 36.99 -47.41 -10.10
N ALA B 14 36.01 -48.30 -10.04
CA ALA B 14 34.78 -48.11 -10.79
C ALA B 14 33.89 -47.08 -10.09
N TYR B 15 32.77 -46.74 -10.72
CA TYR B 15 31.85 -45.74 -10.18
C TYR B 15 30.44 -46.31 -10.19
N THR B 16 29.59 -45.71 -9.35
CA THR B 16 28.19 -46.07 -9.28
C THR B 16 27.40 -44.80 -8.96
N ASN B 17 26.11 -44.83 -9.29
CA ASN B 17 25.23 -43.71 -9.01
C ASN B 17 24.29 -44.04 -7.86
N SER B 18 23.82 -42.98 -7.20
CA SER B 18 23.01 -43.11 -6.00
C SER B 18 21.56 -42.72 -6.33
N PHE B 19 20.71 -43.73 -6.48
CA PHE B 19 19.29 -43.44 -6.71
C PHE B 19 18.63 -42.94 -5.44
N THR B 20 18.59 -41.61 -5.26
CA THR B 20 17.82 -40.96 -4.21
C THR B 20 18.19 -41.51 -2.81
N ARG B 21 19.45 -41.32 -2.45
CA ARG B 21 19.96 -41.74 -1.16
C ARG B 21 20.69 -40.59 -0.48
N GLY B 22 20.68 -40.60 0.85
CA GLY B 22 21.41 -39.60 1.61
C GLY B 22 20.56 -38.44 2.08
N VAL B 23 19.32 -38.72 2.48
CA VAL B 23 18.42 -37.71 3.02
C VAL B 23 18.40 -37.84 4.53
N TYR B 24 18.61 -36.73 5.22
CA TYR B 24 18.62 -36.70 6.68
C TYR B 24 17.64 -35.65 7.17
N TYR B 25 17.29 -35.75 8.44
CA TYR B 25 16.39 -34.77 9.05
C TYR B 25 17.14 -33.46 9.26
N PRO B 26 16.70 -32.37 8.66
CA PRO B 26 17.50 -31.12 8.69
C PRO B 26 17.39 -30.37 10.01
N ASP B 27 16.22 -30.40 10.65
CA ASP B 27 15.99 -29.65 11.88
C ASP B 27 15.45 -30.61 12.95
N LYS B 28 15.11 -30.04 14.10
CA LYS B 28 14.68 -30.81 15.26
C LYS B 28 13.24 -30.48 15.65
N VAL B 29 12.39 -30.23 14.66
CA VAL B 29 10.98 -29.98 14.90
C VAL B 29 10.16 -31.11 14.28
N PHE B 30 8.96 -31.30 14.81
CA PHE B 30 8.07 -32.38 14.39
C PHE B 30 7.04 -31.83 13.42
N ARG B 31 6.92 -32.50 12.27
CA ARG B 31 5.94 -32.13 11.25
C ARG B 31 5.19 -33.37 10.80
N SER B 32 3.90 -33.20 10.52
CA SER B 32 3.02 -34.33 10.21
C SER B 32 2.11 -33.97 9.04
N SER B 33 2.06 -34.87 8.05
CA SER B 33 1.15 -34.73 6.90
C SER B 33 1.32 -33.39 6.21
N VAL B 34 2.57 -32.97 6.02
CA VAL B 34 2.88 -31.69 5.41
C VAL B 34 4.01 -31.89 4.40
N LEU B 35 4.12 -30.97 3.46
CA LEU B 35 5.23 -30.91 2.52
C LEU B 35 6.05 -29.67 2.82
N HIS B 36 7.35 -29.86 3.05
CA HIS B 36 8.23 -28.79 3.51
C HIS B 36 9.42 -28.63 2.56
N SER B 37 9.84 -27.38 2.36
CA SER B 37 10.98 -27.06 1.53
C SER B 37 12.13 -26.59 2.41
N THR B 38 13.29 -27.21 2.24
CA THR B 38 14.47 -26.90 3.03
C THR B 38 15.65 -26.59 2.14
N GLN B 39 16.44 -25.60 2.54
CA GLN B 39 17.67 -25.22 1.84
C GLN B 39 18.84 -25.60 2.74
N ASP B 40 19.51 -26.70 2.40
CA ASP B 40 20.61 -27.21 3.22
C ASP B 40 21.52 -28.04 2.32
N LEU B 41 22.58 -28.58 2.92
CA LEU B 41 23.55 -29.39 2.19
C LEU B 41 23.00 -30.80 2.07
N PHE B 42 22.65 -31.20 0.84
CA PHE B 42 22.16 -32.53 0.56
C PHE B 42 22.98 -33.17 -0.54
N LEU B 43 22.95 -34.49 -0.59
CA LEU B 43 23.56 -35.22 -1.70
C LEU B 43 22.61 -35.19 -2.90
N PRO B 44 23.00 -34.62 -4.03
CA PRO B 44 22.08 -34.51 -5.16
C PRO B 44 21.61 -35.87 -5.65
N PHE B 45 20.36 -35.90 -6.12
CA PHE B 45 19.76 -37.15 -6.58
C PHE B 45 20.45 -37.65 -7.84
N PHE B 46 20.54 -38.98 -7.94
CA PHE B 46 21.17 -39.65 -9.08
C PHE B 46 22.59 -39.14 -9.29
N SER B 47 23.30 -38.91 -8.19
CA SER B 47 24.65 -38.40 -8.24
C SER B 47 25.62 -39.50 -8.71
N ASN B 48 26.87 -39.11 -8.92
CA ASN B 48 27.88 -39.96 -9.53
C ASN B 48 29.01 -40.12 -8.52
N VAL B 49 28.91 -41.17 -7.69
CA VAL B 49 29.77 -41.34 -6.51
C VAL B 49 30.75 -42.46 -6.76
N THR B 50 32.01 -42.24 -6.36
CA THR B 50 33.03 -43.27 -6.49
C THR B 50 32.83 -44.34 -5.42
N TRP B 51 33.33 -45.55 -5.71
CA TRP B 51 33.21 -46.64 -4.75
C TRP B 51 34.46 -47.50 -4.78
N PHE B 52 34.87 -47.96 -3.60
CA PHE B 52 36.11 -48.68 -3.38
C PHE B 52 35.80 -50.07 -2.83
N HIS B 53 36.52 -51.07 -3.32
CA HIS B 53 36.46 -52.40 -2.73
C HIS B 53 37.38 -52.45 -1.52
N ALA B 54 36.87 -53.02 -0.42
CA ALA B 54 37.67 -53.07 0.81
C ALA B 54 38.96 -53.84 0.60
N ILE B 55 38.86 -55.03 0.00
CA ILE B 55 40.03 -55.80 -0.41
C ILE B 55 39.87 -56.11 -1.89
N HIS B 56 40.78 -55.58 -2.70
CA HIS B 56 40.74 -55.76 -4.15
C HIS B 56 41.80 -56.79 -4.54
N VAL B 57 41.41 -57.73 -5.39
CA VAL B 57 42.35 -58.69 -5.94
C VAL B 57 42.75 -58.24 -7.33
N SER B 58 44.04 -58.02 -7.54
CA SER B 58 44.55 -57.86 -8.89
C SER B 58 44.75 -59.19 -9.58
N GLY B 59 44.57 -60.28 -8.87
CA GLY B 59 44.60 -61.59 -9.45
C GLY B 59 43.61 -62.51 -8.78
N THR B 60 43.00 -63.39 -9.57
CA THR B 60 42.13 -64.40 -9.01
C THR B 60 42.88 -65.13 -7.91
N ASN B 61 44.18 -65.40 -8.16
CA ASN B 61 44.89 -66.37 -7.32
C ASN B 61 45.63 -65.62 -6.26
N GLY B 62 45.12 -64.44 -5.85
CA GLY B 62 45.37 -63.98 -4.50
C GLY B 62 46.06 -62.66 -4.25
N THR B 63 46.37 -61.85 -5.26
CA THR B 63 47.06 -60.60 -4.96
C THR B 63 46.08 -59.59 -4.36
N LYS B 64 45.97 -59.59 -3.03
CA LYS B 64 44.96 -58.80 -2.32
C LYS B 64 45.61 -57.62 -1.62
N ARG B 65 44.98 -56.46 -1.74
CA ARG B 65 45.47 -55.24 -1.10
C ARG B 65 44.29 -54.33 -0.78
N PHE B 66 44.50 -53.44 0.18
CA PHE B 66 43.47 -52.49 0.58
C PHE B 66 43.29 -51.40 -0.47
N ASP B 67 42.12 -50.77 -0.43
CA ASP B 67 41.82 -49.56 -1.20
C ASP B 67 41.34 -48.52 -0.20
N ASN B 68 42.28 -47.81 0.41
CA ASN B 68 41.97 -46.80 1.44
C ASN B 68 42.72 -45.48 1.21
N PRO B 69 42.52 -44.86 0.05
CA PRO B 69 43.18 -43.58 -0.22
C PRO B 69 42.66 -42.50 0.71
N VAL B 70 43.39 -41.39 0.74
CA VAL B 70 42.96 -40.22 1.50
C VAL B 70 42.08 -39.36 0.60
N LEU B 71 40.86 -39.09 1.06
CA LEU B 71 39.91 -38.36 0.24
C LEU B 71 39.70 -36.95 0.78
N PRO B 72 39.34 -36.00 -0.07
CA PRO B 72 39.02 -34.66 0.41
C PRO B 72 37.72 -34.66 1.21
N PHE B 73 37.58 -33.63 2.04
CA PHE B 73 36.38 -33.41 2.86
C PHE B 73 35.96 -31.96 2.61
N ASN B 74 34.97 -31.77 1.74
CA ASN B 74 34.52 -30.43 1.37
C ASN B 74 33.02 -30.33 1.60
N ASP B 75 32.62 -29.48 2.55
CA ASP B 75 31.22 -29.17 2.85
C ASP B 75 30.41 -30.41 3.25
N GLY B 76 31.08 -31.46 3.71
CA GLY B 76 30.40 -32.66 4.15
C GLY B 76 30.65 -33.83 3.22
N VAL B 77 30.32 -35.01 3.73
CA VAL B 77 30.55 -36.27 3.01
C VAL B 77 29.43 -37.24 3.35
N TYR B 78 28.86 -37.89 2.33
CA TYR B 78 27.95 -39.00 2.53
C TYR B 78 28.73 -40.30 2.39
N PHE B 79 28.65 -41.15 3.41
CA PHE B 79 29.42 -42.38 3.47
C PHE B 79 28.47 -43.56 3.63
N ALA B 80 28.63 -44.57 2.78
CA ALA B 80 27.82 -45.77 2.83
C ALA B 80 28.73 -46.98 2.78
N SER B 81 28.25 -48.10 3.35
CA SER B 81 29.06 -49.31 3.43
C SER B 81 28.16 -50.53 3.34
N THR B 82 28.59 -51.51 2.55
CA THR B 82 27.92 -52.80 2.46
C THR B 82 28.92 -53.87 2.89
N GLU B 83 28.66 -54.48 4.05
CA GLU B 83 29.53 -55.53 4.55
C GLU B 83 28.68 -56.56 5.29
N LYS B 84 29.30 -57.71 5.55
CA LYS B 84 28.65 -58.79 6.28
C LYS B 84 29.41 -59.23 7.52
N SER B 85 30.67 -58.83 7.68
CA SER B 85 31.48 -59.21 8.82
C SER B 85 32.36 -58.07 9.32
N ASN B 86 31.88 -56.83 9.21
CA ASN B 86 32.47 -55.66 9.87
C ASN B 86 33.91 -55.39 9.41
N ILE B 87 34.03 -55.01 8.13
CA ILE B 87 35.29 -54.48 7.64
C ILE B 87 35.53 -53.06 8.15
N ILE B 88 34.57 -52.17 7.96
CA ILE B 88 34.78 -50.76 8.21
C ILE B 88 34.76 -50.51 9.71
N ARG B 89 35.85 -49.95 10.23
CA ARG B 89 36.01 -49.72 11.66
C ARG B 89 35.88 -48.26 12.05
N GLY B 90 36.33 -47.34 11.21
CA GLY B 90 36.24 -45.93 11.54
C GLY B 90 36.95 -45.08 10.51
N TRP B 91 37.11 -43.81 10.85
CA TRP B 91 37.72 -42.83 9.97
C TRP B 91 38.62 -41.92 10.77
N ILE B 92 39.56 -41.28 10.08
CA ILE B 92 40.43 -40.26 10.67
C ILE B 92 40.22 -38.97 9.88
N PHE B 93 40.10 -37.85 10.60
CA PHE B 93 39.80 -36.57 9.99
C PHE B 93 40.88 -35.56 10.36
N GLY B 94 41.08 -34.58 9.51
CA GLY B 94 42.05 -33.54 9.76
C GLY B 94 42.41 -32.81 8.48
N THR B 95 43.49 -32.03 8.58
CA THR B 95 44.01 -31.28 7.44
C THR B 95 45.30 -31.87 6.89
N THR B 96 46.31 -32.09 7.74
CA THR B 96 47.58 -32.63 7.30
C THR B 96 47.82 -34.05 7.78
N LEU B 97 47.00 -34.56 8.70
CA LEU B 97 47.10 -35.94 9.20
C LEU B 97 48.49 -36.25 9.74
N ASP B 98 49.06 -35.30 10.49
CA ASP B 98 50.33 -35.51 11.15
C ASP B 98 50.32 -34.74 12.47
N SER B 99 51.47 -34.75 13.16
CA SER B 99 51.56 -34.14 14.47
C SER B 99 51.56 -32.62 14.42
N LYS B 100 51.66 -32.02 13.23
CA LYS B 100 51.70 -30.56 13.14
C LYS B 100 50.38 -29.94 13.58
N THR B 101 49.25 -30.54 13.19
CA THR B 101 47.94 -30.00 13.50
C THR B 101 47.05 -31.07 14.12
N GLN B 102 46.01 -30.61 14.82
CA GLN B 102 45.08 -31.52 15.47
C GLN B 102 44.28 -32.32 14.44
N SER B 103 43.92 -33.54 14.82
CA SER B 103 43.16 -34.44 13.97
C SER B 103 42.13 -35.19 14.80
N LEU B 104 41.05 -35.61 14.14
CA LEU B 104 39.96 -36.32 14.78
C LEU B 104 40.09 -37.82 14.51
N LEU B 105 39.93 -38.63 15.54
CA LEU B 105 40.07 -40.08 15.45
C LEU B 105 38.79 -40.74 15.95
N ILE B 106 38.21 -41.59 15.11
CA ILE B 106 37.05 -42.41 15.47
C ILE B 106 37.35 -43.82 15.01
N VAL B 107 37.49 -44.75 15.96
CA VAL B 107 37.84 -46.12 15.65
C VAL B 107 37.06 -47.05 16.56
N ASN B 108 36.69 -48.21 16.03
CA ASN B 108 35.95 -49.21 16.78
C ASN B 108 36.69 -50.53 16.66
N ASN B 109 36.98 -51.16 17.80
CA ASN B 109 37.65 -52.45 17.80
C ASN B 109 36.86 -53.46 18.62
N ALA B 110 37.49 -54.61 18.95
CA ALA B 110 36.77 -55.69 19.60
C ALA B 110 36.25 -55.31 20.98
N THR B 111 36.91 -54.38 21.67
CA THR B 111 36.48 -54.02 23.02
C THR B 111 35.48 -52.85 23.00
N ASN B 112 35.86 -51.72 22.41
CA ASN B 112 35.10 -50.50 22.63
C ASN B 112 35.33 -49.51 21.50
N VAL B 113 34.48 -48.48 21.46
CA VAL B 113 34.54 -47.40 20.48
C VAL B 113 35.23 -46.20 21.12
N VAL B 114 36.15 -45.58 20.39
CA VAL B 114 36.95 -44.47 20.90
C VAL B 114 36.82 -43.28 19.97
N ILE B 115 36.61 -42.10 20.54
CA ILE B 115 36.63 -40.84 19.81
C ILE B 115 37.64 -39.92 20.48
N LYS B 116 38.64 -39.47 19.72
CA LYS B 116 39.68 -38.60 20.25
C LYS B 116 39.99 -37.51 19.25
N VAL B 117 40.50 -36.39 19.76
CA VAL B 117 41.06 -35.32 18.93
C VAL B 117 42.38 -34.90 19.57
N CYS B 118 43.49 -35.21 18.90
CA CYS B 118 44.83 -34.93 19.42
C CYS B 118 45.70 -34.50 18.26
N GLU B 119 47.00 -34.33 18.53
CA GLU B 119 47.98 -34.14 17.49
C GLU B 119 48.63 -35.49 17.14
N PHE B 120 47.81 -36.33 16.51
CA PHE B 120 48.20 -37.69 16.20
C PHE B 120 49.36 -37.73 15.21
N GLN B 121 50.09 -38.83 15.22
CA GLN B 121 51.15 -39.10 14.24
C GLN B 121 50.71 -40.32 13.45
N PHE B 122 49.92 -40.09 12.41
CA PHE B 122 49.41 -41.19 11.60
C PHE B 122 50.48 -41.76 10.69
N CYS B 123 50.40 -43.06 10.47
CA CYS B 123 51.25 -43.72 9.49
C CYS B 123 50.54 -43.76 8.12
N ASN B 124 51.28 -44.19 7.11
CA ASN B 124 50.75 -44.19 5.75
C ASN B 124 49.61 -45.21 5.59
N ASP B 125 49.69 -46.33 6.30
CA ASP B 125 48.70 -47.41 6.17
C ASP B 125 48.13 -47.77 7.54
N PRO B 126 47.12 -47.06 8.01
CA PRO B 126 46.43 -47.45 9.24
C PRO B 126 45.50 -48.63 8.96
N PHE B 127 45.59 -49.66 9.79
CA PHE B 127 44.75 -50.83 9.64
C PHE B 127 44.73 -51.62 10.95
N LEU B 128 43.76 -52.53 11.05
CA LEU B 128 43.63 -53.43 12.18
C LEU B 128 43.54 -54.85 11.66
N GLY B 129 44.30 -55.76 12.25
CA GLY B 129 44.41 -57.12 11.76
C GLY B 129 43.88 -58.14 12.75
N VAL B 130 43.22 -59.18 12.23
CA VAL B 130 42.73 -60.30 13.03
C VAL B 130 43.10 -61.59 12.31
N TYR B 131 43.25 -62.66 13.09
CA TYR B 131 43.51 -63.98 12.52
C TYR B 131 43.18 -65.05 13.54
N TYR B 132 43.01 -66.28 13.07
CA TYR B 132 42.73 -67.43 13.91
C TYR B 132 44.01 -68.22 14.17
N HIS B 133 44.26 -68.54 15.44
CA HIS B 133 45.39 -69.36 15.83
C HIS B 133 44.89 -70.78 16.10
N LYS B 134 45.71 -71.77 15.76
CA LYS B 134 45.30 -73.16 15.66
C LYS B 134 45.23 -73.89 17.01
N ASN B 135 45.26 -73.19 18.15
CA ASN B 135 45.11 -73.88 19.42
C ASN B 135 43.74 -74.54 19.53
N ASN B 136 42.69 -73.81 19.15
CA ASN B 136 41.35 -74.40 19.07
C ASN B 136 40.64 -73.98 17.79
N LYS B 137 41.38 -73.53 16.79
CA LYS B 137 40.86 -73.01 15.52
C LYS B 137 39.96 -71.80 15.71
N SER B 138 39.98 -71.17 16.89
CA SER B 138 39.15 -70.01 17.15
C SER B 138 39.87 -68.93 17.96
N TRP B 139 41.16 -69.08 18.25
CA TRP B 139 41.89 -68.04 18.96
C TRP B 139 41.88 -66.75 18.15
N MET B 140 41.80 -65.62 18.84
CA MET B 140 41.75 -64.32 18.21
C MET B 140 42.85 -63.44 18.78
N GLU B 141 43.67 -62.88 17.90
CA GLU B 141 44.72 -61.93 18.26
C GLU B 141 44.67 -60.77 17.28
N SER B 142 44.82 -59.56 17.79
CA SER B 142 44.67 -58.36 16.98
C SER B 142 45.90 -57.46 17.12
N GLU B 143 46.09 -56.63 16.10
CA GLU B 143 47.10 -55.58 16.10
C GLU B 143 46.42 -54.24 15.84
N PHE B 144 46.72 -53.26 16.68
CA PHE B 144 46.18 -51.91 16.55
C PHE B 144 47.33 -51.02 16.09
N ARG B 145 47.38 -50.74 14.79
CA ARG B 145 48.52 -50.02 14.21
C ARG B 145 48.04 -48.78 13.45
N VAL B 146 47.19 -47.98 14.09
CA VAL B 146 46.63 -46.82 13.42
C VAL B 146 47.63 -45.65 13.45
N TYR B 147 48.27 -45.42 14.58
CA TYR B 147 49.12 -44.24 14.76
C TYR B 147 50.41 -44.63 15.46
N SER B 148 51.23 -43.62 15.76
CA SER B 148 52.50 -43.80 16.45
C SER B 148 52.53 -43.11 17.81
N SER B 149 52.20 -41.82 17.86
CA SER B 149 52.24 -41.07 19.11
C SER B 149 50.99 -40.21 19.22
N ALA B 150 50.37 -40.22 20.39
CA ALA B 150 49.20 -39.40 20.69
C ALA B 150 49.46 -38.64 21.98
N ASN B 151 49.25 -37.32 21.95
CA ASN B 151 49.55 -36.48 23.10
C ASN B 151 48.41 -35.49 23.34
N ASN B 152 48.25 -35.11 24.62
CA ASN B 152 47.36 -34.07 25.13
C ASN B 152 46.07 -33.93 24.33
N CYS B 153 45.30 -35.01 24.26
CA CYS B 153 43.98 -34.98 23.64
C CYS B 153 43.01 -34.16 24.49
N THR B 154 41.92 -33.74 23.85
CA THR B 154 40.89 -32.94 24.52
C THR B 154 39.58 -33.68 24.70
N PHE B 155 39.01 -34.23 23.64
CA PHE B 155 37.74 -34.95 23.69
C PHE B 155 38.02 -36.44 23.75
N GLU B 156 37.34 -37.13 24.67
CA GLU B 156 37.49 -38.57 24.83
C GLU B 156 36.13 -39.24 24.82
N TYR B 157 36.14 -40.52 24.48
CA TYR B 157 34.96 -41.36 24.59
C TYR B 157 35.45 -42.80 24.60
N VAL B 158 34.89 -43.59 25.50
CA VAL B 158 35.39 -44.94 25.75
C VAL B 158 34.32 -46.00 25.59
N SER B 159 33.04 -45.63 25.64
CA SER B 159 31.91 -46.53 25.52
C SER B 159 32.03 -47.72 26.46
N GLN B 160 31.64 -48.90 26.00
CA GLN B 160 31.58 -50.09 26.84
C GLN B 160 31.97 -51.32 26.02
N PRO B 161 32.23 -52.46 26.67
CA PRO B 161 32.53 -53.67 25.89
C PRO B 161 31.37 -54.08 24.98
N PHE B 162 31.72 -54.56 23.78
CA PHE B 162 30.73 -55.07 22.83
C PHE B 162 30.92 -56.55 22.52
N LEU B 163 32.17 -57.00 22.37
CA LEU B 163 32.50 -58.39 22.08
C LEU B 163 31.87 -58.85 20.77
N MET B 164 32.30 -58.22 19.68
CA MET B 164 31.90 -58.61 18.34
C MET B 164 33.15 -58.76 17.47
N ASP B 165 33.29 -59.92 16.85
CA ASP B 165 34.19 -60.04 15.70
C ASP B 165 33.62 -60.89 14.57
N LEU B 166 32.71 -61.83 14.87
CA LEU B 166 32.21 -62.81 13.91
C LEU B 166 33.37 -63.48 13.18
N GLU B 167 33.38 -63.37 11.85
CA GLU B 167 34.49 -63.89 11.03
C GLU B 167 35.85 -63.50 11.62
N GLY B 171 25.16 -66.82 3.96
CA GLY B 171 26.28 -65.96 4.30
C GLY B 171 26.25 -64.63 3.58
N ASN B 172 25.17 -64.38 2.84
CA ASN B 172 24.99 -63.15 2.08
C ASN B 172 24.13 -62.14 2.83
N PHE B 173 24.21 -62.12 4.15
CA PHE B 173 23.42 -61.19 4.96
C PHE B 173 24.17 -59.86 5.13
N LYS B 174 24.44 -59.24 3.99
CA LYS B 174 25.12 -57.95 4.00
C LYS B 174 24.24 -56.89 4.65
N ASN B 175 24.88 -55.92 5.30
CA ASN B 175 24.19 -54.83 5.98
C ASN B 175 24.60 -53.50 5.36
N LEU B 176 23.63 -52.61 5.19
CA LEU B 176 23.89 -51.27 4.69
C LEU B 176 23.98 -50.30 5.86
N ARG B 177 25.07 -49.54 5.91
CA ARG B 177 25.34 -48.63 7.01
C ARG B 177 25.74 -47.28 6.42
N GLU B 178 24.84 -46.30 6.52
CA GLU B 178 25.01 -45.01 5.88
C GLU B 178 25.30 -43.93 6.92
N PHE B 179 26.20 -43.01 6.58
CA PHE B 179 26.60 -41.93 7.47
C PHE B 179 26.67 -40.63 6.70
N VAL B 180 26.44 -39.53 7.42
CA VAL B 180 26.62 -38.18 6.89
C VAL B 180 27.45 -37.39 7.90
N PHE B 181 28.55 -36.80 7.46
CA PHE B 181 29.43 -36.02 8.30
C PHE B 181 29.38 -34.56 7.87
N LYS B 182 29.15 -33.67 8.83
CA LYS B 182 29.17 -32.24 8.60
C LYS B 182 30.02 -31.56 9.66
N ASN B 183 30.68 -30.47 9.27
CA ASN B 183 31.58 -29.73 10.16
C ASN B 183 31.28 -28.25 9.98
N ILE B 184 30.34 -27.73 10.78
CA ILE B 184 29.95 -26.33 10.69
C ILE B 184 29.87 -25.73 12.09
N ASP B 185 30.17 -24.42 12.17
CA ASP B 185 30.13 -23.66 13.42
C ASP B 185 30.92 -24.35 14.52
N GLY B 186 32.05 -24.94 14.16
CA GLY B 186 32.87 -25.65 15.13
C GLY B 186 32.23 -26.88 15.72
N TYR B 187 31.22 -27.44 15.06
CA TYR B 187 30.49 -28.60 15.55
C TYR B 187 30.61 -29.71 14.52
N PHE B 188 30.92 -30.92 14.96
CA PHE B 188 31.01 -32.08 14.08
C PHE B 188 29.78 -32.94 14.28
N LYS B 189 28.89 -32.95 13.28
CA LYS B 189 27.62 -33.65 13.36
C LYS B 189 27.69 -34.97 12.62
N ILE B 190 27.11 -36.01 13.21
CA ILE B 190 27.06 -37.34 12.63
C ILE B 190 25.60 -37.76 12.51
N TYR B 191 25.19 -38.15 11.30
CA TYR B 191 23.89 -38.76 11.05
C TYR B 191 24.12 -40.19 10.57
N SER B 192 23.20 -41.08 10.92
CA SER B 192 23.39 -42.48 10.53
C SER B 192 22.05 -43.18 10.48
N LYS B 193 22.05 -44.33 9.79
CA LYS B 193 20.91 -45.23 9.77
C LYS B 193 21.40 -46.61 9.34
N HIS B 194 21.04 -47.63 10.12
CA HIS B 194 21.45 -49.01 9.86
C HIS B 194 20.24 -49.79 9.38
N THR B 195 20.35 -50.39 8.20
CA THR B 195 19.24 -51.15 7.62
C THR B 195 19.72 -52.52 7.16
N PRO B 196 18.96 -53.57 7.46
CA PRO B 196 19.36 -54.92 7.04
C PRO B 196 18.85 -55.29 5.66
N ILE B 197 19.75 -55.75 4.79
CA ILE B 197 19.38 -56.22 3.46
C ILE B 197 19.89 -57.64 3.28
N ASN B 198 19.58 -58.25 2.14
CA ASN B 198 20.00 -59.62 1.87
C ASN B 198 19.95 -59.86 0.38
N LEU B 199 20.74 -60.83 -0.07
CA LEU B 199 20.80 -61.25 -1.48
C LEU B 199 21.12 -60.06 -2.39
N VAL B 200 22.26 -59.44 -2.13
CA VAL B 200 22.71 -58.29 -2.92
C VAL B 200 24.17 -58.47 -3.28
N ARG B 201 24.58 -57.75 -4.33
CA ARG B 201 25.97 -57.69 -4.76
C ARG B 201 26.51 -56.27 -4.70
N ASP B 202 25.77 -55.29 -5.20
CA ASP B 202 26.10 -53.89 -5.09
C ASP B 202 25.06 -53.18 -4.21
N LEU B 203 25.19 -51.86 -4.09
CA LEU B 203 24.24 -51.12 -3.27
C LEU B 203 22.87 -51.10 -3.94
N PRO B 204 21.79 -51.19 -3.17
CA PRO B 204 20.46 -51.29 -3.75
C PRO B 204 19.79 -49.94 -3.97
N GLN B 205 18.61 -49.99 -4.59
CA GLN B 205 17.77 -48.82 -4.80
C GLN B 205 16.76 -48.74 -3.66
N GLY B 206 16.69 -47.58 -3.02
CA GLY B 206 15.72 -47.39 -1.96
C GLY B 206 15.80 -45.99 -1.42
N PHE B 207 14.83 -45.67 -0.55
CA PHE B 207 14.76 -44.39 0.13
C PHE B 207 14.75 -44.65 1.63
N SER B 208 15.58 -43.91 2.37
CA SER B 208 15.62 -44.03 3.82
C SER B 208 16.18 -42.73 4.39
N ALA B 209 15.54 -42.22 5.43
CA ALA B 209 15.96 -40.98 6.06
C ALA B 209 16.94 -41.26 7.19
N LEU B 210 17.90 -40.37 7.36
CA LEU B 210 18.96 -40.51 8.35
C LEU B 210 18.67 -39.62 9.55
N GLU B 211 18.66 -40.23 10.74
CA GLU B 211 18.37 -39.50 11.97
C GLU B 211 19.66 -39.07 12.65
N PRO B 212 19.67 -37.90 13.29
CA PRO B 212 20.88 -37.44 13.97
C PRO B 212 21.33 -38.41 15.05
N LEU B 213 22.65 -38.59 15.15
CA LEU B 213 23.24 -39.47 16.16
C LEU B 213 23.79 -38.66 17.33
N VAL B 214 24.73 -37.75 17.06
CA VAL B 214 25.35 -36.96 18.11
C VAL B 214 26.05 -35.78 17.45
N ASP B 215 26.12 -34.66 18.16
CA ASP B 215 26.78 -33.46 17.68
C ASP B 215 27.96 -33.17 18.61
N LEU B 216 29.14 -32.94 18.02
CA LEU B 216 30.39 -32.88 18.77
C LEU B 216 30.97 -31.48 18.79
N PRO B 217 31.39 -30.95 19.97
CA PRO B 217 32.03 -29.63 20.05
C PRO B 217 33.54 -29.66 19.82
N ILE B 218 33.97 -30.36 18.77
CA ILE B 218 35.40 -30.48 18.51
C ILE B 218 35.99 -29.16 18.04
N GLY B 219 35.33 -28.50 17.09
CA GLY B 219 35.74 -27.17 16.66
C GLY B 219 37.12 -27.06 16.04
N ILE B 220 37.45 -27.95 15.11
CA ILE B 220 38.75 -27.88 14.43
C ILE B 220 38.55 -27.75 12.92
N ASN B 221 39.66 -27.69 12.19
CA ASN B 221 39.66 -27.52 10.75
C ASN B 221 39.79 -28.89 10.09
N ILE B 222 38.89 -29.17 9.14
CA ILE B 222 38.84 -30.46 8.46
C ILE B 222 38.88 -30.23 6.96
N THR B 223 39.80 -30.88 6.26
CA THR B 223 39.85 -30.85 4.80
C THR B 223 40.04 -32.21 4.16
N ARG B 224 40.57 -33.20 4.87
CA ARG B 224 40.84 -34.52 4.31
C ARG B 224 40.43 -35.58 5.32
N PHE B 225 40.24 -36.80 4.84
CA PHE B 225 39.91 -37.89 5.74
C PHE B 225 40.30 -39.22 5.09
N GLN B 226 40.39 -40.26 5.90
CA GLN B 226 40.70 -41.60 5.41
C GLN B 226 39.71 -42.61 5.97
N THR B 227 39.99 -43.90 5.77
CA THR B 227 39.13 -44.96 6.25
C THR B 227 40.01 -46.05 6.88
N LEU B 228 39.55 -46.59 8.01
CA LEU B 228 40.26 -47.65 8.71
C LEU B 228 39.64 -48.99 8.34
N LEU B 229 40.48 -49.91 7.86
CA LEU B 229 40.03 -51.18 7.32
C LEU B 229 40.48 -52.32 8.23
N ALA B 230 39.58 -53.26 8.48
CA ALA B 230 39.86 -54.39 9.36
C ALA B 230 40.51 -55.51 8.55
N LEU B 231 41.84 -55.55 8.57
CA LEU B 231 42.56 -56.62 7.88
C LEU B 231 42.31 -57.95 8.57
N HIS B 232 42.24 -59.02 7.77
CA HIS B 232 42.16 -60.38 8.31
C HIS B 232 43.42 -61.14 7.88
N ARG B 233 44.56 -60.49 8.04
CA ARG B 233 45.80 -61.09 7.59
C ARG B 233 46.95 -60.48 8.38
N SER B 234 48.01 -61.26 8.55
CA SER B 234 49.22 -60.79 9.21
C SER B 234 50.26 -60.50 8.14
N TYR B 235 50.80 -59.27 8.15
CA TYR B 235 51.76 -58.89 7.12
C TYR B 235 53.05 -59.69 7.22
N LEU B 236 53.40 -60.17 8.41
CA LEU B 236 54.61 -60.97 8.56
C LEU B 236 54.51 -62.28 7.78
N THR B 237 53.35 -62.95 7.84
CA THR B 237 53.10 -64.17 7.08
C THR B 237 51.77 -64.01 6.35
N PRO B 238 51.76 -63.27 5.24
CA PRO B 238 50.50 -63.00 4.55
C PRO B 238 50.11 -64.15 3.63
N GLY B 239 48.92 -64.70 3.85
CA GLY B 239 48.38 -65.68 2.93
C GLY B 239 47.91 -65.07 1.64
N ASP B 240 47.80 -65.90 0.61
CA ASP B 240 47.43 -65.40 -0.71
C ASP B 240 45.92 -65.23 -0.85
N SER B 241 45.16 -66.31 -0.72
CA SER B 241 43.71 -66.28 -0.86
C SER B 241 43.07 -67.00 0.31
N SER B 242 41.80 -66.63 0.57
CA SER B 242 40.99 -67.10 1.67
C SER B 242 41.51 -66.58 3.01
N SER B 243 42.68 -65.92 2.98
CA SER B 243 43.07 -65.14 4.15
C SER B 243 42.18 -63.92 4.30
N GLY B 244 41.86 -63.23 3.22
CA GLY B 244 40.85 -62.21 3.35
C GLY B 244 39.47 -62.82 3.52
N TRP B 245 38.46 -61.98 3.36
CA TRP B 245 37.07 -62.41 3.46
C TRP B 245 36.44 -62.33 2.07
N THR B 246 36.35 -63.51 1.43
CA THR B 246 35.88 -63.71 0.05
C THR B 246 36.30 -62.57 -0.89
N ALA B 247 37.62 -62.36 -0.96
CA ALA B 247 38.24 -61.45 -1.92
C ALA B 247 37.68 -60.04 -1.79
N GLY B 248 37.40 -59.62 -0.57
CA GLY B 248 36.94 -58.27 -0.31
C GLY B 248 35.59 -57.93 -0.91
N ALA B 249 34.59 -58.77 -0.67
CA ALA B 249 33.24 -58.45 -1.10
C ALA B 249 32.69 -57.22 -0.42
N ALA B 250 33.27 -56.81 0.70
CA ALA B 250 32.89 -55.55 1.32
C ALA B 250 33.38 -54.37 0.50
N ALA B 251 32.58 -53.31 0.49
CA ALA B 251 32.91 -52.12 -0.27
C ALA B 251 32.23 -50.92 0.36
N TYR B 252 32.77 -49.73 0.10
CA TYR B 252 32.20 -48.51 0.64
C TYR B 252 32.15 -47.44 -0.43
N TYR B 253 31.18 -46.55 -0.30
CA TYR B 253 30.87 -45.52 -1.28
C TYR B 253 31.01 -44.15 -0.65
N VAL B 254 31.49 -43.18 -1.43
CA VAL B 254 31.73 -41.83 -0.93
C VAL B 254 31.06 -40.83 -1.86
N GLY B 255 30.23 -39.96 -1.28
CA GLY B 255 29.64 -38.86 -2.04
C GLY B 255 29.75 -37.57 -1.25
N TYR B 256 29.69 -36.47 -1.98
CA TYR B 256 29.90 -35.14 -1.41
C TYR B 256 28.60 -34.35 -1.41
N LEU B 257 28.37 -33.60 -0.34
CA LEU B 257 27.17 -32.79 -0.18
C LEU B 257 27.34 -31.43 -0.84
N GLN B 258 26.24 -30.91 -1.36
CA GLN B 258 26.21 -29.63 -2.04
C GLN B 258 24.99 -28.85 -1.59
N PRO B 259 25.04 -27.52 -1.66
CA PRO B 259 23.85 -26.72 -1.29
C PRO B 259 22.70 -26.94 -2.26
N ARG B 260 21.63 -27.58 -1.79
CA ARG B 260 20.49 -27.91 -2.62
C ARG B 260 19.20 -27.56 -1.87
N THR B 261 18.11 -27.48 -2.63
CA THR B 261 16.78 -27.28 -2.07
C THR B 261 15.96 -28.53 -2.33
N PHE B 262 15.35 -29.08 -1.27
CA PHE B 262 14.58 -30.30 -1.35
C PHE B 262 13.15 -30.05 -0.89
N LEU B 263 12.23 -30.86 -1.40
CA LEU B 263 10.83 -30.83 -1.01
C LEU B 263 10.54 -32.13 -0.27
N LEU B 264 10.56 -32.09 1.05
CA LEU B 264 10.40 -33.27 1.88
C LEU B 264 8.93 -33.52 2.16
N LYS B 265 8.55 -34.79 2.22
CA LYS B 265 7.17 -35.20 2.43
C LYS B 265 7.11 -35.93 3.78
N TYR B 266 6.62 -35.24 4.80
CA TYR B 266 6.35 -35.88 6.09
C TYR B 266 4.97 -36.51 6.05
N ASN B 267 4.89 -37.77 6.48
CA ASN B 267 3.61 -38.45 6.58
C ASN B 267 2.95 -38.09 7.92
N GLU B 268 1.84 -38.75 8.24
CA GLU B 268 1.12 -38.43 9.47
C GLU B 268 1.83 -38.95 10.71
N ASN B 269 2.72 -39.94 10.56
CA ASN B 269 3.51 -40.43 11.68
C ASN B 269 4.71 -39.55 11.99
N GLY B 270 4.99 -38.55 11.17
CA GLY B 270 6.10 -37.66 11.38
C GLY B 270 7.41 -38.07 10.75
N THR B 271 7.43 -39.14 9.98
CA THR B 271 8.65 -39.62 9.32
C THR B 271 8.69 -39.16 7.87
N ILE B 272 9.90 -38.97 7.37
CA ILE B 272 10.10 -38.56 5.98
C ILE B 272 9.94 -39.78 5.09
N THR B 273 9.00 -39.72 4.16
CA THR B 273 8.70 -40.84 3.28
C THR B 273 9.22 -40.66 1.86
N ASP B 274 9.27 -39.43 1.36
CA ASP B 274 9.74 -39.18 0.00
C ASP B 274 10.27 -37.75 -0.08
N ALA B 275 11.02 -37.47 -1.14
CA ALA B 275 11.60 -36.16 -1.33
C ALA B 275 11.75 -35.89 -2.82
N VAL B 276 11.87 -34.61 -3.16
CA VAL B 276 12.04 -34.17 -4.54
C VAL B 276 13.24 -33.22 -4.59
N ASP B 277 14.15 -33.47 -5.53
CA ASP B 277 15.30 -32.59 -5.77
C ASP B 277 14.89 -31.55 -6.80
N CYS B 278 14.76 -30.30 -6.38
CA CYS B 278 14.16 -29.27 -7.22
C CYS B 278 15.00 -28.92 -8.45
N ALA B 279 16.30 -29.20 -8.42
CA ALA B 279 17.19 -28.83 -9.52
C ALA B 279 17.67 -30.04 -10.32
N LEU B 280 16.92 -31.15 -10.28
CA LEU B 280 17.32 -32.33 -11.02
C LEU B 280 16.90 -32.24 -12.49
N ASP B 281 15.65 -31.88 -12.74
CA ASP B 281 15.10 -31.84 -14.08
C ASP B 281 13.90 -30.91 -14.08
N PRO B 282 13.39 -30.52 -15.26
CA PRO B 282 12.25 -29.58 -15.29
C PRO B 282 11.01 -30.07 -14.57
N LEU B 283 10.72 -31.38 -14.61
CA LEU B 283 9.54 -31.89 -13.93
C LEU B 283 9.63 -31.71 -12.42
N SER B 284 10.81 -31.94 -11.85
CA SER B 284 11.00 -31.74 -10.42
C SER B 284 10.86 -30.26 -10.05
N GLU B 285 11.35 -29.37 -10.91
CA GLU B 285 11.17 -27.94 -10.69
C GLU B 285 9.70 -27.56 -10.71
N THR B 286 8.93 -28.14 -11.64
CA THR B 286 7.49 -27.90 -11.67
C THR B 286 6.83 -28.40 -10.40
N LYS B 287 7.21 -29.59 -9.92
CA LYS B 287 6.65 -30.12 -8.68
C LYS B 287 6.96 -29.20 -7.51
N CYS B 288 8.20 -28.71 -7.43
CA CYS B 288 8.58 -27.83 -6.34
C CYS B 288 7.81 -26.51 -6.39
N THR B 289 7.61 -25.96 -7.60
CA THR B 289 6.83 -24.73 -7.71
C THR B 289 5.38 -24.95 -7.31
N LEU B 290 4.80 -26.08 -7.69
CA LEU B 290 3.41 -26.37 -7.36
C LEU B 290 3.24 -26.92 -5.95
N LYS B 291 4.32 -27.24 -5.26
CA LYS B 291 4.27 -27.81 -3.90
C LYS B 291 3.43 -29.08 -3.86
N SER B 292 3.68 -29.97 -4.82
CA SER B 292 2.93 -31.22 -4.90
C SER B 292 3.78 -32.27 -5.60
N PHE B 293 3.44 -33.53 -5.37
CA PHE B 293 4.08 -34.65 -6.04
C PHE B 293 3.33 -35.07 -7.29
N THR B 294 2.15 -34.50 -7.54
CA THR B 294 1.31 -34.83 -8.68
C THR B 294 1.03 -33.56 -9.47
N VAL B 295 1.18 -33.64 -10.79
CA VAL B 295 1.02 -32.49 -11.67
C VAL B 295 -0.05 -32.81 -12.70
N GLU B 296 -1.04 -31.94 -12.81
CA GLU B 296 -2.07 -32.08 -13.81
C GLU B 296 -1.58 -31.57 -15.16
N LYS B 297 -2.28 -31.95 -16.22
CA LYS B 297 -1.91 -31.54 -17.57
C LYS B 297 -2.01 -30.03 -17.71
N GLY B 298 -1.05 -29.44 -18.41
CA GLY B 298 -1.04 -28.01 -18.61
C GLY B 298 0.36 -27.52 -18.89
N ILE B 299 0.50 -26.19 -18.86
CA ILE B 299 1.79 -25.52 -19.03
C ILE B 299 1.99 -24.58 -17.86
N TYR B 300 3.15 -24.69 -17.21
CA TYR B 300 3.42 -23.98 -15.96
C TYR B 300 4.66 -23.13 -16.10
N GLN B 301 4.59 -21.90 -15.60
CA GLN B 301 5.74 -21.00 -15.58
C GLN B 301 6.51 -21.27 -14.30
N THR B 302 7.69 -21.89 -14.42
CA THR B 302 8.44 -22.36 -13.27
C THR B 302 9.45 -21.34 -12.78
N SER B 303 10.38 -20.94 -13.65
CA SER B 303 11.49 -20.07 -13.24
C SER B 303 11.72 -19.03 -14.32
N ASN B 304 12.83 -18.31 -14.19
CA ASN B 304 13.26 -17.31 -15.15
C ASN B 304 14.64 -17.68 -15.68
N PHE B 305 14.95 -17.18 -16.87
CA PHE B 305 16.20 -17.49 -17.55
C PHE B 305 16.85 -16.21 -18.02
N ARG B 306 18.18 -16.16 -17.93
CA ARG B 306 18.93 -14.98 -18.34
C ARG B 306 20.34 -15.39 -18.75
N VAL B 307 20.89 -14.70 -19.75
CA VAL B 307 22.28 -14.91 -20.13
C VAL B 307 23.19 -14.39 -19.03
N GLN B 308 24.38 -14.98 -18.93
CA GLN B 308 25.33 -14.59 -17.91
C GLN B 308 26.57 -13.96 -18.53
N PRO B 309 27.16 -12.96 -17.87
CA PRO B 309 28.35 -12.31 -18.42
C PRO B 309 29.53 -13.26 -18.45
N THR B 310 30.40 -13.05 -19.43
CA THR B 310 31.57 -13.92 -19.63
C THR B 310 32.80 -13.37 -18.93
N GLU B 311 33.21 -12.15 -19.26
CA GLU B 311 34.36 -11.51 -18.64
C GLU B 311 34.01 -10.06 -18.33
N SER B 312 35.00 -9.31 -17.86
CA SER B 312 34.81 -7.92 -17.46
C SER B 312 35.83 -7.03 -18.15
N ILE B 313 35.41 -5.82 -18.51
CA ILE B 313 36.27 -4.82 -19.12
C ILE B 313 36.20 -3.55 -18.29
N VAL B 314 37.35 -2.91 -18.08
CA VAL B 314 37.45 -1.69 -17.28
C VAL B 314 38.18 -0.65 -18.14
N ARG B 315 37.43 0.26 -18.74
CA ARG B 315 38.00 1.30 -19.60
C ARG B 315 38.10 2.59 -18.78
N PHE B 316 39.32 2.89 -18.33
CA PHE B 316 39.67 4.08 -17.59
C PHE B 316 40.55 4.98 -18.46
N PRO B 317 40.57 6.29 -18.23
CA PRO B 317 41.28 7.16 -19.18
C PRO B 317 42.79 7.12 -19.02
N ASN B 318 43.46 7.45 -20.13
CA ASN B 318 44.91 7.31 -20.22
C ASN B 318 45.58 8.50 -19.55
N ILE B 319 46.04 8.31 -18.31
CA ILE B 319 46.74 9.34 -17.57
C ILE B 319 47.70 8.66 -16.60
N THR B 320 48.83 9.33 -16.33
CA THR B 320 49.90 8.74 -15.54
C THR B 320 50.42 9.63 -14.41
N ASN B 321 50.19 10.93 -14.45
CA ASN B 321 50.72 11.82 -13.43
C ASN B 321 50.11 11.51 -12.05
N LEU B 322 50.92 11.66 -11.02
CA LEU B 322 50.49 11.39 -9.65
C LEU B 322 49.91 12.65 -9.01
N CYS B 323 49.21 12.45 -7.88
CA CYS B 323 48.58 13.57 -7.19
C CYS B 323 49.51 14.15 -6.12
N PRO B 324 49.45 15.46 -5.90
CA PRO B 324 50.32 16.10 -4.89
C PRO B 324 49.71 16.10 -3.50
N PHE B 325 49.63 14.92 -2.89
CA PHE B 325 49.10 14.82 -1.54
C PHE B 325 50.10 15.31 -0.50
N GLY B 326 51.40 15.19 -0.80
CA GLY B 326 52.42 15.67 0.13
C GLY B 326 52.47 17.17 0.26
N GLU B 327 51.97 17.89 -0.74
CA GLU B 327 52.00 19.36 -0.73
C GLU B 327 50.95 19.98 0.17
N VAL B 328 49.99 19.19 0.66
CA VAL B 328 48.95 19.69 1.55
C VAL B 328 49.04 19.06 2.93
N PHE B 329 49.33 17.76 3.01
CA PHE B 329 49.43 17.10 4.30
C PHE B 329 50.72 17.43 5.03
N ASN B 330 51.82 17.61 4.30
CA ASN B 330 53.13 17.90 4.88
C ASN B 330 53.55 19.34 4.59
N ALA B 331 52.60 20.27 4.58
CA ALA B 331 52.91 21.67 4.34
C ALA B 331 53.59 22.27 5.57
N THR B 332 54.43 23.29 5.32
CA THR B 332 55.15 23.92 6.41
C THR B 332 54.22 24.61 7.39
N ARG B 333 53.21 25.33 6.88
CA ARG B 333 52.30 26.08 7.72
C ARG B 333 50.88 25.93 7.22
N PHE B 334 49.93 25.83 8.15
CA PHE B 334 48.51 25.76 7.83
C PHE B 334 47.85 27.09 8.18
N ALA B 335 46.80 27.42 7.43
CA ALA B 335 46.06 28.64 7.68
C ALA B 335 45.10 28.45 8.86
N SER B 336 44.59 29.58 9.35
CA SER B 336 43.66 29.56 10.48
C SER B 336 42.31 29.00 10.04
N VAL B 337 41.51 28.62 11.04
CA VAL B 337 40.20 28.01 10.76
C VAL B 337 39.27 29.02 10.10
N TYR B 338 39.27 30.26 10.56
CA TYR B 338 38.42 31.28 9.96
C TYR B 338 38.91 31.72 8.59
N ALA B 339 40.16 31.39 8.24
CA ALA B 339 40.75 31.73 6.95
C ALA B 339 41.30 30.48 6.28
N TRP B 340 40.47 29.44 6.24
CA TRP B 340 40.90 28.14 5.70
C TRP B 340 41.30 28.26 4.24
N ASN B 341 42.34 27.52 3.86
CA ASN B 341 42.86 27.53 2.50
C ASN B 341 42.32 26.33 1.73
N ARG B 342 41.87 26.57 0.51
CA ARG B 342 41.32 25.54 -0.35
C ARG B 342 42.27 25.25 -1.50
N LYS B 343 42.58 23.97 -1.71
CA LYS B 343 43.44 23.52 -2.78
C LYS B 343 42.66 22.59 -3.70
N ARG B 344 42.69 22.88 -4.99
CA ARG B 344 41.99 22.08 -5.98
C ARG B 344 42.99 21.19 -6.71
N ILE B 345 42.74 19.89 -6.72
CA ILE B 345 43.60 18.92 -7.38
C ILE B 345 42.79 18.20 -8.44
N SER B 346 43.39 17.97 -9.61
CA SER B 346 42.72 17.31 -10.71
C SER B 346 43.77 16.80 -11.68
N ASN B 347 43.32 15.91 -12.57
CA ASN B 347 44.15 15.34 -13.64
C ASN B 347 45.38 14.63 -13.06
N CYS B 348 45.11 13.67 -12.18
CA CYS B 348 46.17 12.88 -11.58
C CYS B 348 45.59 11.56 -11.08
N VAL B 349 46.47 10.59 -10.86
CA VAL B 349 46.10 9.28 -10.32
C VAL B 349 46.34 9.31 -8.83
N ALA B 350 45.28 9.08 -8.05
CA ALA B 350 45.33 9.17 -6.60
C ALA B 350 45.34 7.76 -6.01
N ASP B 351 46.28 7.51 -5.11
CA ASP B 351 46.41 6.23 -4.41
C ASP B 351 45.99 6.47 -2.97
N TYR B 352 44.68 6.30 -2.70
CA TYR B 352 44.15 6.53 -1.36
C TYR B 352 44.50 5.39 -0.40
N SER B 353 45.06 4.30 -0.89
CA SER B 353 45.38 3.16 -0.01
C SER B 353 46.45 3.54 1.01
N VAL B 354 47.47 4.29 0.59
CA VAL B 354 48.57 4.61 1.49
C VAL B 354 48.09 5.51 2.63
N LEU B 355 47.21 6.47 2.32
CA LEU B 355 46.70 7.37 3.35
C LEU B 355 45.89 6.60 4.40
N TYR B 356 45.07 5.66 3.96
CA TYR B 356 44.30 4.85 4.90
C TYR B 356 45.19 3.89 5.69
N ASN B 357 46.25 3.37 5.06
CA ASN B 357 47.13 2.44 5.76
C ASN B 357 48.02 3.15 6.77
N SER B 358 48.36 4.41 6.51
CA SER B 358 49.18 5.17 7.46
C SER B 358 48.40 5.40 8.75
N ALA B 359 49.02 5.07 9.88
CA ALA B 359 48.39 5.18 11.18
C ALA B 359 48.66 6.52 11.86
N SER B 360 49.32 7.46 11.17
CA SER B 360 49.63 8.76 11.75
C SER B 360 48.39 9.61 12.00
N PHE B 361 47.25 9.25 11.41
CA PHE B 361 46.03 10.05 11.52
C PHE B 361 45.17 9.51 12.65
N SER B 362 44.77 10.41 13.56
CA SER B 362 43.98 10.02 14.71
C SER B 362 42.49 9.88 14.39
N THR B 363 42.04 10.44 13.27
CA THR B 363 40.62 10.38 12.91
C THR B 363 40.54 10.36 11.38
N PHE B 364 40.30 9.17 10.83
CA PHE B 364 40.08 8.99 9.40
C PHE B 364 38.73 8.30 9.24
N LYS B 365 37.76 9.03 8.68
CA LYS B 365 36.40 8.53 8.57
C LYS B 365 35.76 9.15 7.33
N CYS B 366 35.03 8.35 6.57
CA CYS B 366 34.46 8.82 5.32
C CYS B 366 32.94 8.70 5.32
N TYR B 367 32.30 9.63 4.61
CA TYR B 367 30.86 9.88 4.74
C TYR B 367 30.05 9.41 3.54
N GLY B 368 30.40 9.85 2.33
CA GLY B 368 29.63 9.47 1.17
C GLY B 368 30.13 8.19 0.53
N VAL B 369 31.35 7.78 0.89
CA VAL B 369 32.01 6.63 0.29
C VAL B 369 32.63 5.80 1.42
N SER B 370 32.82 4.51 1.14
CA SER B 370 33.59 3.67 2.05
C SER B 370 35.08 3.88 1.82
N PRO B 371 35.89 3.88 2.88
CA PRO B 371 37.32 4.18 2.71
C PRO B 371 38.06 3.22 1.78
N THR B 372 37.61 1.97 1.69
CA THR B 372 38.27 1.00 0.83
C THR B 372 37.82 1.08 -0.62
N LYS B 373 36.79 1.86 -0.92
CA LYS B 373 36.21 1.91 -2.26
C LYS B 373 36.77 3.04 -3.12
N LEU B 374 37.68 3.85 -2.59
CA LEU B 374 38.20 4.98 -3.36
C LEU B 374 39.13 4.52 -4.49
N ASN B 375 39.75 3.35 -4.34
CA ASN B 375 40.78 2.92 -5.29
C ASN B 375 40.23 2.55 -6.65
N ASP B 376 38.92 2.42 -6.81
CA ASP B 376 38.31 2.06 -8.09
C ASP B 376 37.13 2.98 -8.38
N LEU B 377 37.33 4.28 -8.18
CA LEU B 377 36.32 5.29 -8.46
C LEU B 377 36.97 6.45 -9.21
N CYS B 378 36.15 7.17 -9.96
CA CYS B 378 36.59 8.34 -10.71
C CYS B 378 35.77 9.55 -10.31
N PHE B 379 36.44 10.68 -10.13
CA PHE B 379 35.79 11.94 -9.79
C PHE B 379 36.24 13.02 -10.78
N THR B 380 35.40 14.05 -10.92
CA THR B 380 35.77 15.17 -11.78
C THR B 380 36.98 15.91 -11.21
N ASN B 381 36.94 16.25 -9.93
CA ASN B 381 38.09 16.82 -9.23
C ASN B 381 37.86 16.67 -7.74
N VAL B 382 38.91 16.91 -6.97
CA VAL B 382 38.87 16.81 -5.52
C VAL B 382 39.35 18.12 -4.91
N TYR B 383 38.65 18.58 -3.88
CA TYR B 383 39.01 19.78 -3.15
C TYR B 383 39.59 19.41 -1.79
N ALA B 384 40.73 20.00 -1.44
CA ALA B 384 41.39 19.76 -0.16
C ALA B 384 41.41 21.07 0.63
N ASP B 385 40.87 21.03 1.83
CA ASP B 385 40.86 22.19 2.73
C ASP B 385 41.60 21.81 4.01
N SER B 386 42.47 22.72 4.48
CA SER B 386 43.29 22.47 5.64
C SER B 386 43.21 23.66 6.60
N PHE B 387 43.13 23.36 7.89
CA PHE B 387 43.11 24.38 8.93
C PHE B 387 43.48 23.73 10.25
N VAL B 388 43.71 24.59 11.26
CA VAL B 388 44.11 24.14 12.60
C VAL B 388 43.02 24.55 13.58
N ILE B 389 42.49 23.58 14.31
CA ILE B 389 41.46 23.80 15.32
C ILE B 389 41.85 23.06 16.59
N ARG B 390 41.11 23.35 17.67
CA ARG B 390 41.39 22.72 18.95
C ARG B 390 41.05 21.23 18.90
N GLY B 391 41.73 20.46 19.75
CA GLY B 391 41.60 19.01 19.69
C GLY B 391 40.20 18.51 20.02
N ASP B 392 39.49 19.19 20.90
CA ASP B 392 38.17 18.74 21.34
C ASP B 392 37.04 19.24 20.45
N GLU B 393 37.33 20.08 19.46
CA GLU B 393 36.30 20.63 18.57
C GLU B 393 36.17 19.84 17.27
N VAL B 394 36.86 18.71 17.14
CA VAL B 394 36.84 17.94 15.90
C VAL B 394 35.51 17.28 15.62
N ARG B 395 34.55 17.33 16.55
CA ARG B 395 33.24 16.76 16.32
C ARG B 395 32.22 17.79 15.84
N GLN B 396 32.63 19.05 15.65
CA GLN B 396 31.75 20.04 15.06
C GLN B 396 31.76 20.00 13.53
N ILE B 397 32.82 19.46 12.94
CA ILE B 397 32.98 19.52 11.48
C ILE B 397 31.93 18.68 10.76
N ALA B 398 31.37 17.68 11.42
CA ALA B 398 30.42 16.79 10.77
C ALA B 398 29.18 17.58 10.34
N PRO B 399 28.66 17.32 9.15
CA PRO B 399 27.45 18.04 8.71
C PRO B 399 26.23 17.64 9.53
N GLY B 400 25.29 18.58 9.61
CA GLY B 400 24.08 18.38 10.37
C GLY B 400 24.20 18.68 11.85
N GLN B 401 25.38 19.05 12.33
CA GLN B 401 25.60 19.37 13.74
C GLN B 401 25.98 20.83 13.88
N THR B 402 25.56 21.43 15.00
CA THR B 402 25.88 22.80 15.32
C THR B 402 27.08 22.84 16.27
N GLY B 403 27.53 24.04 16.57
CA GLY B 403 28.71 24.22 17.40
C GLY B 403 29.26 25.63 17.24
N LYS B 404 30.56 25.76 17.46
CA LYS B 404 31.20 27.06 17.36
C LYS B 404 31.73 27.30 15.94
N ILE B 405 32.67 26.48 15.48
CA ILE B 405 33.20 26.66 14.13
C ILE B 405 32.24 26.14 13.08
N ALA B 406 31.33 25.22 13.44
CA ALA B 406 30.32 24.76 12.50
C ALA B 406 29.37 25.90 12.12
N ASP B 407 28.96 26.69 13.10
CA ASP B 407 28.07 27.82 12.85
C ASP B 407 28.81 29.13 12.61
N TYR B 408 30.13 29.13 12.74
CA TYR B 408 30.83 30.42 12.69
C TYR B 408 31.98 30.45 11.69
N ASN B 409 32.69 29.34 11.52
CA ASN B 409 33.92 29.34 10.73
C ASN B 409 33.92 28.39 9.56
N TYR B 410 33.37 27.18 9.72
CA TYR B 410 33.40 26.19 8.66
C TYR B 410 32.16 25.31 8.78
N LYS B 411 31.28 25.38 7.77
CA LYS B 411 30.04 24.63 7.76
C LYS B 411 30.06 23.64 6.59
N LEU B 412 29.69 22.40 6.87
CA LEU B 412 29.62 21.42 5.80
C LEU B 412 28.18 21.24 5.32
N PRO B 413 27.96 21.03 4.03
CA PRO B 413 26.61 20.81 3.53
C PRO B 413 26.03 19.51 4.07
N ASP B 414 24.70 19.50 4.21
CA ASP B 414 24.02 18.31 4.74
C ASP B 414 24.21 17.09 3.84
N ASP B 415 24.39 17.31 2.53
CA ASP B 415 24.61 16.23 1.57
C ASP B 415 26.09 16.06 1.24
N PHE B 416 26.98 16.41 2.18
CA PHE B 416 28.41 16.36 1.90
C PHE B 416 28.85 14.92 1.64
N THR B 417 29.57 14.73 0.53
CA THR B 417 30.21 13.46 0.21
C THR B 417 31.70 13.71 0.05
N GLY B 418 32.49 12.90 0.74
CA GLY B 418 33.90 13.12 0.91
C GLY B 418 34.28 12.74 2.32
N CYS B 419 35.51 13.02 2.72
CA CYS B 419 35.85 12.61 4.07
C CYS B 419 37.03 13.39 4.65
N VAL B 420 37.07 13.39 5.97
CA VAL B 420 37.86 14.32 6.78
C VAL B 420 38.97 13.55 7.48
N ILE B 421 40.12 14.21 7.64
CA ILE B 421 41.30 13.61 8.23
C ILE B 421 41.83 14.52 9.33
N ALA B 422 42.09 13.95 10.50
CA ALA B 422 42.54 14.71 11.65
C ALA B 422 43.64 13.96 12.38
N TRP B 423 44.71 14.66 12.74
CA TRP B 423 45.78 14.08 13.52
C TRP B 423 46.41 15.15 14.41
N ASN B 424 47.02 14.70 15.50
CA ASN B 424 47.59 15.62 16.48
C ASN B 424 48.81 16.34 15.89
N SER B 425 48.88 17.64 16.13
CA SER B 425 49.98 18.48 15.65
C SER B 425 50.46 19.39 16.76
N ASN B 426 50.68 18.82 17.94
CA ASN B 426 51.05 19.62 19.10
C ASN B 426 52.46 20.20 18.96
N ASN B 427 53.45 19.33 18.82
CA ASN B 427 54.84 19.78 18.87
C ASN B 427 55.33 20.39 17.55
N LEU B 428 54.59 20.26 16.47
CA LEU B 428 55.04 20.83 15.19
C LEU B 428 54.84 22.34 15.14
N ASP B 429 53.82 22.87 15.80
CA ASP B 429 53.58 24.31 15.73
C ASP B 429 53.51 24.98 17.09
N SER B 430 52.93 24.32 18.09
CA SER B 430 52.78 24.93 19.41
C SER B 430 54.12 24.90 20.15
N LYS B 431 54.53 26.07 20.65
CA LYS B 431 55.79 26.22 21.36
C LYS B 431 55.52 26.74 22.76
N VAL B 432 56.58 26.78 23.58
CA VAL B 432 56.45 27.21 24.96
C VAL B 432 55.96 28.66 25.03
N GLY B 433 56.50 29.53 24.18
CA GLY B 433 55.98 30.88 24.10
C GLY B 433 54.54 30.93 23.60
N GLY B 434 54.17 30.00 22.72
CA GLY B 434 52.81 29.92 22.23
C GLY B 434 52.59 30.59 20.90
N ASN B 435 52.37 29.79 19.86
CA ASN B 435 52.09 30.32 18.52
C ASN B 435 50.65 30.82 18.51
N TYR B 436 50.48 32.07 18.95
CA TYR B 436 49.16 32.68 19.07
C TYR B 436 48.67 33.29 17.76
N ASN B 437 49.23 32.88 16.63
CA ASN B 437 48.82 33.41 15.34
C ASN B 437 47.58 32.71 14.79
N TYR B 438 47.11 31.65 15.44
CA TYR B 438 45.92 30.95 14.99
C TYR B 438 44.68 31.65 15.53
N LEU B 439 43.72 31.93 14.65
CA LEU B 439 42.61 32.81 14.95
C LEU B 439 41.28 32.10 14.69
N TYR B 440 40.27 32.42 15.49
CA TYR B 440 38.91 31.95 15.26
C TYR B 440 37.94 33.08 15.58
N ARG B 441 36.69 32.91 15.14
CA ARG B 441 35.67 33.95 15.26
C ARG B 441 34.79 33.69 16.47
N LEU B 442 34.45 34.78 17.17
CA LEU B 442 33.58 34.73 18.35
C LEU B 442 32.22 35.34 18.13
N PHE B 443 32.14 36.43 17.37
CA PHE B 443 30.90 37.17 17.18
C PHE B 443 30.67 37.44 15.71
N ARG B 444 29.45 37.15 15.24
CA ARG B 444 29.11 37.30 13.84
C ARG B 444 27.63 37.69 13.74
N LYS B 445 27.28 38.34 12.63
CA LYS B 445 25.92 38.82 12.44
C LYS B 445 24.92 37.66 12.41
N SER B 446 25.25 36.59 11.67
CA SER B 446 24.35 35.46 11.53
C SER B 446 25.14 34.26 11.03
N ASN B 447 24.48 33.10 11.03
CA ASN B 447 25.10 31.87 10.57
C ASN B 447 25.40 31.95 9.08
N LEU B 448 26.49 31.29 8.68
CA LEU B 448 26.97 31.30 7.31
C LEU B 448 26.67 29.97 6.63
N LYS B 449 26.35 30.04 5.34
CA LYS B 449 26.03 28.85 4.57
C LYS B 449 27.28 27.99 4.36
N PRO B 450 27.10 26.70 4.07
CA PRO B 450 28.25 25.81 3.93
C PRO B 450 29.20 26.27 2.83
N PHE B 451 30.50 26.04 3.07
CA PHE B 451 31.57 26.41 2.14
C PHE B 451 31.60 27.91 1.88
N GLU B 452 31.42 28.69 2.94
CA GLU B 452 31.59 30.14 2.89
C GLU B 452 32.68 30.57 3.85
N ARG B 453 33.35 31.66 3.50
CA ARG B 453 34.43 32.20 4.32
C ARG B 453 34.30 33.71 4.41
N ASP B 454 34.77 34.26 5.53
CA ASP B 454 34.72 35.70 5.76
C ASP B 454 36.04 36.15 6.36
N ILE B 455 36.78 36.97 5.63
CA ILE B 455 38.06 37.51 6.11
C ILE B 455 37.91 38.89 6.75
N SER B 456 36.72 39.48 6.71
CA SER B 456 36.53 40.82 7.24
C SER B 456 36.74 40.85 8.75
N THR B 457 37.44 41.87 9.23
CA THR B 457 37.69 42.08 10.65
C THR B 457 36.85 43.23 11.20
N GLU B 458 35.63 43.37 10.68
CA GLU B 458 34.77 44.47 11.10
C GLU B 458 34.42 44.35 12.58
N ILE B 459 34.47 45.49 13.29
CA ILE B 459 34.27 45.48 14.72
C ILE B 459 32.82 45.18 15.05
N TYR B 460 32.61 44.35 16.07
CA TYR B 460 31.29 43.91 16.48
C TYR B 460 31.00 44.42 17.89
N GLN B 461 29.74 44.79 18.13
CA GLN B 461 29.30 45.26 19.44
C GLN B 461 28.27 44.29 19.99
N ALA B 462 28.49 43.81 21.22
CA ALA B 462 27.54 42.92 21.85
C ALA B 462 26.32 43.67 22.38
N GLY B 463 26.52 44.89 22.86
CA GLY B 463 25.43 45.67 23.42
C GLY B 463 24.49 46.19 22.37
N SER B 464 23.32 46.65 22.85
CA SER B 464 22.30 47.17 21.95
C SER B 464 22.75 48.47 21.28
N THR B 465 23.47 49.31 22.00
CA THR B 465 23.92 50.57 21.44
C THR B 465 24.97 50.32 20.35
N PRO B 466 24.92 51.06 19.25
CA PRO B 466 25.94 50.91 18.21
C PRO B 466 27.31 51.36 18.70
N CYS B 467 28.34 50.74 18.14
CA CYS B 467 29.73 51.04 18.50
C CYS B 467 30.48 51.55 17.28
N ASN B 468 31.38 52.51 17.52
CA ASN B 468 32.23 53.08 16.49
C ASN B 468 33.68 53.00 16.95
N GLY B 469 34.59 53.45 16.09
CA GLY B 469 36.00 53.38 16.43
C GLY B 469 36.49 51.95 16.39
N VAL B 470 37.32 51.60 17.37
CA VAL B 470 37.91 50.26 17.43
C VAL B 470 37.48 49.48 18.67
N GLU B 471 37.06 50.14 19.76
CA GLU B 471 36.72 49.45 20.99
C GLU B 471 35.63 50.23 21.70
N GLY B 472 35.19 49.69 22.83
CA GLY B 472 34.15 50.31 23.62
C GLY B 472 33.57 49.31 24.60
N PHE B 473 32.48 49.73 25.24
CA PHE B 473 31.78 48.86 26.18
C PHE B 473 30.94 47.87 25.39
N ASN B 474 31.15 46.58 25.66
CA ASN B 474 30.51 45.48 24.91
C ASN B 474 30.80 45.59 23.41
N CYS B 475 31.98 46.07 23.07
CA CYS B 475 32.41 46.25 21.68
C CYS B 475 33.69 45.42 21.51
N TYR B 476 33.53 44.19 21.02
CA TYR B 476 34.60 43.21 21.01
C TYR B 476 35.02 42.87 19.59
N PHE B 477 36.32 42.68 19.39
CA PHE B 477 36.81 42.16 18.12
C PHE B 477 36.37 40.71 17.97
N PRO B 478 35.84 40.31 16.81
CA PRO B 478 35.41 38.92 16.62
C PRO B 478 36.55 37.92 16.63
N LEU B 479 37.79 38.36 16.48
CA LEU B 479 38.94 37.47 16.35
C LEU B 479 39.70 37.37 17.66
N GLN B 480 40.11 36.14 18.00
CA GLN B 480 40.82 35.85 19.24
C GLN B 480 41.58 34.55 19.05
N SER B 481 42.71 34.43 19.74
CA SER B 481 43.65 33.34 19.51
C SER B 481 43.46 32.21 20.52
N TYR B 482 44.01 31.05 20.17
CA TYR B 482 44.02 29.90 21.04
C TYR B 482 45.13 30.00 22.08
N GLY B 483 44.96 29.26 23.17
CA GLY B 483 46.02 29.12 24.16
C GLY B 483 46.86 27.90 23.89
N PHE B 484 47.54 27.88 22.75
CA PHE B 484 48.29 26.71 22.31
C PHE B 484 49.67 26.73 22.94
N GLN B 485 49.89 25.87 23.94
CA GLN B 485 51.17 25.72 24.59
C GLN B 485 51.39 24.24 24.89
N PRO B 486 52.64 23.78 24.88
CA PRO B 486 52.88 22.32 24.94
C PRO B 486 52.52 21.70 26.28
N THR B 487 52.69 22.41 27.39
CA THR B 487 52.37 21.83 28.70
C THR B 487 50.88 21.71 28.94
N ASN B 488 50.05 22.28 28.06
CA ASN B 488 48.61 22.15 28.21
C ASN B 488 48.19 20.69 28.02
N GLY B 489 47.18 20.27 28.77
CA GLY B 489 46.70 18.92 28.68
C GLY B 489 45.93 18.67 27.40
N VAL B 490 45.54 17.40 27.21
CA VAL B 490 44.79 17.04 26.01
C VAL B 490 43.44 17.77 26.01
N GLY B 491 42.88 17.92 24.82
CA GLY B 491 41.70 18.74 24.62
C GLY B 491 42.00 20.16 24.23
N TYR B 492 43.25 20.60 24.32
CA TYR B 492 43.69 21.89 23.81
C TYR B 492 44.88 21.75 22.88
N GLN B 493 45.35 20.53 22.63
CA GLN B 493 46.44 20.33 21.69
C GLN B 493 45.99 20.73 20.30
N PRO B 494 46.80 21.48 19.55
CA PRO B 494 46.38 21.88 18.19
C PRO B 494 46.28 20.67 17.28
N TYR B 495 45.20 20.63 16.50
CA TYR B 495 44.93 19.55 15.56
C TYR B 495 44.90 20.10 14.14
N ARG B 496 45.56 19.42 13.22
CA ARG B 496 45.51 19.75 11.81
C ARG B 496 44.47 18.87 11.13
N VAL B 497 43.52 19.50 10.44
CA VAL B 497 42.40 18.81 9.83
C VAL B 497 42.42 19.04 8.33
N VAL B 498 42.34 17.96 7.56
CA VAL B 498 42.25 18.02 6.11
C VAL B 498 40.98 17.31 5.69
N VAL B 499 40.14 18.00 4.91
CA VAL B 499 38.85 17.49 4.48
C VAL B 499 38.82 17.44 2.96
N LEU B 500 38.32 16.35 2.42
CA LEU B 500 38.24 16.14 0.97
C LEU B 500 36.77 16.12 0.56
N SER B 501 36.44 16.88 -0.48
CA SER B 501 35.08 16.97 -1.00
C SER B 501 35.10 16.45 -2.44
N PHE B 502 34.88 15.16 -2.60
CA PHE B 502 34.86 14.55 -3.92
C PHE B 502 33.70 15.10 -4.74
N GLU B 503 33.99 15.49 -5.97
CA GLU B 503 32.99 16.04 -6.88
C GLU B 503 32.67 15.00 -7.96
N LEU B 504 31.42 14.59 -8.03
CA LEU B 504 30.94 13.64 -9.03
C LEU B 504 30.10 14.30 -10.10
N LEU B 505 30.20 15.62 -10.24
CA LEU B 505 29.41 16.36 -11.21
C LEU B 505 30.10 16.34 -12.57
N HIS B 506 29.62 17.15 -13.50
CA HIS B 506 30.15 17.27 -14.87
C HIS B 506 30.13 15.89 -15.52
N ALA B 507 31.16 15.54 -16.28
CA ALA B 507 31.22 14.27 -16.98
C ALA B 507 32.65 13.79 -17.17
N PRO B 508 33.57 14.55 -17.79
CA PRO B 508 34.91 13.99 -18.06
C PRO B 508 35.72 13.85 -16.78
N ALA B 509 35.93 12.60 -16.35
CA ALA B 509 36.69 12.36 -15.13
C ALA B 509 38.17 12.69 -15.34
N THR B 510 38.78 13.28 -14.32
CA THR B 510 40.17 13.68 -14.36
C THR B 510 41.03 12.94 -13.34
N VAL B 511 40.51 12.65 -12.16
CA VAL B 511 41.24 11.95 -11.12
C VAL B 511 40.59 10.59 -10.92
N CYS B 512 41.39 9.53 -11.09
CA CYS B 512 40.90 8.16 -11.00
C CYS B 512 41.90 7.33 -10.19
N GLY B 513 41.39 6.26 -9.59
CA GLY B 513 42.19 5.40 -8.77
C GLY B 513 43.13 4.53 -9.59
N PRO B 514 44.04 3.83 -8.91
CA PRO B 514 45.03 2.97 -9.61
C PRO B 514 44.44 1.67 -10.14
N LYS B 515 43.78 1.78 -11.30
CA LYS B 515 43.17 0.64 -11.97
C LYS B 515 43.70 0.58 -13.39
N LYS B 516 43.93 -0.64 -13.88
CA LYS B 516 44.53 -0.86 -15.18
C LYS B 516 43.45 -1.15 -16.22
N SER B 517 43.52 -0.48 -17.35
CA SER B 517 42.53 -0.63 -18.40
C SER B 517 42.68 -1.98 -19.11
N THR B 518 41.57 -2.48 -19.65
CA THR B 518 41.52 -3.75 -20.35
C THR B 518 40.89 -3.53 -21.72
N ASN B 519 41.47 -4.16 -22.74
CA ASN B 519 40.95 -4.01 -24.10
C ASN B 519 39.50 -4.50 -24.17
N LEU B 520 38.68 -3.76 -24.89
CA LEU B 520 37.24 -4.04 -24.93
C LEU B 520 36.93 -5.16 -25.91
N VAL B 521 35.78 -5.81 -25.68
CA VAL B 521 35.27 -6.87 -26.54
C VAL B 521 33.81 -6.57 -26.85
N LYS B 522 33.43 -6.75 -28.12
CA LYS B 522 32.10 -6.40 -28.60
C LYS B 522 31.32 -7.65 -28.94
N ASN B 523 29.99 -7.47 -29.01
CA ASN B 523 29.05 -8.54 -29.38
C ASN B 523 29.14 -9.72 -28.41
N LYS B 524 29.04 -9.40 -27.11
CA LYS B 524 29.12 -10.41 -26.07
C LYS B 524 28.56 -9.82 -24.78
N CYS B 525 27.94 -10.67 -23.98
CA CYS B 525 27.42 -10.26 -22.67
C CYS B 525 28.59 -10.05 -21.72
N VAL B 526 28.89 -8.80 -21.40
CA VAL B 526 30.09 -8.45 -20.64
C VAL B 526 29.72 -7.51 -19.50
N ASN B 527 30.49 -7.60 -18.42
CA ASN B 527 30.46 -6.59 -17.37
C ASN B 527 31.38 -5.45 -17.76
N PHE B 528 30.85 -4.23 -17.85
CA PHE B 528 31.66 -3.09 -18.28
C PHE B 528 31.79 -2.08 -17.15
N ASN B 529 32.87 -1.30 -17.21
CA ASN B 529 33.14 -0.25 -16.22
C ASN B 529 33.76 0.92 -16.97
N PHE B 530 32.92 1.86 -17.41
CA PHE B 530 33.35 3.01 -18.20
C PHE B 530 33.39 4.23 -17.30
N ASN B 531 34.59 4.58 -16.82
CA ASN B 531 34.79 5.74 -15.95
C ASN B 531 33.93 5.66 -14.70
N GLY B 532 33.81 4.46 -14.13
CA GLY B 532 32.99 4.23 -12.97
C GLY B 532 31.56 3.83 -13.24
N LEU B 533 31.13 3.87 -14.51
CA LEU B 533 29.77 3.46 -14.88
C LEU B 533 29.75 1.95 -15.07
N THR B 534 29.30 1.24 -14.04
CA THR B 534 29.25 -0.22 -14.07
C THR B 534 27.92 -0.69 -14.64
N GLY B 535 27.92 -1.95 -15.08
CA GLY B 535 26.69 -2.54 -15.59
C GLY B 535 26.99 -3.83 -16.34
N THR B 536 25.99 -4.29 -17.09
CA THR B 536 26.10 -5.50 -17.88
C THR B 536 25.26 -5.38 -19.13
N GLY B 537 25.79 -5.88 -20.24
CA GLY B 537 25.06 -5.83 -21.50
C GLY B 537 25.95 -6.27 -22.65
N VAL B 538 25.43 -6.05 -23.86
CA VAL B 538 26.14 -6.38 -25.09
C VAL B 538 26.58 -5.08 -25.76
N LEU B 539 27.86 -4.98 -26.06
CA LEU B 539 28.44 -3.77 -26.64
C LEU B 539 28.55 -3.93 -28.15
N THR B 540 27.97 -2.99 -28.88
CA THR B 540 28.03 -2.98 -30.34
C THR B 540 28.38 -1.59 -30.83
N GLU B 541 28.89 -1.53 -32.06
CA GLU B 541 29.14 -0.24 -32.69
C GLU B 541 27.81 0.44 -33.00
N SER B 542 27.72 1.72 -32.70
CA SER B 542 26.48 2.47 -32.85
C SER B 542 26.67 3.58 -33.87
N ASN B 543 25.58 3.89 -34.58
CA ASN B 543 25.57 4.91 -35.61
C ASN B 543 25.12 6.27 -35.11
N LYS B 544 24.83 6.40 -33.80
CA LYS B 544 24.46 7.69 -33.26
C LYS B 544 25.64 8.64 -33.29
N LYS B 545 25.36 9.90 -33.60
CA LYS B 545 26.38 10.95 -33.71
C LYS B 545 26.23 11.87 -32.51
N PHE B 546 27.05 11.63 -31.49
CA PHE B 546 27.06 12.51 -30.32
C PHE B 546 27.64 13.87 -30.69
N LEU B 547 27.10 14.92 -30.08
CA LEU B 547 27.71 16.22 -30.18
C LEU B 547 29.03 16.23 -29.40
N PRO B 548 29.97 17.11 -29.77
CA PRO B 548 31.33 17.00 -29.20
C PRO B 548 31.39 17.04 -27.68
N PHE B 549 30.42 17.67 -27.02
CA PHE B 549 30.44 17.78 -25.57
C PHE B 549 29.72 16.63 -24.87
N GLN B 550 28.98 15.81 -25.59
CA GLN B 550 28.12 14.79 -24.97
C GLN B 550 28.89 13.51 -24.68
N GLN B 551 28.52 12.85 -23.59
CA GLN B 551 29.15 11.63 -23.15
C GLN B 551 28.21 10.43 -23.11
N PHE B 552 27.07 10.56 -22.45
CA PHE B 552 26.14 9.45 -22.30
C PHE B 552 25.02 9.55 -23.34
N GLY B 553 24.08 8.61 -23.25
CA GLY B 553 22.89 8.63 -24.06
C GLY B 553 21.74 7.97 -23.33
N ARG B 554 20.60 8.67 -23.22
CA ARG B 554 19.45 8.16 -22.48
C ARG B 554 18.20 8.44 -23.32
N ASP B 555 17.83 7.48 -24.16
CA ASP B 555 16.62 7.63 -24.97
C ASP B 555 15.35 7.43 -24.13
N ILE B 556 15.45 6.61 -23.08
CA ILE B 556 14.29 6.29 -22.24
C ILE B 556 14.32 7.11 -20.94
N ALA B 557 15.41 7.84 -20.68
CA ALA B 557 15.62 8.74 -19.55
C ALA B 557 15.85 8.00 -18.23
N ASP B 558 15.91 6.68 -18.23
CA ASP B 558 16.29 5.93 -17.04
C ASP B 558 17.37 4.89 -17.30
N THR B 559 17.71 4.60 -18.55
CA THR B 559 18.75 3.64 -18.88
C THR B 559 19.74 4.27 -19.84
N THR B 560 21.03 4.04 -19.60
CA THR B 560 22.09 4.54 -20.45
C THR B 560 22.13 3.69 -21.71
N ASP B 561 21.48 4.16 -22.78
CA ASP B 561 21.44 3.39 -24.02
C ASP B 561 22.84 3.28 -24.62
N ALA B 562 23.55 4.39 -24.73
CA ALA B 562 24.86 4.42 -25.35
C ALA B 562 25.87 5.03 -24.39
N VAL B 563 27.14 4.97 -24.78
CA VAL B 563 28.23 5.49 -23.96
C VAL B 563 29.41 5.78 -24.88
N ARG B 564 30.32 6.62 -24.42
CA ARG B 564 31.52 6.98 -25.17
C ARG B 564 32.74 6.43 -24.45
N ASP B 565 33.53 5.62 -25.15
CA ASP B 565 34.71 5.04 -24.55
C ASP B 565 35.79 6.12 -24.35
N PRO B 566 36.45 6.12 -23.19
CA PRO B 566 37.45 7.19 -22.94
C PRO B 566 38.66 7.11 -23.84
N GLN B 567 39.18 5.91 -24.13
CA GLN B 567 40.38 5.81 -24.95
C GLN B 567 40.06 6.09 -26.41
N THR B 568 39.22 5.26 -27.02
CA THR B 568 38.74 5.49 -28.37
C THR B 568 37.38 6.17 -28.29
N LEU B 569 37.28 7.37 -28.87
CA LEU B 569 36.12 8.22 -28.66
C LEU B 569 34.92 7.83 -29.52
N GLU B 570 34.89 6.60 -30.02
CA GLU B 570 33.71 6.13 -30.74
C GLU B 570 32.59 5.81 -29.75
N ILE B 571 31.37 5.68 -30.29
CA ILE B 571 30.16 5.53 -29.49
C ILE B 571 29.72 4.08 -29.54
N LEU B 572 29.53 3.48 -28.36
CA LEU B 572 29.04 2.11 -28.24
C LEU B 572 27.67 2.14 -27.57
N ASP B 573 26.71 1.47 -28.17
CA ASP B 573 25.39 1.32 -27.56
C ASP B 573 25.37 0.10 -26.65
N ILE B 574 24.51 0.17 -25.63
CA ILE B 574 24.40 -0.88 -24.63
C ILE B 574 23.06 -1.57 -24.80
N THR B 575 23.09 -2.90 -24.98
CA THR B 575 21.90 -3.71 -25.09
C THR B 575 21.93 -4.78 -24.01
N PRO B 576 20.88 -4.89 -23.19
CA PRO B 576 20.90 -5.87 -22.10
C PRO B 576 20.94 -7.30 -22.62
N CYS B 577 21.59 -8.17 -21.84
CA CYS B 577 21.63 -9.59 -22.17
C CYS B 577 20.23 -10.18 -22.03
N SER B 578 19.87 -11.04 -22.98
CA SER B 578 18.48 -11.48 -23.12
C SER B 578 18.01 -12.29 -21.93
N PHE B 579 16.75 -12.09 -21.55
CA PHE B 579 16.11 -12.79 -20.46
C PHE B 579 14.77 -13.34 -20.95
N GLY B 580 14.03 -13.96 -20.04
CA GLY B 580 12.72 -14.49 -20.39
C GLY B 580 12.32 -15.61 -19.47
N GLY B 581 11.01 -15.83 -19.38
CA GLY B 581 10.49 -16.89 -18.55
C GLY B 581 10.67 -18.27 -19.16
N VAL B 582 10.59 -19.28 -18.31
CA VAL B 582 10.71 -20.68 -18.72
C VAL B 582 9.44 -21.40 -18.33
N SER B 583 8.80 -22.03 -19.29
CA SER B 583 7.55 -22.76 -19.08
C SER B 583 7.76 -24.24 -19.36
N VAL B 584 7.18 -25.09 -18.53
CA VAL B 584 7.29 -26.54 -18.66
C VAL B 584 5.95 -27.07 -19.14
N ILE B 585 5.95 -27.74 -20.29
CA ILE B 585 4.75 -28.25 -20.92
C ILE B 585 4.69 -29.74 -20.63
N THR B 586 3.68 -30.16 -19.88
CA THR B 586 3.59 -31.55 -19.46
C THR B 586 2.18 -32.07 -19.64
N PRO B 587 2.05 -33.35 -20.02
CA PRO B 587 0.75 -34.03 -19.86
C PRO B 587 0.55 -34.40 -18.40
N GLY B 588 -0.47 -35.19 -18.09
CA GLY B 588 -0.62 -35.68 -16.74
C GLY B 588 0.65 -36.32 -16.24
N THR B 589 1.05 -36.02 -15.00
CA THR B 589 2.33 -36.50 -14.50
C THR B 589 2.40 -38.01 -14.44
N ASN B 590 1.27 -38.70 -14.35
CA ASN B 590 1.27 -40.15 -14.33
C ASN B 590 0.95 -40.77 -15.68
N THR B 591 0.52 -39.99 -16.66
CA THR B 591 0.48 -40.49 -18.03
C THR B 591 1.89 -40.75 -18.54
N SER B 592 2.81 -39.82 -18.30
CA SER B 592 4.21 -39.98 -18.66
C SER B 592 5.02 -38.96 -17.90
N ASN B 593 6.34 -39.14 -17.90
CA ASN B 593 7.25 -38.25 -17.23
C ASN B 593 7.98 -37.30 -18.17
N GLN B 594 7.90 -37.52 -19.48
CA GLN B 594 8.56 -36.63 -20.43
C GLN B 594 7.84 -35.28 -20.48
N VAL B 595 8.63 -34.22 -20.62
CA VAL B 595 8.12 -32.85 -20.66
C VAL B 595 8.77 -32.11 -21.81
N ALA B 596 8.21 -30.95 -22.13
CA ALA B 596 8.80 -30.03 -23.08
C ALA B 596 8.99 -28.68 -22.41
N VAL B 597 10.05 -27.97 -22.78
CA VAL B 597 10.42 -26.71 -22.17
C VAL B 597 10.33 -25.62 -23.22
N LEU B 598 9.64 -24.53 -22.89
CA LEU B 598 9.50 -23.37 -23.76
C LEU B 598 10.25 -22.20 -23.15
N TYR B 599 11.18 -21.63 -23.90
CA TYR B 599 11.90 -20.43 -23.50
C TYR B 599 11.20 -19.25 -24.15
N GLN B 600 10.45 -18.49 -23.35
CA GLN B 600 9.54 -17.49 -23.89
C GLN B 600 10.30 -16.30 -24.45
N GLY B 601 10.00 -15.95 -25.70
CA GLY B 601 10.50 -14.73 -26.32
C GLY B 601 12.01 -14.64 -26.45
N VAL B 602 12.66 -15.69 -26.94
CA VAL B 602 14.11 -15.69 -27.09
C VAL B 602 14.49 -16.61 -28.22
N ASN B 603 15.42 -16.14 -29.07
CA ASN B 603 16.02 -16.99 -30.08
C ASN B 603 16.83 -18.10 -29.42
N CYS B 604 16.73 -19.32 -29.95
CA CYS B 604 17.47 -20.44 -29.37
C CYS B 604 18.77 -20.72 -30.10
N THR B 605 19.43 -19.68 -30.61
CA THR B 605 20.86 -19.72 -30.80
C THR B 605 21.61 -19.38 -29.53
N GLU B 606 20.88 -19.09 -28.45
CA GLU B 606 21.46 -18.67 -27.18
C GLU B 606 21.23 -19.64 -26.03
N VAL B 607 20.22 -20.51 -26.12
CA VAL B 607 19.83 -21.30 -24.94
C VAL B 607 20.93 -22.19 -24.40
N PRO B 608 21.72 -22.92 -25.20
CA PRO B 608 22.65 -23.88 -24.59
C PRO B 608 23.71 -23.25 -23.70
N VAL B 609 24.14 -22.02 -24.00
CA VAL B 609 25.26 -21.41 -23.29
C VAL B 609 24.86 -20.18 -22.50
N ALA B 610 23.65 -19.65 -22.67
CA ALA B 610 23.28 -18.43 -21.97
C ALA B 610 23.20 -18.63 -20.46
N ILE B 611 22.47 -19.65 -20.02
CA ILE B 611 22.27 -19.89 -18.61
C ILE B 611 23.27 -20.91 -18.10
N THR B 619 20.02 -35.46 -14.87
CA THR B 619 20.68 -34.21 -14.50
C THR B 619 20.40 -33.13 -15.55
N TRP B 620 19.88 -31.99 -15.10
CA TRP B 620 19.51 -30.89 -15.98
C TRP B 620 20.01 -29.57 -15.41
N ARG B 621 21.29 -29.53 -15.01
CA ARG B 621 21.86 -28.27 -14.57
C ARG B 621 22.19 -27.39 -15.77
N VAL B 622 23.01 -27.89 -16.69
CA VAL B 622 23.22 -27.26 -17.99
C VAL B 622 23.00 -28.36 -19.03
N TYR B 623 21.77 -28.48 -19.50
CA TYR B 623 21.35 -29.63 -20.30
C TYR B 623 20.27 -29.18 -21.27
N SER B 624 19.49 -30.15 -21.76
CA SER B 624 18.43 -29.95 -22.75
C SER B 624 19.01 -29.55 -24.11
N THR B 625 19.92 -30.37 -24.63
CA THR B 625 20.41 -30.24 -25.98
C THR B 625 19.62 -31.16 -26.91
N GLY B 626 19.90 -31.08 -28.19
CA GLY B 626 19.24 -31.90 -29.20
C GLY B 626 18.99 -31.13 -30.47
N SER B 627 18.78 -31.87 -31.55
CA SER B 627 18.51 -31.29 -32.86
C SER B 627 17.03 -31.12 -33.14
N ASN B 628 16.15 -31.50 -32.22
CA ASN B 628 14.70 -31.36 -32.39
C ASN B 628 14.16 -30.06 -31.80
N VAL B 629 14.99 -29.02 -31.73
CA VAL B 629 14.51 -27.73 -31.24
C VAL B 629 13.68 -27.06 -32.33
N PHE B 630 12.53 -26.54 -31.94
CA PHE B 630 11.62 -25.86 -32.85
C PHE B 630 11.96 -24.37 -32.79
N GLN B 631 11.10 -23.52 -33.36
CA GLN B 631 11.24 -22.07 -33.24
C GLN B 631 9.87 -21.47 -33.55
N THR B 632 9.22 -20.92 -32.53
CA THR B 632 7.87 -20.39 -32.65
C THR B 632 7.88 -18.90 -32.38
N ARG B 633 6.74 -18.25 -32.63
CA ARG B 633 6.60 -16.84 -32.33
C ARG B 633 6.58 -16.57 -30.83
N ALA B 634 6.26 -17.58 -30.02
CA ALA B 634 6.22 -17.43 -28.57
C ALA B 634 7.56 -17.70 -27.90
N GLY B 635 8.56 -18.14 -28.66
CA GLY B 635 9.84 -18.49 -28.11
C GLY B 635 10.43 -19.71 -28.78
N CYS B 636 11.20 -20.51 -28.06
CA CYS B 636 11.77 -21.74 -28.61
C CYS B 636 11.27 -22.93 -27.82
N LEU B 637 10.87 -23.98 -28.53
CA LEU B 637 10.32 -25.19 -27.93
C LEU B 637 11.35 -26.31 -28.03
N ILE B 638 11.60 -26.97 -26.91
CA ILE B 638 12.60 -28.03 -26.81
C ILE B 638 11.93 -29.29 -26.32
N GLY B 639 12.12 -30.38 -27.05
CA GLY B 639 11.57 -31.66 -26.65
C GLY B 639 10.24 -32.03 -27.26
N ALA B 640 9.77 -31.27 -28.25
CA ALA B 640 8.50 -31.54 -28.91
C ALA B 640 8.71 -31.68 -30.40
N GLU B 641 8.03 -32.66 -31.00
CA GLU B 641 8.13 -32.90 -32.42
C GLU B 641 7.16 -32.02 -33.19
N HIS B 642 7.58 -31.57 -34.37
CA HIS B 642 6.74 -30.75 -35.23
C HIS B 642 5.95 -31.63 -36.18
N VAL B 643 4.65 -31.39 -36.28
CA VAL B 643 3.73 -32.21 -37.05
C VAL B 643 2.93 -31.32 -38.00
N ASN B 644 2.77 -31.77 -39.24
CA ASN B 644 2.01 -31.02 -40.22
C ASN B 644 0.50 -31.12 -40.02
N ASN B 645 0.02 -32.20 -39.43
CA ASN B 645 -1.41 -32.34 -39.20
C ASN B 645 -1.89 -31.35 -38.14
N SER B 646 -3.16 -30.99 -38.22
CA SER B 646 -3.78 -30.02 -37.32
C SER B 646 -4.90 -30.69 -36.55
N TYR B 647 -4.98 -30.39 -35.25
CA TYR B 647 -6.00 -30.96 -34.38
C TYR B 647 -6.57 -29.85 -33.50
N GLU B 648 -7.57 -30.20 -32.70
CA GLU B 648 -8.08 -29.29 -31.70
C GLU B 648 -7.03 -29.01 -30.64
N CYS B 649 -7.03 -27.78 -30.12
CA CYS B 649 -6.02 -27.38 -29.16
C CYS B 649 -6.17 -28.16 -27.85
N ASP B 650 -5.05 -28.66 -27.34
CA ASP B 650 -5.02 -29.37 -26.06
C ASP B 650 -4.27 -28.58 -25.00
N ILE B 651 -3.03 -28.22 -25.27
CA ILE B 651 -2.26 -27.36 -24.38
C ILE B 651 -1.84 -26.12 -25.16
N PRO B 652 -2.43 -24.96 -24.89
CA PRO B 652 -2.09 -23.76 -25.67
C PRO B 652 -0.68 -23.28 -25.36
N ILE B 653 0.08 -23.00 -26.41
CA ILE B 653 1.43 -22.47 -26.29
C ILE B 653 1.47 -20.98 -26.61
N GLY B 654 0.87 -20.57 -27.72
CA GLY B 654 0.82 -19.18 -28.12
C GLY B 654 1.00 -19.01 -29.61
N ALA B 655 0.40 -17.95 -30.15
CA ALA B 655 0.50 -17.61 -31.57
C ALA B 655 -0.03 -18.73 -32.46
N GLY B 656 -1.11 -19.38 -32.02
CA GLY B 656 -1.74 -20.42 -32.81
C GLY B 656 -1.09 -21.78 -32.73
N ILE B 657 -0.18 -21.99 -31.79
CA ILE B 657 0.54 -23.26 -31.64
C ILE B 657 0.02 -23.97 -30.40
N CYS B 658 -0.28 -25.26 -30.52
CA CYS B 658 -0.72 -26.08 -29.42
C CYS B 658 0.12 -27.34 -29.36
N ALA B 659 0.14 -27.99 -28.20
CA ALA B 659 0.87 -29.22 -28.00
C ALA B 659 -0.01 -30.27 -27.35
N SER B 660 0.30 -31.53 -27.60
CA SER B 660 -0.47 -32.64 -27.05
C SER B 660 0.41 -33.86 -26.95
N TYR B 661 -0.07 -34.84 -26.19
CA TYR B 661 0.60 -36.11 -26.00
C TYR B 661 -0.20 -37.19 -26.74
N GLN B 662 0.43 -37.86 -27.69
CA GLN B 662 -0.26 -38.82 -28.52
C GLN B 662 0.71 -39.92 -28.96
N THR B 663 0.13 -41.04 -29.38
CA THR B 663 0.92 -42.20 -29.80
C THR B 663 1.54 -41.99 -31.18
N SER B 676 6.54 -45.12 -28.16
CA SER B 676 5.62 -44.75 -29.22
C SER B 676 5.06 -43.36 -28.99
N GLN B 677 4.49 -43.15 -27.80
CA GLN B 677 3.90 -41.86 -27.47
C GLN B 677 4.97 -40.81 -27.23
N SER B 678 4.69 -39.58 -27.62
CA SER B 678 5.62 -38.48 -27.46
C SER B 678 4.85 -37.16 -27.53
N ILE B 679 5.53 -36.08 -27.16
CA ILE B 679 4.95 -34.75 -27.22
C ILE B 679 5.11 -34.21 -28.63
N ILE B 680 4.02 -33.69 -29.20
CA ILE B 680 4.04 -33.12 -30.54
C ILE B 680 3.54 -31.69 -30.48
N ALA B 681 3.93 -30.90 -31.49
CA ALA B 681 3.52 -29.52 -31.63
C ALA B 681 2.93 -29.32 -33.01
N TYR B 682 1.83 -28.56 -33.07
CA TYR B 682 1.10 -28.39 -34.31
C TYR B 682 0.38 -27.04 -34.30
N THR B 683 -0.07 -26.63 -35.48
CA THR B 683 -0.93 -25.47 -35.61
C THR B 683 -2.38 -25.88 -35.38
N MET B 684 -3.07 -25.17 -34.50
CA MET B 684 -4.42 -25.55 -34.13
C MET B 684 -5.39 -25.44 -35.30
N SER B 685 -6.40 -26.29 -35.29
CA SER B 685 -7.45 -26.30 -36.31
C SER B 685 -8.71 -25.67 -35.73
N LEU B 686 -9.32 -24.76 -36.50
CA LEU B 686 -10.48 -24.03 -36.01
C LEU B 686 -11.78 -24.82 -36.10
N GLY B 687 -11.81 -25.94 -36.79
CA GLY B 687 -13.00 -26.75 -36.88
C GLY B 687 -13.09 -27.44 -38.22
N ALA B 688 -14.03 -28.38 -38.30
CA ALA B 688 -14.23 -29.14 -39.53
C ALA B 688 -14.76 -28.23 -40.63
N GLU B 689 -14.15 -28.33 -41.81
CA GLU B 689 -14.56 -27.51 -42.93
C GLU B 689 -15.92 -27.96 -43.46
N ASN B 690 -16.72 -27.01 -43.90
CA ASN B 690 -18.06 -27.31 -44.37
C ASN B 690 -18.45 -26.31 -45.46
N SER B 691 -19.38 -26.73 -46.31
CA SER B 691 -19.92 -25.86 -47.36
C SER B 691 -21.38 -26.24 -47.57
N VAL B 692 -22.23 -25.22 -47.66
CA VAL B 692 -23.68 -25.41 -47.78
C VAL B 692 -24.06 -25.26 -49.24
N ALA B 693 -24.88 -26.20 -49.72
CA ALA B 693 -25.26 -26.24 -51.14
C ALA B 693 -26.30 -25.16 -51.40
N TYR B 694 -25.80 -23.93 -51.56
CA TYR B 694 -26.67 -22.78 -51.77
C TYR B 694 -27.09 -22.67 -53.22
N SER B 695 -28.36 -22.33 -53.43
CA SER B 695 -28.88 -21.96 -54.73
C SER B 695 -30.10 -21.09 -54.51
N ASN B 696 -30.59 -20.48 -55.58
CA ASN B 696 -31.65 -19.49 -55.46
C ASN B 696 -33.05 -20.10 -55.41
N ASN B 697 -33.18 -21.43 -55.51
CA ASN B 697 -34.50 -22.04 -55.43
C ASN B 697 -34.48 -23.36 -54.66
N SER B 698 -33.59 -23.49 -53.68
CA SER B 698 -33.49 -24.72 -52.90
C SER B 698 -33.54 -24.42 -51.41
N ILE B 699 -34.29 -25.24 -50.68
CA ILE B 699 -34.41 -25.14 -49.23
C ILE B 699 -34.29 -26.53 -48.64
N ALA B 700 -33.84 -26.59 -47.38
CA ALA B 700 -33.73 -27.84 -46.63
C ALA B 700 -34.64 -27.77 -45.41
N ILE B 701 -35.44 -28.81 -45.22
CA ILE B 701 -36.42 -28.83 -44.13
C ILE B 701 -36.23 -30.11 -43.32
N PRO B 702 -36.08 -30.01 -42.00
CA PRO B 702 -35.90 -31.21 -41.18
C PRO B 702 -37.15 -32.09 -41.17
N THR B 703 -36.92 -33.40 -41.08
CA THR B 703 -38.00 -34.38 -41.05
C THR B 703 -38.10 -35.11 -39.73
N ASN B 704 -37.20 -34.84 -38.79
CA ASN B 704 -37.23 -35.46 -37.47
C ASN B 704 -36.66 -34.47 -36.46
N PHE B 705 -36.49 -34.91 -35.22
CA PHE B 705 -35.97 -34.04 -34.18
C PHE B 705 -35.40 -34.89 -33.06
N THR B 706 -34.59 -34.25 -32.21
CA THR B 706 -34.07 -34.87 -31.00
C THR B 706 -34.27 -33.92 -29.83
N ILE B 707 -34.44 -34.50 -28.64
CA ILE B 707 -34.52 -33.76 -27.40
C ILE B 707 -33.20 -33.90 -26.68
N SER B 708 -32.55 -32.77 -26.39
CA SER B 708 -31.24 -32.75 -25.76
C SER B 708 -31.31 -31.99 -24.44
N VAL B 709 -30.54 -32.46 -23.46
CA VAL B 709 -30.44 -31.83 -22.15
C VAL B 709 -28.98 -31.47 -21.92
N THR B 710 -28.73 -30.20 -21.62
CA THR B 710 -27.37 -29.72 -21.35
C THR B 710 -27.30 -29.15 -19.95
N THR B 711 -26.07 -28.97 -19.46
CA THR B 711 -25.80 -28.56 -18.10
C THR B 711 -25.05 -27.24 -18.08
N GLU B 712 -25.47 -26.33 -17.22
CA GLU B 712 -24.79 -25.06 -17.00
C GLU B 712 -24.52 -24.88 -15.52
N ILE B 713 -23.32 -24.45 -15.17
CA ILE B 713 -22.86 -24.34 -13.80
C ILE B 713 -22.43 -22.91 -13.53
N LEU B 714 -22.95 -22.33 -12.46
CA LEU B 714 -22.67 -20.94 -12.10
C LEU B 714 -22.39 -20.79 -10.61
N PRO B 715 -21.25 -20.23 -10.22
CA PRO B 715 -21.03 -19.91 -8.81
C PRO B 715 -21.94 -18.78 -8.34
N VAL B 716 -22.29 -18.81 -7.06
CA VAL B 716 -23.25 -17.88 -6.49
C VAL B 716 -22.64 -17.09 -5.33
N SER B 717 -21.97 -17.78 -4.40
CA SER B 717 -21.48 -17.12 -3.19
C SER B 717 -20.11 -17.66 -2.81
N MET B 718 -19.41 -16.88 -2.00
CA MET B 718 -18.11 -17.24 -1.44
C MET B 718 -18.27 -17.66 0.02
N THR B 719 -17.15 -17.89 0.70
CA THR B 719 -17.16 -18.21 2.12
C THR B 719 -17.06 -16.91 2.92
N LYS B 720 -17.92 -16.80 3.94
CA LYS B 720 -17.99 -15.58 4.76
C LYS B 720 -16.84 -15.63 5.76
N THR B 721 -15.81 -14.82 5.51
CA THR B 721 -14.59 -14.83 6.30
C THR B 721 -14.44 -13.50 7.01
N SER B 722 -14.14 -13.54 8.31
CA SER B 722 -13.87 -12.36 9.10
C SER B 722 -12.49 -12.47 9.73
N VAL B 723 -11.75 -11.36 9.72
CA VAL B 723 -10.40 -11.30 10.25
C VAL B 723 -10.31 -10.17 11.27
N ASP B 724 -9.79 -10.48 12.45
CA ASP B 724 -9.58 -9.48 13.49
C ASP B 724 -8.24 -8.80 13.25
N CYS B 725 -8.27 -7.47 13.12
CA CYS B 725 -7.06 -6.72 12.79
C CYS B 725 -6.04 -6.77 13.93
N THR B 726 -6.48 -6.46 15.15
CA THR B 726 -5.55 -6.37 16.27
C THR B 726 -4.97 -7.74 16.64
N MET B 727 -5.80 -8.79 16.62
CA MET B 727 -5.31 -10.12 16.93
C MET B 727 -4.30 -10.61 15.90
N TYR B 728 -4.55 -10.30 14.63
CA TYR B 728 -3.61 -10.70 13.58
C TYR B 728 -2.29 -9.93 13.72
N ILE B 729 -2.36 -8.61 13.89
CA ILE B 729 -1.16 -7.79 13.86
C ILE B 729 -0.43 -7.88 15.20
N CYS B 730 -1.16 -7.72 16.31
CA CYS B 730 -0.56 -7.52 17.63
C CYS B 730 -1.15 -8.49 18.64
N GLY B 731 -1.16 -9.78 18.30
CA GLY B 731 -1.83 -10.79 19.10
C GLY B 731 -1.42 -10.86 20.56
N ASP B 732 -2.36 -10.55 21.46
CA ASP B 732 -2.17 -10.66 22.92
C ASP B 732 -0.96 -9.88 23.41
N SER B 733 -0.69 -8.72 22.80
CA SER B 733 0.40 -7.86 23.20
C SER B 733 -0.13 -6.46 23.44
N THR B 734 0.23 -5.86 24.57
CA THR B 734 -0.25 -4.53 24.91
C THR B 734 0.60 -3.42 24.30
N GLU B 735 1.92 -3.60 24.30
CA GLU B 735 2.81 -2.61 23.68
C GLU B 735 2.55 -2.50 22.19
N CYS B 736 2.34 -3.64 21.53
CA CYS B 736 2.07 -3.62 20.09
C CYS B 736 0.76 -2.90 19.79
N SER B 737 -0.28 -3.14 20.60
CA SER B 737 -1.56 -2.45 20.37
C SER B 737 -1.44 -0.96 20.62
N ASN B 738 -0.68 -0.58 21.66
CA ASN B 738 -0.45 0.85 21.92
C ASN B 738 0.27 1.51 20.75
N LEU B 739 1.27 0.83 20.18
CA LEU B 739 1.96 1.37 19.01
C LEU B 739 1.03 1.41 17.80
N LEU B 740 0.15 0.41 17.66
CA LEU B 740 -0.72 0.33 16.49
C LEU B 740 -1.80 1.39 16.52
N LEU B 741 -2.21 1.83 17.71
CA LEU B 741 -3.25 2.86 17.80
C LEU B 741 -2.82 4.19 17.22
N GLN B 742 -1.53 4.38 16.95
CA GLN B 742 -1.02 5.60 16.35
C GLN B 742 -1.31 5.71 14.86
N TYR B 743 -1.85 4.66 14.24
CA TYR B 743 -2.09 4.65 12.80
C TYR B 743 -3.51 5.06 12.43
N GLY B 744 -4.32 5.47 13.37
CA GLY B 744 -5.66 5.97 13.07
C GLY B 744 -6.70 4.85 13.09
N SER B 745 -7.42 4.69 11.97
CA SER B 745 -8.56 3.79 11.90
C SER B 745 -8.45 2.88 10.68
N PHE B 746 -7.28 2.26 10.49
CA PHE B 746 -7.14 1.27 9.43
C PHE B 746 -7.93 0.00 9.73
N CYS B 747 -7.88 -0.45 10.99
CA CYS B 747 -8.52 -1.72 11.36
C CYS B 747 -10.03 -1.63 11.20
N THR B 748 -10.63 -0.51 11.58
CA THR B 748 -12.07 -0.34 11.39
C THR B 748 -12.45 -0.39 9.93
N GLN B 749 -11.63 0.21 9.06
CA GLN B 749 -11.90 0.16 7.62
C GLN B 749 -11.85 -1.28 7.10
N LEU B 750 -10.83 -2.03 7.51
CA LEU B 750 -10.72 -3.43 7.06
C LEU B 750 -11.91 -4.25 7.54
N ASN B 751 -12.29 -4.09 8.80
CA ASN B 751 -13.43 -4.83 9.34
C ASN B 751 -14.72 -4.46 8.62
N ARG B 752 -14.90 -3.17 8.32
CA ARG B 752 -16.10 -2.74 7.61
C ARG B 752 -16.17 -3.34 6.22
N ALA B 753 -15.04 -3.38 5.51
CA ALA B 753 -15.03 -3.98 4.17
C ALA B 753 -15.37 -5.47 4.23
N LEU B 754 -14.77 -6.20 5.17
CA LEU B 754 -15.05 -7.62 5.28
C LEU B 754 -16.51 -7.88 5.64
N THR B 755 -17.08 -7.06 6.54
CA THR B 755 -18.49 -7.22 6.89
C THR B 755 -19.39 -6.95 5.70
N GLY B 756 -19.05 -5.94 4.88
CA GLY B 756 -19.82 -5.70 3.67
C GLY B 756 -19.81 -6.88 2.72
N ILE B 757 -18.64 -7.50 2.54
CA ILE B 757 -18.57 -8.69 1.68
C ILE B 757 -19.44 -9.81 2.25
N ALA B 758 -19.37 -10.02 3.57
CA ALA B 758 -20.12 -11.10 4.19
C ALA B 758 -21.63 -10.90 4.04
N VAL B 759 -22.10 -9.66 4.15
CA VAL B 759 -23.52 -9.38 3.95
C VAL B 759 -23.91 -9.58 2.49
N GLU B 760 -23.03 -9.15 1.57
CA GLU B 760 -23.33 -9.30 0.15
C GLU B 760 -23.49 -10.76 -0.26
N GLN B 761 -22.75 -11.67 0.38
CA GLN B 761 -22.87 -13.09 0.03
C GLN B 761 -24.28 -13.61 0.31
N ASP B 762 -24.82 -13.31 1.49
CA ASP B 762 -26.17 -13.72 1.82
C ASP B 762 -27.18 -13.07 0.90
N LYS B 763 -26.94 -11.79 0.55
CA LYS B 763 -27.84 -11.13 -0.40
C LYS B 763 -27.83 -11.84 -1.75
N ASN B 764 -26.66 -12.25 -2.23
CA ASN B 764 -26.57 -12.99 -3.49
C ASN B 764 -27.38 -14.27 -3.44
N THR B 765 -27.18 -15.07 -2.40
CA THR B 765 -27.88 -16.35 -2.31
C THR B 765 -29.40 -16.13 -2.26
N GLN B 766 -29.85 -15.18 -1.43
CA GLN B 766 -31.28 -14.93 -1.31
C GLN B 766 -31.87 -14.44 -2.62
N GLU B 767 -31.13 -13.59 -3.34
CA GLU B 767 -31.63 -13.08 -4.62
C GLU B 767 -31.76 -14.20 -5.65
N VAL B 768 -30.80 -15.13 -5.68
CA VAL B 768 -30.84 -16.19 -6.68
C VAL B 768 -31.96 -17.19 -6.37
N PHE B 769 -32.06 -17.63 -5.11
CA PHE B 769 -32.89 -18.79 -4.83
C PHE B 769 -34.30 -18.48 -4.34
N ALA B 770 -34.51 -17.36 -3.63
CA ALA B 770 -35.82 -17.08 -3.04
C ALA B 770 -36.70 -16.28 -4.01
N GLN B 771 -37.01 -16.93 -5.14
CA GLN B 771 -37.85 -16.32 -6.17
C GLN B 771 -39.29 -16.80 -6.13
N VAL B 772 -39.65 -17.65 -5.17
CA VAL B 772 -41.00 -18.19 -5.05
C VAL B 772 -41.52 -17.90 -3.65
N LYS B 773 -42.76 -17.45 -3.58
CA LYS B 773 -43.37 -17.03 -2.32
C LYS B 773 -44.04 -18.18 -1.57
N GLN B 774 -44.35 -19.28 -2.24
CA GLN B 774 -45.02 -20.41 -1.62
C GLN B 774 -44.24 -21.68 -1.92
N ILE B 775 -44.45 -22.69 -1.08
CA ILE B 775 -43.76 -23.97 -1.22
C ILE B 775 -44.74 -24.96 -1.86
N TYR B 776 -44.40 -25.41 -3.07
CA TYR B 776 -45.24 -26.34 -3.81
C TYR B 776 -44.71 -27.76 -3.68
N LYS B 777 -45.62 -28.73 -3.75
CA LYS B 777 -45.27 -30.14 -3.66
C LYS B 777 -45.94 -30.91 -4.80
N THR B 778 -45.21 -31.88 -5.34
CA THR B 778 -45.77 -32.76 -6.35
C THR B 778 -46.77 -33.72 -5.74
N PRO B 779 -47.76 -34.17 -6.51
CA PRO B 779 -48.73 -35.14 -5.99
C PRO B 779 -48.06 -36.49 -5.77
N PRO B 780 -48.64 -37.34 -4.91
CA PRO B 780 -48.05 -38.67 -4.70
C PRO B 780 -47.98 -39.51 -5.96
N ILE B 781 -48.94 -39.36 -6.87
CA ILE B 781 -48.90 -40.07 -8.15
C ILE B 781 -47.87 -39.40 -9.06
N LYS B 782 -47.13 -40.21 -9.80
CA LYS B 782 -46.11 -39.73 -10.70
C LYS B 782 -46.44 -40.08 -12.15
N ASP B 783 -47.69 -39.87 -12.54
CA ASP B 783 -48.10 -40.08 -13.93
C ASP B 783 -48.12 -38.73 -14.64
N PHE B 784 -47.16 -38.54 -15.54
CA PHE B 784 -47.00 -37.30 -16.29
C PHE B 784 -46.99 -37.57 -17.79
N GLY B 785 -47.80 -38.54 -18.21
CA GLY B 785 -47.89 -38.87 -19.62
C GLY B 785 -46.70 -39.63 -20.17
N GLY B 786 -45.93 -40.29 -19.32
CA GLY B 786 -44.75 -41.01 -19.76
C GLY B 786 -43.43 -40.34 -19.41
N PHE B 787 -43.47 -39.14 -18.85
CA PHE B 787 -42.25 -38.43 -18.46
C PHE B 787 -41.85 -38.82 -17.05
N ASN B 788 -40.55 -39.07 -16.85
CA ASN B 788 -40.01 -39.61 -15.62
C ASN B 788 -39.05 -38.60 -15.03
N PHE B 789 -39.46 -37.94 -13.94
CA PHE B 789 -38.66 -36.93 -13.28
C PHE B 789 -37.97 -37.44 -12.03
N SER B 790 -37.76 -38.76 -11.93
CA SER B 790 -37.26 -39.34 -10.70
C SER B 790 -35.84 -38.88 -10.38
N GLN B 791 -35.02 -38.60 -11.38
CA GLN B 791 -33.64 -38.22 -11.15
C GLN B 791 -33.47 -36.79 -10.67
N ILE B 792 -34.51 -35.97 -10.71
CA ILE B 792 -34.42 -34.59 -10.26
C ILE B 792 -35.34 -34.28 -9.09
N LEU B 793 -36.34 -35.11 -8.81
CA LEU B 793 -37.22 -34.90 -7.68
C LEU B 793 -36.55 -35.34 -6.38
N PRO B 794 -36.97 -34.77 -5.24
CA PRO B 794 -36.35 -35.16 -3.97
C PRO B 794 -36.55 -36.65 -3.67
N ASP B 795 -35.54 -37.24 -3.04
CA ASP B 795 -35.59 -38.66 -2.69
C ASP B 795 -36.15 -38.80 -1.29
N PRO B 796 -37.32 -39.41 -1.11
CA PRO B 796 -37.89 -39.51 0.25
C PRO B 796 -37.14 -40.48 1.15
N SER B 797 -36.69 -41.61 0.61
CA SER B 797 -36.00 -42.64 1.39
C SER B 797 -34.51 -42.32 1.50
N LYS B 798 -34.22 -41.16 2.07
CA LYS B 798 -32.85 -40.69 2.21
C LYS B 798 -32.78 -39.52 3.19
N PRO B 799 -31.83 -39.51 4.12
CA PRO B 799 -31.63 -38.32 4.95
C PRO B 799 -31.13 -37.16 4.13
N SER B 800 -31.47 -35.95 4.57
CA SER B 800 -31.16 -34.72 3.83
C SER B 800 -31.73 -34.79 2.41
N LYS B 801 -33.06 -34.80 2.36
CA LYS B 801 -33.81 -35.08 1.14
C LYS B 801 -33.29 -34.31 -0.05
N ARG B 802 -32.73 -35.02 -1.03
CA ARG B 802 -32.14 -34.42 -2.21
C ARG B 802 -32.32 -35.37 -3.39
N SER B 803 -32.28 -34.81 -4.58
CA SER B 803 -32.29 -35.62 -5.78
C SER B 803 -30.96 -36.36 -5.91
N PRO B 804 -30.95 -37.49 -6.62
CA PRO B 804 -29.68 -38.19 -6.84
C PRO B 804 -28.64 -37.32 -7.54
N ILE B 805 -29.06 -36.48 -8.47
CA ILE B 805 -28.12 -35.59 -9.15
C ILE B 805 -27.50 -34.61 -8.16
N GLU B 806 -28.31 -34.08 -7.24
CA GLU B 806 -27.78 -33.18 -6.22
C GLU B 806 -26.80 -33.91 -5.29
N ASP B 807 -27.08 -35.17 -4.98
CA ASP B 807 -26.14 -35.96 -4.19
C ASP B 807 -24.81 -36.12 -4.92
N LEU B 808 -24.86 -36.40 -6.22
CA LEU B 808 -23.63 -36.49 -6.99
C LEU B 808 -22.87 -35.17 -7.01
N LEU B 809 -23.60 -34.06 -7.16
CA LEU B 809 -22.96 -32.75 -7.18
C LEU B 809 -22.30 -32.45 -5.83
N PHE B 810 -22.93 -32.86 -4.73
CA PHE B 810 -22.35 -32.60 -3.43
C PHE B 810 -21.18 -33.53 -3.12
N ASN B 811 -21.17 -34.73 -3.68
CA ASN B 811 -20.05 -35.64 -3.49
C ASN B 811 -18.90 -35.37 -4.44
N LYS B 812 -19.12 -34.62 -5.52
CA LYS B 812 -18.07 -34.32 -6.49
C LYS B 812 -17.32 -33.02 -6.21
N VAL B 813 -17.66 -32.31 -5.14
CA VAL B 813 -17.02 -31.04 -4.81
C VAL B 813 -16.37 -31.17 -3.45
N THR B 814 -15.09 -30.82 -3.38
CA THR B 814 -14.34 -30.89 -2.14
C THR B 814 -14.43 -29.58 -1.35
N LYS B 841 -6.36 -19.75 10.97
CA LYS B 841 -7.46 -20.47 11.58
C LYS B 841 -7.56 -20.14 13.07
N PHE B 842 -6.45 -19.64 13.63
CA PHE B 842 -6.39 -19.32 15.05
C PHE B 842 -5.70 -17.99 15.34
N ASN B 843 -5.43 -17.18 14.32
CA ASN B 843 -4.75 -15.90 14.48
C ASN B 843 -5.70 -14.73 14.22
N GLY B 844 -6.94 -14.85 14.68
CA GLY B 844 -7.94 -13.84 14.42
C GLY B 844 -8.80 -14.08 13.20
N LEU B 845 -8.72 -15.25 12.60
CA LEU B 845 -9.49 -15.59 11.40
C LEU B 845 -10.66 -16.48 11.78
N THR B 846 -11.87 -16.06 11.41
CA THR B 846 -13.08 -16.82 11.66
C THR B 846 -13.90 -16.95 10.38
N VAL B 847 -14.67 -18.03 10.30
CA VAL B 847 -15.58 -18.28 9.20
C VAL B 847 -17.00 -18.23 9.75
N LEU B 848 -17.87 -17.48 9.06
CA LEU B 848 -19.25 -17.33 9.52
C LEU B 848 -20.17 -18.26 8.73
N PRO B 849 -21.16 -18.87 9.39
CA PRO B 849 -22.06 -19.76 8.67
C PRO B 849 -23.02 -18.98 7.80
N PRO B 850 -23.40 -19.52 6.64
CA PRO B 850 -24.39 -18.85 5.80
C PRO B 850 -25.77 -18.83 6.46
N LEU B 851 -26.55 -17.80 6.12
CA LEU B 851 -27.88 -17.66 6.70
C LEU B 851 -28.79 -18.80 6.29
N LEU B 852 -28.72 -19.22 5.03
CA LEU B 852 -29.55 -20.30 4.51
C LEU B 852 -28.74 -21.59 4.53
N THR B 853 -29.22 -22.58 5.26
CA THR B 853 -28.59 -23.89 5.25
C THR B 853 -28.89 -24.61 3.95
N ASP B 854 -28.16 -25.70 3.71
CA ASP B 854 -28.34 -26.46 2.47
C ASP B 854 -29.74 -27.06 2.37
N GLU B 855 -30.34 -27.41 3.52
CA GLU B 855 -31.70 -27.94 3.49
C GLU B 855 -32.69 -26.92 2.96
N MET B 856 -32.55 -25.66 3.35
CA MET B 856 -33.45 -24.62 2.84
C MET B 856 -33.26 -24.39 1.35
N ILE B 857 -32.02 -24.43 0.87
CA ILE B 857 -31.78 -24.29 -0.57
C ILE B 857 -32.42 -25.45 -1.33
N ALA B 858 -32.28 -26.67 -0.80
CA ALA B 858 -32.91 -27.81 -1.43
C ALA B 858 -34.43 -27.69 -1.43
N GLN B 859 -35.01 -27.17 -0.34
CA GLN B 859 -36.45 -26.95 -0.31
C GLN B 859 -36.89 -25.92 -1.33
N TYR B 860 -36.12 -24.85 -1.51
CA TYR B 860 -36.44 -23.84 -2.52
C TYR B 860 -36.43 -24.45 -3.91
N THR B 861 -35.38 -25.23 -4.22
CA THR B 861 -35.30 -25.86 -5.54
C THR B 861 -36.41 -26.86 -5.75
N SER B 862 -36.78 -27.61 -4.71
CA SER B 862 -37.88 -28.55 -4.83
C SER B 862 -39.21 -27.83 -5.08
N ALA B 863 -39.43 -26.70 -4.43
CA ALA B 863 -40.64 -25.91 -4.68
C ALA B 863 -40.67 -25.40 -6.12
N LEU B 864 -39.53 -24.92 -6.62
CA LEU B 864 -39.46 -24.48 -8.00
C LEU B 864 -39.75 -25.62 -8.97
N LEU B 865 -39.19 -26.80 -8.70
CA LEU B 865 -39.43 -27.96 -9.55
C LEU B 865 -40.90 -28.34 -9.55
N ALA B 866 -41.51 -28.42 -8.37
CA ALA B 866 -42.92 -28.81 -8.29
C ALA B 866 -43.81 -27.80 -9.00
N GLY B 867 -43.54 -26.50 -8.82
CA GLY B 867 -44.32 -25.50 -9.52
C GLY B 867 -44.20 -25.61 -11.02
N THR B 868 -42.98 -25.79 -11.52
CA THR B 868 -42.80 -25.93 -12.96
C THR B 868 -43.50 -27.16 -13.50
N ILE B 869 -43.40 -28.28 -12.78
CA ILE B 869 -44.00 -29.53 -13.27
C ILE B 869 -45.53 -29.43 -13.27
N THR B 870 -46.12 -28.84 -12.22
CA THR B 870 -47.56 -28.93 -12.06
C THR B 870 -48.33 -27.74 -12.64
N SER B 871 -47.69 -26.60 -12.87
CA SER B 871 -48.41 -25.42 -13.32
C SER B 871 -47.78 -24.70 -14.49
N GLY B 872 -46.66 -25.18 -15.03
CA GLY B 872 -46.05 -24.48 -16.16
C GLY B 872 -45.40 -23.18 -15.73
N TRP B 873 -45.60 -22.14 -16.53
CA TRP B 873 -45.04 -20.83 -16.25
C TRP B 873 -46.02 -19.92 -15.52
N THR B 874 -47.21 -20.41 -15.18
CA THR B 874 -48.24 -19.55 -14.60
C THR B 874 -47.89 -19.12 -13.18
N PHE B 875 -47.22 -20.00 -12.42
CA PHE B 875 -46.94 -19.68 -11.02
C PHE B 875 -45.93 -18.56 -10.87
N GLY B 876 -45.18 -18.22 -11.92
CA GLY B 876 -44.23 -17.13 -11.84
C GLY B 876 -44.83 -15.76 -12.03
N ALA B 877 -46.04 -15.67 -12.61
CA ALA B 877 -46.70 -14.40 -12.86
C ALA B 877 -47.83 -14.08 -11.91
N GLY B 878 -48.46 -15.09 -11.30
CA GLY B 878 -49.57 -14.86 -10.40
C GLY B 878 -50.00 -16.12 -9.68
N PRO B 879 -51.30 -16.34 -9.58
CA PRO B 879 -51.82 -17.56 -8.97
C PRO B 879 -51.47 -18.76 -9.84
N ALA B 880 -50.99 -19.83 -9.19
CA ALA B 880 -50.62 -21.03 -9.92
C ALA B 880 -51.85 -21.77 -10.42
N LEU B 881 -51.84 -22.13 -11.69
CA LEU B 881 -52.95 -22.83 -12.34
C LEU B 881 -52.44 -24.17 -12.88
N GLN B 882 -53.12 -25.24 -12.51
CA GLN B 882 -52.69 -26.56 -12.93
C GLN B 882 -53.00 -26.80 -14.41
N ILE B 883 -52.18 -27.62 -15.04
CA ILE B 883 -52.36 -27.99 -16.44
C ILE B 883 -51.63 -29.32 -16.65
N PRO B 884 -52.18 -30.25 -17.44
CA PRO B 884 -51.46 -31.51 -17.69
C PRO B 884 -50.13 -31.26 -18.40
N PHE B 885 -49.13 -32.04 -18.01
CA PHE B 885 -47.80 -31.92 -18.62
C PHE B 885 -47.81 -32.22 -20.12
N PRO B 886 -48.46 -33.28 -20.62
CA PRO B 886 -48.54 -33.46 -22.08
C PRO B 886 -49.33 -32.37 -22.77
N MET B 887 -49.99 -31.48 -22.03
CA MET B 887 -50.61 -30.29 -22.59
C MET B 887 -49.80 -29.04 -22.37
N GLN B 888 -48.94 -29.02 -21.35
CA GLN B 888 -47.98 -27.92 -21.18
C GLN B 888 -46.91 -27.98 -22.25
N MET B 889 -46.51 -29.19 -22.65
CA MET B 889 -45.45 -29.32 -23.67
C MET B 889 -45.84 -28.75 -25.03
N ALA B 890 -47.04 -28.99 -25.58
CA ALA B 890 -47.39 -28.35 -26.86
C ALA B 890 -47.43 -26.84 -26.79
N TYR B 891 -47.63 -26.26 -25.61
CA TYR B 891 -47.45 -24.81 -25.46
C TYR B 891 -46.03 -24.41 -25.81
N ARG B 892 -45.04 -25.16 -25.31
CA ARG B 892 -43.65 -24.89 -25.64
C ARG B 892 -43.37 -25.15 -27.13
N PHE B 893 -43.98 -26.20 -27.68
CA PHE B 893 -43.80 -26.47 -29.11
C PHE B 893 -44.35 -25.35 -29.96
N ASN B 894 -45.51 -24.79 -29.58
CA ASN B 894 -46.02 -23.60 -30.26
C ASN B 894 -45.08 -22.41 -30.05
N GLY B 895 -44.47 -22.33 -28.87
CA GLY B 895 -43.53 -21.25 -28.60
C GLY B 895 -42.31 -21.28 -29.50
N ILE B 896 -41.85 -22.48 -29.87
CA ILE B 896 -40.73 -22.58 -30.81
C ILE B 896 -41.19 -22.67 -32.26
N GLY B 897 -42.49 -22.58 -32.53
CA GLY B 897 -42.98 -22.54 -33.90
C GLY B 897 -43.35 -23.89 -34.49
N VAL B 898 -43.78 -24.84 -33.68
CA VAL B 898 -44.21 -26.16 -34.15
C VAL B 898 -45.63 -26.40 -33.65
N THR B 899 -46.46 -27.02 -34.48
CA THR B 899 -47.85 -27.22 -34.12
C THR B 899 -48.00 -28.30 -33.04
N GLN B 900 -49.18 -28.34 -32.43
CA GLN B 900 -49.40 -29.23 -31.29
C GLN B 900 -49.50 -30.68 -31.70
N ASN B 901 -50.09 -30.95 -32.87
CA ASN B 901 -50.24 -32.33 -33.32
C ASN B 901 -48.90 -33.01 -33.51
N VAL B 902 -47.83 -32.24 -33.76
CA VAL B 902 -46.50 -32.82 -33.86
C VAL B 902 -46.11 -33.48 -32.55
N LEU B 903 -46.40 -32.83 -31.43
CA LEU B 903 -46.12 -33.46 -30.14
C LEU B 903 -47.14 -34.56 -29.82
N TYR B 904 -48.42 -34.31 -30.09
CA TYR B 904 -49.46 -35.27 -29.73
C TYR B 904 -49.36 -36.58 -30.50
N GLU B 905 -48.77 -36.57 -31.68
CA GLU B 905 -48.59 -37.78 -32.47
C GLU B 905 -47.24 -38.45 -32.23
N ASN B 906 -46.38 -37.85 -31.41
CA ASN B 906 -45.06 -38.40 -31.12
C ASN B 906 -44.77 -38.37 -29.63
N GLN B 907 -45.80 -38.57 -28.80
CA GLN B 907 -45.66 -38.38 -27.37
C GLN B 907 -44.69 -39.40 -26.77
N LYS B 908 -44.81 -40.68 -27.18
CA LYS B 908 -43.97 -41.72 -26.59
C LYS B 908 -42.51 -41.54 -26.97
N LEU B 909 -42.24 -41.21 -28.23
CA LEU B 909 -40.88 -41.00 -28.67
C LEU B 909 -40.24 -39.82 -27.93
N ILE B 910 -41.00 -38.73 -27.76
CA ILE B 910 -40.47 -37.56 -27.05
C ILE B 910 -40.19 -37.90 -25.59
N ALA B 911 -41.10 -38.64 -24.94
CA ALA B 911 -40.89 -39.03 -23.56
C ALA B 911 -39.66 -39.92 -23.42
N ASN B 912 -39.49 -40.88 -24.32
CA ASN B 912 -38.33 -41.75 -24.27
C ASN B 912 -37.04 -40.97 -24.47
N GLN B 913 -37.04 -40.03 -25.42
CA GLN B 913 -35.85 -39.22 -25.65
C GLN B 913 -35.51 -38.38 -24.43
N PHE B 914 -36.52 -37.81 -23.77
CA PHE B 914 -36.28 -37.02 -22.57
C PHE B 914 -35.70 -37.88 -21.45
N ASN B 915 -36.27 -39.07 -21.23
CA ASN B 915 -35.76 -39.95 -20.19
C ASN B 915 -34.33 -40.39 -20.48
N SER B 916 -34.04 -40.73 -21.74
CA SER B 916 -32.69 -41.11 -22.11
C SER B 916 -31.70 -39.97 -21.91
N ALA B 917 -32.11 -38.74 -22.25
CA ALA B 917 -31.23 -37.59 -22.07
C ALA B 917 -30.95 -37.34 -20.59
N ILE B 918 -31.97 -37.47 -19.74
CA ILE B 918 -31.75 -37.31 -18.30
C ILE B 918 -30.78 -38.36 -17.79
N GLY B 919 -30.97 -39.62 -18.21
CA GLY B 919 -30.05 -40.68 -17.80
C GLY B 919 -28.63 -40.43 -18.27
N LYS B 920 -28.47 -39.92 -19.50
CA LYS B 920 -27.13 -39.64 -20.01
C LYS B 920 -26.48 -38.50 -19.25
N ILE B 921 -27.25 -37.48 -18.85
CA ILE B 921 -26.71 -36.42 -18.01
C ILE B 921 -26.22 -37.01 -16.69
N GLN B 922 -27.04 -37.88 -16.10
CA GLN B 922 -26.68 -38.52 -14.83
C GLN B 922 -25.37 -39.30 -14.96
N ASP B 923 -25.23 -40.06 -16.04
CA ASP B 923 -24.00 -40.83 -16.25
C ASP B 923 -22.80 -39.92 -16.50
N SER B 924 -22.98 -38.87 -17.31
CA SER B 924 -21.87 -38.01 -17.69
C SER B 924 -21.32 -37.24 -16.50
N LEU B 925 -22.19 -36.80 -15.59
CA LEU B 925 -21.69 -36.05 -14.44
C LEU B 925 -20.79 -36.92 -13.57
N SER B 926 -21.10 -38.20 -13.44
CA SER B 926 -20.35 -39.10 -12.57
C SER B 926 -19.17 -39.79 -13.27
N SER B 927 -18.68 -39.22 -14.36
CA SER B 927 -17.56 -39.84 -15.06
C SER B 927 -16.39 -38.90 -15.26
N THR B 928 -16.65 -37.61 -15.51
CA THR B 928 -15.59 -36.65 -15.74
C THR B 928 -15.36 -35.84 -14.48
N PRO B 929 -14.20 -35.96 -13.82
CA PRO B 929 -13.97 -35.22 -12.57
C PRO B 929 -13.86 -33.72 -12.74
N SER B 930 -13.67 -33.22 -13.96
CA SER B 930 -13.50 -31.79 -14.20
C SER B 930 -14.83 -31.08 -14.49
N ALA B 931 -15.95 -31.66 -14.07
CA ALA B 931 -17.25 -31.05 -14.35
C ALA B 931 -17.46 -29.78 -13.53
N LEU B 932 -17.20 -29.85 -12.23
CA LEU B 932 -17.46 -28.71 -11.33
C LEU B 932 -16.22 -27.84 -11.17
N GLY B 933 -15.61 -27.49 -12.30
CA GLY B 933 -14.40 -26.68 -12.26
C GLY B 933 -14.65 -25.27 -11.79
N LYS B 934 -15.78 -24.68 -12.20
CA LYS B 934 -16.07 -23.30 -11.83
C LYS B 934 -16.31 -23.12 -10.34
N LEU B 935 -16.70 -24.18 -9.64
CA LEU B 935 -16.86 -24.12 -8.19
C LEU B 935 -15.58 -24.51 -7.46
N GLN B 936 -14.88 -25.54 -7.97
CA GLN B 936 -13.61 -25.92 -7.37
C GLN B 936 -12.61 -24.77 -7.44
N ASP B 937 -12.65 -23.98 -8.52
CA ASP B 937 -11.74 -22.85 -8.64
C ASP B 937 -11.99 -21.82 -7.55
N VAL B 938 -13.27 -21.51 -7.29
CA VAL B 938 -13.59 -20.54 -6.24
C VAL B 938 -13.11 -21.04 -4.89
N VAL B 939 -13.38 -22.30 -4.58
CA VAL B 939 -12.96 -22.86 -3.30
C VAL B 939 -11.44 -22.80 -3.16
N ASN B 940 -10.73 -23.19 -4.22
CA ASN B 940 -9.27 -23.20 -4.18
C ASN B 940 -8.70 -21.80 -4.03
N GLN B 941 -9.28 -20.82 -4.73
CA GLN B 941 -8.79 -19.45 -4.62
C GLN B 941 -8.97 -18.92 -3.20
N ASN B 942 -10.13 -19.16 -2.59
CA ASN B 942 -10.33 -18.70 -1.22
C ASN B 942 -9.34 -19.36 -0.27
N ALA B 943 -9.17 -20.68 -0.38
CA ALA B 943 -8.27 -21.39 0.52
C ALA B 943 -6.84 -20.91 0.35
N GLN B 944 -6.40 -20.70 -0.90
CA GLN B 944 -5.03 -20.28 -1.15
C GLN B 944 -4.79 -18.86 -0.64
N ALA B 945 -5.78 -17.98 -0.78
CA ALA B 945 -5.66 -16.63 -0.22
C ALA B 945 -5.48 -16.68 1.29
N LEU B 946 -6.31 -17.48 1.97
CA LEU B 946 -6.17 -17.58 3.43
C LEU B 946 -4.82 -18.17 3.82
N ASN B 947 -4.35 -19.17 3.07
CA ASN B 947 -3.06 -19.78 3.37
C ASN B 947 -1.92 -18.78 3.23
N THR B 948 -1.94 -17.97 2.17
CA THR B 948 -0.91 -16.95 1.99
C THR B 948 -0.95 -15.92 3.10
N LEU B 949 -2.15 -15.49 3.50
CA LEU B 949 -2.27 -14.54 4.60
C LEU B 949 -1.66 -15.11 5.88
N VAL B 950 -1.95 -16.38 6.18
CA VAL B 950 -1.39 -16.99 7.37
C VAL B 950 0.13 -17.10 7.27
N LYS B 951 0.64 -17.52 6.11
CA LYS B 951 2.08 -17.71 5.96
C LYS B 951 2.84 -16.40 6.07
N GLN B 952 2.20 -15.27 5.77
CA GLN B 952 2.89 -13.99 5.88
C GLN B 952 3.27 -13.62 7.31
N LEU B 953 2.74 -14.32 8.31
CA LEU B 953 3.04 -14.00 9.71
C LEU B 953 4.43 -14.44 10.14
N SER B 954 5.15 -15.21 9.33
CA SER B 954 6.47 -15.73 9.69
C SER B 954 7.61 -14.97 9.02
N SER B 955 7.36 -13.75 8.54
CA SER B 955 8.37 -12.94 7.89
C SER B 955 8.93 -11.91 8.87
N ASN B 956 10.23 -11.63 8.74
CA ASN B 956 10.87 -10.66 9.62
C ASN B 956 10.51 -9.23 9.27
N PHE B 957 10.43 -8.94 7.97
CA PHE B 957 10.23 -7.57 7.46
C PHE B 957 11.35 -6.64 7.88
N GLY B 958 12.53 -7.18 8.15
CA GLY B 958 13.68 -6.41 8.56
C GLY B 958 13.99 -6.48 10.05
N ALA B 959 13.05 -6.94 10.86
CA ALA B 959 13.28 -7.04 12.30
C ALA B 959 14.19 -8.23 12.61
N ILE B 960 14.58 -8.33 13.88
CA ILE B 960 15.46 -9.42 14.30
C ILE B 960 14.74 -10.76 14.26
N SER B 961 13.47 -10.78 14.67
CA SER B 961 12.70 -12.01 14.73
C SER B 961 11.27 -11.73 14.28
N SER B 962 10.59 -12.80 13.88
CA SER B 962 9.20 -12.70 13.46
C SER B 962 8.21 -12.98 14.58
N VAL B 963 8.69 -13.32 15.77
CA VAL B 963 7.83 -13.62 16.91
C VAL B 963 7.86 -12.42 17.86
N LEU B 964 6.68 -11.89 18.16
CA LEU B 964 6.60 -10.70 18.99
C LEU B 964 7.06 -10.98 20.42
N ASN B 965 6.74 -12.16 20.94
CA ASN B 965 7.16 -12.51 22.30
C ASN B 965 8.67 -12.55 22.43
N ASP B 966 9.36 -13.09 21.42
CA ASP B 966 10.82 -13.14 21.47
C ASP B 966 11.41 -11.74 21.50
N ILE B 967 10.87 -10.82 20.71
CA ILE B 967 11.35 -9.44 20.73
C ILE B 967 11.08 -8.79 22.08
N LEU B 968 9.88 -9.02 22.62
CA LEU B 968 9.51 -8.39 23.89
C LEU B 968 10.29 -8.98 25.07
N SER B 969 10.75 -10.22 24.95
CA SER B 969 11.43 -10.90 26.05
C SER B 969 12.93 -10.70 26.04
N ARG B 970 13.48 -9.96 25.08
CA ARG B 970 14.91 -9.75 24.99
C ARG B 970 15.34 -8.30 24.97
N LEU B 971 14.50 -7.39 24.48
CA LEU B 971 14.88 -6.00 24.30
C LEU B 971 14.12 -5.09 25.26
N ASP B 972 14.71 -3.92 25.48
CA ASP B 972 14.07 -2.84 26.22
C ASP B 972 13.09 -2.09 25.31
N PRO B 973 12.16 -1.35 25.89
CA PRO B 973 11.14 -0.65 25.08
C PRO B 973 11.75 0.24 24.00
N PRO B 974 12.84 0.97 24.26
CA PRO B 974 13.40 1.84 23.20
C PRO B 974 13.75 1.10 21.90
N GLU B 975 14.19 -0.15 21.97
CA GLU B 975 14.48 -0.92 20.77
C GLU B 975 13.37 -1.90 20.41
N ALA B 976 12.60 -2.35 21.40
CA ALA B 976 11.43 -3.17 21.12
C ALA B 976 10.46 -2.40 20.24
N GLU B 977 10.28 -1.10 20.50
CA GLU B 977 9.44 -0.29 19.63
C GLU B 977 10.01 -0.27 18.21
N VAL B 978 11.32 -0.13 18.08
CA VAL B 978 11.92 -0.05 16.75
C VAL B 978 11.64 -1.31 15.95
N GLN B 979 11.74 -2.47 16.58
CA GLN B 979 11.46 -3.72 15.86
C GLN B 979 9.97 -3.89 15.59
N ILE B 980 9.13 -3.54 16.56
CA ILE B 980 7.70 -3.73 16.43
C ILE B 980 7.13 -2.83 15.34
N ASP B 981 7.72 -1.65 15.11
CA ASP B 981 7.28 -0.82 13.98
C ASP B 981 7.44 -1.54 12.65
N ARG B 982 8.58 -2.19 12.42
CA ARG B 982 8.77 -2.93 11.17
C ARG B 982 7.76 -4.06 11.05
N LEU B 983 7.57 -4.82 12.15
CA LEU B 983 6.60 -5.91 12.09
C LEU B 983 5.19 -5.40 11.79
N ILE B 984 4.80 -4.30 12.44
CA ILE B 984 3.46 -3.73 12.25
C ILE B 984 3.28 -3.27 10.81
N THR B 985 4.28 -2.60 10.25
CA THR B 985 4.17 -2.13 8.87
C THR B 985 3.98 -3.29 7.91
N GLY B 986 4.80 -4.35 8.06
CA GLY B 986 4.67 -5.49 7.18
C GLY B 986 3.32 -6.16 7.28
N ARG B 987 2.84 -6.39 8.51
CA ARG B 987 1.57 -7.09 8.68
C ARG B 987 0.39 -6.24 8.21
N LEU B 988 0.46 -4.93 8.39
CA LEU B 988 -0.58 -4.05 7.86
C LEU B 988 -0.64 -4.13 6.34
N GLN B 989 0.53 -4.12 5.69
CA GLN B 989 0.53 -4.22 4.23
C GLN B 989 -0.07 -5.55 3.77
N SER B 990 0.26 -6.63 4.47
CA SER B 990 -0.30 -7.94 4.13
C SER B 990 -1.83 -7.94 4.23
N LEU B 991 -2.34 -7.38 5.34
CA LEU B 991 -3.79 -7.34 5.54
C LEU B 991 -4.47 -6.51 4.46
N GLN B 992 -3.88 -5.36 4.10
CA GLN B 992 -4.49 -4.51 3.08
C GLN B 992 -4.53 -5.21 1.72
N THR B 993 -3.45 -5.91 1.36
CA THR B 993 -3.45 -6.65 0.11
C THR B 993 -4.55 -7.71 0.09
N TYR B 994 -4.70 -8.45 1.21
CA TYR B 994 -5.74 -9.46 1.29
C TYR B 994 -7.13 -8.85 1.11
N VAL B 995 -7.38 -7.73 1.77
CA VAL B 995 -8.71 -7.11 1.73
C VAL B 995 -9.02 -6.61 0.31
N THR B 996 -8.05 -6.00 -0.36
CA THR B 996 -8.27 -5.52 -1.72
C THR B 996 -8.60 -6.67 -2.67
N GLN B 997 -7.83 -7.75 -2.59
CA GLN B 997 -8.10 -8.89 -3.47
C GLN B 997 -9.47 -9.49 -3.17
N GLN B 998 -9.87 -9.53 -1.89
CA GLN B 998 -11.18 -10.05 -1.54
C GLN B 998 -12.29 -9.18 -2.13
N LEU B 999 -12.12 -7.86 -2.10
CA LEU B 999 -13.13 -6.97 -2.67
C LEU B 999 -13.30 -7.22 -4.17
N ILE B 1000 -12.18 -7.36 -4.89
CA ILE B 1000 -12.27 -7.58 -6.33
C ILE B 1000 -12.96 -8.91 -6.65
N ARG B 1001 -12.58 -9.96 -5.92
CA ARG B 1001 -13.19 -11.27 -6.16
C ARG B 1001 -14.67 -11.27 -5.80
N ALA B 1002 -15.05 -10.53 -4.76
CA ALA B 1002 -16.46 -10.43 -4.39
C ALA B 1002 -17.26 -9.73 -5.48
N ALA B 1003 -16.68 -8.70 -6.11
CA ALA B 1003 -17.37 -8.06 -7.23
C ALA B 1003 -17.60 -9.03 -8.37
N GLU B 1004 -16.58 -9.84 -8.70
CA GLU B 1004 -16.76 -10.83 -9.75
C GLU B 1004 -17.86 -11.84 -9.40
N ILE B 1005 -17.86 -12.33 -8.16
CA ILE B 1005 -18.87 -13.29 -7.73
C ILE B 1005 -20.26 -12.68 -7.77
N ARG B 1006 -20.37 -11.39 -7.45
CA ARG B 1006 -21.66 -10.72 -7.51
C ARG B 1006 -22.19 -10.64 -8.94
N ALA B 1007 -21.30 -10.34 -9.89
CA ALA B 1007 -21.73 -10.35 -11.29
C ALA B 1007 -22.23 -11.74 -11.71
N SER B 1008 -21.51 -12.79 -11.30
CA SER B 1008 -21.95 -14.15 -11.63
C SER B 1008 -23.31 -14.47 -11.00
N ALA B 1009 -23.52 -14.05 -9.76
CA ALA B 1009 -24.79 -14.32 -9.07
C ALA B 1009 -25.94 -13.56 -9.72
N ASN B 1010 -25.69 -12.32 -10.18
CA ASN B 1010 -26.72 -11.60 -10.92
C ASN B 1010 -27.10 -12.33 -12.20
N LEU B 1011 -26.10 -12.84 -12.92
CA LEU B 1011 -26.40 -13.63 -14.12
C LEU B 1011 -27.22 -14.87 -13.77
N ALA B 1012 -26.88 -15.55 -12.68
CA ALA B 1012 -27.63 -16.74 -12.27
C ALA B 1012 -29.07 -16.40 -11.92
N ALA B 1013 -29.29 -15.28 -11.24
CA ALA B 1013 -30.65 -14.86 -10.92
C ALA B 1013 -31.45 -14.56 -12.18
N THR B 1014 -30.82 -13.88 -13.15
CA THR B 1014 -31.51 -13.62 -14.42
C THR B 1014 -31.88 -14.92 -15.13
N LYS B 1015 -30.96 -15.89 -15.14
CA LYS B 1015 -31.24 -17.17 -15.79
C LYS B 1015 -32.38 -17.90 -15.08
N MET B 1016 -32.41 -17.85 -13.75
CA MET B 1016 -33.51 -18.49 -13.03
C MET B 1016 -34.84 -17.83 -13.35
N SER B 1017 -34.85 -16.49 -13.47
CA SER B 1017 -36.09 -15.80 -13.81
C SER B 1017 -36.56 -16.14 -15.22
N GLU B 1018 -35.66 -16.18 -16.20
CA GLU B 1018 -36.07 -16.21 -17.59
C GLU B 1018 -36.10 -17.61 -18.21
N CYS B 1019 -35.22 -18.52 -17.79
CA CYS B 1019 -35.21 -19.86 -18.36
C CYS B 1019 -36.07 -20.84 -17.58
N VAL B 1020 -36.20 -20.66 -16.27
CA VAL B 1020 -36.94 -21.61 -15.44
C VAL B 1020 -38.39 -21.16 -15.24
N LEU B 1021 -38.61 -19.89 -14.96
CA LEU B 1021 -39.96 -19.38 -14.73
C LEU B 1021 -40.69 -19.03 -16.01
N GLY B 1022 -40.05 -19.17 -17.16
CA GLY B 1022 -40.69 -18.91 -18.43
C GLY B 1022 -39.97 -19.64 -19.55
N GLN B 1023 -40.42 -19.38 -20.77
CA GLN B 1023 -39.78 -19.91 -21.97
C GLN B 1023 -39.08 -18.76 -22.68
N SER B 1024 -37.76 -18.82 -22.75
CA SER B 1024 -36.96 -17.74 -23.29
C SER B 1024 -36.81 -17.88 -24.80
N LYS B 1025 -36.73 -16.73 -25.48
CA LYS B 1025 -36.53 -16.70 -26.92
C LYS B 1025 -35.19 -16.09 -27.32
N ARG B 1026 -34.43 -15.57 -26.37
CA ARG B 1026 -33.07 -15.11 -26.66
C ARG B 1026 -32.20 -16.29 -27.08
N VAL B 1027 -31.42 -16.10 -28.14
CA VAL B 1027 -30.67 -17.18 -28.74
C VAL B 1027 -29.48 -17.54 -27.86
N ASP B 1028 -29.34 -18.83 -27.55
CA ASP B 1028 -28.24 -19.42 -26.78
C ASP B 1028 -28.17 -18.89 -25.35
N PHE B 1029 -29.21 -18.20 -24.87
CA PHE B 1029 -29.19 -17.73 -23.49
C PHE B 1029 -29.35 -18.89 -22.52
N CYS B 1030 -30.30 -19.79 -22.78
CA CYS B 1030 -30.47 -20.95 -21.93
C CYS B 1030 -29.60 -22.11 -22.39
N GLY B 1031 -29.83 -22.60 -23.60
CA GLY B 1031 -29.06 -23.73 -24.10
C GLY B 1031 -28.90 -23.66 -25.61
N LYS B 1032 -28.23 -24.68 -26.14
CA LYS B 1032 -28.01 -24.80 -27.58
C LYS B 1032 -29.23 -25.44 -28.22
N GLY B 1033 -29.82 -24.74 -29.18
CA GLY B 1033 -31.06 -25.16 -29.80
C GLY B 1033 -32.21 -24.23 -29.44
N TYR B 1034 -33.42 -24.74 -29.63
CA TYR B 1034 -34.63 -24.00 -29.30
C TYR B 1034 -35.08 -24.38 -27.90
N HIS B 1035 -35.11 -23.40 -27.00
CA HIS B 1035 -35.38 -23.65 -25.60
C HIS B 1035 -36.81 -24.13 -25.39
N LEU B 1036 -36.96 -25.17 -24.57
CA LEU B 1036 -38.27 -25.66 -24.16
C LEU B 1036 -38.52 -25.41 -22.68
N MET B 1037 -37.65 -25.91 -21.81
CA MET B 1037 -37.77 -25.70 -20.37
C MET B 1037 -36.43 -26.02 -19.73
N SER B 1038 -36.28 -25.62 -18.47
CA SER B 1038 -35.08 -25.93 -17.71
C SER B 1038 -35.44 -26.12 -16.25
N PHE B 1039 -34.58 -26.85 -15.54
CA PHE B 1039 -34.77 -27.20 -14.15
C PHE B 1039 -33.53 -26.85 -13.34
N PRO B 1040 -33.68 -26.26 -12.17
CA PRO B 1040 -32.52 -25.95 -11.32
C PRO B 1040 -32.18 -27.08 -10.34
N GLN B 1041 -30.89 -27.20 -10.08
CA GLN B 1041 -30.37 -28.12 -9.07
C GLN B 1041 -29.36 -27.38 -8.21
N SER B 1042 -29.45 -27.55 -6.89
CA SER B 1042 -28.55 -26.86 -5.98
C SER B 1042 -27.22 -27.58 -5.88
N ALA B 1043 -26.14 -26.81 -5.83
CA ALA B 1043 -24.78 -27.28 -5.69
C ALA B 1043 -24.09 -26.46 -4.62
N PRO B 1044 -23.00 -26.95 -4.03
CA PRO B 1044 -22.29 -26.16 -3.03
C PRO B 1044 -21.71 -24.88 -3.63
N HIS B 1045 -22.13 -23.75 -3.07
CA HIS B 1045 -21.70 -22.41 -3.51
C HIS B 1045 -22.10 -22.09 -4.94
N GLY B 1046 -23.17 -22.71 -5.44
CA GLY B 1046 -23.56 -22.46 -6.81
C GLY B 1046 -24.88 -23.11 -7.15
N VAL B 1047 -25.24 -23.02 -8.43
CA VAL B 1047 -26.47 -23.59 -8.96
C VAL B 1047 -26.15 -24.29 -10.26
N VAL B 1048 -27.00 -25.26 -10.62
CA VAL B 1048 -26.87 -26.03 -11.86
C VAL B 1048 -28.19 -25.98 -12.59
N PHE B 1049 -28.16 -25.67 -13.88
CA PHE B 1049 -29.34 -25.66 -14.72
C PHE B 1049 -29.28 -26.80 -15.74
N LEU B 1050 -30.39 -27.48 -15.93
CA LEU B 1050 -30.53 -28.53 -16.93
C LEU B 1050 -31.49 -28.02 -18.00
N HIS B 1051 -30.95 -27.62 -19.14
CA HIS B 1051 -31.73 -27.00 -20.20
C HIS B 1051 -32.23 -28.06 -21.18
N VAL B 1052 -33.54 -28.07 -21.42
CA VAL B 1052 -34.16 -28.96 -22.38
C VAL B 1052 -34.42 -28.17 -23.65
N THR B 1053 -33.85 -28.62 -24.77
CA THR B 1053 -33.95 -27.90 -26.03
C THR B 1053 -34.43 -28.83 -27.13
N TYR B 1054 -34.82 -28.21 -28.25
CA TYR B 1054 -35.31 -28.91 -29.43
C TYR B 1054 -34.30 -28.74 -30.56
N VAL B 1055 -33.88 -29.85 -31.16
CA VAL B 1055 -32.87 -29.84 -32.20
C VAL B 1055 -33.38 -30.58 -33.42
N PRO B 1056 -33.43 -29.96 -34.60
CA PRO B 1056 -33.79 -30.69 -35.82
C PRO B 1056 -32.74 -31.74 -36.16
N ALA B 1057 -33.20 -32.85 -36.73
CA ALA B 1057 -32.35 -34.03 -36.87
C ALA B 1057 -32.05 -34.42 -38.31
N GLN B 1058 -33.06 -34.67 -39.14
CA GLN B 1058 -32.86 -35.29 -40.45
C GLN B 1058 -33.47 -34.40 -41.54
N GLU B 1059 -32.62 -33.66 -42.24
CA GLU B 1059 -33.08 -32.72 -43.25
C GLU B 1059 -32.99 -33.34 -44.64
N LYS B 1060 -34.03 -33.12 -45.43
CA LYS B 1060 -34.06 -33.44 -46.85
C LYS B 1060 -34.45 -32.18 -47.60
N ASN B 1061 -33.77 -31.91 -48.71
CA ASN B 1061 -33.95 -30.62 -49.37
C ASN B 1061 -34.80 -30.72 -50.63
N PHE B 1062 -35.58 -29.66 -50.86
CA PHE B 1062 -36.58 -29.57 -51.92
C PHE B 1062 -36.26 -28.36 -52.80
N THR B 1063 -37.18 -28.06 -53.72
CA THR B 1063 -37.16 -26.82 -54.48
C THR B 1063 -38.35 -25.97 -54.06
N THR B 1064 -38.14 -24.66 -53.95
CA THR B 1064 -39.12 -23.76 -53.38
C THR B 1064 -39.40 -22.60 -54.33
N ALA B 1065 -40.50 -21.90 -54.04
CA ALA B 1065 -40.92 -20.73 -54.78
C ALA B 1065 -41.38 -19.66 -53.80
N PRO B 1066 -41.25 -18.37 -54.17
CA PRO B 1066 -41.73 -17.31 -53.29
C PRO B 1066 -43.24 -17.16 -53.29
N ALA B 1067 -43.87 -17.35 -54.45
CA ALA B 1067 -45.31 -17.23 -54.57
C ALA B 1067 -45.79 -18.14 -55.69
N ILE B 1068 -47.11 -18.22 -55.85
CA ILE B 1068 -47.74 -19.11 -56.82
C ILE B 1068 -48.86 -18.33 -57.50
N CYS B 1069 -48.93 -18.44 -58.84
CA CYS B 1069 -49.95 -17.77 -59.63
C CYS B 1069 -50.98 -18.77 -60.11
N HIS B 1070 -52.25 -18.45 -59.90
CA HIS B 1070 -53.35 -19.36 -60.21
C HIS B 1070 -54.25 -18.84 -61.33
N ASP B 1071 -54.80 -17.64 -61.17
CA ASP B 1071 -55.70 -17.03 -62.16
C ASP B 1071 -55.32 -15.59 -62.39
N GLY B 1072 -54.02 -15.34 -62.58
CA GLY B 1072 -53.51 -13.99 -62.66
C GLY B 1072 -53.26 -13.34 -61.31
N LYS B 1073 -53.55 -14.03 -60.22
CA LYS B 1073 -53.31 -13.55 -58.87
C LYS B 1073 -52.06 -14.20 -58.30
N ALA B 1074 -51.45 -13.52 -57.34
CA ALA B 1074 -50.28 -14.04 -56.64
C ALA B 1074 -50.70 -14.51 -55.26
N HIS B 1075 -50.40 -15.76 -54.94
CA HIS B 1075 -50.75 -16.37 -53.66
C HIS B 1075 -49.50 -16.55 -52.82
N PHE B 1076 -49.56 -16.08 -51.58
CA PHE B 1076 -48.47 -16.22 -50.62
C PHE B 1076 -48.92 -17.09 -49.46
N PRO B 1077 -48.01 -17.87 -48.86
CA PRO B 1077 -48.41 -18.72 -47.74
C PRO B 1077 -48.57 -17.92 -46.45
N ARG B 1078 -49.66 -18.19 -45.74
CA ARG B 1078 -49.91 -17.51 -44.47
C ARG B 1078 -48.83 -17.86 -43.45
N GLU B 1079 -48.59 -19.16 -43.24
CA GLU B 1079 -47.52 -19.63 -42.37
C GLU B 1079 -46.86 -20.82 -43.04
N GLY B 1080 -45.60 -20.66 -43.47
CA GLY B 1080 -44.86 -21.76 -44.03
C GLY B 1080 -44.25 -21.39 -45.36
N VAL B 1081 -43.85 -22.42 -46.11
CA VAL B 1081 -43.19 -22.26 -47.40
C VAL B 1081 -43.84 -23.17 -48.42
N PHE B 1082 -43.73 -22.78 -49.69
CA PHE B 1082 -44.10 -23.64 -50.80
C PHE B 1082 -42.93 -24.54 -51.14
N VAL B 1083 -43.17 -25.85 -51.16
CA VAL B 1083 -42.15 -26.83 -51.49
C VAL B 1083 -42.70 -27.77 -52.56
N SER B 1084 -41.79 -28.40 -53.30
CA SER B 1084 -42.15 -29.36 -54.32
C SER B 1084 -41.22 -30.55 -54.24
N ASN B 1085 -41.81 -31.75 -54.22
CA ASN B 1085 -41.03 -32.99 -54.23
C ASN B 1085 -40.60 -33.41 -55.63
N GLY B 1086 -40.69 -32.50 -56.61
CA GLY B 1086 -40.31 -32.77 -57.98
C GLY B 1086 -41.47 -32.66 -58.96
N THR B 1087 -42.68 -33.00 -58.51
CA THR B 1087 -43.83 -33.01 -59.41
C THR B 1087 -45.01 -32.19 -58.91
N HIS B 1088 -45.31 -32.22 -57.62
CA HIS B 1088 -46.41 -31.46 -57.05
C HIS B 1088 -45.90 -30.45 -56.03
N TRP B 1089 -46.73 -29.45 -55.76
CA TRP B 1089 -46.40 -28.37 -54.82
C TRP B 1089 -47.28 -28.49 -53.57
N PHE B 1090 -46.67 -28.21 -52.42
CA PHE B 1090 -47.36 -28.29 -51.13
C PHE B 1090 -47.01 -27.07 -50.30
N VAL B 1091 -47.60 -27.01 -49.10
CA VAL B 1091 -47.26 -26.02 -48.09
C VAL B 1091 -46.89 -26.76 -46.82
N THR B 1092 -45.77 -26.38 -46.22
CA THR B 1092 -45.29 -27.00 -44.99
C THR B 1092 -44.87 -25.93 -44.00
N GLN B 1093 -44.90 -26.28 -42.72
CA GLN B 1093 -44.30 -25.42 -41.72
C GLN B 1093 -42.79 -25.45 -41.84
N ARG B 1094 -42.15 -24.38 -41.35
CA ARG B 1094 -40.73 -24.16 -41.66
C ARG B 1094 -39.82 -25.09 -40.86
N ASN B 1095 -40.18 -25.41 -39.61
CA ASN B 1095 -39.29 -26.14 -38.72
C ASN B 1095 -39.56 -27.64 -38.69
N PHE B 1096 -40.52 -28.13 -39.47
CA PHE B 1096 -40.85 -29.54 -39.48
C PHE B 1096 -41.57 -29.85 -40.78
N TYR B 1097 -41.19 -30.94 -41.44
CA TYR B 1097 -41.71 -31.26 -42.76
C TYR B 1097 -43.02 -32.03 -42.63
N GLU B 1098 -44.11 -31.43 -43.06
CA GLU B 1098 -45.37 -32.14 -43.25
C GLU B 1098 -46.00 -31.58 -44.52
N PRO B 1099 -46.23 -32.43 -45.54
CA PRO B 1099 -46.86 -31.94 -46.76
C PRO B 1099 -48.32 -31.61 -46.53
N GLN B 1100 -48.80 -30.60 -47.25
CA GLN B 1100 -50.19 -30.19 -47.13
C GLN B 1100 -50.63 -29.56 -48.45
N ILE B 1101 -51.84 -29.91 -48.89
CA ILE B 1101 -52.33 -29.44 -50.18
C ILE B 1101 -52.54 -27.93 -50.13
N ILE B 1102 -52.31 -27.28 -51.26
CA ILE B 1102 -52.42 -25.82 -51.35
C ILE B 1102 -53.88 -25.45 -51.57
N THR B 1103 -54.45 -24.70 -50.63
CA THR B 1103 -55.83 -24.24 -50.74
C THR B 1103 -55.91 -22.75 -50.50
N THR B 1104 -57.12 -22.21 -50.42
CA THR B 1104 -57.31 -20.80 -50.10
C THR B 1104 -57.36 -20.55 -48.59
N ASP B 1105 -57.24 -21.60 -47.78
CA ASP B 1105 -57.23 -21.44 -46.33
C ASP B 1105 -55.84 -21.21 -45.78
N ASN B 1106 -54.81 -21.76 -46.42
CA ASN B 1106 -53.44 -21.61 -45.97
C ASN B 1106 -52.66 -20.57 -46.78
N THR B 1107 -53.30 -19.88 -47.71
CA THR B 1107 -52.66 -18.86 -48.52
C THR B 1107 -53.53 -17.61 -48.56
N PHE B 1108 -52.90 -16.48 -48.85
CA PHE B 1108 -53.61 -15.22 -49.06
C PHE B 1108 -53.18 -14.60 -50.37
N VAL B 1109 -54.07 -13.79 -50.94
CA VAL B 1109 -53.89 -13.22 -52.26
C VAL B 1109 -53.44 -11.77 -52.13
N SER B 1110 -52.43 -11.39 -52.90
CA SER B 1110 -51.92 -10.03 -52.89
C SER B 1110 -51.18 -9.76 -54.19
N GLY B 1111 -51.59 -8.72 -54.90
CA GLY B 1111 -50.89 -8.30 -56.10
C GLY B 1111 -51.26 -9.13 -57.32
N ASN B 1112 -50.34 -9.13 -58.28
CA ASN B 1112 -50.52 -9.82 -59.54
C ASN B 1112 -49.28 -10.67 -59.86
N CYS B 1113 -49.19 -11.17 -61.09
CA CYS B 1113 -48.14 -12.10 -61.48
C CYS B 1113 -46.92 -11.41 -62.10
N ASP B 1114 -46.89 -10.09 -62.16
CA ASP B 1114 -45.87 -9.37 -62.92
C ASP B 1114 -44.88 -8.61 -62.04
N VAL B 1115 -44.88 -8.85 -60.73
CA VAL B 1115 -44.01 -8.13 -59.81
C VAL B 1115 -42.97 -9.05 -59.18
N VAL B 1116 -43.40 -10.19 -58.64
CA VAL B 1116 -42.50 -11.07 -57.92
C VAL B 1116 -41.56 -11.78 -58.89
N ILE B 1117 -40.33 -11.98 -58.45
CA ILE B 1117 -39.32 -12.70 -59.22
C ILE B 1117 -39.25 -14.14 -58.72
N GLY B 1118 -39.34 -15.09 -59.62
CA GLY B 1118 -39.40 -16.49 -59.24
C GLY B 1118 -40.79 -17.05 -59.11
N ILE B 1119 -41.80 -16.36 -59.65
CA ILE B 1119 -43.18 -16.84 -59.57
C ILE B 1119 -43.31 -18.18 -60.31
N VAL B 1120 -44.18 -19.04 -59.79
CA VAL B 1120 -44.35 -20.40 -60.30
C VAL B 1120 -45.83 -20.67 -60.50
N ASN B 1121 -46.17 -21.34 -61.60
CA ASN B 1121 -47.55 -21.72 -61.89
C ASN B 1121 -47.95 -22.97 -61.13
N ASN B 1122 -49.21 -23.00 -60.70
CA ASN B 1122 -49.82 -24.16 -60.07
C ASN B 1122 -51.31 -23.88 -59.96
N THR B 1123 -52.05 -24.84 -59.39
CA THR B 1123 -53.47 -24.67 -59.16
C THR B 1123 -53.71 -24.55 -57.65
N VAL B 1124 -54.64 -23.68 -57.29
CA VAL B 1124 -54.99 -23.44 -55.89
C VAL B 1124 -56.36 -24.03 -55.65
N TYR B 1125 -56.41 -25.01 -54.76
CA TYR B 1125 -57.66 -25.73 -54.51
C TYR B 1125 -58.62 -24.88 -53.68
N ASP B 1126 -59.91 -24.98 -54.00
CA ASP B 1126 -60.95 -24.29 -53.25
C ASP B 1126 -61.77 -25.31 -52.49
N PRO B 1127 -61.71 -25.34 -51.15
CA PRO B 1127 -62.49 -26.34 -50.41
C PRO B 1127 -64.00 -26.16 -50.54
N LEU B 1128 -64.47 -24.98 -50.94
CA LEU B 1128 -65.90 -24.74 -51.02
C LEU B 1128 -66.53 -25.41 -52.24
N GLN B 1129 -65.77 -25.56 -53.32
CA GLN B 1129 -66.32 -26.09 -54.57
C GLN B 1129 -66.84 -27.52 -54.45
N PRO B 1130 -66.11 -28.50 -53.89
CA PRO B 1130 -66.69 -29.85 -53.79
C PRO B 1130 -67.95 -29.91 -52.95
N GLU B 1131 -68.01 -29.14 -51.87
CA GLU B 1131 -69.21 -29.11 -51.05
C GLU B 1131 -70.37 -28.44 -51.77
N LEU B 1132 -70.08 -27.42 -52.58
CA LEU B 1132 -71.13 -26.76 -53.34
C LEU B 1132 -71.68 -27.67 -54.44
N ASP B 1133 -70.79 -28.36 -55.16
CA ASP B 1133 -71.24 -29.22 -56.26
C ASP B 1133 -72.03 -30.41 -55.73
N SER B 1134 -71.60 -31.01 -54.63
CA SER B 1134 -72.29 -32.15 -54.05
C SER B 1134 -73.41 -31.71 -53.10
N GLN C 1 47.32 52.68 -20.88
CA GLN C 1 46.69 53.67 -20.01
C GLN C 1 45.31 54.05 -20.55
N CYS C 2 44.51 54.71 -19.72
CA CYS C 2 43.15 55.09 -20.06
C CYS C 2 43.05 56.60 -20.25
N VAL C 3 42.21 57.00 -21.20
CA VAL C 3 41.87 58.39 -21.43
C VAL C 3 40.35 58.52 -21.42
N ASN C 4 39.84 59.55 -20.76
CA ASN C 4 38.41 59.81 -20.77
C ASN C 4 38.03 60.42 -22.11
N LEU C 5 37.15 59.74 -22.84
CA LEU C 5 36.66 60.30 -24.10
C LEU C 5 35.65 61.41 -23.81
N THR C 6 34.52 61.05 -23.19
CA THR C 6 33.49 61.98 -22.77
C THR C 6 32.67 61.29 -21.68
N THR C 7 31.50 61.86 -21.38
CA THR C 7 30.56 61.28 -20.43
C THR C 7 29.40 60.63 -21.17
N ARG C 8 28.93 59.49 -20.65
CA ARG C 8 27.82 58.78 -21.27
C ARG C 8 26.51 59.57 -21.19
N THR C 9 26.40 60.51 -20.26
CA THR C 9 25.25 61.40 -20.09
C THR C 9 23.96 60.66 -19.75
N GLN C 10 24.03 59.38 -19.41
CA GLN C 10 22.88 58.59 -18.98
C GLN C 10 21.78 58.60 -20.05
N LEU C 11 22.11 58.01 -21.19
CA LEU C 11 21.16 57.94 -22.29
C LEU C 11 19.94 57.12 -21.88
N PRO C 12 18.73 57.57 -22.21
CA PRO C 12 17.53 56.79 -21.86
C PRO C 12 17.53 55.45 -22.54
N PRO C 13 17.09 54.40 -21.85
CA PRO C 13 17.13 53.06 -22.42
C PRO C 13 16.13 52.87 -23.55
N ALA C 14 16.49 51.98 -24.48
CA ALA C 14 15.60 51.55 -25.57
C ALA C 14 15.47 50.04 -25.51
N TYR C 15 14.25 49.55 -25.58
CA TYR C 15 13.97 48.13 -25.40
C TYR C 15 13.52 47.50 -26.71
N THR C 16 13.52 46.18 -26.73
CA THR C 16 12.99 45.40 -27.86
C THR C 16 12.59 44.02 -27.33
N ASN C 17 12.23 43.13 -28.23
CA ASN C 17 11.67 41.83 -27.88
C ASN C 17 12.59 40.70 -28.30
N SER C 18 12.53 39.61 -27.55
CA SER C 18 13.32 38.40 -27.83
C SER C 18 12.34 37.27 -28.15
N PHE C 19 12.14 37.01 -29.44
CA PHE C 19 11.14 36.03 -29.89
C PHE C 19 11.75 34.64 -29.82
N THR C 20 11.65 34.02 -28.65
CA THR C 20 12.11 32.64 -28.41
C THR C 20 13.58 32.47 -28.79
N ARG C 21 14.44 33.19 -28.07
CA ARG C 21 15.87 33.12 -28.25
C ARG C 21 16.55 32.90 -26.91
N GLY C 22 17.71 32.24 -26.95
CA GLY C 22 18.50 32.03 -25.75
C GLY C 22 18.32 30.68 -25.11
N VAL C 23 18.18 29.64 -25.94
CA VAL C 23 18.06 28.27 -25.46
C VAL C 23 19.40 27.57 -25.65
N TYR C 24 19.89 26.93 -24.60
CA TYR C 24 21.15 26.23 -24.62
C TYR C 24 20.93 24.80 -24.15
N TYR C 25 21.89 23.94 -24.48
CA TYR C 25 21.82 22.54 -24.04
C TYR C 25 22.05 22.48 -22.55
N PRO C 26 21.07 22.04 -21.74
CA PRO C 26 21.24 22.15 -20.28
C PRO C 26 22.20 21.12 -19.71
N ASP C 27 22.11 19.86 -20.14
CA ASP C 27 22.89 18.78 -19.57
C ASP C 27 23.88 18.25 -20.60
N LYS C 28 24.57 17.18 -20.24
CA LYS C 28 25.61 16.57 -21.05
C LYS C 28 25.21 15.17 -21.51
N VAL C 29 23.94 15.00 -21.85
CA VAL C 29 23.36 13.70 -22.17
C VAL C 29 22.74 13.76 -23.55
N PHE C 30 23.03 12.76 -24.38
CA PHE C 30 22.46 12.68 -25.72
C PHE C 30 21.04 12.13 -25.64
N ARG C 31 20.11 12.79 -26.33
CA ARG C 31 18.74 12.34 -26.41
C ARG C 31 18.26 12.49 -27.85
N SER C 32 17.28 11.68 -28.23
CA SER C 32 16.82 11.65 -29.61
C SER C 32 15.34 11.28 -29.66
N SER C 33 14.57 12.03 -30.45
CA SER C 33 13.15 11.78 -30.69
C SER C 33 12.38 11.67 -29.38
N VAL C 34 12.67 12.58 -28.45
CA VAL C 34 12.02 12.59 -27.15
C VAL C 34 11.74 14.03 -26.76
N LEU C 35 10.72 14.22 -25.94
CA LEU C 35 10.38 15.52 -25.36
C LEU C 35 10.79 15.50 -23.89
N HIS C 36 11.73 16.36 -23.52
CA HIS C 36 12.30 16.37 -22.19
C HIS C 36 11.99 17.68 -21.49
N SER C 37 11.80 17.60 -20.17
CA SER C 37 11.48 18.75 -19.34
C SER C 37 12.64 19.04 -18.40
N THR C 38 13.12 20.28 -18.42
CA THR C 38 14.27 20.70 -17.63
C THR C 38 13.89 21.90 -16.77
N GLN C 39 14.64 22.07 -15.67
CA GLN C 39 14.38 23.14 -14.70
C GLN C 39 15.71 23.78 -14.34
N ASP C 40 16.05 24.87 -15.02
CA ASP C 40 17.22 25.67 -14.68
C ASP C 40 17.03 27.07 -15.25
N LEU C 41 18.10 27.86 -15.27
CA LEU C 41 18.03 29.27 -15.66
C LEU C 41 17.94 29.38 -17.18
N PHE C 42 16.81 29.90 -17.65
CA PHE C 42 16.62 30.21 -19.06
C PHE C 42 16.19 31.67 -19.21
N LEU C 43 16.25 32.16 -20.43
CA LEU C 43 15.72 33.48 -20.75
C LEU C 43 14.26 33.32 -21.13
N PRO C 44 13.32 33.88 -20.36
CA PRO C 44 11.89 33.66 -20.65
C PRO C 44 11.51 34.19 -22.03
N PHE C 45 10.56 33.50 -22.65
CA PHE C 45 10.14 33.84 -24.00
C PHE C 45 9.44 35.20 -24.03
N PHE C 46 9.65 35.92 -25.13
CA PHE C 46 9.02 37.23 -25.36
C PHE C 46 9.29 38.19 -24.22
N SER C 47 10.57 38.32 -23.87
CA SER C 47 11.00 39.15 -22.76
C SER C 47 11.50 40.51 -23.26
N ASN C 48 11.94 41.33 -22.33
CA ASN C 48 12.54 42.63 -22.63
C ASN C 48 14.06 42.49 -22.65
N VAL C 49 14.68 42.93 -23.74
CA VAL C 49 16.12 42.92 -23.87
C VAL C 49 16.56 44.35 -24.19
N THR C 50 17.29 44.96 -23.25
CA THR C 50 17.75 46.33 -23.44
C THR C 50 18.64 46.42 -24.67
N TRP C 51 18.33 47.39 -25.54
CA TRP C 51 19.04 47.58 -26.79
C TRP C 51 20.13 48.63 -26.58
N PHE C 52 21.34 48.33 -27.05
CA PHE C 52 22.47 49.25 -26.94
C PHE C 52 23.09 49.45 -28.32
N HIS C 53 22.90 50.63 -28.89
CA HIS C 53 23.62 51.01 -30.09
C HIS C 53 25.01 51.49 -29.70
N ALA C 54 26.03 50.93 -30.35
CA ALA C 54 27.41 51.12 -29.92
C ALA C 54 27.85 52.58 -29.95
N ILE C 55 27.92 53.16 -31.14
CA ILE C 55 28.34 54.56 -31.30
C ILE C 55 27.06 55.36 -31.46
N HIS C 56 26.53 55.86 -30.35
CA HIS C 56 25.28 56.61 -30.41
C HIS C 56 25.51 57.94 -31.10
N VAL C 57 24.73 58.19 -32.16
CA VAL C 57 24.84 59.42 -32.94
C VAL C 57 23.64 60.27 -32.53
N SER C 58 23.84 61.10 -31.51
CA SER C 58 22.76 61.95 -31.02
C SER C 58 22.51 63.12 -31.97
N GLY C 59 23.58 63.74 -32.48
CA GLY C 59 23.44 64.84 -33.39
C GLY C 59 23.22 64.38 -34.82
N THR C 60 22.44 65.16 -35.56
CA THR C 60 22.19 64.83 -36.97
C THR C 60 23.49 64.88 -37.78
N ASN C 61 24.33 65.88 -37.53
CA ASN C 61 25.64 65.91 -38.16
C ASN C 61 26.53 64.77 -37.67
N GLY C 62 26.40 64.40 -36.40
CA GLY C 62 27.10 63.24 -35.88
C GLY C 62 27.76 63.43 -34.54
N THR C 63 27.41 62.57 -33.58
CA THR C 63 28.12 62.46 -32.32
C THR C 63 28.78 61.09 -32.24
N LYS C 64 29.92 61.05 -31.57
CA LYS C 64 30.86 59.95 -31.68
C LYS C 64 31.24 59.39 -30.31
N ARG C 65 30.23 59.14 -29.49
CA ARG C 65 30.43 58.65 -28.14
C ARG C 65 29.95 57.21 -28.02
N PHE C 66 30.63 56.43 -27.20
CA PHE C 66 30.30 55.02 -27.01
C PHE C 66 29.13 54.86 -26.04
N ASP C 67 28.56 53.66 -26.03
CA ASP C 67 27.49 53.27 -25.13
C ASP C 67 27.89 51.96 -24.47
N ASN C 68 28.64 52.05 -23.36
CA ASN C 68 29.10 50.88 -22.61
C ASN C 68 28.83 51.08 -21.12
N PRO C 69 27.56 51.05 -20.72
CA PRO C 69 27.24 51.18 -19.30
C PRO C 69 27.68 49.95 -18.51
N VAL C 70 27.94 50.16 -17.23
CA VAL C 70 28.32 49.07 -16.34
C VAL C 70 27.05 48.37 -15.88
N LEU C 71 26.64 47.32 -16.59
CA LEU C 71 25.39 46.62 -16.34
C LEU C 71 25.56 45.61 -15.22
N PRO C 72 24.47 45.28 -14.52
CA PRO C 72 24.54 44.23 -13.49
C PRO C 72 24.65 42.85 -14.11
N PHE C 73 25.03 41.89 -13.26
CA PHE C 73 25.19 40.48 -13.64
C PHE C 73 24.48 39.68 -12.55
N ASN C 74 23.20 39.40 -12.75
CA ASN C 74 22.38 38.70 -11.77
C ASN C 74 21.96 37.36 -12.34
N ASP C 75 22.47 36.27 -11.76
CA ASP C 75 22.11 34.90 -12.13
C ASP C 75 22.38 34.61 -13.60
N GLY C 76 23.36 35.30 -14.18
CA GLY C 76 23.70 35.09 -15.57
C GLY C 76 22.96 36.03 -16.50
N VAL C 77 23.56 36.23 -17.68
CA VAL C 77 22.99 37.11 -18.70
C VAL C 77 23.02 36.40 -20.04
N TYR C 78 22.17 36.87 -20.95
CA TYR C 78 22.17 36.45 -22.34
C TYR C 78 22.62 37.63 -23.18
N PHE C 79 23.75 37.49 -23.86
CA PHE C 79 24.35 38.55 -24.64
C PHE C 79 24.29 38.18 -26.12
N ALA C 80 23.67 39.04 -26.92
CA ALA C 80 23.62 38.86 -28.37
C ALA C 80 24.13 40.14 -29.02
N SER C 81 24.99 39.98 -30.02
CA SER C 81 25.57 41.12 -30.71
C SER C 81 25.36 40.98 -32.20
N THR C 82 24.99 42.08 -32.84
CA THR C 82 24.85 42.15 -34.29
C THR C 82 25.83 43.19 -34.81
N GLU C 83 26.73 42.77 -35.69
CA GLU C 83 27.79 43.64 -36.16
C GLU C 83 28.31 43.12 -37.49
N LYS C 84 29.13 43.94 -38.14
CA LYS C 84 29.70 43.60 -39.44
C LYS C 84 31.18 43.96 -39.58
N SER C 85 31.80 44.58 -38.56
CA SER C 85 33.24 44.85 -38.63
C SER C 85 33.95 44.58 -37.31
N ASN C 86 33.40 43.68 -36.48
CA ASN C 86 34.09 43.15 -35.30
C ASN C 86 34.43 44.26 -34.30
N ILE C 87 33.44 45.09 -33.97
CA ILE C 87 33.66 46.14 -33.00
C ILE C 87 33.49 45.62 -31.58
N ILE C 88 32.78 44.52 -31.39
CA ILE C 88 32.64 43.90 -30.07
C ILE C 88 33.87 43.05 -29.81
N ARG C 89 34.55 43.31 -28.70
CA ARG C 89 35.86 42.71 -28.43
C ARG C 89 35.94 41.96 -27.11
N GLY C 90 34.87 41.90 -26.34
CA GLY C 90 34.90 41.14 -25.10
C GLY C 90 34.21 41.89 -23.99
N TRP C 91 34.39 41.38 -22.78
CA TRP C 91 33.70 41.89 -21.60
C TRP C 91 34.64 41.80 -20.40
N ILE C 92 34.32 42.57 -19.36
CA ILE C 92 35.00 42.49 -18.08
C ILE C 92 33.96 42.20 -17.01
N PHE C 93 34.31 41.35 -16.06
CA PHE C 93 33.39 40.91 -15.02
C PHE C 93 34.04 41.12 -13.65
N GLY C 94 33.20 41.30 -12.65
CA GLY C 94 33.68 41.48 -11.29
C GLY C 94 32.60 42.04 -10.40
N THR C 95 33.02 42.47 -9.21
CA THR C 95 32.13 43.07 -8.23
C THR C 95 32.31 44.58 -8.12
N THR C 96 33.56 45.04 -7.91
CA THR C 96 33.83 46.46 -7.78
C THR C 96 34.65 47.02 -8.94
N LEU C 97 35.22 46.17 -9.79
CA LEU C 97 35.98 46.59 -10.96
C LEU C 97 37.11 47.55 -10.58
N ASP C 98 37.85 47.21 -9.53
CA ASP C 98 39.01 47.99 -9.11
C ASP C 98 40.04 47.04 -8.53
N SER C 99 41.11 47.60 -7.96
CA SER C 99 42.21 46.78 -7.44
C SER C 99 41.86 46.07 -6.14
N LYS C 100 40.74 46.42 -5.51
CA LYS C 100 40.39 45.79 -4.24
C LYS C 100 40.07 44.31 -4.42
N THR C 101 39.35 43.96 -5.50
CA THR C 101 38.92 42.58 -5.74
C THR C 101 39.33 42.16 -7.14
N GLN C 102 39.33 40.84 -7.35
CA GLN C 102 39.71 40.27 -8.63
C GLN C 102 38.62 40.51 -9.67
N SER C 103 39.02 40.40 -10.94
CA SER C 103 38.11 40.61 -12.06
C SER C 103 38.56 39.73 -13.23
N LEU C 104 37.60 39.44 -14.11
CA LEU C 104 37.87 38.69 -15.32
C LEU C 104 38.02 39.62 -16.51
N LEU C 105 38.88 39.23 -17.45
CA LEU C 105 39.11 40.00 -18.67
C LEU C 105 39.16 39.01 -19.82
N ILE C 106 38.16 39.08 -20.71
CA ILE C 106 38.07 38.15 -21.84
C ILE C 106 38.24 38.97 -23.12
N VAL C 107 39.07 40.01 -23.04
CA VAL C 107 39.29 40.89 -24.18
C VAL C 107 39.82 40.09 -25.37
N ASN C 108 39.48 40.54 -26.57
CA ASN C 108 40.00 39.98 -27.81
C ASN C 108 40.74 41.08 -28.55
N ASN C 109 41.95 40.78 -29.00
CA ASN C 109 42.71 41.69 -29.85
C ASN C 109 42.14 41.63 -31.27
N ALA C 110 42.89 42.16 -32.23
CA ALA C 110 42.63 41.79 -33.61
C ALA C 110 42.74 40.28 -33.80
N THR C 111 43.59 39.61 -33.02
CA THR C 111 43.71 38.16 -33.14
C THR C 111 43.63 37.37 -31.83
N ASN C 112 44.18 37.90 -30.74
CA ASN C 112 44.39 37.10 -29.54
C ASN C 112 43.19 37.18 -28.60
N VAL C 113 43.01 36.12 -27.80
CA VAL C 113 41.79 35.91 -27.05
C VAL C 113 42.19 35.84 -25.57
N VAL C 114 43.14 36.69 -25.17
CA VAL C 114 43.66 36.76 -23.81
C VAL C 114 42.55 36.68 -22.77
N ILE C 115 42.73 35.79 -21.79
CA ILE C 115 41.84 35.68 -20.64
C ILE C 115 42.69 35.76 -19.37
N LYS C 116 42.31 36.64 -18.45
CA LYS C 116 43.06 36.84 -17.22
C LYS C 116 42.10 36.98 -16.05
N VAL C 117 42.58 36.60 -14.87
CA VAL C 117 41.86 36.81 -13.61
C VAL C 117 42.85 37.48 -12.66
N CYS C 118 42.84 38.81 -12.61
CA CYS C 118 43.76 39.58 -11.79
C CYS C 118 42.98 40.67 -11.06
N GLU C 119 43.70 41.44 -10.25
CA GLU C 119 43.11 42.59 -9.55
C GLU C 119 43.37 43.86 -10.34
N PHE C 120 42.64 43.95 -11.43
CA PHE C 120 42.85 45.01 -12.40
C PHE C 120 42.40 46.35 -11.82
N GLN C 121 43.13 47.42 -12.12
CA GLN C 121 42.69 48.78 -11.77
C GLN C 121 41.93 49.34 -12.96
N PHE C 122 40.66 48.97 -13.06
CA PHE C 122 39.86 49.32 -14.22
C PHE C 122 39.48 50.79 -14.19
N CYS C 123 39.51 51.42 -15.37
CA CYS C 123 39.17 52.82 -15.50
C CYS C 123 37.69 52.98 -15.86
N ASN C 124 37.27 54.22 -16.07
CA ASN C 124 35.86 54.51 -16.34
C ASN C 124 35.46 54.15 -17.76
N ASP C 125 36.35 54.32 -18.74
CA ASP C 125 36.02 54.14 -20.15
C ASP C 125 37.06 53.16 -20.70
N PRO C 126 36.80 51.85 -20.58
CA PRO C 126 37.66 50.87 -21.25
C PRO C 126 37.25 50.73 -22.71
N PHE C 127 38.25 50.74 -23.59
CA PHE C 127 38.00 50.64 -25.03
C PHE C 127 39.30 50.24 -25.71
N LEU C 128 39.15 49.80 -26.97
CA LEU C 128 40.28 49.42 -27.81
C LEU C 128 40.33 50.38 -28.99
N GLY C 129 41.48 51.02 -29.18
CA GLY C 129 41.61 52.02 -30.22
C GLY C 129 42.09 51.47 -31.55
N VAL C 130 41.19 51.43 -32.53
CA VAL C 130 41.52 51.00 -33.89
C VAL C 130 41.69 52.24 -34.75
N TYR C 131 42.77 52.29 -35.53
CA TYR C 131 43.11 53.44 -36.35
C TYR C 131 43.28 52.97 -37.80
N TYR C 132 42.19 52.99 -38.55
CA TYR C 132 42.29 52.74 -39.99
C TYR C 132 43.19 53.81 -40.60
N HIS C 133 44.16 53.39 -41.41
CA HIS C 133 45.11 54.34 -41.97
C HIS C 133 44.40 55.30 -42.91
N LYS C 134 44.86 56.55 -42.91
CA LYS C 134 44.21 57.61 -43.67
C LYS C 134 44.72 57.74 -45.09
N ASN C 135 45.89 57.17 -45.41
CA ASN C 135 46.48 57.27 -46.73
C ASN C 135 46.53 55.92 -47.44
N ASN C 136 47.18 54.92 -46.82
CA ASN C 136 47.31 53.61 -47.44
C ASN C 136 46.16 52.67 -47.08
N LYS C 137 45.56 52.86 -45.90
CA LYS C 137 44.44 52.02 -45.45
C LYS C 137 44.82 50.55 -45.40
N SER C 138 46.08 50.27 -45.06
CA SER C 138 46.59 48.91 -45.02
C SER C 138 46.82 48.41 -43.60
N TRP C 139 47.56 49.14 -42.78
CA TRP C 139 47.87 48.73 -41.41
C TRP C 139 46.92 49.44 -40.45
N MET C 140 46.16 48.66 -39.69
CA MET C 140 45.22 49.17 -38.69
C MET C 140 45.83 48.93 -37.31
N GLU C 141 46.31 50.00 -36.68
CA GLU C 141 46.92 49.87 -35.37
C GLU C 141 45.86 49.58 -34.31
N SER C 142 46.33 49.07 -33.17
CA SER C 142 45.47 48.79 -32.03
C SER C 142 46.19 49.17 -30.75
N GLU C 143 45.46 49.80 -29.82
CA GLU C 143 46.03 50.21 -28.55
C GLU C 143 45.18 49.66 -27.41
N PHE C 144 45.86 49.16 -26.38
CA PHE C 144 45.18 48.54 -25.23
C PHE C 144 45.01 49.59 -24.14
N ARG C 145 43.76 50.01 -23.93
CA ARG C 145 43.42 51.08 -22.99
C ARG C 145 42.34 50.59 -22.02
N VAL C 146 42.54 49.41 -21.45
CA VAL C 146 41.52 48.79 -20.61
C VAL C 146 41.81 49.06 -19.15
N TYR C 147 43.01 48.70 -18.70
CA TYR C 147 43.34 48.77 -17.30
C TYR C 147 44.69 49.41 -17.06
N SER C 148 44.81 50.04 -15.90
CA SER C 148 46.08 50.67 -15.53
C SER C 148 47.11 49.66 -15.05
N SER C 149 46.70 48.71 -14.21
CA SER C 149 47.64 47.76 -13.63
C SER C 149 46.90 46.50 -13.20
N ALA C 150 47.67 45.45 -12.92
CA ALA C 150 47.14 44.16 -12.50
C ALA C 150 47.93 43.65 -11.30
N ASN C 151 47.33 42.73 -10.55
CA ASN C 151 47.95 42.21 -9.35
C ASN C 151 47.51 40.76 -9.12
N ASN C 152 48.48 39.89 -8.87
CA ASN C 152 48.24 38.51 -8.44
C ASN C 152 47.32 37.77 -9.41
N CYS C 153 47.78 37.67 -10.65
CA CYS C 153 47.01 36.95 -11.66
C CYS C 153 46.98 35.46 -11.35
N THR C 154 45.78 34.92 -11.18
CA THR C 154 45.60 33.51 -10.84
C THR C 154 45.46 32.64 -12.08
N PHE C 155 44.44 32.92 -12.89
CA PHE C 155 44.18 32.19 -14.12
C PHE C 155 44.71 32.99 -15.30
N GLU C 156 45.17 32.29 -16.33
CA GLU C 156 45.63 32.92 -17.55
C GLU C 156 45.40 32.01 -18.74
N TYR C 157 45.17 32.61 -19.90
CA TYR C 157 45.00 31.88 -21.14
C TYR C 157 45.30 32.83 -22.29
N VAL C 158 46.07 32.35 -23.27
CA VAL C 158 46.41 33.13 -24.44
C VAL C 158 46.34 32.22 -25.66
N SER C 159 45.73 32.71 -26.74
CA SER C 159 45.62 31.98 -27.99
C SER C 159 46.66 32.52 -28.97
N GLN C 160 47.71 31.74 -29.21
CA GLN C 160 48.74 32.15 -30.16
C GLN C 160 48.25 32.37 -31.59
N PRO C 161 47.40 31.51 -32.17
CA PRO C 161 47.07 31.65 -33.59
C PRO C 161 46.72 33.07 -34.00
N PHE C 162 47.40 33.56 -35.03
CA PHE C 162 47.28 34.93 -35.49
C PHE C 162 46.36 34.96 -36.71
N LEU C 163 45.28 35.74 -36.62
CA LEU C 163 44.34 35.83 -37.73
C LEU C 163 44.04 37.28 -38.09
N MET C 164 43.03 37.50 -38.94
CA MET C 164 42.78 38.79 -39.55
C MET C 164 41.78 39.60 -38.71
N ASP C 165 41.88 40.92 -38.82
CA ASP C 165 41.08 41.87 -38.05
C ASP C 165 39.58 41.57 -38.08
N GLY C 171 27.82 45.57 -48.05
CA GLY C 171 28.08 46.39 -46.88
C GLY C 171 27.10 46.13 -45.75
N ASN C 172 26.14 45.23 -45.99
CA ASN C 172 25.14 44.87 -45.00
C ASN C 172 25.20 43.39 -44.66
N PHE C 173 26.41 42.82 -44.66
CA PHE C 173 26.58 41.39 -44.33
C PHE C 173 26.66 41.20 -42.82
N LYS C 174 25.62 41.70 -42.14
CA LYS C 174 25.60 41.64 -40.68
C LYS C 174 25.56 40.20 -40.19
N ASN C 175 26.14 39.98 -39.01
CA ASN C 175 26.28 38.65 -38.43
C ASN C 175 25.81 38.67 -36.99
N LEU C 176 25.30 37.52 -36.54
CA LEU C 176 24.73 37.38 -35.20
C LEU C 176 25.60 36.45 -34.36
N ARG C 177 25.93 36.90 -33.14
CA ARG C 177 26.74 36.12 -32.22
C ARG C 177 26.08 36.18 -30.85
N GLU C 178 25.63 35.03 -30.35
CA GLU C 178 24.88 34.95 -29.11
C GLU C 178 25.69 34.20 -28.05
N PHE C 179 25.65 34.71 -26.82
CA PHE C 179 26.40 34.12 -25.72
C PHE C 179 25.52 34.02 -24.48
N VAL C 180 25.83 33.05 -23.64
CA VAL C 180 25.20 32.90 -22.33
C VAL C 180 26.31 32.72 -21.30
N PHE C 181 26.29 33.55 -20.27
CA PHE C 181 27.28 33.49 -19.19
C PHE C 181 26.59 33.05 -17.91
N LYS C 182 27.20 32.10 -17.20
CA LYS C 182 26.69 31.64 -15.92
C LYS C 182 27.86 31.53 -14.94
N ASN C 183 27.55 31.64 -13.66
CA ASN C 183 28.56 31.61 -12.60
C ASN C 183 27.99 30.82 -11.42
N ILE C 184 28.28 29.52 -11.39
CA ILE C 184 27.80 28.65 -10.32
C ILE C 184 28.92 27.74 -9.84
N ASP C 185 28.87 27.42 -8.54
CA ASP C 185 29.82 26.49 -7.90
C ASP C 185 31.27 26.84 -8.21
N GLY C 186 31.56 28.13 -8.38
CA GLY C 186 32.90 28.55 -8.72
C GLY C 186 33.30 28.32 -10.15
N TYR C 187 32.36 27.94 -11.01
CA TYR C 187 32.64 27.66 -12.42
C TYR C 187 31.97 28.73 -13.28
N PHE C 188 32.72 29.30 -14.21
CA PHE C 188 32.21 30.32 -15.12
C PHE C 188 32.00 29.67 -16.48
N LYS C 189 30.75 29.42 -16.83
CA LYS C 189 30.38 28.70 -18.04
C LYS C 189 30.04 29.66 -19.17
N ILE C 190 30.42 29.30 -20.39
CA ILE C 190 30.18 30.12 -21.57
C ILE C 190 29.57 29.23 -22.65
N TYR C 191 28.43 29.66 -23.19
CA TYR C 191 27.81 29.04 -24.34
C TYR C 191 27.81 30.03 -25.49
N SER C 192 27.73 29.52 -26.72
CA SER C 192 27.78 30.41 -27.88
C SER C 192 27.15 29.73 -29.09
N LYS C 193 26.83 30.57 -30.07
CA LYS C 193 26.34 30.12 -31.37
C LYS C 193 26.55 31.24 -32.36
N HIS C 194 26.83 30.89 -33.61
CA HIS C 194 27.19 31.84 -34.64
C HIS C 194 26.35 31.56 -35.88
N THR C 195 25.51 32.53 -36.27
CA THR C 195 24.63 32.36 -37.42
C THR C 195 24.57 33.63 -38.24
N PRO C 196 24.66 33.53 -39.57
CA PRO C 196 24.54 34.73 -40.41
C PRO C 196 23.11 35.24 -40.44
N ILE C 197 22.98 36.56 -40.63
CA ILE C 197 21.69 37.23 -40.74
C ILE C 197 21.74 38.19 -41.92
N ASN C 198 20.58 38.73 -42.28
CA ASN C 198 20.48 39.66 -43.39
C ASN C 198 19.23 40.51 -43.24
N LEU C 199 19.41 41.83 -43.35
CA LEU C 199 18.30 42.79 -43.39
C LEU C 199 17.43 42.70 -42.14
N VAL C 200 18.06 42.48 -40.98
CA VAL C 200 17.38 42.50 -39.69
C VAL C 200 18.10 43.48 -38.79
N ARG C 201 17.36 44.43 -38.22
CA ARG C 201 17.93 45.41 -37.30
C ARG C 201 17.84 44.94 -35.85
N ASP C 202 16.68 44.44 -35.44
CA ASP C 202 16.49 43.90 -34.11
C ASP C 202 16.89 42.43 -34.10
N LEU C 203 16.53 41.72 -33.04
CA LEU C 203 16.74 40.28 -33.00
C LEU C 203 15.78 39.60 -33.97
N PRO C 204 16.26 38.85 -34.95
CA PRO C 204 15.35 38.15 -35.87
C PRO C 204 14.58 37.06 -35.16
N GLN C 205 13.40 36.76 -35.69
CA GLN C 205 12.57 35.70 -35.13
C GLN C 205 13.08 34.35 -35.61
N GLY C 206 13.31 33.44 -34.66
CA GLY C 206 13.79 32.12 -35.00
C GLY C 206 14.22 31.38 -33.76
N PHE C 207 14.71 30.16 -34.00
CA PHE C 207 15.18 29.28 -32.93
C PHE C 207 16.60 28.84 -33.24
N SER C 208 17.45 28.86 -32.22
CA SER C 208 18.84 28.44 -32.38
C SER C 208 19.39 28.05 -31.02
N ALA C 209 19.73 26.78 -30.85
CA ALA C 209 20.27 26.30 -29.58
C ALA C 209 21.74 26.66 -29.47
N LEU C 210 22.18 26.98 -28.25
CA LEU C 210 23.56 27.37 -27.99
C LEU C 210 24.30 26.19 -27.38
N GLU C 211 25.44 25.84 -27.98
CA GLU C 211 26.27 24.74 -27.51
C GLU C 211 27.37 25.26 -26.57
N PRO C 212 27.76 24.46 -25.58
CA PRO C 212 28.80 24.91 -24.64
C PRO C 212 30.11 25.19 -25.35
N LEU C 213 30.85 26.16 -24.82
CA LEU C 213 32.13 26.57 -25.41
C LEU C 213 33.30 26.29 -24.48
N VAL C 214 33.18 26.62 -23.19
CA VAL C 214 34.22 26.32 -22.22
C VAL C 214 33.65 26.47 -20.82
N ASP C 215 34.15 25.68 -19.87
CA ASP C 215 33.87 25.88 -18.46
C ASP C 215 35.17 26.24 -17.77
N LEU C 216 35.16 27.34 -17.00
CA LEU C 216 36.37 27.84 -16.36
C LEU C 216 36.31 27.70 -14.85
N PRO C 217 37.40 27.26 -14.21
CA PRO C 217 37.44 27.15 -12.74
C PRO C 217 37.93 28.42 -12.06
N ILE C 218 37.29 29.55 -12.37
CA ILE C 218 37.73 30.84 -11.84
C ILE C 218 37.47 30.91 -10.34
N GLY C 219 36.26 30.54 -9.92
CA GLY C 219 35.93 30.48 -8.50
C GLY C 219 35.96 31.80 -7.76
N ILE C 220 35.38 32.85 -8.33
CA ILE C 220 35.27 34.14 -7.67
C ILE C 220 33.83 34.63 -7.79
N ASN C 221 33.58 35.83 -7.26
CA ASN C 221 32.25 36.42 -7.20
C ASN C 221 32.09 37.47 -8.29
N ILE C 222 30.97 37.42 -9.01
CA ILE C 222 30.65 38.37 -10.06
C ILE C 222 29.30 39.00 -9.74
N THR C 223 29.22 40.33 -9.84
CA THR C 223 27.98 41.04 -9.60
C THR C 223 27.70 42.04 -10.72
N ARG C 224 28.75 42.53 -11.37
CA ARG C 224 28.62 43.55 -12.40
C ARG C 224 29.53 43.19 -13.58
N PHE C 225 29.22 43.77 -14.73
CA PHE C 225 30.03 43.52 -15.92
C PHE C 225 29.87 44.70 -16.88
N GLN C 226 30.78 44.76 -17.85
CA GLN C 226 30.82 45.85 -18.82
C GLN C 226 31.14 45.25 -20.19
N THR C 227 31.30 46.12 -21.19
CA THR C 227 31.57 45.69 -22.56
C THR C 227 32.69 46.52 -23.15
N LEU C 228 33.54 45.89 -23.95
CA LEU C 228 34.65 46.56 -24.62
C LEU C 228 34.31 46.79 -26.08
N LEU C 229 34.57 48.00 -26.56
CA LEU C 229 34.25 48.42 -27.92
C LEU C 229 35.50 48.92 -28.62
N ALA C 230 35.49 48.87 -29.94
CA ALA C 230 36.61 49.31 -30.76
C ALA C 230 36.37 50.75 -31.20
N LEU C 231 37.25 51.65 -30.77
CA LEU C 231 37.13 53.07 -31.09
C LEU C 231 37.79 53.33 -32.42
N HIS C 232 36.98 53.49 -33.46
CA HIS C 232 37.54 53.90 -34.73
C HIS C 232 38.14 55.29 -34.72
N ARG C 233 37.46 56.25 -34.14
CA ARG C 233 37.87 57.64 -34.26
C ARG C 233 39.09 57.91 -33.38
N SER C 234 39.51 59.17 -33.37
CA SER C 234 40.65 59.61 -32.58
C SER C 234 40.15 60.44 -31.40
N TYR C 235 40.55 60.04 -30.19
CA TYR C 235 40.13 60.77 -29.00
C TYR C 235 40.77 62.15 -28.94
N LEU C 236 42.02 62.26 -29.41
CA LEU C 236 42.69 63.57 -29.41
C LEU C 236 42.03 64.52 -30.39
N THR C 237 41.69 64.05 -31.58
CA THR C 237 41.06 64.87 -32.62
C THR C 237 39.82 64.16 -33.13
N PRO C 238 38.69 64.29 -32.42
CA PRO C 238 37.43 63.72 -32.92
C PRO C 238 36.98 64.42 -34.20
N GLY C 239 36.68 63.60 -35.22
CA GLY C 239 36.25 64.15 -36.49
C GLY C 239 34.80 64.62 -36.46
N ASP C 240 34.41 65.31 -37.53
CA ASP C 240 33.04 65.82 -37.62
C ASP C 240 32.05 64.67 -37.78
N SER C 241 32.32 63.75 -38.71
CA SER C 241 31.47 62.59 -38.94
C SER C 241 32.27 61.55 -39.71
N SER C 242 31.72 60.34 -39.76
CA SER C 242 32.30 59.17 -40.41
C SER C 242 33.58 58.70 -39.74
N SER C 243 34.06 59.39 -38.70
CA SER C 243 35.22 58.93 -37.95
C SER C 243 34.90 57.66 -37.17
N GLY C 244 33.63 57.42 -36.89
CA GLY C 244 33.19 56.16 -36.34
C GLY C 244 32.83 55.17 -37.43
N TRP C 245 32.23 54.09 -37.00
CA TRP C 245 31.71 53.05 -37.90
C TRP C 245 30.24 53.28 -38.24
N THR C 246 30.01 53.78 -39.45
CA THR C 246 28.69 53.98 -40.06
C THR C 246 27.63 54.40 -39.04
N ALA C 247 27.97 55.44 -38.27
CA ALA C 247 27.05 56.05 -37.30
C ALA C 247 26.53 55.05 -36.29
N GLY C 248 27.40 54.14 -35.84
CA GLY C 248 27.04 53.20 -34.81
C GLY C 248 25.95 52.22 -35.19
N ALA C 249 26.05 51.65 -36.39
CA ALA C 249 25.06 50.66 -36.81
C ALA C 249 25.17 49.36 -36.03
N ALA C 250 26.38 49.01 -35.59
CA ALA C 250 26.56 47.83 -34.74
C ALA C 250 25.90 48.05 -33.39
N ALA C 251 25.26 47.00 -32.88
CA ALA C 251 24.52 47.08 -31.63
C ALA C 251 24.49 45.73 -30.95
N TYR C 252 24.22 45.74 -29.65
CA TYR C 252 24.16 44.51 -28.87
C TYR C 252 22.98 44.59 -27.90
N TYR C 253 22.53 43.41 -27.48
CA TYR C 253 21.35 43.27 -26.62
C TYR C 253 21.72 42.47 -25.40
N VAL C 254 21.05 42.76 -24.28
CA VAL C 254 21.33 42.12 -23.01
C VAL C 254 20.02 41.65 -22.38
N GLY C 255 19.98 40.39 -21.95
CA GLY C 255 18.85 39.87 -21.21
C GLY C 255 19.34 39.04 -20.05
N TYR C 256 18.45 38.88 -19.06
CA TYR C 256 18.80 38.21 -17.82
C TYR C 256 18.06 36.88 -17.68
N LEU C 257 18.75 35.88 -17.14
CA LEU C 257 18.19 34.55 -16.97
C LEU C 257 17.44 34.45 -15.65
N GLN C 258 16.40 33.63 -15.65
CA GLN C 258 15.56 33.40 -14.49
C GLN C 258 15.27 31.92 -14.38
N PRO C 259 14.97 31.42 -13.18
CA PRO C 259 14.64 29.99 -13.03
C PRO C 259 13.31 29.64 -13.69
N ARG C 260 13.35 28.92 -14.81
CA ARG C 260 12.15 28.58 -15.55
C ARG C 260 12.21 27.12 -15.98
N THR C 261 11.03 26.52 -16.10
CA THR C 261 10.88 25.15 -16.59
C THR C 261 10.56 25.20 -18.08
N PHE C 262 11.24 24.35 -18.85
CA PHE C 262 11.09 24.32 -20.29
C PHE C 262 10.77 22.90 -20.75
N LEU C 263 10.19 22.79 -21.94
CA LEU C 263 9.89 21.52 -22.58
C LEU C 263 10.61 21.50 -23.91
N LEU C 264 11.70 20.75 -23.99
CA LEU C 264 12.58 20.74 -25.16
C LEU C 264 12.26 19.56 -26.05
N LYS C 265 12.35 19.77 -27.36
CA LYS C 265 12.05 18.75 -28.36
C LYS C 265 13.34 18.41 -29.11
N TYR C 266 13.80 17.17 -28.95
CA TYR C 266 14.96 16.67 -29.67
C TYR C 266 14.49 15.90 -30.89
N ASN C 267 15.06 16.21 -32.05
CA ASN C 267 14.75 15.46 -33.26
C ASN C 267 15.53 14.16 -33.27
N GLU C 268 15.33 13.36 -34.32
CA GLU C 268 16.02 12.08 -34.42
C GLU C 268 17.51 12.24 -34.66
N ASN C 269 17.95 13.38 -35.20
CA ASN C 269 19.38 13.61 -35.41
C ASN C 269 20.10 14.00 -34.14
N GLY C 270 19.37 14.40 -33.09
CA GLY C 270 19.95 14.70 -31.79
C GLY C 270 19.90 16.15 -31.39
N THR C 271 19.69 17.07 -32.34
CA THR C 271 19.67 18.48 -32.02
C THR C 271 18.32 18.91 -31.46
N ILE C 272 18.29 20.11 -30.89
CA ILE C 272 17.08 20.70 -30.34
C ILE C 272 16.42 21.55 -31.42
N THR C 273 15.16 21.27 -31.72
CA THR C 273 14.42 21.98 -32.76
C THR C 273 13.46 23.02 -32.24
N ASP C 274 12.79 22.76 -31.11
CA ASP C 274 11.78 23.68 -30.60
C ASP C 274 11.68 23.50 -29.09
N ALA C 275 11.06 24.49 -28.45
CA ALA C 275 10.90 24.49 -27.00
C ALA C 275 9.61 25.22 -26.64
N VAL C 276 9.14 24.95 -25.42
CA VAL C 276 7.92 25.57 -24.89
C VAL C 276 8.23 26.10 -23.50
N ASP C 277 7.87 27.35 -23.25
CA ASP C 277 8.01 27.96 -21.94
C ASP C 277 6.74 27.68 -21.15
N CYS C 278 6.83 26.82 -20.14
CA CYS C 278 5.65 26.33 -19.44
C CYS C 278 4.92 27.41 -18.64
N ALA C 279 5.57 28.55 -18.40
CA ALA C 279 4.96 29.60 -17.60
C ALA C 279 4.83 30.90 -18.39
N LEU C 280 4.37 30.81 -19.64
CA LEU C 280 4.15 31.97 -20.48
C LEU C 280 2.68 32.31 -20.63
N ASP C 281 1.84 31.32 -20.90
CA ASP C 281 0.42 31.52 -21.11
C ASP C 281 -0.28 30.19 -20.83
N PRO C 282 -1.61 30.20 -20.64
CA PRO C 282 -2.31 28.94 -20.31
C PRO C 282 -2.15 27.85 -21.36
N LEU C 283 -2.03 28.21 -22.64
CA LEU C 283 -1.84 27.19 -23.67
C LEU C 283 -0.53 26.45 -23.47
N SER C 284 0.54 27.17 -23.10
CA SER C 284 1.81 26.51 -22.81
C SER C 284 1.71 25.62 -21.58
N GLU C 285 0.93 26.05 -20.58
CA GLU C 285 0.68 25.20 -19.43
C GLU C 285 0.01 23.90 -19.84
N THR C 286 -1.00 23.98 -20.73
CA THR C 286 -1.65 22.77 -21.22
C THR C 286 -0.68 21.89 -21.98
N LYS C 287 0.16 22.50 -22.83
CA LYS C 287 1.12 21.73 -23.61
C LYS C 287 2.10 21.00 -22.70
N CYS C 288 2.58 21.68 -21.64
CA CYS C 288 3.51 21.04 -20.72
C CYS C 288 2.83 19.96 -19.88
N THR C 289 1.55 20.15 -19.55
CA THR C 289 0.83 19.13 -18.79
C THR C 289 0.61 17.87 -19.62
N LEU C 290 0.16 18.04 -20.86
CA LEU C 290 -0.05 16.91 -21.77
C LEU C 290 1.25 16.37 -22.34
N LYS C 291 2.36 17.09 -22.20
CA LYS C 291 3.67 16.70 -22.74
C LYS C 291 3.60 16.50 -24.25
N SER C 292 3.08 17.52 -24.93
CA SER C 292 2.93 17.47 -26.38
C SER C 292 2.88 18.89 -26.91
N PHE C 293 3.06 19.01 -28.23
CA PHE C 293 2.98 20.30 -28.91
C PHE C 293 1.63 20.54 -29.56
N THR C 294 0.77 19.52 -29.60
CA THR C 294 -0.55 19.61 -30.21
C THR C 294 -1.60 19.31 -29.15
N VAL C 295 -2.66 20.11 -29.13
CA VAL C 295 -3.72 19.99 -28.13
C VAL C 295 -5.04 19.77 -28.85
N GLU C 296 -5.77 18.75 -28.44
CA GLU C 296 -7.08 18.46 -29.01
C GLU C 296 -8.16 19.29 -28.32
N LYS C 297 -9.31 19.38 -28.98
CA LYS C 297 -10.46 20.07 -28.42
C LYS C 297 -10.88 19.42 -27.10
N GLY C 298 -11.11 20.24 -26.09
CA GLY C 298 -11.51 19.74 -24.80
C GLY C 298 -11.15 20.70 -23.70
N ILE C 299 -11.38 20.25 -22.46
CA ILE C 299 -11.07 21.01 -21.26
C ILE C 299 -10.05 20.21 -20.45
N TYR C 300 -9.01 20.90 -19.97
CA TYR C 300 -7.86 20.24 -19.36
C TYR C 300 -7.58 20.88 -18.01
N GLN C 301 -7.56 20.06 -16.96
CA GLN C 301 -7.13 20.51 -15.64
C GLN C 301 -5.62 20.66 -15.64
N THR C 302 -5.15 21.91 -15.66
CA THR C 302 -3.74 22.18 -15.89
C THR C 302 -2.95 22.48 -14.63
N SER C 303 -3.57 23.00 -13.59
CA SER C 303 -2.90 23.32 -12.34
C SER C 303 -3.95 23.59 -11.27
N ASN C 304 -3.49 24.03 -10.10
CA ASN C 304 -4.36 24.49 -9.03
C ASN C 304 -3.90 25.86 -8.58
N PHE C 305 -4.83 26.65 -8.06
CA PHE C 305 -4.56 28.02 -7.65
C PHE C 305 -4.98 28.23 -6.20
N ARG C 306 -4.29 29.15 -5.54
CA ARG C 306 -4.59 29.48 -4.15
C ARG C 306 -4.17 30.92 -3.89
N VAL C 307 -5.01 31.64 -3.15
CA VAL C 307 -4.71 33.04 -2.82
C VAL C 307 -3.55 33.08 -1.83
N GLN C 308 -2.58 33.95 -2.12
CA GLN C 308 -1.35 34.06 -1.35
C GLN C 308 -1.54 34.97 -0.13
N PRO C 309 -0.88 34.65 0.98
CA PRO C 309 -1.02 35.48 2.19
C PRO C 309 -0.32 36.83 2.00
N THR C 310 -1.07 37.91 2.22
CA THR C 310 -0.55 39.25 1.98
C THR C 310 0.08 39.88 3.23
N GLU C 311 -0.02 39.26 4.39
CA GLU C 311 0.46 39.88 5.62
C GLU C 311 0.71 38.80 6.65
N SER C 312 1.51 39.14 7.67
CA SER C 312 1.78 38.27 8.80
C SER C 312 1.64 39.07 10.08
N ILE C 313 0.86 38.56 11.03
CA ILE C 313 0.63 39.24 12.30
C ILE C 313 1.04 38.32 13.44
N VAL C 314 1.43 38.92 14.55
CA VAL C 314 1.87 38.21 15.75
C VAL C 314 1.12 38.79 16.94
N ARG C 315 0.58 37.92 17.78
CA ARG C 315 -0.12 38.33 18.99
C ARG C 315 0.35 37.48 20.15
N PHE C 316 0.95 38.11 21.15
CA PHE C 316 1.53 37.48 22.32
C PHE C 316 0.96 38.14 23.56
N PRO C 317 1.00 37.49 24.72
CA PRO C 317 0.43 38.10 25.92
C PRO C 317 1.25 39.30 26.39
N ASN C 318 0.63 40.05 27.29
CA ASN C 318 1.12 41.36 27.71
C ASN C 318 2.11 41.29 28.88
N ILE C 319 2.69 40.12 29.15
CA ILE C 319 3.65 39.97 30.24
C ILE C 319 4.91 40.78 29.91
N THR C 320 5.44 41.46 30.92
CA THR C 320 6.63 42.30 30.77
C THR C 320 7.59 42.08 31.94
N ASN C 321 7.79 40.84 32.33
CA ASN C 321 8.70 40.48 33.40
C ASN C 321 9.94 39.81 32.84
N LEU C 322 10.90 39.55 33.72
CA LEU C 322 12.15 38.88 33.36
C LEU C 322 12.29 37.62 34.19
N CYS C 323 12.51 36.49 33.52
CA CYS C 323 12.63 35.22 34.21
C CYS C 323 13.94 35.16 34.99
N PRO C 324 13.94 34.60 36.20
CA PRO C 324 15.16 34.55 37.03
C PRO C 324 16.08 33.39 36.63
N PHE C 325 16.60 33.44 35.41
CA PHE C 325 17.54 32.42 34.96
C PHE C 325 18.89 32.53 35.66
N GLY C 326 19.22 33.69 36.23
CA GLY C 326 20.45 33.81 36.98
C GLY C 326 20.46 32.96 38.24
N GLU C 327 19.35 32.97 38.98
CA GLU C 327 19.32 32.31 40.28
C GLU C 327 19.55 30.81 40.16
N VAL C 328 18.95 30.16 39.16
CA VAL C 328 19.14 28.73 38.99
C VAL C 328 20.56 28.41 38.55
N PHE C 329 21.19 29.29 37.76
CA PHE C 329 22.50 29.02 37.18
C PHE C 329 23.64 29.57 38.03
N ASN C 330 23.44 30.73 38.65
CA ASN C 330 24.47 31.39 39.47
C ASN C 330 24.46 30.94 40.92
N ALA C 331 23.59 30.00 41.28
CA ALA C 331 23.47 29.59 42.68
C ALA C 331 24.77 29.01 43.19
N THR C 332 25.19 29.45 44.39
CA THR C 332 26.46 29.00 44.94
C THR C 332 26.45 27.52 45.30
N ARG C 333 25.30 26.98 45.66
CA ARG C 333 25.19 25.63 46.20
C ARG C 333 24.13 24.87 45.44
N PHE C 334 24.57 23.89 44.65
CA PHE C 334 23.72 23.01 43.85
C PHE C 334 23.46 21.72 44.61
N ALA C 335 22.32 21.10 44.31
CA ALA C 335 21.82 20.00 45.13
C ALA C 335 22.53 18.69 44.82
N SER C 336 22.25 17.69 45.66
CA SER C 336 22.81 16.37 45.49
C SER C 336 22.11 15.64 44.35
N VAL C 337 22.71 14.51 43.95
CA VAL C 337 22.20 13.76 42.81
C VAL C 337 20.85 13.13 43.13
N TYR C 338 20.72 12.55 44.33
CA TYR C 338 19.49 11.85 44.68
C TYR C 338 18.34 12.82 44.95
N ALA C 339 18.64 14.02 45.47
CA ALA C 339 17.61 14.95 45.88
C ALA C 339 17.27 15.99 44.82
N TRP C 340 18.28 16.55 44.14
CA TRP C 340 18.15 17.61 43.16
C TRP C 340 17.24 18.74 43.66
N ASN C 341 16.64 19.49 42.75
CA ASN C 341 15.85 20.66 43.11
C ASN C 341 14.78 20.89 42.06
N ARG C 342 13.79 21.71 42.42
CA ARG C 342 12.73 22.09 41.50
C ARG C 342 12.46 23.58 41.67
N LYS C 343 12.46 24.31 40.56
CA LYS C 343 12.20 25.75 40.56
C LYS C 343 11.32 26.07 39.37
N ARG C 344 10.02 26.22 39.61
CA ARG C 344 9.09 26.53 38.53
C ARG C 344 9.30 27.96 38.05
N ILE C 345 9.16 28.16 36.74
CA ILE C 345 9.31 29.46 36.12
C ILE C 345 8.05 29.77 35.32
N SER C 346 7.44 30.93 35.59
CA SER C 346 6.21 31.30 34.92
C SER C 346 6.02 32.80 35.02
N ASN C 347 5.14 33.32 34.16
CA ASN C 347 4.74 34.73 34.16
C ASN C 347 5.95 35.66 33.97
N CYS C 348 6.79 35.32 32.99
CA CYS C 348 7.94 36.14 32.67
C CYS C 348 8.41 35.79 31.27
N VAL C 349 9.04 36.77 30.61
CA VAL C 349 9.65 36.53 29.31
C VAL C 349 11.06 36.01 29.55
N ALA C 350 11.50 35.12 28.65
CA ALA C 350 12.79 34.45 28.79
C ALA C 350 13.58 34.63 27.50
N ASP C 351 14.77 35.21 27.61
CA ASP C 351 15.66 35.43 26.46
C ASP C 351 16.68 34.31 26.45
N TYR C 352 16.39 33.25 25.70
CA TYR C 352 17.26 32.09 25.64
C TYR C 352 18.52 32.32 24.81
N SER C 353 18.58 33.43 24.06
CA SER C 353 19.78 33.71 23.27
C SER C 353 20.99 33.94 24.17
N VAL C 354 20.79 34.60 25.30
CA VAL C 354 21.89 34.92 26.21
C VAL C 354 22.55 33.64 26.70
N LEU C 355 21.72 32.65 27.10
CA LEU C 355 22.28 31.40 27.60
C LEU C 355 22.97 30.62 26.48
N TYR C 356 22.44 30.70 25.25
CA TYR C 356 23.02 29.96 24.15
C TYR C 356 24.38 30.54 23.75
N ASN C 357 24.51 31.86 23.75
CA ASN C 357 25.75 32.50 23.32
C ASN C 357 26.64 32.92 24.49
N SER C 358 26.31 32.52 25.72
CA SER C 358 27.16 32.85 26.86
C SER C 358 28.52 32.17 26.75
N ALA C 359 28.58 31.00 26.12
CA ALA C 359 29.83 30.24 25.92
C ALA C 359 30.48 29.84 27.23
N SER C 360 29.73 29.87 28.33
CA SER C 360 30.22 29.43 29.63
C SER C 360 29.71 28.04 29.99
N PHE C 361 29.03 27.36 29.06
CA PHE C 361 28.45 26.05 29.30
C PHE C 361 29.09 25.02 28.39
N SER C 362 29.41 23.86 28.96
CA SER C 362 30.08 22.82 28.17
C SER C 362 29.12 22.18 27.17
N THR C 363 27.89 21.88 27.58
CA THR C 363 26.93 21.19 26.73
C THR C 363 25.64 22.00 26.64
N PHE C 364 24.99 21.90 25.48
CA PHE C 364 23.69 22.53 25.26
C PHE C 364 22.78 21.61 24.44
N LYS C 365 22.92 20.29 24.63
CA LYS C 365 22.16 19.33 23.85
C LYS C 365 20.67 19.47 24.15
N CYS C 366 19.88 19.69 23.09
CA CYS C 366 18.46 20.01 23.22
C CYS C 366 17.64 18.90 22.58
N TYR C 367 16.60 18.46 23.30
CA TYR C 367 15.74 17.36 22.87
C TYR C 367 14.34 17.87 22.57
N GLY C 368 13.86 17.59 21.36
CA GLY C 368 12.52 17.95 20.96
C GLY C 368 12.34 19.38 20.52
N VAL C 369 13.38 20.19 20.58
CA VAL C 369 13.30 21.60 20.19
C VAL C 369 14.72 22.09 19.92
N SER C 370 14.87 22.86 18.86
CA SER C 370 16.19 23.42 18.57
C SER C 370 16.46 24.61 19.49
N PRO C 371 17.70 24.76 19.97
CA PRO C 371 18.01 25.92 20.81
C PRO C 371 17.83 27.26 20.11
N THR C 372 18.01 27.31 18.79
CA THR C 372 17.89 28.58 18.07
C THR C 372 16.45 29.07 18.01
N LYS C 373 15.47 28.15 18.01
CA LYS C 373 14.07 28.52 17.92
C LYS C 373 13.39 28.64 19.27
N LEU C 374 14.14 28.52 20.37
CA LEU C 374 13.54 28.61 21.70
C LEU C 374 12.93 29.99 21.94
N ASN C 375 13.47 31.03 21.30
CA ASN C 375 12.97 32.39 21.52
C ASN C 375 11.55 32.54 20.97
N ASP C 376 11.26 31.94 19.82
CA ASP C 376 9.97 32.15 19.16
C ASP C 376 8.83 31.42 19.85
N LEU C 377 9.11 30.36 20.59
CA LEU C 377 8.06 29.49 21.13
C LEU C 377 7.46 30.08 22.40
N CYS C 378 6.33 29.50 22.81
CA CYS C 378 5.66 29.83 24.06
C CYS C 378 5.36 28.55 24.83
N PHE C 379 5.58 28.60 26.14
CA PHE C 379 5.33 27.45 27.01
C PHE C 379 4.48 27.89 28.19
N THR C 380 3.71 26.94 28.73
CA THR C 380 2.91 27.23 29.92
C THR C 380 3.80 27.56 31.10
N ASN C 381 4.81 26.74 31.35
CA ASN C 381 5.77 26.98 32.43
C ASN C 381 7.03 26.18 32.14
N VAL C 382 8.11 26.54 32.84
CA VAL C 382 9.41 25.91 32.66
C VAL C 382 9.87 25.39 34.01
N TYR C 383 10.32 24.13 34.03
CA TYR C 383 10.84 23.49 35.24
C TYR C 383 12.36 23.45 35.18
N ALA C 384 13.01 23.99 36.20
CA ALA C 384 14.47 24.04 36.27
C ALA C 384 14.93 23.17 37.45
N ASP C 385 15.80 22.21 37.16
CA ASP C 385 16.37 21.32 38.16
C ASP C 385 17.89 21.32 38.03
N SER C 386 18.59 21.30 39.16
CA SER C 386 20.04 21.40 39.16
C SER C 386 20.64 20.40 40.15
N PHE C 387 21.83 19.92 39.82
CA PHE C 387 22.61 19.04 40.69
C PHE C 387 24.04 19.01 40.15
N VAL C 388 24.89 18.21 40.81
CA VAL C 388 26.32 18.15 40.50
C VAL C 388 26.69 16.72 40.13
N ILE C 389 27.32 16.56 38.96
CA ILE C 389 27.64 15.29 38.34
C ILE C 389 29.09 15.32 37.87
N ARG C 390 29.74 14.15 37.85
CA ARG C 390 31.09 14.04 37.30
C ARG C 390 31.06 14.25 35.79
N GLY C 391 32.27 14.37 35.22
CA GLY C 391 32.37 14.57 33.78
C GLY C 391 31.93 13.35 32.99
N ASP C 392 32.27 12.16 33.45
CA ASP C 392 31.96 10.94 32.70
C ASP C 392 30.48 10.60 32.72
N GLU C 393 29.75 11.05 33.76
CA GLU C 393 28.36 10.69 33.94
C GLU C 393 27.40 11.71 33.31
N VAL C 394 27.92 12.70 32.59
CA VAL C 394 27.05 13.67 31.93
C VAL C 394 26.21 13.00 30.86
N ARG C 395 26.69 11.91 30.28
CA ARG C 395 25.95 11.26 29.19
C ARG C 395 24.65 10.63 29.70
N GLN C 396 24.61 10.22 30.97
CA GLN C 396 23.47 9.49 31.50
C GLN C 396 22.26 10.37 31.75
N ILE C 397 22.29 11.63 31.33
CA ILE C 397 21.14 12.52 31.48
C ILE C 397 20.23 12.46 30.26
N ALA C 398 20.68 11.84 29.17
CA ALA C 398 19.85 11.70 27.98
C ALA C 398 18.75 10.65 28.20
N PRO C 399 17.60 10.83 27.56
CA PRO C 399 16.53 9.85 27.71
C PRO C 399 16.84 8.55 26.98
N GLY C 400 16.18 7.49 27.44
CA GLY C 400 16.34 6.19 26.82
C GLY C 400 17.69 5.54 27.02
N GLN C 401 18.37 5.88 28.11
CA GLN C 401 19.68 5.32 28.41
C GLN C 401 19.68 4.75 29.82
N THR C 402 20.49 3.72 30.03
CA THR C 402 20.59 3.04 31.31
C THR C 402 21.95 3.30 31.93
N GLY C 403 21.95 3.79 33.15
CA GLY C 403 23.17 4.06 33.90
C GLY C 403 22.83 4.30 35.34
N LYS C 404 23.87 4.30 36.18
CA LYS C 404 23.64 4.42 37.62
C LYS C 404 22.89 5.71 37.95
N ILE C 405 23.36 6.84 37.43
CA ILE C 405 22.64 8.10 37.60
C ILE C 405 21.30 8.03 36.88
N ALA C 406 21.27 7.40 35.71
CA ALA C 406 20.03 7.34 34.94
C ALA C 406 19.00 6.43 35.61
N ASP C 407 19.44 5.35 36.24
CA ASP C 407 18.51 4.37 36.79
C ASP C 407 18.11 4.67 38.23
N TYR C 408 19.02 5.20 39.05
CA TYR C 408 18.76 5.37 40.47
C TYR C 408 18.67 6.83 40.90
N ASN C 409 19.11 7.78 40.08
CA ASN C 409 19.14 9.18 40.46
C ASN C 409 18.21 10.03 39.62
N TYR C 410 18.36 10.03 38.29
CA TYR C 410 17.57 10.89 37.41
C TYR C 410 17.21 10.11 36.16
N LYS C 411 15.95 9.68 36.09
CA LYS C 411 15.42 9.00 34.92
C LYS C 411 14.67 10.02 34.07
N LEU C 412 15.15 10.26 32.86
CA LEU C 412 14.28 11.14 32.10
C LEU C 412 13.30 10.32 31.27
N PRO C 413 12.09 10.84 31.03
CA PRO C 413 11.12 10.10 30.22
C PRO C 413 11.59 9.95 28.78
N ASP C 414 11.13 8.88 28.13
CA ASP C 414 11.48 8.64 26.74
C ASP C 414 10.98 9.77 25.85
N ASP C 415 9.76 10.24 26.08
CA ASP C 415 9.20 11.36 25.33
C ASP C 415 9.44 12.67 26.08
N PHE C 416 10.72 13.01 26.22
CA PHE C 416 11.14 14.19 26.96
C PHE C 416 11.41 15.35 26.01
N THR C 417 10.74 16.47 26.25
CA THR C 417 11.00 17.71 25.54
C THR C 417 11.68 18.68 26.50
N GLY C 418 12.72 19.35 26.01
CA GLY C 418 13.53 20.23 26.81
C GLY C 418 15.01 20.02 26.56
N CYS C 419 15.81 20.71 27.35
CA CYS C 419 17.26 20.74 27.16
C CYS C 419 17.97 20.52 28.49
N VAL C 420 19.26 20.17 28.39
CA VAL C 420 20.13 20.02 29.54
C VAL C 420 21.32 20.95 29.39
N ILE C 421 21.69 21.60 30.48
CA ILE C 421 22.82 22.53 30.51
C ILE C 421 23.83 22.00 31.51
N ALA C 422 25.06 21.76 31.05
CA ALA C 422 26.12 21.25 31.90
C ALA C 422 27.39 22.05 31.67
N TRP C 423 28.06 22.42 32.75
CA TRP C 423 29.33 23.12 32.65
C TRP C 423 30.18 22.78 33.87
N ASN C 424 31.50 22.85 33.69
CA ASN C 424 32.44 22.46 34.73
C ASN C 424 32.44 23.48 35.86
N SER C 425 32.54 22.97 37.09
CA SER C 425 32.60 23.79 38.29
C SER C 425 33.83 23.43 39.12
N ASN C 426 34.98 23.35 38.45
CA ASN C 426 36.21 22.95 39.11
C ASN C 426 36.62 23.95 40.19
N ASN C 427 36.47 25.24 39.92
CA ASN C 427 36.90 26.27 40.86
C ASN C 427 35.81 26.67 41.84
N LEU C 428 34.64 26.05 41.78
CA LEU C 428 33.51 26.42 42.65
C LEU C 428 33.15 25.31 43.62
N ASP C 429 32.86 24.10 43.12
CA ASP C 429 32.36 23.02 43.96
C ASP C 429 33.45 22.04 44.40
N SER C 430 34.71 22.29 44.05
CA SER C 430 35.81 21.43 44.45
C SER C 430 36.70 22.15 45.46
N LYS C 431 37.09 21.43 46.51
CA LYS C 431 37.94 21.96 47.56
C LYS C 431 39.19 21.08 47.67
N VAL C 432 40.27 21.70 48.18
CA VAL C 432 41.52 20.96 48.37
C VAL C 432 41.29 19.80 49.33
N GLY C 433 40.59 20.03 50.43
CA GLY C 433 40.24 18.97 51.34
C GLY C 433 39.11 18.07 50.89
N GLY C 434 38.43 18.45 49.81
CA GLY C 434 37.37 17.62 49.26
C GLY C 434 35.98 18.01 49.70
N ASN C 435 35.07 18.22 48.74
CA ASN C 435 33.69 18.54 49.03
C ASN C 435 32.88 17.25 49.04
N TYR C 436 32.57 16.77 50.25
CA TYR C 436 31.84 15.51 50.43
C TYR C 436 30.35 15.74 50.69
N ASN C 437 29.88 16.98 50.53
CA ASN C 437 28.48 17.29 50.77
C ASN C 437 27.55 16.83 49.64
N TYR C 438 28.10 16.38 48.52
CA TYR C 438 27.32 15.88 47.41
C TYR C 438 27.28 14.36 47.48
N LEU C 439 26.07 13.80 47.45
CA LEU C 439 25.85 12.41 47.79
C LEU C 439 25.68 11.54 46.54
N TYR C 440 25.84 10.23 46.74
CA TYR C 440 25.77 9.23 45.69
C TYR C 440 24.81 8.12 46.10
N ARG C 441 23.84 7.83 45.24
CA ARG C 441 22.97 6.68 45.43
C ARG C 441 23.42 5.56 44.50
N LEU C 442 23.76 4.41 45.07
CA LEU C 442 24.32 3.29 44.33
C LEU C 442 23.43 2.05 44.31
N PHE C 443 22.54 1.90 45.28
CA PHE C 443 21.81 0.64 45.47
C PHE C 443 20.37 0.95 45.85
N ARG C 444 19.45 0.55 44.99
CA ARG C 444 18.02 0.77 45.17
C ARG C 444 17.25 -0.50 44.86
N LYS C 445 16.07 -0.61 45.44
CA LYS C 445 15.24 -1.80 45.23
C LYS C 445 14.81 -1.94 43.77
N SER C 446 14.43 -0.83 43.14
CA SER C 446 13.94 -0.88 41.77
C SER C 446 14.32 0.43 41.07
N ASN C 447 14.14 0.44 39.75
CA ASN C 447 14.44 1.62 38.96
C ASN C 447 13.39 2.70 39.21
N LEU C 448 13.84 3.95 39.28
CA LEU C 448 12.96 5.07 39.56
C LEU C 448 12.16 5.46 38.31
N LYS C 449 10.92 5.88 38.54
CA LYS C 449 10.10 6.41 37.46
C LYS C 449 10.65 7.76 37.00
N PRO C 450 10.36 8.16 35.76
CA PRO C 450 10.82 9.46 35.28
C PRO C 450 10.28 10.60 36.14
N PHE C 451 11.16 11.57 36.41
CA PHE C 451 10.84 12.74 37.22
C PHE C 451 10.27 12.34 38.58
N GLU C 452 11.05 11.53 39.29
CA GLU C 452 10.69 11.05 40.62
C GLU C 452 11.87 11.25 41.56
N ARG C 453 11.59 11.76 42.76
CA ARG C 453 12.62 12.06 43.75
C ARG C 453 12.55 11.06 44.89
N ASP C 454 13.70 10.48 45.24
CA ASP C 454 13.80 9.53 46.33
C ASP C 454 14.70 10.10 47.41
N ILE C 455 14.13 10.35 48.59
CA ILE C 455 14.87 10.91 49.71
C ILE C 455 15.05 9.91 50.84
N SER C 456 14.32 8.80 50.86
CA SER C 456 14.39 7.85 51.95
C SER C 456 15.81 7.35 52.14
N THR C 457 16.29 7.39 53.39
CA THR C 457 17.64 6.99 53.73
C THR C 457 17.66 5.65 54.46
N GLU C 458 16.73 4.76 54.13
CA GLU C 458 16.71 3.43 54.72
C GLU C 458 17.93 2.64 54.25
N ILE C 459 18.48 1.84 55.16
CA ILE C 459 19.61 0.98 54.85
C ILE C 459 19.07 -0.24 54.11
N TYR C 460 19.30 -0.29 52.80
CA TYR C 460 18.75 -1.36 51.98
C TYR C 460 19.43 -2.69 52.32
N GLN C 461 18.75 -3.78 51.97
CA GLN C 461 19.19 -5.13 52.30
C GLN C 461 19.70 -5.80 51.03
N ALA C 462 21.01 -6.09 50.98
CA ALA C 462 21.59 -6.77 49.84
C ALA C 462 21.43 -8.29 49.95
N GLY C 463 21.52 -8.81 51.17
CA GLY C 463 21.37 -10.23 51.42
C GLY C 463 19.99 -10.57 51.94
N SER C 464 19.88 -11.77 52.52
CA SER C 464 18.61 -12.21 53.08
C SER C 464 18.36 -11.70 54.49
N THR C 465 19.39 -11.32 55.21
CA THR C 465 19.21 -10.83 56.57
C THR C 465 18.64 -9.42 56.56
N PRO C 466 17.68 -9.12 57.43
CA PRO C 466 17.14 -7.75 57.50
C PRO C 466 18.09 -6.82 58.24
N CYS C 467 18.44 -5.71 57.60
CA CYS C 467 19.32 -4.73 58.23
C CYS C 467 18.65 -4.06 59.42
N ASN C 468 17.34 -3.81 59.33
CA ASN C 468 16.56 -3.18 60.39
C ASN C 468 17.14 -1.82 60.77
N GLY C 469 17.59 -1.07 59.76
CA GLY C 469 18.16 0.24 60.02
C GLY C 469 19.53 0.23 60.65
N VAL C 470 20.22 -0.91 60.64
CA VAL C 470 21.54 -1.05 61.23
C VAL C 470 22.49 -1.59 60.16
N GLU C 471 23.63 -0.92 59.99
CA GLU C 471 24.60 -1.36 59.01
C GLU C 471 25.32 -2.63 59.47
N GLY C 472 25.96 -3.30 58.52
CA GLY C 472 26.68 -4.52 58.81
C GLY C 472 26.87 -5.38 57.58
N PHE C 473 26.62 -6.68 57.71
CA PHE C 473 26.75 -7.59 56.58
C PHE C 473 25.64 -7.34 55.58
N ASN C 474 26.02 -7.07 54.33
CA ASN C 474 25.07 -6.76 53.25
C ASN C 474 24.18 -5.57 53.61
N CYS C 475 24.74 -4.61 54.34
CA CYS C 475 24.04 -3.38 54.70
C CYS C 475 25.00 -2.22 54.49
N TYR C 476 24.66 -1.31 53.59
CA TYR C 476 25.57 -0.26 53.16
C TYR C 476 24.97 1.11 53.45
N PHE C 477 25.84 2.11 53.44
CA PHE C 477 25.40 3.48 53.69
C PHE C 477 24.47 3.92 52.55
N PRO C 478 23.32 4.51 52.86
CA PRO C 478 22.34 4.82 51.80
C PRO C 478 22.87 5.74 50.73
N LEU C 479 23.73 6.70 51.07
CA LEU C 479 24.16 7.73 50.12
C LEU C 479 25.66 7.95 50.27
N GLN C 480 26.44 7.40 49.34
CA GLN C 480 27.88 7.60 49.33
C GLN C 480 28.22 9.05 49.00
N SER C 481 29.44 9.45 49.33
CA SER C 481 29.88 10.83 49.15
C SER C 481 30.76 10.96 47.91
N TYR C 482 30.84 12.19 47.39
CA TYR C 482 31.63 12.49 46.21
C TYR C 482 33.04 12.92 46.60
N GLY C 483 34.02 12.41 45.86
CA GLY C 483 35.40 12.81 46.06
C GLY C 483 35.81 13.97 45.17
N PHE C 484 35.29 15.17 45.46
CA PHE C 484 35.56 16.35 44.64
C PHE C 484 36.83 17.03 45.14
N GLN C 485 37.95 16.76 44.46
CA GLN C 485 39.22 17.37 44.76
C GLN C 485 39.87 17.87 43.47
N PRO C 486 40.69 18.92 43.54
CA PRO C 486 41.40 19.38 42.33
C PRO C 486 42.36 18.35 41.78
N THR C 487 42.84 17.41 42.58
CA THR C 487 43.75 16.38 42.10
C THR C 487 43.07 15.40 41.15
N ASN C 488 41.74 15.29 41.21
CA ASN C 488 41.01 14.38 40.34
C ASN C 488 41.09 14.83 38.90
N GLY C 489 40.93 13.87 37.99
CA GLY C 489 41.00 14.14 36.57
C GLY C 489 39.79 14.86 36.03
N VAL C 490 39.85 15.16 34.73
CA VAL C 490 38.76 15.89 34.08
C VAL C 490 37.46 15.10 34.17
N GLY C 491 37.53 13.80 33.92
CA GLY C 491 36.35 12.95 34.05
C GLY C 491 35.83 12.87 35.47
N TYR C 492 36.63 13.26 36.45
CA TYR C 492 36.22 13.29 37.84
C TYR C 492 36.07 14.70 38.39
N GLN C 493 36.22 15.71 37.54
CA GLN C 493 36.04 17.10 37.97
C GLN C 493 34.55 17.39 38.18
N PRO C 494 34.22 18.39 38.99
CA PRO C 494 32.81 18.72 39.22
C PRO C 494 32.18 19.37 38.01
N TYR C 495 31.00 18.88 37.62
CA TYR C 495 30.19 19.47 36.57
C TYR C 495 28.82 19.80 37.14
N ARG C 496 28.37 21.04 36.93
CA ARG C 496 27.05 21.47 37.37
C ARG C 496 26.07 21.27 36.23
N VAL C 497 25.01 20.51 36.47
CA VAL C 497 24.05 20.12 35.44
C VAL C 497 22.70 20.74 35.77
N VAL C 498 22.10 21.41 34.79
CA VAL C 498 20.77 21.98 34.93
C VAL C 498 19.91 21.50 33.77
N VAL C 499 18.73 20.97 34.08
CA VAL C 499 17.80 20.45 33.08
C VAL C 499 16.59 21.37 33.02
N LEU C 500 16.23 21.78 31.81
CA LEU C 500 15.03 22.58 31.57
C LEU C 500 14.02 21.73 30.84
N SER C 501 12.83 21.61 31.43
CA SER C 501 11.73 20.85 30.84
C SER C 501 10.58 21.79 30.52
N PHE C 502 10.12 21.75 29.28
CA PHE C 502 9.05 22.62 28.82
C PHE C 502 7.74 21.86 28.74
N GLU C 503 6.63 22.57 28.94
CA GLU C 503 5.29 22.01 28.85
C GLU C 503 4.55 22.65 27.69
N LEU C 504 4.53 21.97 26.54
CA LEU C 504 3.81 22.43 25.36
C LEU C 504 2.40 21.86 25.40
N LEU C 505 1.56 22.49 26.22
CA LEU C 505 0.19 22.04 26.43
C LEU C 505 -0.79 23.10 25.94
N HIS C 506 -2.00 22.65 25.61
CA HIS C 506 -3.07 23.52 25.16
C HIS C 506 -3.64 24.25 26.37
N ALA C 507 -2.97 25.32 26.77
CA ALA C 507 -3.31 26.09 27.95
C ALA C 507 -2.70 27.48 27.79
N PRO C 508 -3.17 28.46 28.56
CA PRO C 508 -2.59 29.80 28.46
C PRO C 508 -1.09 29.79 28.76
N ALA C 509 -0.34 30.56 27.99
CA ALA C 509 1.11 30.58 28.08
C ALA C 509 1.58 31.76 28.92
N THR C 510 2.69 31.55 29.64
CA THR C 510 3.25 32.56 30.53
C THR C 510 4.75 32.75 30.39
N VAL C 511 5.44 31.95 29.58
CA VAL C 511 6.89 32.03 29.47
C VAL C 511 7.26 32.33 28.02
N CYS C 512 6.42 33.12 27.34
CA CYS C 512 6.69 33.49 25.97
C CYS C 512 7.99 34.26 25.85
N GLY C 513 8.75 33.98 24.78
CA GLY C 513 10.03 34.61 24.57
C GLY C 513 9.91 36.04 24.11
N PRO C 514 11.06 36.66 23.86
CA PRO C 514 11.07 38.08 23.50
C PRO C 514 10.58 38.32 22.08
N LYS C 515 9.35 38.84 21.95
CA LYS C 515 8.77 39.10 20.64
C LYS C 515 7.79 40.25 20.76
N LYS C 516 7.48 40.86 19.62
CA LYS C 516 6.58 41.99 19.56
C LYS C 516 5.23 41.59 18.98
N SER C 517 4.18 42.25 19.45
CA SER C 517 2.82 41.96 19.03
C SER C 517 2.35 43.04 18.06
N THR C 518 1.82 42.62 16.91
CA THR C 518 1.31 43.52 15.91
C THR C 518 -0.17 43.80 16.17
N ASN C 519 -0.84 44.41 15.20
CA ASN C 519 -2.26 44.71 15.29
C ASN C 519 -3.08 43.68 14.54
N LEU C 520 -4.36 43.59 14.90
CA LEU C 520 -5.27 42.62 14.31
C LEU C 520 -5.84 43.18 13.01
N VAL C 521 -5.52 42.54 11.89
CA VAL C 521 -6.08 42.88 10.58
C VAL C 521 -7.10 41.81 10.23
N LYS C 522 -8.30 42.24 9.82
CA LYS C 522 -9.41 41.33 9.62
C LYS C 522 -9.87 41.36 8.17
N ASN C 523 -10.60 40.30 7.79
CA ASN C 523 -11.21 40.19 6.47
C ASN C 523 -10.16 40.19 5.35
N LYS C 524 -9.03 39.53 5.59
CA LYS C 524 -8.02 39.36 4.55
C LYS C 524 -7.19 38.13 4.87
N CYS C 525 -6.56 37.58 3.83
CA CYS C 525 -5.71 36.40 3.97
C CYS C 525 -4.39 36.84 4.60
N VAL C 526 -4.15 36.41 5.83
CA VAL C 526 -3.01 36.88 6.62
C VAL C 526 -2.43 35.71 7.40
N ASN C 527 -1.10 35.66 7.49
CA ASN C 527 -0.44 34.73 8.40
C ASN C 527 -0.67 35.17 9.84
N PHE C 528 -1.09 34.25 10.70
CA PHE C 528 -1.35 34.56 12.09
C PHE C 528 -0.48 33.71 13.00
N ASN C 529 -0.22 34.23 14.21
CA ASN C 529 0.57 33.53 15.20
C ASN C 529 0.01 33.94 16.58
N PHE C 530 -0.92 33.13 17.08
CA PHE C 530 -1.62 33.41 18.33
C PHE C 530 -1.09 32.47 19.41
N ASN C 531 -0.34 33.02 20.37
CA ASN C 531 0.15 32.27 21.52
C ASN C 531 1.03 31.10 21.10
N GLY C 532 1.71 31.22 19.97
CA GLY C 532 2.62 30.20 19.49
C GLY C 532 2.09 29.36 18.35
N LEU C 533 0.78 29.22 18.21
CA LEU C 533 0.22 28.45 17.11
C LEU C 533 0.15 29.32 15.86
N THR C 534 0.66 28.80 14.75
CA THR C 534 0.74 29.53 13.49
C THR C 534 -0.18 28.92 12.45
N GLY C 535 -0.36 29.63 11.35
CA GLY C 535 -1.19 29.15 10.28
C GLY C 535 -1.46 30.26 9.27
N THR C 536 -2.51 30.05 8.47
CA THR C 536 -2.90 31.01 7.46
C THR C 536 -4.41 30.91 7.22
N GLY C 537 -5.05 32.06 7.10
CA GLY C 537 -6.48 32.07 6.81
C GLY C 537 -7.02 33.48 6.88
N VAL C 538 -8.33 33.57 6.64
CA VAL C 538 -9.07 34.82 6.76
C VAL C 538 -9.88 34.76 8.04
N LEU C 539 -9.73 35.78 8.90
CA LEU C 539 -10.36 35.78 10.20
C LEU C 539 -11.44 36.85 10.27
N THR C 540 -12.61 36.47 10.80
CA THR C 540 -13.75 37.37 10.92
C THR C 540 -14.25 37.39 12.37
N GLU C 541 -15.39 38.02 12.61
CA GLU C 541 -15.98 38.07 13.94
C GLU C 541 -16.95 36.91 14.09
N SER C 542 -16.67 36.02 15.03
CA SER C 542 -17.47 34.83 15.26
C SER C 542 -18.43 35.05 16.43
N ASN C 543 -19.59 34.39 16.36
CA ASN C 543 -20.61 34.51 17.38
C ASN C 543 -20.68 33.29 18.29
N LYS C 544 -19.67 32.43 18.26
CA LYS C 544 -19.67 31.25 19.10
C LYS C 544 -19.50 31.65 20.56
N LYS C 545 -20.40 31.15 21.41
CA LYS C 545 -20.40 31.48 22.83
C LYS C 545 -19.34 30.63 23.53
N PHE C 546 -18.14 31.20 23.67
CA PHE C 546 -17.06 30.50 24.33
C PHE C 546 -17.29 30.47 25.84
N LEU C 547 -16.97 29.34 26.46
CA LEU C 547 -16.97 29.30 27.91
C LEU C 547 -15.69 29.95 28.43
N PRO C 548 -15.72 30.54 29.64
CA PRO C 548 -14.57 31.32 30.10
C PRO C 548 -13.26 30.56 30.18
N PHE C 549 -13.30 29.23 30.31
CA PHE C 549 -12.08 28.44 30.42
C PHE C 549 -11.57 27.92 29.09
N GLN C 550 -12.27 28.19 27.98
CA GLN C 550 -11.93 27.62 26.69
C GLN C 550 -11.10 28.59 25.86
N GLN C 551 -10.24 28.02 25.01
CA GLN C 551 -9.33 28.80 24.17
C GLN C 551 -9.55 28.59 22.69
N PHE C 552 -9.69 27.35 22.24
CA PHE C 552 -9.83 27.04 20.82
C PHE C 552 -11.24 26.59 20.50
N GLY C 553 -11.44 26.25 19.24
CA GLY C 553 -12.68 25.66 18.76
C GLY C 553 -12.43 24.69 17.64
N ARG C 554 -12.95 23.48 17.75
CA ARG C 554 -12.72 22.43 16.76
C ARG C 554 -14.03 21.70 16.48
N ASP C 555 -14.41 21.64 15.21
CA ASP C 555 -15.64 20.95 14.80
C ASP C 555 -15.38 19.59 14.17
N ILE C 556 -14.31 19.46 13.38
CA ILE C 556 -13.95 18.20 12.75
C ILE C 556 -12.75 17.56 13.43
N ALA C 557 -12.26 18.16 14.52
CA ALA C 557 -11.25 17.66 15.46
C ALA C 557 -9.83 17.71 14.90
N ASP C 558 -9.63 18.15 13.66
CA ASP C 558 -8.30 18.37 13.13
C ASP C 558 -8.06 19.79 12.66
N THR C 559 -9.09 20.65 12.65
CA THR C 559 -8.96 22.04 12.24
C THR C 559 -9.45 22.94 13.37
N THR C 560 -8.66 23.96 13.69
CA THR C 560 -9.06 24.97 14.67
C THR C 560 -9.84 26.05 13.94
N ASP C 561 -11.17 25.95 13.99
CA ASP C 561 -12.03 26.88 13.28
C ASP C 561 -12.12 28.23 14.00
N ALA C 562 -11.83 28.26 15.30
CA ALA C 562 -11.92 29.50 16.05
C ALA C 562 -10.76 29.58 17.03
N VAL C 563 -10.50 30.80 17.53
CA VAL C 563 -9.39 31.05 18.43
C VAL C 563 -9.69 32.33 19.18
N ARG C 564 -9.03 32.51 20.32
CA ARG C 564 -9.24 33.67 21.18
C ARG C 564 -7.97 34.52 21.21
N ASP C 565 -8.14 35.82 20.97
CA ASP C 565 -7.00 36.72 20.94
C ASP C 565 -6.39 36.85 22.34
N PRO C 566 -5.08 36.71 22.48
CA PRO C 566 -4.48 36.73 23.83
C PRO C 566 -4.65 38.04 24.57
N GLN C 567 -4.44 39.18 23.92
CA GLN C 567 -4.48 40.45 24.64
C GLN C 567 -5.92 40.90 24.90
N THR C 568 -6.67 41.15 23.84
CA THR C 568 -8.10 41.44 23.96
C THR C 568 -8.86 40.12 23.88
N LEU C 569 -9.57 39.77 24.95
CA LEU C 569 -10.19 38.46 25.03
C LEU C 569 -11.39 38.37 24.09
N GLU C 570 -11.13 38.43 22.78
CA GLU C 570 -12.16 38.35 21.76
C GLU C 570 -11.95 37.08 20.94
N ILE C 571 -13.05 36.57 20.39
CA ILE C 571 -13.06 35.31 19.66
C ILE C 571 -13.26 35.61 18.18
N LEU C 572 -12.35 35.12 17.35
CA LEU C 572 -12.42 35.33 15.92
C LEU C 572 -12.21 34.00 15.21
N ASP C 573 -13.07 33.69 14.24
CA ASP C 573 -13.00 32.42 13.55
C ASP C 573 -11.94 32.44 12.45
N ILE C 574 -11.48 31.25 12.08
CA ILE C 574 -10.44 31.08 11.07
C ILE C 574 -11.02 30.29 9.90
N THR C 575 -10.87 30.82 8.69
CA THR C 575 -11.31 30.15 7.49
C THR C 575 -10.19 30.11 6.46
N PRO C 576 -10.07 29.03 5.68
CA PRO C 576 -9.05 29.00 4.63
C PRO C 576 -9.28 30.10 3.61
N CYS C 577 -8.19 30.64 3.08
CA CYS C 577 -8.26 31.82 2.22
C CYS C 577 -9.05 31.54 0.94
N SER C 578 -8.50 30.71 0.06
CA SER C 578 -9.18 30.26 -1.15
C SER C 578 -8.31 29.27 -1.91
N PHE C 579 -8.94 28.31 -2.59
CA PHE C 579 -8.20 27.38 -3.42
C PHE C 579 -9.15 26.78 -4.44
N GLY C 580 -8.59 26.22 -5.50
CA GLY C 580 -9.39 25.60 -6.53
C GLY C 580 -8.51 25.13 -7.67
N GLY C 581 -9.15 24.46 -8.62
CA GLY C 581 -8.48 23.99 -9.81
C GLY C 581 -8.62 24.96 -10.96
N VAL C 582 -7.62 24.97 -11.83
CA VAL C 582 -7.59 25.85 -13.00
C VAL C 582 -7.66 24.96 -14.24
N SER C 583 -8.71 25.15 -15.03
CA SER C 583 -8.92 24.39 -16.25
C SER C 583 -8.86 25.33 -17.45
N VAL C 584 -8.35 24.83 -18.56
CA VAL C 584 -8.18 25.60 -19.79
C VAL C 584 -9.12 25.03 -20.84
N ILE C 585 -10.11 25.81 -21.24
CA ILE C 585 -11.02 25.44 -22.31
C ILE C 585 -10.39 25.84 -23.64
N THR C 586 -10.19 24.87 -24.52
CA THR C 586 -9.52 25.17 -25.77
C THR C 586 -10.05 24.36 -26.94
N PRO C 587 -10.22 24.97 -28.10
CA PRO C 587 -10.36 24.20 -29.33
C PRO C 587 -9.00 23.69 -29.80
N GLY C 588 -9.03 22.77 -30.76
CA GLY C 588 -7.79 22.19 -31.24
C GLY C 588 -6.88 23.22 -31.90
N THR C 589 -5.58 22.89 -31.91
CA THR C 589 -4.58 23.73 -32.54
C THR C 589 -4.67 23.69 -34.05
N ASN C 590 -5.41 22.73 -34.61
CA ASN C 590 -6.22 23.13 -35.75
C ASN C 590 -6.94 24.42 -35.72
N THR C 591 -7.90 24.65 -34.86
CA THR C 591 -8.83 25.71 -35.19
C THR C 591 -8.26 27.10 -34.91
N SER C 592 -7.69 27.28 -33.74
CA SER C 592 -7.13 28.56 -33.34
C SER C 592 -6.21 28.35 -32.14
N ASN C 593 -5.72 29.44 -31.58
CA ASN C 593 -4.90 29.40 -30.38
C ASN C 593 -5.53 30.14 -29.21
N GLN C 594 -6.74 30.68 -29.38
CA GLN C 594 -7.42 31.32 -28.27
C GLN C 594 -7.86 30.27 -27.24
N VAL C 595 -7.79 30.63 -25.96
CA VAL C 595 -8.17 29.75 -24.88
C VAL C 595 -9.02 30.52 -23.89
N ALA C 596 -9.73 29.77 -23.05
CA ALA C 596 -10.49 30.32 -21.93
C ALA C 596 -10.11 29.55 -20.67
N VAL C 597 -10.14 30.23 -19.53
CA VAL C 597 -9.70 29.67 -18.26
C VAL C 597 -10.88 29.67 -17.30
N LEU C 598 -11.09 28.54 -16.63
CA LEU C 598 -12.12 28.39 -15.62
C LEU C 598 -11.47 28.15 -14.26
N TYR C 599 -11.84 28.97 -13.28
CA TYR C 599 -11.36 28.83 -11.91
C TYR C 599 -12.45 28.10 -11.14
N GLN C 600 -12.23 26.82 -10.86
CA GLN C 600 -13.31 25.96 -10.39
C GLN C 600 -13.73 26.29 -8.96
N GLY C 601 -15.02 26.51 -8.79
CA GLY C 601 -15.63 26.65 -7.48
C GLY C 601 -15.12 27.80 -6.63
N VAL C 602 -14.94 28.97 -7.22
CA VAL C 602 -14.46 30.14 -6.48
C VAL C 602 -15.29 31.36 -6.84
N ASN C 603 -15.53 32.20 -5.84
CA ASN C 603 -15.97 33.57 -6.08
C ASN C 603 -14.82 34.34 -6.70
N CYS C 604 -15.06 34.99 -7.83
CA CYS C 604 -13.97 35.52 -8.61
C CYS C 604 -13.95 37.05 -8.68
N THR C 605 -14.51 37.69 -7.66
CA THR C 605 -13.94 38.95 -7.23
C THR C 605 -12.53 38.74 -6.68
N GLU C 606 -12.22 37.52 -6.23
CA GLU C 606 -10.91 37.15 -5.71
C GLU C 606 -9.91 36.70 -6.78
N VAL C 607 -10.39 36.37 -7.99
CA VAL C 607 -9.48 35.81 -9.00
C VAL C 607 -8.34 36.75 -9.39
N PRO C 608 -8.53 38.06 -9.58
CA PRO C 608 -7.41 38.89 -10.04
C PRO C 608 -6.21 38.88 -9.11
N VAL C 609 -6.38 38.51 -7.84
CA VAL C 609 -5.30 38.59 -6.87
C VAL C 609 -4.99 37.21 -6.29
N ALA C 610 -5.17 36.16 -7.09
CA ALA C 610 -4.90 34.81 -6.60
C ALA C 610 -3.42 34.46 -6.72
N ILE C 611 -2.93 34.37 -7.95
CA ILE C 611 -1.50 34.12 -8.21
C ILE C 611 -1.12 34.71 -9.56
N THR C 617 7.16 37.04 -15.67
CA THR C 617 6.25 36.37 -14.75
C THR C 617 4.88 36.11 -15.41
N PRO C 618 4.32 34.91 -15.18
CA PRO C 618 3.07 34.50 -15.81
C PRO C 618 1.81 35.04 -15.12
N THR C 619 1.78 36.35 -14.91
CA THR C 619 0.68 36.99 -14.16
C THR C 619 -0.41 37.49 -15.11
N TRP C 620 -1.02 36.55 -15.85
CA TRP C 620 -2.14 36.96 -16.69
C TRP C 620 -3.30 37.47 -15.85
N ARG C 621 -3.49 36.90 -14.66
CA ARG C 621 -4.60 37.24 -13.76
C ARG C 621 -5.92 37.17 -14.50
N VAL C 622 -6.50 38.34 -14.77
CA VAL C 622 -7.67 38.40 -15.63
C VAL C 622 -7.16 38.40 -17.06
N TYR C 623 -7.11 37.21 -17.67
CA TYR C 623 -6.45 37.00 -18.94
C TYR C 623 -6.92 37.99 -20.01
N SER C 624 -8.23 38.15 -20.16
CA SER C 624 -8.82 39.12 -21.07
C SER C 624 -9.92 39.83 -20.31
N THR C 625 -9.58 40.97 -19.70
CA THR C 625 -10.55 41.71 -18.91
C THR C 625 -11.72 42.21 -19.76
N GLY C 626 -11.48 42.47 -21.05
CA GLY C 626 -12.56 42.85 -21.93
C GLY C 626 -13.60 41.75 -22.08
N SER C 627 -13.15 40.50 -22.12
CA SER C 627 -14.06 39.36 -22.18
C SER C 627 -14.85 39.29 -20.87
N ASN C 628 -16.14 39.61 -20.95
CA ASN C 628 -16.99 39.74 -19.78
C ASN C 628 -16.91 38.51 -18.89
N VAL C 629 -16.38 38.67 -17.69
CA VAL C 629 -16.32 37.59 -16.73
C VAL C 629 -17.70 37.43 -16.09
N PHE C 630 -18.08 36.19 -15.82
CA PHE C 630 -19.40 35.94 -15.23
C PHE C 630 -19.35 34.64 -14.44
N GLN C 631 -19.97 34.65 -13.27
CA GLN C 631 -19.98 33.48 -12.42
C GLN C 631 -20.91 32.41 -12.95
N THR C 632 -20.47 31.17 -12.88
CA THR C 632 -21.29 29.98 -13.06
C THR C 632 -21.26 29.21 -11.74
N ARG C 633 -22.04 28.12 -11.68
CA ARG C 633 -21.98 27.26 -10.51
C ARG C 633 -20.68 26.48 -10.43
N ALA C 634 -19.91 26.42 -11.51
CA ALA C 634 -18.62 25.74 -11.52
C ALA C 634 -17.45 26.67 -11.20
N GLY C 635 -17.69 27.98 -11.13
CA GLY C 635 -16.67 28.99 -11.04
C GLY C 635 -17.07 30.16 -11.92
N CYS C 636 -16.12 31.01 -12.28
CA CYS C 636 -16.39 32.01 -13.31
C CYS C 636 -15.44 31.79 -14.47
N LEU C 637 -15.97 32.01 -15.67
CA LEU C 637 -15.26 31.73 -16.92
C LEU C 637 -14.67 33.04 -17.43
N ILE C 638 -13.37 33.01 -17.74
CA ILE C 638 -12.65 34.18 -18.23
C ILE C 638 -12.15 33.88 -19.63
N GLY C 639 -12.48 34.76 -20.58
CA GLY C 639 -12.08 34.61 -21.96
C GLY C 639 -13.18 34.17 -22.90
N ALA C 640 -14.41 34.07 -22.44
CA ALA C 640 -15.53 33.63 -23.26
C ALA C 640 -16.68 34.63 -23.14
N GLU C 641 -17.49 34.70 -24.19
CA GLU C 641 -18.62 35.62 -24.26
C GLU C 641 -19.92 34.86 -24.07
N HIS C 642 -20.81 35.42 -23.24
CA HIS C 642 -22.10 34.79 -22.98
C HIS C 642 -23.05 35.02 -24.14
N VAL C 643 -23.78 33.97 -24.51
CA VAL C 643 -24.70 34.00 -25.63
C VAL C 643 -26.04 33.39 -25.19
N ASN C 644 -27.14 33.99 -25.63
CA ASN C 644 -28.46 33.47 -25.30
C ASN C 644 -28.82 32.21 -26.09
N ASN C 645 -28.33 32.10 -27.33
CA ASN C 645 -28.68 30.96 -28.16
C ASN C 645 -28.15 29.67 -27.55
N SER C 646 -28.95 28.61 -27.63
CA SER C 646 -28.61 27.32 -27.08
C SER C 646 -28.27 26.33 -28.20
N TYR C 647 -27.25 25.52 -27.96
CA TYR C 647 -26.81 24.52 -28.92
C TYR C 647 -26.53 23.21 -28.20
N GLU C 648 -26.28 22.16 -28.97
CA GLU C 648 -25.82 20.91 -28.39
C GLU C 648 -24.42 21.07 -27.83
N CYS C 649 -24.17 20.45 -26.68
CA CYS C 649 -22.90 20.63 -25.99
C CYS C 649 -21.77 19.91 -26.73
N ASP C 650 -20.60 20.54 -26.75
CA ASP C 650 -19.40 19.89 -27.27
C ASP C 650 -18.23 19.94 -26.29
N ILE C 651 -18.08 21.03 -25.55
CA ILE C 651 -17.10 21.12 -24.48
C ILE C 651 -17.84 21.39 -23.18
N PRO C 652 -18.13 20.36 -22.40
CA PRO C 652 -18.86 20.57 -21.14
C PRO C 652 -18.04 21.35 -20.13
N ILE C 653 -18.73 22.18 -19.36
CA ILE C 653 -18.13 22.97 -18.29
C ILE C 653 -18.69 22.59 -16.93
N GLY C 654 -20.01 22.53 -16.81
CA GLY C 654 -20.66 22.12 -15.57
C GLY C 654 -21.91 22.93 -15.33
N ALA C 655 -22.85 22.33 -14.61
CA ALA C 655 -24.11 22.97 -14.23
C ALA C 655 -24.90 23.45 -15.45
N GLY C 656 -24.88 22.65 -16.51
CA GLY C 656 -25.64 22.95 -17.70
C GLY C 656 -25.00 23.95 -18.65
N ILE C 657 -23.81 24.45 -18.33
CA ILE C 657 -23.12 25.44 -19.15
C ILE C 657 -22.14 24.70 -20.05
N CYS C 658 -22.14 25.06 -21.34
CA CYS C 658 -21.27 24.45 -22.32
C CYS C 658 -20.58 25.55 -23.12
N ALA C 659 -19.37 25.25 -23.61
CA ALA C 659 -18.60 26.21 -24.38
C ALA C 659 -18.26 25.64 -25.74
N SER C 660 -18.15 26.54 -26.72
CA SER C 660 -17.83 26.13 -28.09
C SER C 660 -17.10 27.27 -28.79
N TYR C 661 -16.46 26.93 -29.91
CA TYR C 661 -15.73 27.89 -30.73
C TYR C 661 -16.44 27.99 -32.08
N GLN C 662 -17.00 29.16 -32.37
CA GLN C 662 -17.73 29.36 -33.61
C GLN C 662 -17.74 30.85 -33.94
N THR C 663 -18.13 31.16 -35.18
CA THR C 663 -18.15 32.54 -35.66
C THR C 663 -19.12 33.40 -34.87
N SER C 676 -13.66 37.09 -36.11
CA SER C 676 -15.01 36.57 -36.27
C SER C 676 -15.29 35.44 -35.29
N GLN C 677 -14.52 34.37 -35.38
CA GLN C 677 -14.70 33.21 -34.52
C GLN C 677 -14.10 33.46 -33.14
N SER C 678 -14.80 32.99 -32.11
CA SER C 678 -14.37 33.18 -30.73
C SER C 678 -15.02 32.10 -29.88
N ILE C 679 -14.52 31.97 -28.65
CA ILE C 679 -15.09 31.03 -27.70
C ILE C 679 -16.31 31.67 -27.04
N ILE C 680 -17.44 30.96 -27.06
CA ILE C 680 -18.68 31.44 -26.48
C ILE C 680 -19.14 30.46 -25.40
N ALA C 681 -19.98 30.95 -24.52
CA ALA C 681 -20.56 30.16 -23.44
C ALA C 681 -22.08 30.27 -23.50
N TYR C 682 -22.76 29.14 -23.28
CA TYR C 682 -24.20 29.08 -23.40
C TYR C 682 -24.71 27.92 -22.55
N THR C 683 -26.03 27.90 -22.35
CA THR C 683 -26.70 26.76 -21.73
C THR C 683 -27.04 25.75 -22.80
N MET C 684 -26.72 24.49 -22.56
CA MET C 684 -26.93 23.44 -23.55
C MET C 684 -28.41 23.25 -23.84
N SER C 685 -28.71 22.91 -25.09
CA SER C 685 -30.06 22.61 -25.53
C SER C 685 -30.26 21.10 -25.53
N LEU C 686 -31.38 20.64 -24.97
CA LEU C 686 -31.64 19.22 -24.83
C LEU C 686 -32.14 18.58 -26.12
N GLY C 687 -32.48 19.38 -27.13
CA GLY C 687 -32.96 18.82 -28.39
C GLY C 687 -34.05 19.66 -29.04
N ALA C 688 -34.36 19.36 -30.29
CA ALA C 688 -35.40 20.09 -31.00
C ALA C 688 -36.75 19.83 -30.38
N GLU C 689 -37.56 20.89 -30.26
CA GLU C 689 -38.88 20.78 -29.68
C GLU C 689 -39.86 20.14 -30.66
N ASN C 690 -40.81 19.38 -30.11
CA ASN C 690 -41.77 18.68 -30.94
C ASN C 690 -43.07 18.53 -30.16
N SER C 691 -44.15 18.29 -30.90
CA SER C 691 -45.46 18.09 -30.29
C SER C 691 -46.27 17.18 -31.20
N VAL C 692 -46.71 16.05 -30.66
CA VAL C 692 -47.48 15.08 -31.43
C VAL C 692 -48.95 15.51 -31.43
N ALA C 693 -49.55 15.52 -32.62
CA ALA C 693 -50.93 15.98 -32.79
C ALA C 693 -51.88 14.91 -32.28
N TYR C 694 -51.98 14.80 -30.97
CA TYR C 694 -52.79 13.76 -30.34
C TYR C 694 -54.26 14.13 -30.39
N SER C 695 -55.09 13.15 -30.76
CA SER C 695 -56.53 13.24 -30.62
C SER C 695 -57.06 11.83 -30.43
N ASN C 696 -58.32 11.73 -30.01
CA ASN C 696 -58.86 10.43 -29.62
C ASN C 696 -59.40 9.62 -30.80
N ASN C 697 -59.29 10.12 -32.03
CA ASN C 697 -59.69 9.32 -33.19
C ASN C 697 -58.75 9.53 -34.37
N SER C 698 -57.46 9.76 -34.12
CA SER C 698 -56.48 10.00 -35.17
C SER C 698 -55.33 9.01 -35.07
N ILE C 699 -54.88 8.52 -36.23
CA ILE C 699 -53.78 7.56 -36.31
C ILE C 699 -52.81 8.05 -37.39
N ALA C 700 -51.55 7.67 -37.25
CA ALA C 700 -50.54 7.90 -38.27
C ALA C 700 -49.85 6.58 -38.57
N ILE C 701 -49.91 6.15 -39.82
CA ILE C 701 -49.25 4.90 -40.23
C ILE C 701 -48.31 5.19 -41.39
N PRO C 702 -47.09 4.65 -41.38
CA PRO C 702 -46.14 4.96 -42.44
C PRO C 702 -46.56 4.38 -43.79
N THR C 703 -46.18 5.09 -44.85
CA THR C 703 -46.46 4.67 -46.21
C THR C 703 -45.21 4.26 -46.98
N ASN C 704 -44.05 4.24 -46.32
CA ASN C 704 -42.78 3.92 -46.95
C ASN C 704 -41.81 3.51 -45.86
N PHE C 705 -40.58 3.21 -46.25
CA PHE C 705 -39.57 2.76 -45.29
C PHE C 705 -38.18 3.02 -45.85
N THR C 706 -37.20 2.96 -44.95
CA THR C 706 -35.79 3.03 -45.31
C THR C 706 -35.03 1.93 -44.60
N ILE C 707 -33.92 1.49 -45.20
CA ILE C 707 -33.03 0.51 -44.61
C ILE C 707 -31.75 1.22 -44.21
N SER C 708 -31.36 1.07 -42.94
CA SER C 708 -30.19 1.75 -42.41
C SER C 708 -29.27 0.74 -41.74
N VAL C 709 -27.96 1.01 -41.84
CA VAL C 709 -26.92 0.21 -41.21
C VAL C 709 -26.16 1.09 -40.23
N THR C 710 -25.94 0.58 -39.03
CA THR C 710 -25.24 1.31 -37.98
C THR C 710 -24.12 0.46 -37.43
N THR C 711 -23.04 1.12 -37.00
CA THR C 711 -21.87 0.44 -36.47
C THR C 711 -21.86 0.50 -34.95
N GLU C 712 -21.36 -0.57 -34.35
CA GLU C 712 -21.14 -0.62 -32.91
C GLU C 712 -19.79 -1.25 -32.64
N ILE C 713 -19.01 -0.62 -31.76
CA ILE C 713 -17.62 -1.01 -31.51
C ILE C 713 -17.49 -1.39 -30.04
N LEU C 714 -16.93 -2.57 -29.79
CA LEU C 714 -16.76 -3.07 -28.42
C LEU C 714 -15.35 -3.62 -28.24
N PRO C 715 -14.60 -3.14 -27.25
CA PRO C 715 -13.33 -3.80 -26.92
C PRO C 715 -13.57 -5.20 -26.36
N VAL C 716 -12.62 -6.10 -26.65
CA VAL C 716 -12.74 -7.51 -26.31
C VAL C 716 -11.60 -7.98 -25.41
N SER C 717 -10.37 -7.64 -25.77
CA SER C 717 -9.21 -8.16 -25.06
C SER C 717 -8.20 -7.05 -24.80
N MET C 718 -7.31 -7.31 -23.86
CA MET C 718 -6.24 -6.41 -23.46
C MET C 718 -4.90 -6.98 -23.92
N THR C 719 -3.82 -6.30 -23.57
CA THR C 719 -2.48 -6.76 -23.92
C THR C 719 -1.94 -7.62 -22.78
N LYS C 720 -1.45 -8.81 -23.14
CA LYS C 720 -0.94 -9.77 -22.16
C LYS C 720 0.46 -9.35 -21.75
N THR C 721 0.60 -8.85 -20.53
CA THR C 721 1.85 -8.30 -20.03
C THR C 721 2.26 -9.06 -18.77
N SER C 722 3.53 -9.46 -18.71
CA SER C 722 4.10 -10.10 -17.54
C SER C 722 5.30 -9.30 -17.06
N VAL C 723 5.42 -9.14 -15.74
CA VAL C 723 6.50 -8.36 -15.14
C VAL C 723 7.21 -9.23 -14.12
N ASP C 724 8.55 -9.30 -14.23
CA ASP C 724 9.34 -10.04 -13.27
C ASP C 724 9.62 -9.17 -12.05
N CYS C 725 9.33 -9.71 -10.88
CA CYS C 725 9.46 -8.94 -9.64
C CYS C 725 10.91 -8.65 -9.30
N THR C 726 11.75 -9.69 -9.26
CA THR C 726 13.13 -9.51 -8.85
C THR C 726 13.92 -8.67 -9.83
N MET C 727 13.69 -8.87 -11.13
CA MET C 727 14.40 -8.08 -12.14
C MET C 727 14.03 -6.62 -12.06
N TYR C 728 12.75 -6.32 -11.82
CA TYR C 728 12.32 -4.94 -11.70
C TYR C 728 12.87 -4.28 -10.43
N ILE C 729 12.79 -4.99 -9.31
CA ILE C 729 13.17 -4.39 -8.03
C ILE C 729 14.67 -4.45 -7.83
N CYS C 730 15.27 -5.62 -8.02
CA CYS C 730 16.65 -5.90 -7.65
C CYS C 730 17.43 -6.45 -8.83
N GLY C 731 17.35 -5.77 -9.97
CA GLY C 731 18.00 -6.24 -11.18
C GLY C 731 19.47 -6.58 -11.01
N ASP C 732 19.83 -7.78 -11.45
CA ASP C 732 21.21 -8.32 -11.45
C ASP C 732 22.01 -7.97 -10.20
N SER C 733 21.38 -8.11 -9.03
CA SER C 733 22.05 -7.85 -7.76
C SER C 733 21.67 -8.94 -6.77
N THR C 734 22.67 -9.44 -6.03
CA THR C 734 22.46 -10.51 -5.07
C THR C 734 22.14 -10.00 -3.67
N GLU C 735 22.80 -8.92 -3.24
CA GLU C 735 22.48 -8.34 -1.95
C GLU C 735 21.05 -7.82 -1.90
N CYS C 736 20.61 -7.19 -2.99
CA CYS C 736 19.23 -6.69 -3.04
C CYS C 736 18.24 -7.84 -2.97
N SER C 737 18.49 -8.94 -3.66
CA SER C 737 17.58 -10.07 -3.61
C SER C 737 17.57 -10.72 -2.24
N ASN C 738 18.73 -10.80 -1.58
CA ASN C 738 18.79 -11.35 -0.24
C ASN C 738 18.00 -10.47 0.74
N LEU C 739 18.08 -9.15 0.58
CA LEU C 739 17.26 -8.27 1.40
C LEU C 739 15.77 -8.39 1.06
N LEU C 740 15.45 -8.63 -0.22
CA LEU C 740 14.06 -8.69 -0.66
C LEU C 740 13.37 -9.96 -0.18
N LEU C 741 14.10 -11.06 -0.05
CA LEU C 741 13.48 -12.31 0.39
C LEU C 741 12.95 -12.24 1.83
N GLN C 742 13.31 -11.19 2.58
CA GLN C 742 12.79 -11.00 3.93
C GLN C 742 11.33 -10.54 3.94
N TYR C 743 10.75 -10.21 2.79
CA TYR C 743 9.39 -9.71 2.71
C TYR C 743 8.36 -10.80 2.46
N GLY C 744 8.76 -12.05 2.42
CA GLY C 744 7.80 -13.14 2.27
C GLY C 744 7.55 -13.48 0.81
N SER C 745 6.29 -13.45 0.39
CA SER C 745 5.87 -13.93 -0.91
C SER C 745 5.00 -12.88 -1.61
N PHE C 746 5.45 -11.63 -1.64
CA PHE C 746 4.75 -10.60 -2.40
C PHE C 746 4.90 -10.82 -3.90
N CYS C 747 6.10 -11.18 -4.33
CA CYS C 747 6.37 -11.33 -5.76
C CYS C 747 5.56 -12.49 -6.35
N THR C 748 5.41 -13.58 -5.60
CA THR C 748 4.60 -14.68 -6.05
C THR C 748 3.15 -14.25 -6.28
N GLN C 749 2.61 -13.45 -5.36
CA GLN C 749 1.25 -12.95 -5.52
C GLN C 749 1.11 -12.08 -6.75
N LEU C 750 2.08 -11.17 -6.96
CA LEU C 750 2.00 -10.29 -8.13
C LEU C 750 2.05 -11.09 -9.44
N ASN C 751 2.97 -12.06 -9.51
CA ASN C 751 3.07 -12.89 -10.71
C ASN C 751 1.79 -13.69 -10.92
N ARG C 752 1.22 -14.22 -9.85
CA ARG C 752 -0.03 -14.99 -9.96
C ARG C 752 -1.16 -14.13 -10.50
N ALA C 753 -1.28 -12.90 -10.00
CA ALA C 753 -2.34 -12.02 -10.48
C ALA C 753 -2.16 -11.69 -11.96
N LEU C 754 -0.92 -11.38 -12.37
CA LEU C 754 -0.68 -11.06 -13.76
C LEU C 754 -0.98 -12.26 -14.67
N THR C 755 -0.61 -13.46 -14.23
CA THR C 755 -0.91 -14.66 -15.02
C THR C 755 -2.41 -14.88 -15.16
N GLY C 756 -3.15 -14.64 -14.07
CA GLY C 756 -4.60 -14.75 -14.14
C GLY C 756 -5.19 -13.80 -15.17
N ILE C 757 -4.73 -12.55 -15.18
CA ILE C 757 -5.22 -11.60 -16.18
C ILE C 757 -4.88 -12.08 -17.59
N ALA C 758 -3.66 -12.59 -17.78
CA ALA C 758 -3.22 -13.01 -19.10
C ALA C 758 -4.08 -14.16 -19.63
N VAL C 759 -4.41 -15.14 -18.79
CA VAL C 759 -5.26 -16.23 -19.27
C VAL C 759 -6.70 -15.76 -19.46
N GLU C 760 -7.15 -14.79 -18.65
CA GLU C 760 -8.50 -14.27 -18.84
C GLU C 760 -8.67 -13.61 -20.20
N GLN C 761 -7.62 -12.96 -20.71
CA GLN C 761 -7.74 -12.31 -22.01
C GLN C 761 -8.02 -13.33 -23.12
N ASP C 762 -7.29 -14.45 -23.12
CA ASP C 762 -7.53 -15.50 -24.09
C ASP C 762 -8.91 -16.10 -23.93
N LYS C 763 -9.37 -16.26 -22.68
CA LYS C 763 -10.72 -16.76 -22.46
C LYS C 763 -11.75 -15.80 -23.05
N ASN C 764 -11.54 -14.49 -22.90
CA ASN C 764 -12.45 -13.50 -23.48
C ASN C 764 -12.54 -13.63 -24.99
N THR C 765 -11.38 -13.68 -25.65
CA THR C 765 -11.39 -13.80 -27.11
C THR C 765 -12.09 -15.08 -27.55
N GLN C 766 -11.80 -16.18 -26.87
CA GLN C 766 -12.41 -17.46 -27.23
C GLN C 766 -13.92 -17.43 -27.06
N GLU C 767 -14.42 -16.84 -25.97
CA GLU C 767 -15.86 -16.84 -25.75
C GLU C 767 -16.57 -15.89 -26.70
N VAL C 768 -15.89 -14.86 -27.19
CA VAL C 768 -16.55 -13.95 -28.12
C VAL C 768 -16.60 -14.55 -29.52
N PHE C 769 -15.46 -15.06 -30.02
CA PHE C 769 -15.39 -15.39 -31.45
C PHE C 769 -15.66 -16.86 -31.78
N ALA C 770 -15.31 -17.80 -30.90
CA ALA C 770 -15.44 -19.22 -31.21
C ALA C 770 -16.83 -19.71 -30.82
N GLN C 771 -17.82 -19.30 -31.63
CA GLN C 771 -19.21 -19.67 -31.40
C GLN C 771 -19.78 -20.55 -32.50
N VAL C 772 -18.97 -20.97 -33.47
CA VAL C 772 -19.41 -21.83 -34.54
C VAL C 772 -18.47 -23.04 -34.61
N LYS C 773 -19.06 -24.23 -34.77
CA LYS C 773 -18.29 -25.46 -34.67
C LYS C 773 -17.70 -25.91 -36.02
N GLN C 774 -18.29 -25.50 -37.14
CA GLN C 774 -17.74 -25.77 -38.45
C GLN C 774 -17.39 -24.47 -39.15
N ILE C 775 -16.53 -24.56 -40.15
CA ILE C 775 -16.08 -23.40 -40.91
C ILE C 775 -16.82 -23.41 -42.24
N TYR C 776 -17.88 -22.60 -42.33
CA TYR C 776 -18.64 -22.49 -43.56
C TYR C 776 -17.97 -21.50 -44.51
N LYS C 777 -18.29 -21.65 -45.80
CA LYS C 777 -17.77 -20.76 -46.83
C LYS C 777 -18.84 -20.47 -47.86
N THR C 778 -18.80 -19.25 -48.39
CA THR C 778 -19.76 -18.82 -49.38
C THR C 778 -19.51 -19.52 -50.71
N PRO C 779 -20.57 -19.79 -51.48
CA PRO C 779 -20.40 -20.45 -52.78
C PRO C 779 -19.65 -19.55 -53.76
N PRO C 780 -18.99 -20.12 -54.76
CA PRO C 780 -18.30 -19.29 -55.76
C PRO C 780 -19.22 -18.35 -56.50
N ILE C 781 -20.46 -18.76 -56.74
CA ILE C 781 -21.44 -17.87 -57.37
C ILE C 781 -21.92 -16.85 -56.35
N LYS C 782 -22.16 -15.61 -56.81
CA LYS C 782 -22.58 -14.55 -55.92
C LYS C 782 -23.94 -14.00 -56.30
N ASP C 783 -24.89 -14.88 -56.59
CA ASP C 783 -26.27 -14.45 -56.87
C ASP C 783 -27.06 -14.49 -55.56
N PHE C 784 -27.44 -13.31 -55.06
CA PHE C 784 -28.18 -13.16 -53.82
C PHE C 784 -29.41 -12.30 -54.03
N GLY C 785 -30.00 -12.35 -55.23
CA GLY C 785 -31.20 -11.61 -55.50
C GLY C 785 -31.02 -10.12 -55.63
N GLY C 786 -29.81 -9.65 -55.94
CA GLY C 786 -29.52 -8.25 -56.04
C GLY C 786 -28.77 -7.67 -54.86
N PHE C 787 -28.70 -8.39 -53.75
CA PHE C 787 -27.94 -7.94 -52.60
C PHE C 787 -26.44 -8.16 -52.83
N ASN C 788 -25.64 -7.24 -52.31
CA ASN C 788 -24.21 -7.18 -52.60
C ASN C 788 -23.45 -7.11 -51.28
N PHE C 789 -22.67 -8.16 -50.99
CA PHE C 789 -21.89 -8.25 -49.77
C PHE C 789 -20.39 -8.15 -50.02
N SER C 790 -20.00 -7.50 -51.12
CA SER C 790 -18.58 -7.46 -51.50
C SER C 790 -17.74 -6.71 -50.48
N GLN C 791 -18.33 -5.76 -49.76
CA GLN C 791 -17.57 -4.95 -48.81
C GLN C 791 -17.28 -5.69 -47.51
N ILE C 792 -18.01 -6.75 -47.21
CA ILE C 792 -17.82 -7.49 -45.95
C ILE C 792 -17.25 -8.89 -46.16
N LEU C 793 -17.38 -9.45 -47.36
CA LEU C 793 -16.82 -10.77 -47.61
C LEU C 793 -15.30 -10.68 -47.76
N PRO C 794 -14.57 -11.74 -47.39
CA PRO C 794 -13.11 -11.70 -47.52
C PRO C 794 -12.66 -11.57 -48.96
N ASP C 795 -11.55 -10.87 -49.14
CA ASP C 795 -10.99 -10.63 -50.48
C ASP C 795 -9.75 -11.49 -50.66
N PRO C 796 -9.78 -12.51 -51.51
CA PRO C 796 -8.60 -13.39 -51.67
C PRO C 796 -7.43 -12.71 -52.34
N SER C 797 -7.64 -11.57 -53.02
CA SER C 797 -6.54 -10.88 -53.70
C SER C 797 -5.51 -10.38 -52.70
N LYS C 798 -5.96 -9.85 -51.56
CA LYS C 798 -5.04 -9.36 -50.55
C LYS C 798 -4.25 -10.51 -49.94
N PRO C 799 -3.01 -10.25 -49.51
CA PRO C 799 -2.24 -11.32 -48.84
C PRO C 799 -2.92 -11.84 -47.59
N SER C 800 -3.62 -10.99 -46.86
CA SER C 800 -4.44 -11.41 -45.72
C SER C 800 -5.90 -11.40 -46.16
N LYS C 801 -6.59 -12.52 -45.90
CA LYS C 801 -7.97 -12.70 -46.35
C LYS C 801 -8.88 -11.85 -45.47
N ARG C 802 -8.85 -10.54 -45.71
CA ARG C 802 -9.64 -9.58 -44.96
C ARG C 802 -10.52 -8.77 -45.90
N SER C 803 -11.71 -8.43 -45.42
CA SER C 803 -12.61 -7.58 -46.18
C SER C 803 -12.07 -6.15 -46.21
N PRO C 804 -12.52 -5.34 -47.18
CA PRO C 804 -12.11 -3.93 -47.19
C PRO C 804 -12.45 -3.20 -45.89
N ILE C 805 -13.62 -3.46 -45.31
CA ILE C 805 -13.96 -2.83 -44.03
C ILE C 805 -12.94 -3.22 -42.96
N GLU C 806 -12.56 -4.50 -42.92
CA GLU C 806 -11.59 -4.95 -41.94
C GLU C 806 -10.23 -4.31 -42.17
N ASP C 807 -9.84 -4.12 -43.44
CA ASP C 807 -8.58 -3.43 -43.72
C ASP C 807 -8.61 -1.98 -43.24
N LEU C 808 -9.72 -1.28 -43.48
CA LEU C 808 -9.85 0.08 -42.96
C LEU C 808 -9.74 0.10 -41.44
N LEU C 809 -10.42 -0.84 -40.76
CA LEU C 809 -10.35 -0.88 -39.30
C LEU C 809 -8.94 -1.18 -38.82
N PHE C 810 -8.23 -2.08 -39.50
CA PHE C 810 -6.89 -2.43 -39.06
C PHE C 810 -5.90 -1.30 -39.30
N ASN C 811 -6.10 -0.52 -40.36
CA ASN C 811 -5.21 0.61 -40.63
C ASN C 811 -5.58 1.87 -39.86
N LYS C 812 -6.79 1.95 -39.28
CA LYS C 812 -7.20 3.13 -38.54
C LYS C 812 -6.84 3.09 -37.06
N VAL C 813 -6.26 1.99 -36.57
CA VAL C 813 -5.94 1.85 -35.16
C VAL C 813 -4.43 1.68 -35.02
N THR C 814 -3.82 2.48 -34.15
CA THR C 814 -2.39 2.42 -33.91
C THR C 814 -2.05 1.31 -32.91
N LYS C 841 10.88 -1.91 -20.93
CA LYS C 841 10.95 -2.87 -22.03
C LYS C 841 12.04 -3.89 -21.75
N PHE C 842 12.92 -3.58 -20.80
CA PHE C 842 14.04 -4.44 -20.47
C PHE C 842 14.27 -4.57 -18.97
N ASN C 843 13.31 -4.14 -18.14
CA ASN C 843 13.44 -4.21 -16.68
C ASN C 843 12.62 -5.35 -16.11
N GLY C 844 12.55 -6.48 -16.81
CA GLY C 844 11.79 -7.62 -16.35
C GLY C 844 10.35 -7.66 -16.77
N LEU C 845 9.94 -6.83 -17.74
CA LEU C 845 8.57 -6.81 -18.23
C LEU C 845 8.54 -7.26 -19.68
N THR C 846 7.63 -8.19 -19.99
CA THR C 846 7.51 -8.77 -21.32
C THR C 846 6.06 -8.75 -21.76
N VAL C 847 5.85 -8.86 -23.07
CA VAL C 847 4.54 -8.94 -23.68
C VAL C 847 4.38 -10.33 -24.29
N LEU C 848 3.24 -10.98 -24.00
CA LEU C 848 3.00 -12.32 -24.51
C LEU C 848 2.07 -12.29 -25.70
N PRO C 849 2.33 -13.12 -26.72
CA PRO C 849 1.45 -13.12 -27.90
C PRO C 849 0.11 -13.74 -27.57
N PRO C 850 -0.96 -13.26 -28.19
CA PRO C 850 -2.27 -13.90 -27.99
C PRO C 850 -2.32 -15.30 -28.60
N LEU C 851 -3.16 -16.15 -28.03
CA LEU C 851 -3.28 -17.52 -28.50
C LEU C 851 -3.82 -17.57 -29.92
N LEU C 852 -4.81 -16.75 -30.23
CA LEU C 852 -5.43 -16.72 -31.55
C LEU C 852 -4.82 -15.58 -32.36
N THR C 853 -4.19 -15.92 -33.47
CA THR C 853 -3.67 -14.90 -34.36
C THR C 853 -4.82 -14.20 -35.09
N ASP C 854 -4.50 -13.03 -35.68
CA ASP C 854 -5.53 -12.26 -36.37
C ASP C 854 -6.11 -13.00 -37.56
N GLU C 855 -5.31 -13.84 -38.21
CA GLU C 855 -5.82 -14.62 -39.33
C GLU C 855 -6.91 -15.58 -38.88
N MET C 856 -6.72 -16.21 -37.72
CA MET C 856 -7.74 -17.13 -37.21
C MET C 856 -9.03 -16.41 -36.85
N ILE C 857 -8.93 -15.21 -36.26
CA ILE C 857 -10.12 -14.43 -35.95
C ILE C 857 -10.84 -14.00 -37.22
N ALA C 858 -10.07 -13.61 -38.25
CA ALA C 858 -10.68 -13.29 -39.53
C ALA C 858 -11.39 -14.50 -40.13
N GLN C 859 -10.79 -15.69 -39.97
CA GLN C 859 -11.45 -16.91 -40.44
C GLN C 859 -12.75 -17.18 -39.69
N TYR C 860 -12.75 -16.95 -38.38
CA TYR C 860 -13.97 -17.13 -37.59
C TYR C 860 -15.07 -16.18 -38.05
N THR C 861 -14.73 -14.91 -38.27
CA THR C 861 -15.73 -13.96 -38.73
C THR C 861 -16.22 -14.30 -40.14
N SER C 862 -15.32 -14.78 -41.00
CA SER C 862 -15.71 -15.19 -42.34
C SER C 862 -16.68 -16.37 -42.28
N ALA C 863 -16.43 -17.33 -41.40
CA ALA C 863 -17.34 -18.46 -41.24
C ALA C 863 -18.70 -18.00 -40.74
N LEU C 864 -18.72 -17.08 -39.77
CA LEU C 864 -19.99 -16.55 -39.27
C LEU C 864 -20.77 -15.86 -40.38
N LEU C 865 -20.08 -15.03 -41.17
CA LEU C 865 -20.74 -14.31 -42.26
C LEU C 865 -21.28 -15.27 -43.32
N ALA C 866 -20.49 -16.27 -43.71
CA ALA C 866 -20.96 -17.23 -44.70
C ALA C 866 -22.14 -18.02 -44.18
N GLY C 867 -22.11 -18.43 -42.92
CA GLY C 867 -23.23 -19.15 -42.35
C GLY C 867 -24.51 -18.34 -42.34
N THR C 868 -24.42 -17.08 -41.88
CA THR C 868 -25.63 -16.27 -41.82
C THR C 868 -26.14 -15.90 -43.21
N ILE C 869 -25.25 -15.73 -44.18
CA ILE C 869 -25.70 -15.43 -45.54
C ILE C 869 -26.37 -16.63 -46.18
N THR C 870 -25.81 -17.83 -45.96
CA THR C 870 -26.30 -19.00 -46.68
C THR C 870 -27.48 -19.69 -46.01
N SER C 871 -27.47 -19.82 -44.69
CA SER C 871 -28.46 -20.61 -43.99
C SER C 871 -29.35 -19.82 -43.05
N GLY C 872 -29.22 -18.49 -42.98
CA GLY C 872 -30.06 -17.73 -42.08
C GLY C 872 -29.63 -17.94 -40.63
N TRP C 873 -30.63 -18.15 -39.76
CA TRP C 873 -30.38 -18.38 -38.35
C TRP C 873 -30.36 -19.86 -37.97
N THR C 874 -30.49 -20.76 -38.95
CA THR C 874 -30.64 -22.17 -38.65
C THR C 874 -29.34 -22.78 -38.14
N PHE C 875 -28.19 -22.28 -38.59
CA PHE C 875 -26.91 -22.88 -38.22
C PHE C 875 -26.53 -22.61 -36.77
N GLY C 876 -27.21 -21.68 -36.10
CA GLY C 876 -26.95 -21.42 -34.70
C GLY C 876 -27.70 -22.31 -33.74
N ALA C 877 -28.70 -23.05 -34.22
CA ALA C 877 -29.48 -23.96 -33.39
C ALA C 877 -29.19 -25.43 -33.67
N GLY C 878 -28.71 -25.77 -34.86
CA GLY C 878 -28.43 -27.14 -35.20
C GLY C 878 -27.73 -27.24 -36.54
N PRO C 879 -28.15 -28.22 -37.35
CA PRO C 879 -27.60 -28.34 -38.72
C PRO C 879 -27.95 -27.12 -39.55
N ALA C 880 -27.02 -26.73 -40.41
CA ALA C 880 -27.23 -25.59 -41.30
C ALA C 880 -28.11 -26.01 -42.47
N LEU C 881 -29.23 -25.32 -42.65
CA LEU C 881 -30.16 -25.58 -43.73
C LEU C 881 -30.17 -24.38 -44.67
N GLN C 882 -29.91 -24.61 -45.95
CA GLN C 882 -29.84 -23.51 -46.89
C GLN C 882 -31.23 -22.97 -47.21
N ILE C 883 -31.27 -21.70 -47.59
CA ILE C 883 -32.51 -21.01 -47.96
C ILE C 883 -32.14 -19.82 -48.82
N PRO C 884 -32.89 -19.52 -49.89
CA PRO C 884 -32.58 -18.33 -50.70
C PRO C 884 -32.65 -17.06 -49.87
N PHE C 885 -31.74 -16.12 -50.15
CA PHE C 885 -31.65 -14.91 -49.36
C PHE C 885 -32.92 -14.05 -49.38
N PRO C 886 -33.60 -13.83 -50.52
CA PRO C 886 -34.87 -13.11 -50.46
C PRO C 886 -35.90 -13.77 -49.56
N MET C 887 -35.95 -15.10 -49.52
CA MET C 887 -36.86 -15.80 -48.61
C MET C 887 -36.49 -15.54 -47.16
N GLN C 888 -35.19 -15.51 -46.85
CA GLN C 888 -34.74 -15.16 -45.51
C GLN C 888 -35.14 -13.73 -45.15
N MET C 889 -35.01 -12.80 -46.09
CA MET C 889 -35.43 -11.43 -45.85
C MET C 889 -36.92 -11.34 -45.60
N ALA C 890 -37.71 -12.13 -46.34
CA ALA C 890 -39.14 -12.19 -46.08
C ALA C 890 -39.43 -12.73 -44.68
N TYR C 891 -38.66 -13.72 -44.24
CA TYR C 891 -38.76 -14.21 -42.87
C TYR C 891 -38.53 -13.09 -41.87
N ARG C 892 -37.48 -12.31 -42.08
CA ARG C 892 -37.18 -11.21 -41.15
C ARG C 892 -38.28 -10.16 -41.15
N PHE C 893 -38.81 -9.84 -42.33
CA PHE C 893 -39.92 -8.88 -42.42
C PHE C 893 -41.13 -9.39 -41.66
N ASN C 894 -41.44 -10.68 -41.77
CA ASN C 894 -42.49 -11.26 -40.94
C ASN C 894 -42.15 -11.14 -39.47
N GLY C 895 -40.87 -11.28 -39.13
CA GLY C 895 -40.46 -11.19 -37.74
C GLY C 895 -40.70 -9.81 -37.14
N ILE C 896 -40.52 -8.76 -37.93
CA ILE C 896 -40.76 -7.40 -37.43
C ILE C 896 -42.21 -6.96 -37.60
N GLY C 897 -43.09 -7.82 -38.10
CA GLY C 897 -44.50 -7.50 -38.20
C GLY C 897 -44.96 -6.92 -39.51
N VAL C 898 -44.30 -7.27 -40.61
CA VAL C 898 -44.67 -6.82 -41.95
C VAL C 898 -44.85 -8.05 -42.83
N THR C 899 -45.91 -8.06 -43.64
CA THR C 899 -46.16 -9.19 -44.52
C THR C 899 -45.06 -9.33 -45.57
N GLN C 900 -44.86 -10.56 -46.04
CA GLN C 900 -43.74 -10.85 -46.92
C GLN C 900 -43.94 -10.33 -48.34
N ASN C 901 -45.18 -10.10 -48.76
CA ASN C 901 -45.40 -9.54 -50.08
C ASN C 901 -44.84 -8.13 -50.19
N VAL C 902 -44.72 -7.42 -49.06
CA VAL C 902 -44.07 -6.12 -49.06
C VAL C 902 -42.61 -6.25 -49.47
N LEU C 903 -41.91 -7.26 -48.94
CA LEU C 903 -40.54 -7.54 -49.38
C LEU C 903 -40.51 -7.98 -50.83
N TYR C 904 -41.43 -8.87 -51.23
CA TYR C 904 -41.37 -9.46 -52.56
C TYR C 904 -41.76 -8.49 -53.66
N GLU C 905 -42.46 -7.40 -53.34
CA GLU C 905 -42.87 -6.42 -54.34
C GLU C 905 -41.97 -5.18 -54.36
N ASN C 906 -41.01 -5.09 -53.46
CA ASN C 906 -40.06 -3.98 -53.42
C ASN C 906 -38.64 -4.50 -53.28
N GLN C 907 -38.33 -5.60 -53.97
CA GLN C 907 -37.05 -6.27 -53.76
C GLN C 907 -35.89 -5.42 -54.26
N LYS C 908 -36.00 -4.86 -55.46
CA LYS C 908 -34.89 -4.10 -56.03
C LYS C 908 -34.63 -2.82 -55.24
N LEU C 909 -35.68 -2.12 -54.83
CA LEU C 909 -35.51 -0.90 -54.04
C LEU C 909 -34.82 -1.21 -52.72
N ILE C 910 -35.23 -2.29 -52.05
CA ILE C 910 -34.64 -2.67 -50.77
C ILE C 910 -33.17 -3.04 -50.96
N ALA C 911 -32.85 -3.79 -52.02
CA ALA C 911 -31.47 -4.14 -52.29
C ALA C 911 -30.61 -2.91 -52.55
N ASN C 912 -31.13 -1.96 -53.35
CA ASN C 912 -30.39 -0.74 -53.63
C ASN C 912 -30.13 0.05 -52.35
N GLN C 913 -31.16 0.19 -51.51
CA GLN C 913 -30.98 0.89 -50.24
C GLN C 913 -29.93 0.20 -49.38
N PHE C 914 -29.94 -1.13 -49.35
CA PHE C 914 -29.01 -1.86 -48.51
C PHE C 914 -27.56 -1.66 -48.96
N ASN C 915 -27.29 -1.83 -50.26
CA ASN C 915 -25.91 -1.64 -50.71
C ASN C 915 -25.47 -0.18 -50.64
N SER C 916 -26.38 0.77 -50.86
CA SER C 916 -26.02 2.17 -50.68
C SER C 916 -25.66 2.46 -49.24
N ALA C 917 -26.41 1.90 -48.29
CA ALA C 917 -26.12 2.09 -46.88
C ALA C 917 -24.76 1.49 -46.51
N ILE C 918 -24.45 0.32 -47.06
CA ILE C 918 -23.13 -0.28 -46.79
C ILE C 918 -22.01 0.61 -47.32
N GLY C 919 -22.17 1.14 -48.54
CA GLY C 919 -21.16 2.05 -49.07
C GLY C 919 -21.02 3.31 -48.23
N LYS C 920 -22.14 3.86 -47.78
CA LYS C 920 -22.09 5.04 -46.92
C LYS C 920 -21.36 4.74 -45.63
N ILE C 921 -21.57 3.56 -45.06
CA ILE C 921 -20.89 3.20 -43.82
C ILE C 921 -19.39 3.08 -44.05
N GLN C 922 -18.99 2.48 -45.17
CA GLN C 922 -17.57 2.39 -45.50
C GLN C 922 -16.93 3.79 -45.53
N ASP C 923 -17.56 4.69 -46.30
CA ASP C 923 -17.02 6.05 -46.42
C ASP C 923 -16.99 6.75 -45.06
N SER C 924 -18.08 6.66 -44.29
CA SER C 924 -18.17 7.37 -43.02
C SER C 924 -17.14 6.87 -42.02
N LEU C 925 -16.95 5.55 -41.95
CA LEU C 925 -15.98 5.00 -41.02
C LEU C 925 -14.58 5.53 -41.33
N SER C 926 -14.23 5.64 -42.61
CA SER C 926 -12.94 6.23 -42.92
C SER C 926 -12.91 7.73 -42.60
N SER C 927 -14.01 8.43 -42.82
CA SER C 927 -14.03 9.90 -42.72
C SER C 927 -13.70 10.37 -41.31
N THR C 928 -14.57 10.04 -40.35
CA THR C 928 -14.37 10.55 -38.99
C THR C 928 -13.16 9.90 -38.35
N PRO C 929 -12.30 10.67 -37.67
CA PRO C 929 -11.10 10.10 -37.07
C PRO C 929 -11.32 9.50 -35.69
N SER C 930 -12.35 9.96 -34.99
CA SER C 930 -12.65 9.49 -33.64
C SER C 930 -13.61 8.31 -33.64
N ALA C 931 -13.67 7.54 -34.73
CA ALA C 931 -14.60 6.42 -34.80
C ALA C 931 -14.21 5.31 -33.83
N LEU C 932 -12.95 4.88 -33.86
CA LEU C 932 -12.49 3.78 -33.01
C LEU C 932 -11.86 4.28 -31.71
N GLY C 933 -12.57 5.19 -31.04
CA GLY C 933 -12.11 5.65 -29.75
C GLY C 933 -12.07 4.53 -28.73
N LYS C 934 -13.17 3.78 -28.60
CA LYS C 934 -13.27 2.75 -27.58
C LYS C 934 -12.07 1.81 -27.59
N LEU C 935 -11.43 1.61 -28.74
CA LEU C 935 -10.21 0.82 -28.81
C LEU C 935 -8.96 1.66 -28.58
N GLN C 936 -8.93 2.89 -29.11
CA GLN C 936 -7.75 3.73 -28.94
C GLN C 936 -7.50 4.05 -27.47
N ASP C 937 -8.57 4.30 -26.71
CA ASP C 937 -8.42 4.57 -25.28
C ASP C 937 -7.83 3.38 -24.52
N VAL C 938 -8.24 2.15 -24.83
CA VAL C 938 -7.68 1.02 -24.10
C VAL C 938 -6.20 0.86 -24.45
N VAL C 939 -5.85 1.05 -25.73
CA VAL C 939 -4.44 0.96 -26.11
C VAL C 939 -3.63 2.02 -25.38
N ASN C 940 -4.13 3.25 -25.36
CA ASN C 940 -3.43 4.36 -24.73
C ASN C 940 -3.31 4.15 -23.23
N GLN C 941 -4.35 3.63 -22.59
CA GLN C 941 -4.31 3.38 -21.15
C GLN C 941 -3.23 2.36 -20.81
N ASN C 942 -3.18 1.26 -21.57
CA ASN C 942 -2.14 0.26 -21.32
C ASN C 942 -0.74 0.85 -21.50
N ALA C 943 -0.55 1.59 -22.59
CA ALA C 943 0.76 2.17 -22.85
C ALA C 943 1.17 3.17 -21.77
N GLN C 944 0.24 4.02 -21.35
CA GLN C 944 0.54 5.01 -20.33
C GLN C 944 0.85 4.36 -18.99
N ALA C 945 0.10 3.30 -18.64
CA ALA C 945 0.38 2.59 -17.39
C ALA C 945 1.78 1.99 -17.40
N LEU C 946 2.13 1.32 -18.50
CA LEU C 946 3.46 0.71 -18.56
C LEU C 946 4.55 1.77 -18.53
N ASN C 947 4.32 2.90 -19.21
CA ASN C 947 5.30 3.98 -19.21
C ASN C 947 5.51 4.55 -17.82
N THR C 948 4.42 4.76 -17.07
CA THR C 948 4.56 5.27 -15.71
C THR C 948 5.31 4.28 -14.82
N LEU C 949 4.99 2.98 -14.95
CA LEU C 949 5.70 1.97 -14.17
C LEU C 949 7.20 2.00 -14.47
N VAL C 950 7.57 2.09 -15.74
CA VAL C 950 8.99 2.13 -16.09
C VAL C 950 9.64 3.40 -15.58
N LYS C 951 8.98 4.55 -15.75
CA LYS C 951 9.53 5.82 -15.31
C LYS C 951 9.71 5.90 -13.80
N GLN C 952 8.96 5.12 -13.04
CA GLN C 952 9.08 5.15 -11.59
C GLN C 952 10.42 4.64 -11.07
N LEU C 953 11.23 4.02 -11.92
CA LEU C 953 12.53 3.50 -11.49
C LEU C 953 13.58 4.60 -11.29
N SER C 954 13.27 5.84 -11.67
CA SER C 954 14.22 6.94 -11.57
C SER C 954 14.12 7.71 -10.26
N SER C 955 13.29 7.26 -9.33
CA SER C 955 13.07 7.99 -8.08
C SER C 955 14.00 7.46 -6.99
N ASN C 956 14.32 8.34 -6.03
CA ASN C 956 15.19 7.98 -4.91
C ASN C 956 14.42 7.37 -3.75
N PHE C 957 13.19 7.83 -3.51
CA PHE C 957 12.40 7.44 -2.34
C PHE C 957 13.15 7.71 -1.05
N GLY C 958 13.95 8.78 -1.02
CA GLY C 958 14.68 9.18 0.15
C GLY C 958 16.11 8.66 0.24
N ALA C 959 16.54 7.80 -0.68
CA ALA C 959 17.89 7.27 -0.66
C ALA C 959 18.85 8.28 -1.28
N ILE C 960 20.15 7.94 -1.26
CA ILE C 960 21.15 8.83 -1.86
C ILE C 960 21.05 8.83 -3.38
N SER C 961 20.71 7.69 -3.97
CA SER C 961 20.69 7.59 -5.43
C SER C 961 19.65 6.56 -5.85
N SER C 962 19.21 6.69 -7.10
CA SER C 962 18.24 5.77 -7.68
C SER C 962 18.90 4.63 -8.44
N VAL C 963 20.22 4.59 -8.52
CA VAL C 963 20.96 3.56 -9.24
C VAL C 963 21.48 2.55 -8.25
N LEU C 964 21.16 1.28 -8.47
CA LEU C 964 21.51 0.23 -7.53
C LEU C 964 23.03 0.03 -7.49
N ASN C 965 23.67 -0.04 -8.66
CA ASN C 965 25.11 -0.28 -8.72
C ASN C 965 25.89 0.90 -8.18
N ASP C 966 25.38 2.13 -8.36
CA ASP C 966 26.04 3.31 -7.83
C ASP C 966 26.10 3.24 -6.31
N ILE C 967 25.01 2.85 -5.67
CA ILE C 967 25.02 2.67 -4.22
C ILE C 967 25.94 1.53 -3.83
N LEU C 968 25.89 0.42 -4.58
CA LEU C 968 26.66 -0.76 -4.20
C LEU C 968 28.17 -0.55 -4.38
N SER C 969 28.58 0.36 -5.26
CA SER C 969 29.99 0.58 -5.55
C SER C 969 30.63 1.67 -4.72
N ARG C 970 29.90 2.26 -3.77
CA ARG C 970 30.44 3.32 -2.91
C ARG C 970 30.28 3.07 -1.43
N LEU C 971 29.36 2.22 -1.00
CA LEU C 971 29.07 2.05 0.42
C LEU C 971 29.36 0.61 0.84
N ASP C 972 29.78 0.47 2.10
CA ASP C 972 29.93 -0.84 2.72
C ASP C 972 28.57 -1.32 3.23
N PRO C 973 28.43 -2.61 3.49
CA PRO C 973 27.08 -3.20 3.70
C PRO C 973 26.24 -2.51 4.77
N PRO C 974 26.82 -2.06 5.91
CA PRO C 974 25.94 -1.52 6.96
C PRO C 974 25.00 -0.39 6.55
N GLU C 975 25.42 0.54 5.70
CA GLU C 975 24.52 1.60 5.24
C GLU C 975 23.99 1.36 3.83
N ALA C 976 24.75 0.63 3.01
CA ALA C 976 24.23 0.19 1.74
C ALA C 976 22.92 -0.55 1.93
N GLU C 977 22.82 -1.34 3.00
CA GLU C 977 21.57 -2.04 3.27
C GLU C 977 20.43 -1.07 3.52
N VAL C 978 20.68 0.00 4.29
CA VAL C 978 19.63 0.98 4.55
C VAL C 978 19.12 1.59 3.25
N GLN C 979 20.06 1.96 2.38
CA GLN C 979 19.65 2.55 1.10
C GLN C 979 18.89 1.54 0.24
N ILE C 980 19.32 0.28 0.25
CA ILE C 980 18.62 -0.75 -0.52
C ILE C 980 17.21 -0.93 0.01
N ASP C 981 17.02 -0.88 1.33
CA ASP C 981 15.67 -0.99 1.87
C ASP C 981 14.78 0.16 1.44
N ARG C 982 15.30 1.38 1.42
CA ARG C 982 14.49 2.50 0.93
C ARG C 982 14.05 2.27 -0.52
N LEU C 983 15.00 1.89 -1.38
CA LEU C 983 14.67 1.65 -2.77
C LEU C 983 13.67 0.51 -2.93
N ILE C 984 13.86 -0.57 -2.16
CA ILE C 984 12.99 -1.74 -2.24
C ILE C 984 11.57 -1.37 -1.85
N THR C 985 11.41 -0.61 -0.76
CA THR C 985 10.08 -0.19 -0.33
C THR C 985 9.39 0.61 -1.44
N GLY C 986 10.09 1.59 -2.01
CA GLY C 986 9.47 2.39 -3.04
C GLY C 986 9.05 1.57 -4.26
N ARG C 987 9.95 0.70 -4.73
CA ARG C 987 9.67 -0.07 -5.93
C ARG C 987 8.57 -1.10 -5.70
N LEU C 988 8.53 -1.71 -4.52
CA LEU C 988 7.45 -2.63 -4.18
C LEU C 988 6.10 -1.92 -4.19
N GLN C 989 6.04 -0.72 -3.61
CA GLN C 989 4.78 0.02 -3.62
C GLN C 989 4.34 0.35 -5.05
N SER C 990 5.30 0.73 -5.90
CA SER C 990 4.96 1.02 -7.29
C SER C 990 4.39 -0.21 -8.00
N LEU C 991 5.03 -1.37 -7.80
CA LEU C 991 4.55 -2.59 -8.43
C LEU C 991 3.15 -2.95 -7.95
N GLN C 992 2.89 -2.81 -6.65
CA GLN C 992 1.56 -3.14 -6.13
C GLN C 992 0.49 -2.22 -6.73
N THR C 993 0.79 -0.92 -6.84
CA THR C 993 -0.16 -0.01 -7.46
C THR C 993 -0.47 -0.42 -8.89
N TYR C 994 0.57 -0.76 -9.65
CA TYR C 994 0.35 -1.17 -11.04
C TYR C 994 -0.52 -2.42 -11.13
N VAL C 995 -0.26 -3.40 -10.26
CA VAL C 995 -1.03 -4.65 -10.32
C VAL C 995 -2.50 -4.41 -9.97
N THR C 996 -2.75 -3.58 -8.95
CA THR C 996 -4.14 -3.31 -8.57
C THR C 996 -4.90 -2.62 -9.71
N GLN C 997 -4.28 -1.62 -10.33
CA GLN C 997 -4.95 -0.93 -11.43
C GLN C 997 -5.19 -1.87 -12.61
N GLN C 998 -4.24 -2.78 -12.87
CA GLN C 998 -4.42 -3.75 -13.95
C GLN C 998 -5.59 -4.68 -13.66
N LEU C 999 -5.75 -5.11 -12.40
CA LEU C 999 -6.86 -5.97 -12.05
C LEU C 999 -8.20 -5.28 -12.29
N ILE C 1000 -8.32 -4.02 -11.88
CA ILE C 1000 -9.57 -3.28 -12.06
C ILE C 1000 -9.89 -3.11 -13.54
N ARG C 1001 -8.89 -2.73 -14.34
CA ARG C 1001 -9.11 -2.55 -15.77
C ARG C 1001 -9.46 -3.87 -16.45
N ALA C 1002 -8.87 -4.98 -16.01
CA ALA C 1002 -9.20 -6.28 -16.57
C ALA C 1002 -10.65 -6.66 -16.27
N ALA C 1003 -11.13 -6.33 -15.07
CA ALA C 1003 -12.54 -6.57 -14.77
C ALA C 1003 -13.45 -5.80 -15.71
N GLU C 1004 -13.12 -4.53 -15.97
CA GLU C 1004 -13.92 -3.75 -16.91
C GLU C 1004 -13.91 -4.37 -18.31
N ILE C 1005 -12.74 -4.78 -18.79
CA ILE C 1005 -12.62 -5.38 -20.11
C ILE C 1005 -13.43 -6.68 -20.18
N ARG C 1006 -13.44 -7.45 -19.09
CA ARG C 1006 -14.22 -8.69 -19.07
C ARG C 1006 -15.71 -8.42 -19.18
N ALA C 1007 -16.20 -7.38 -18.49
CA ALA C 1007 -17.60 -7.01 -18.65
C ALA C 1007 -17.92 -6.65 -20.10
N SER C 1008 -17.03 -5.87 -20.73
CA SER C 1008 -17.26 -5.51 -22.13
C SER C 1008 -17.27 -6.74 -23.03
N ALA C 1009 -16.36 -7.69 -22.78
CA ALA C 1009 -16.29 -8.89 -23.61
C ALA C 1009 -17.54 -9.77 -23.43
N ASN C 1010 -18.06 -9.84 -22.21
CA ASN C 1010 -19.31 -10.56 -21.99
C ASN C 1010 -20.45 -9.93 -22.76
N LEU C 1011 -20.52 -8.60 -22.77
CA LEU C 1011 -21.55 -7.93 -23.56
C LEU C 1011 -21.38 -8.22 -25.05
N ALA C 1012 -20.15 -8.22 -25.54
CA ALA C 1012 -19.90 -8.52 -26.95
C ALA C 1012 -20.31 -9.94 -27.30
N ALA C 1013 -20.03 -10.90 -26.42
CA ALA C 1013 -20.44 -12.28 -26.67
C ALA C 1013 -21.96 -12.40 -26.71
N THR C 1014 -22.65 -11.71 -25.80
CA THR C 1014 -24.11 -11.74 -25.82
C THR C 1014 -24.66 -11.14 -27.12
N LYS C 1015 -24.07 -10.04 -27.58
CA LYS C 1015 -24.52 -9.42 -28.83
C LYS C 1015 -24.25 -10.33 -30.02
N MET C 1016 -23.11 -11.03 -30.03
CA MET C 1016 -22.85 -11.97 -31.11
C MET C 1016 -23.86 -13.11 -31.10
N SER C 1017 -24.22 -13.60 -29.93
CA SER C 1017 -25.20 -14.69 -29.85
C SER C 1017 -26.59 -14.26 -30.30
N GLU C 1018 -27.01 -13.05 -29.92
CA GLU C 1018 -28.42 -12.68 -30.09
C GLU C 1018 -28.70 -11.83 -31.32
N CYS C 1019 -27.76 -10.99 -31.76
CA CYS C 1019 -28.00 -10.18 -32.95
C CYS C 1019 -27.55 -10.86 -34.24
N VAL C 1020 -26.48 -11.64 -34.19
CA VAL C 1020 -25.92 -12.25 -35.40
C VAL C 1020 -26.49 -13.63 -35.63
N LEU C 1021 -26.54 -14.48 -34.60
CA LEU C 1021 -27.05 -15.84 -34.76
C LEU C 1021 -28.57 -15.91 -34.77
N GLY C 1022 -29.25 -14.81 -34.50
CA GLY C 1022 -30.70 -14.79 -34.56
C GLY C 1022 -31.20 -13.39 -34.81
N GLN C 1023 -32.52 -13.25 -34.77
CA GLN C 1023 -33.17 -11.95 -34.88
C GLN C 1023 -33.70 -11.55 -33.51
N SER C 1024 -33.28 -10.38 -33.03
CA SER C 1024 -33.57 -9.96 -31.67
C SER C 1024 -34.81 -9.10 -31.62
N LYS C 1025 -35.60 -9.28 -30.56
CA LYS C 1025 -36.81 -8.51 -30.33
C LYS C 1025 -36.64 -7.45 -29.24
N ARG C 1026 -35.54 -7.48 -28.50
CA ARG C 1026 -35.28 -6.47 -27.49
C ARG C 1026 -35.03 -5.11 -28.13
N VAL C 1027 -35.59 -4.07 -27.54
CA VAL C 1027 -35.55 -2.73 -28.12
C VAL C 1027 -34.17 -2.13 -27.89
N ASP C 1028 -33.58 -1.58 -28.94
CA ASP C 1028 -32.32 -0.84 -28.94
C ASP C 1028 -31.12 -1.72 -28.61
N PHE C 1029 -31.29 -3.03 -28.52
CA PHE C 1029 -30.15 -3.90 -28.22
C PHE C 1029 -29.25 -4.07 -29.44
N CYS C 1030 -29.85 -4.24 -30.62
CA CYS C 1030 -29.07 -4.44 -31.84
C CYS C 1030 -29.29 -3.28 -32.82
N GLY C 1031 -29.22 -2.05 -32.32
CA GLY C 1031 -29.28 -0.87 -33.16
C GLY C 1031 -30.60 -0.13 -33.02
N LYS C 1032 -30.66 1.01 -33.71
CA LYS C 1032 -31.82 1.90 -33.67
C LYS C 1032 -32.80 1.50 -34.78
N GLY C 1033 -34.03 1.22 -34.40
CA GLY C 1033 -35.04 0.76 -35.32
C GLY C 1033 -35.46 -0.67 -35.03
N TYR C 1034 -36.10 -1.28 -36.03
CA TYR C 1034 -36.51 -2.68 -35.94
C TYR C 1034 -35.41 -3.56 -36.53
N HIS C 1035 -34.84 -4.42 -35.69
CA HIS C 1035 -33.68 -5.21 -36.08
C HIS C 1035 -34.04 -6.21 -37.19
N LEU C 1036 -33.18 -6.28 -38.20
CA LEU C 1036 -33.30 -7.29 -39.25
C LEU C 1036 -32.16 -8.31 -39.18
N MET C 1037 -30.91 -7.86 -39.26
CA MET C 1037 -29.77 -8.75 -39.17
C MET C 1037 -28.52 -7.94 -38.85
N SER C 1038 -27.46 -8.64 -38.43
CA SER C 1038 -26.19 -8.02 -38.09
C SER C 1038 -25.06 -8.84 -38.70
N PHE C 1039 -23.93 -8.17 -38.92
CA PHE C 1039 -22.74 -8.79 -39.50
C PHE C 1039 -21.53 -8.45 -38.65
N PRO C 1040 -20.77 -9.44 -38.19
CA PRO C 1040 -19.57 -9.15 -37.41
C PRO C 1040 -18.39 -8.73 -38.29
N GLN C 1041 -17.44 -8.05 -37.67
CA GLN C 1041 -16.24 -7.57 -38.36
C GLN C 1041 -15.13 -7.44 -37.33
N SER C 1042 -14.03 -8.16 -37.56
CA SER C 1042 -12.93 -8.16 -36.59
C SER C 1042 -12.15 -6.86 -36.64
N ALA C 1043 -11.71 -6.41 -35.47
CA ALA C 1043 -10.90 -5.22 -35.30
C ALA C 1043 -9.81 -5.54 -34.30
N PRO C 1044 -8.71 -4.77 -34.29
CA PRO C 1044 -7.66 -5.02 -33.30
C PRO C 1044 -8.15 -4.81 -31.88
N HIS C 1045 -8.08 -5.88 -31.08
CA HIS C 1045 -8.52 -5.88 -29.68
C HIS C 1045 -10.01 -5.58 -29.54
N GLY C 1046 -10.82 -5.95 -30.52
CA GLY C 1046 -12.23 -5.64 -30.44
C GLY C 1046 -12.99 -6.23 -31.61
N VAL C 1047 -14.28 -5.91 -31.65
CA VAL C 1047 -15.19 -6.37 -32.69
C VAL C 1047 -16.08 -5.20 -33.10
N VAL C 1048 -16.60 -5.29 -34.33
CA VAL C 1048 -17.49 -4.27 -34.88
C VAL C 1048 -18.72 -4.97 -35.43
N PHE C 1049 -19.90 -4.47 -35.08
CA PHE C 1049 -21.17 -4.99 -35.57
C PHE C 1049 -21.83 -3.98 -36.50
N LEU C 1050 -22.32 -4.48 -37.63
CA LEU C 1050 -23.09 -3.68 -38.59
C LEU C 1050 -24.55 -4.11 -38.48
N HIS C 1051 -25.38 -3.25 -37.90
CA HIS C 1051 -26.77 -3.58 -37.60
C HIS C 1051 -27.67 -3.07 -38.71
N VAL C 1052 -28.34 -3.98 -39.40
CA VAL C 1052 -29.31 -3.63 -40.43
C VAL C 1052 -30.69 -3.56 -39.77
N THR C 1053 -31.34 -2.41 -39.87
CA THR C 1053 -32.61 -2.17 -39.21
C THR C 1053 -33.62 -1.59 -40.20
N TYR C 1054 -34.88 -1.65 -39.81
CA TYR C 1054 -36.00 -1.18 -40.60
C TYR C 1054 -36.55 0.09 -39.96
N VAL C 1055 -36.70 1.16 -40.74
CA VAL C 1055 -37.15 2.45 -40.25
C VAL C 1055 -38.32 2.94 -41.09
N PRO C 1056 -39.48 3.22 -40.50
CA PRO C 1056 -40.57 3.82 -41.26
C PRO C 1056 -40.24 5.24 -41.72
N ALA C 1057 -40.78 5.62 -42.88
CA ALA C 1057 -40.32 6.83 -43.56
C ALA C 1057 -41.38 7.91 -43.67
N GLN C 1058 -42.53 7.64 -44.28
CA GLN C 1058 -43.50 8.67 -44.61
C GLN C 1058 -44.86 8.29 -44.08
N GLU C 1059 -45.40 9.10 -43.18
CA GLU C 1059 -46.65 8.80 -42.50
C GLU C 1059 -47.77 9.72 -42.99
N LYS C 1060 -49.01 9.30 -42.73
CA LYS C 1060 -50.19 10.03 -43.15
C LYS C 1060 -51.21 10.04 -42.03
N ASN C 1061 -52.09 11.03 -42.05
CA ASN C 1061 -53.18 11.14 -41.09
C ASN C 1061 -54.37 10.31 -41.53
N PHE C 1062 -55.01 9.66 -40.56
CA PHE C 1062 -56.23 8.90 -40.81
C PHE C 1062 -57.12 9.03 -39.58
N THR C 1063 -58.35 8.56 -39.71
CA THR C 1063 -59.27 8.44 -38.59
C THR C 1063 -59.54 6.98 -38.29
N THR C 1064 -59.73 6.67 -37.01
CA THR C 1064 -59.88 5.31 -36.54
C THR C 1064 -61.23 5.08 -35.87
N ALA C 1065 -61.46 3.81 -35.53
CA ALA C 1065 -62.62 3.32 -34.86
C ALA C 1065 -62.17 2.04 -34.16
N PRO C 1066 -62.45 1.89 -32.86
CA PRO C 1066 -62.09 0.63 -32.19
C PRO C 1066 -62.81 -0.59 -32.76
N ALA C 1067 -64.04 -0.44 -33.25
CA ALA C 1067 -64.81 -1.56 -33.75
C ALA C 1067 -65.82 -1.07 -34.76
N ILE C 1068 -66.50 -2.02 -35.41
CA ILE C 1068 -67.52 -1.73 -36.42
C ILE C 1068 -68.80 -2.47 -36.05
N CYS C 1069 -69.91 -1.75 -35.98
CA CYS C 1069 -71.23 -2.33 -35.77
C CYS C 1069 -71.93 -2.45 -37.11
N HIS C 1070 -72.33 -3.67 -37.47
CA HIS C 1070 -72.91 -3.96 -38.77
C HIS C 1070 -74.36 -4.40 -38.67
N ASP C 1071 -74.65 -5.47 -37.92
CA ASP C 1071 -76.00 -5.99 -37.73
C ASP C 1071 -76.31 -6.15 -36.25
N GLY C 1072 -75.95 -5.15 -35.45
CA GLY C 1072 -76.03 -5.27 -34.02
C GLY C 1072 -74.85 -5.98 -33.38
N LYS C 1073 -73.89 -6.43 -34.18
CA LYS C 1073 -72.70 -7.10 -33.70
C LYS C 1073 -71.47 -6.24 -33.97
N ALA C 1074 -70.52 -6.31 -33.05
CA ALA C 1074 -69.29 -5.51 -33.14
C ALA C 1074 -68.19 -6.35 -33.78
N HIS C 1075 -67.52 -5.77 -34.77
CA HIS C 1075 -66.44 -6.43 -35.48
C HIS C 1075 -65.11 -5.81 -35.09
N PHE C 1076 -64.14 -6.66 -34.75
CA PHE C 1076 -62.79 -6.24 -34.44
C PHE C 1076 -61.81 -6.85 -35.44
N PRO C 1077 -60.78 -6.12 -35.85
CA PRO C 1077 -59.83 -6.70 -36.81
C PRO C 1077 -59.00 -7.80 -36.18
N ARG C 1078 -58.79 -8.88 -36.95
CA ARG C 1078 -57.96 -9.98 -36.46
C ARG C 1078 -56.52 -9.50 -36.22
N GLU C 1079 -55.93 -8.85 -37.21
CA GLU C 1079 -54.60 -8.28 -37.08
C GLU C 1079 -54.55 -7.04 -37.97
N GLY C 1080 -54.46 -5.87 -37.34
CA GLY C 1080 -54.46 -4.62 -38.06
C GLY C 1080 -55.30 -3.59 -37.33
N VAL C 1081 -55.57 -2.49 -38.02
CA VAL C 1081 -56.30 -1.36 -37.44
C VAL C 1081 -57.30 -0.85 -38.46
N PHE C 1082 -58.51 -0.54 -38.00
CA PHE C 1082 -59.51 0.07 -38.87
C PHE C 1082 -59.12 1.51 -39.20
N VAL C 1083 -59.17 1.86 -40.48
CA VAL C 1083 -58.67 3.13 -40.96
C VAL C 1083 -59.64 3.69 -41.99
N SER C 1084 -59.70 5.02 -42.08
CA SER C 1084 -60.60 5.68 -43.00
C SER C 1084 -59.88 6.82 -43.71
N ASN C 1085 -60.14 6.95 -45.02
CA ASN C 1085 -59.59 8.04 -45.81
C ASN C 1085 -60.56 9.19 -45.98
N GLY C 1086 -61.63 9.23 -45.20
CA GLY C 1086 -62.60 10.30 -45.26
C GLY C 1086 -63.99 9.83 -45.63
N THR C 1087 -64.06 8.82 -46.51
CA THR C 1087 -65.34 8.33 -47.00
C THR C 1087 -65.55 6.84 -46.78
N HIS C 1088 -64.51 6.02 -46.97
CA HIS C 1088 -64.61 4.58 -46.79
C HIS C 1088 -63.72 4.12 -45.64
N TRP C 1089 -63.91 2.88 -45.23
CA TRP C 1089 -63.14 2.25 -44.16
C TRP C 1089 -62.42 1.02 -44.70
N PHE C 1090 -61.20 0.80 -44.21
CA PHE C 1090 -60.38 -0.33 -44.62
C PHE C 1090 -59.70 -0.93 -43.40
N VAL C 1091 -59.00 -2.03 -43.62
CA VAL C 1091 -58.14 -2.65 -42.63
C VAL C 1091 -56.74 -2.69 -43.19
N THR C 1092 -55.77 -2.18 -42.44
CA THR C 1092 -54.37 -2.20 -42.82
C THR C 1092 -53.55 -2.77 -41.68
N GLN C 1093 -52.38 -3.30 -42.02
CA GLN C 1093 -51.44 -3.68 -40.98
C GLN C 1093 -50.85 -2.43 -40.34
N ARG C 1094 -50.40 -2.58 -39.09
CA ARG C 1094 -50.07 -1.41 -38.29
C ARG C 1094 -48.80 -0.71 -38.76
N ASN C 1095 -47.84 -1.46 -39.30
CA ASN C 1095 -46.52 -0.92 -39.60
C ASN C 1095 -46.35 -0.47 -41.05
N PHE C 1096 -47.39 -0.59 -41.87
CA PHE C 1096 -47.27 -0.24 -43.29
C PHE C 1096 -48.68 -0.07 -43.85
N TYR C 1097 -48.84 0.94 -44.70
CA TYR C 1097 -50.16 1.27 -45.22
C TYR C 1097 -50.51 0.36 -46.39
N GLU C 1098 -51.54 -0.47 -46.19
CA GLU C 1098 -52.00 -1.41 -47.22
C GLU C 1098 -53.49 -1.64 -47.01
N PRO C 1099 -54.34 -0.76 -47.54
CA PRO C 1099 -55.77 -0.86 -47.27
C PRO C 1099 -56.39 -2.10 -47.90
N GLN C 1100 -57.36 -2.67 -47.20
CA GLN C 1100 -58.07 -3.85 -47.65
C GLN C 1100 -59.56 -3.68 -47.40
N ILE C 1101 -60.37 -4.40 -48.17
CA ILE C 1101 -61.82 -4.37 -47.98
C ILE C 1101 -62.17 -5.13 -46.70
N ILE C 1102 -63.03 -4.55 -45.88
CA ILE C 1102 -63.44 -5.15 -44.62
C ILE C 1102 -64.36 -6.34 -44.93
N THR C 1103 -63.91 -7.55 -44.63
CA THR C 1103 -64.67 -8.76 -44.86
C THR C 1103 -64.70 -9.59 -43.58
N THR C 1104 -65.40 -10.73 -43.64
CA THR C 1104 -65.56 -11.57 -42.47
C THR C 1104 -64.31 -12.37 -42.13
N ASP C 1105 -63.35 -12.47 -43.06
CA ASP C 1105 -62.08 -13.12 -42.77
C ASP C 1105 -61.00 -12.15 -42.33
N ASN C 1106 -61.28 -10.84 -42.35
CA ASN C 1106 -60.38 -9.86 -41.76
C ASN C 1106 -60.75 -9.53 -40.31
N THR C 1107 -61.99 -9.79 -39.91
CA THR C 1107 -62.50 -9.40 -38.61
C THR C 1107 -63.14 -10.58 -37.92
N PHE C 1108 -63.25 -10.48 -36.59
CA PHE C 1108 -63.97 -11.45 -35.80
C PHE C 1108 -65.07 -10.74 -35.01
N VAL C 1109 -66.17 -11.45 -34.79
CA VAL C 1109 -67.33 -10.92 -34.09
C VAL C 1109 -67.25 -11.34 -32.63
N SER C 1110 -67.36 -10.36 -31.74
CA SER C 1110 -67.33 -10.63 -30.30
C SER C 1110 -68.34 -9.73 -29.61
N GLY C 1111 -69.34 -10.35 -28.99
CA GLY C 1111 -70.32 -9.61 -28.23
C GLY C 1111 -71.23 -8.75 -29.08
N ASN C 1112 -71.83 -7.77 -28.44
CA ASN C 1112 -72.76 -6.83 -29.06
C ASN C 1112 -72.12 -5.44 -29.10
N CYS C 1113 -72.65 -4.59 -29.97
CA CYS C 1113 -72.06 -3.28 -30.22
C CYS C 1113 -72.67 -2.19 -29.33
N ASP C 1114 -73.18 -2.56 -28.16
CA ASP C 1114 -73.70 -1.60 -27.20
C ASP C 1114 -72.70 -1.23 -26.11
N VAL C 1115 -71.58 -1.93 -26.02
CA VAL C 1115 -70.64 -1.75 -24.92
C VAL C 1115 -69.42 -0.94 -25.34
N VAL C 1116 -68.96 -1.10 -26.58
CA VAL C 1116 -67.75 -0.44 -27.04
C VAL C 1116 -67.99 1.05 -27.16
N ILE C 1117 -67.06 1.84 -26.64
CA ILE C 1117 -67.16 3.30 -26.69
C ILE C 1117 -66.50 3.79 -27.97
N GLY C 1118 -67.25 4.53 -28.77
CA GLY C 1118 -66.73 5.06 -30.01
C GLY C 1118 -66.80 4.14 -31.20
N ILE C 1119 -67.75 3.21 -31.22
CA ILE C 1119 -67.87 2.24 -32.30
C ILE C 1119 -68.48 2.91 -33.53
N VAL C 1120 -68.02 2.51 -34.73
CA VAL C 1120 -68.39 3.13 -36.00
C VAL C 1120 -69.10 2.08 -36.86
N ASN C 1121 -69.72 2.51 -37.96
CA ASN C 1121 -71.07 2.01 -38.19
C ASN C 1121 -71.24 1.86 -39.70
N ASN C 1122 -71.06 0.63 -40.19
CA ASN C 1122 -70.66 0.42 -41.58
C ASN C 1122 -71.18 -0.94 -42.03
N THR C 1123 -70.67 -1.41 -43.16
CA THR C 1123 -71.04 -2.70 -43.73
C THR C 1123 -69.82 -3.58 -43.88
N VAL C 1124 -69.98 -4.86 -43.56
CA VAL C 1124 -68.96 -5.88 -43.76
C VAL C 1124 -69.47 -6.85 -44.82
N TYR C 1125 -68.55 -7.48 -45.54
CA TYR C 1125 -68.87 -8.31 -46.69
C TYR C 1125 -68.51 -9.76 -46.41
N ASP C 1126 -69.42 -10.67 -46.75
CA ASP C 1126 -69.16 -12.10 -46.70
C ASP C 1126 -69.06 -12.62 -48.13
N PRO C 1127 -67.87 -13.02 -48.59
CA PRO C 1127 -67.73 -13.42 -50.00
C PRO C 1127 -68.55 -14.65 -50.38
N LEU C 1128 -68.96 -15.46 -49.41
CA LEU C 1128 -69.73 -16.67 -49.72
C LEU C 1128 -71.10 -16.32 -50.31
N GLN C 1129 -71.74 -15.26 -49.81
CA GLN C 1129 -73.10 -14.94 -50.24
C GLN C 1129 -73.18 -14.57 -51.73
N PRO C 1130 -72.34 -13.68 -52.27
CA PRO C 1130 -72.45 -13.39 -53.72
C PRO C 1130 -72.24 -14.62 -54.58
N GLU C 1131 -71.33 -15.51 -54.18
CA GLU C 1131 -71.14 -16.75 -54.93
C GLU C 1131 -72.38 -17.64 -54.86
N LEU C 1132 -73.00 -17.72 -53.67
CA LEU C 1132 -74.21 -18.53 -53.55
C LEU C 1132 -75.34 -17.98 -54.40
N ASP C 1133 -75.50 -16.65 -54.43
CA ASP C 1133 -76.58 -16.05 -55.20
C ASP C 1133 -76.37 -16.26 -56.69
N SER C 1134 -75.13 -16.22 -57.16
CA SER C 1134 -74.83 -16.45 -58.56
C SER C 1134 -74.86 -17.94 -58.90
N VAL D 4 22.51 -36.42 19.84
CA VAL D 4 21.64 -35.92 20.89
C VAL D 4 20.60 -36.98 21.27
N GLN D 5 19.89 -37.47 20.25
CA GLN D 5 18.83 -38.49 20.35
C GLN D 5 18.15 -38.56 21.72
N LEU D 6 18.56 -39.52 22.55
CA LEU D 6 17.77 -39.90 23.71
C LEU D 6 18.04 -38.96 24.90
N GLN D 7 17.12 -39.00 25.85
CA GLN D 7 17.21 -38.28 27.11
C GLN D 7 16.64 -39.14 28.22
N GLU D 8 17.02 -38.83 29.46
CA GLU D 8 16.55 -39.59 30.61
C GLU D 8 16.32 -38.65 31.80
N SER D 9 15.51 -39.11 32.74
CA SER D 9 15.17 -38.35 33.95
C SER D 9 14.69 -39.34 35.02
N GLY D 10 14.19 -38.81 36.12
CA GLY D 10 13.61 -39.61 37.18
C GLY D 10 14.55 -39.73 38.38
N GLY D 11 14.03 -40.34 39.44
CA GLY D 11 14.80 -40.65 40.62
C GLY D 11 14.65 -39.60 41.71
N GLY D 12 14.98 -40.01 42.94
CA GLY D 12 14.91 -39.12 44.08
C GLY D 12 15.79 -39.62 45.21
N LEU D 13 15.86 -38.82 46.27
CA LEU D 13 16.62 -39.15 47.47
C LEU D 13 15.67 -39.74 48.51
N VAL D 14 16.05 -40.88 49.07
CA VAL D 14 15.25 -41.60 50.05
C VAL D 14 16.14 -42.07 51.19
N GLN D 15 15.54 -42.78 52.14
CA GLN D 15 16.00 -43.39 53.38
C GLN D 15 16.25 -44.88 53.18
N PRO D 16 17.27 -45.45 53.84
CA PRO D 16 17.53 -46.88 53.68
C PRO D 16 16.35 -47.74 54.11
N GLY D 17 16.15 -48.83 53.39
CA GLY D 17 15.04 -49.74 53.64
C GLY D 17 13.87 -49.58 52.69
N GLY D 18 13.76 -48.43 52.01
CA GLY D 18 12.71 -48.20 51.06
C GLY D 18 13.07 -48.71 49.67
N SER D 19 12.20 -48.40 48.72
CA SER D 19 12.41 -48.76 47.32
C SER D 19 12.09 -47.56 46.44
N LEU D 20 12.72 -47.52 45.27
CA LEU D 20 12.51 -46.44 44.32
C LEU D 20 12.20 -47.02 42.95
N ARG D 21 11.51 -46.22 42.14
CA ARG D 21 11.09 -46.61 40.80
C ARG D 21 11.63 -45.58 39.81
N LEU D 22 12.83 -45.83 39.29
CA LEU D 22 13.43 -45.01 38.24
C LEU D 22 13.31 -45.73 36.91
N SER D 23 13.25 -44.95 35.85
CA SER D 23 13.20 -45.47 34.50
C SER D 23 13.99 -44.56 33.60
N CYS D 24 14.53 -45.13 32.52
CA CYS D 24 15.09 -44.30 31.47
C CYS D 24 13.90 -43.74 30.69
N VAL D 25 13.47 -42.53 31.06
CA VAL D 25 12.21 -41.97 30.61
C VAL D 25 12.12 -41.97 29.09
N ALA D 26 10.90 -42.11 28.58
CA ALA D 26 10.65 -42.27 27.15
C ALA D 26 10.92 -40.96 26.42
N SER D 27 12.10 -40.84 25.81
CA SER D 27 12.35 -39.74 24.89
C SER D 27 11.79 -40.00 23.50
N GLY D 28 11.62 -41.25 23.12
CA GLY D 28 11.06 -41.60 21.83
C GLY D 28 11.35 -43.04 21.49
N SER D 29 10.74 -43.47 20.39
CA SER D 29 10.93 -44.84 19.93
C SER D 29 12.35 -45.02 19.40
N VAL D 30 13.11 -45.92 20.03
CA VAL D 30 14.50 -46.13 19.70
C VAL D 30 14.77 -47.62 19.53
N THR D 31 15.82 -47.93 18.78
CA THR D 31 16.25 -49.29 18.55
C THR D 31 17.57 -49.53 19.29
N PHE D 32 17.65 -50.65 20.00
CA PHE D 32 18.85 -51.01 20.74
C PHE D 32 18.87 -52.53 20.88
N ASN D 33 19.95 -53.05 21.47
CA ASN D 33 20.10 -54.48 21.65
C ASN D 33 20.39 -54.91 23.08
N SER D 34 20.93 -54.04 23.94
CA SER D 34 21.23 -54.42 25.31
C SER D 34 21.23 -53.14 26.15
N MET D 35 20.13 -52.90 26.86
CA MET D 35 20.02 -51.72 27.70
C MET D 35 20.29 -52.10 29.15
N GLY D 36 21.34 -51.52 29.73
CA GLY D 36 21.78 -51.86 31.06
C GLY D 36 21.84 -50.65 31.97
N TRP D 37 22.09 -50.92 33.25
CA TRP D 37 22.12 -49.88 34.26
C TRP D 37 23.49 -49.82 34.93
N TYR D 38 24.02 -48.61 35.04
CA TYR D 38 25.28 -48.32 35.70
C TYR D 38 25.06 -47.37 36.86
N ARG D 39 26.11 -47.17 37.65
CA ARG D 39 26.07 -46.23 38.76
C ARG D 39 27.51 -45.80 39.08
N GLN D 40 27.66 -44.56 39.53
CA GLN D 40 28.98 -44.01 39.82
C GLN D 40 28.87 -43.01 40.95
N ALA D 41 29.61 -43.26 42.03
CA ALA D 41 29.70 -42.35 43.15
C ALA D 41 31.09 -41.74 43.21
N PRO D 42 31.25 -40.55 43.79
CA PRO D 42 32.59 -39.97 43.93
C PRO D 42 33.51 -40.89 44.73
N GLY D 43 34.76 -40.98 44.28
CA GLY D 43 35.71 -41.91 44.84
C GLY D 43 35.71 -43.29 44.23
N LYS D 44 34.76 -43.57 43.33
CA LYS D 44 34.67 -44.87 42.68
C LYS D 44 34.28 -44.68 41.22
N GLN D 45 34.53 -45.72 40.42
CA GLN D 45 34.27 -45.71 38.99
C GLN D 45 32.79 -45.97 38.71
N ARG D 46 32.48 -46.30 37.46
CA ARG D 46 31.14 -46.71 37.05
C ARG D 46 31.06 -48.24 37.06
N GLU D 47 30.16 -48.79 37.86
CA GLU D 47 29.95 -50.23 37.94
C GLU D 47 28.63 -50.63 37.31
N LEU D 48 28.61 -51.81 36.72
CA LEU D 48 27.38 -52.39 36.22
C LEU D 48 26.44 -52.73 37.36
N VAL D 49 25.15 -52.47 37.16
CA VAL D 49 24.11 -52.88 38.09
C VAL D 49 23.25 -54.01 37.52
N ALA D 50 22.58 -53.77 36.39
CA ALA D 50 21.81 -54.80 35.73
C ALA D 50 21.61 -54.41 34.27
N GLN D 51 21.31 -55.40 33.44
CA GLN D 51 21.13 -55.20 32.01
C GLN D 51 19.91 -55.96 31.53
N ILE D 52 19.30 -55.46 30.46
CA ILE D 52 18.27 -56.17 29.72
C ILE D 52 18.56 -56.03 28.24
N THR D 53 18.47 -57.14 27.51
CA THR D 53 18.69 -57.16 26.08
C THR D 53 17.37 -57.32 25.35
N ALA D 54 17.44 -57.25 24.01
CA ALA D 54 16.23 -57.42 23.21
C ALA D 54 15.67 -58.84 23.35
N GLY D 55 16.55 -59.84 23.42
CA GLY D 55 16.09 -61.21 23.56
C GLY D 55 15.36 -61.46 24.87
N GLY D 56 15.91 -60.96 25.98
CA GLY D 56 15.27 -61.14 27.26
C GLY D 56 16.22 -61.51 28.38
N ASP D 57 17.52 -61.64 28.06
CA ASP D 57 18.51 -61.94 29.07
C ASP D 57 18.65 -60.76 30.03
N THR D 58 18.65 -61.06 31.33
CA THR D 58 18.74 -60.05 32.39
C THR D 58 20.00 -60.31 33.20
N HIS D 59 21.10 -59.69 32.79
CA HIS D 59 22.35 -59.81 33.54
C HIS D 59 22.30 -58.97 34.80
N TYR D 60 22.93 -59.48 35.86
CA TYR D 60 22.99 -58.79 37.14
C TYR D 60 24.42 -58.75 37.65
N ALA D 61 24.75 -57.70 38.39
CA ALA D 61 26.02 -57.61 39.09
C ALA D 61 26.03 -58.52 40.31
N ASP D 62 27.20 -58.63 40.95
CA ASP D 62 27.37 -59.58 42.04
C ASP D 62 26.57 -59.21 43.28
N SER D 63 26.40 -57.92 43.56
CA SER D 63 25.79 -57.46 44.79
C SER D 63 24.32 -57.05 44.60
N VAL D 64 23.69 -57.48 43.51
CA VAL D 64 22.36 -56.98 43.17
C VAL D 64 21.34 -58.10 43.01
N LYS D 65 21.67 -59.32 43.40
CA LYS D 65 20.69 -60.40 43.33
C LYS D 65 19.60 -60.22 44.38
N GLY D 66 18.35 -60.44 43.96
CA GLY D 66 17.23 -60.51 44.88
C GLY D 66 16.63 -59.18 45.30
N ARG D 67 17.28 -58.06 44.99
CA ARG D 67 16.79 -56.75 45.42
C ARG D 67 16.52 -55.80 44.27
N PHE D 68 16.97 -56.12 43.06
CA PHE D 68 16.89 -55.24 41.90
C PHE D 68 16.31 -56.02 40.73
N THR D 69 15.40 -55.39 39.99
CA THR D 69 14.78 -56.00 38.81
C THR D 69 14.68 -54.97 37.71
N ILE D 70 14.65 -55.47 36.47
CA ILE D 70 14.57 -54.63 35.28
C ILE D 70 13.35 -55.05 34.47
N SER D 71 12.55 -54.08 34.06
CA SER D 71 11.36 -54.33 33.25
C SER D 71 11.31 -53.32 32.12
N GLU D 72 10.59 -53.68 31.04
CA GLU D 72 10.53 -52.85 29.85
C GLU D 72 9.08 -52.77 29.41
N HIS D 73 8.68 -51.59 28.95
CA HIS D 73 7.33 -51.34 28.44
C HIS D 73 7.43 -50.91 26.99
N ARG D 74 7.19 -51.85 26.07
CA ARG D 74 7.24 -51.53 24.64
C ARG D 74 6.13 -50.54 24.26
N GLY D 75 5.02 -50.54 24.98
CA GLY D 75 3.95 -49.60 24.68
C GLY D 75 4.37 -48.16 24.87
N LYS D 76 5.08 -47.87 25.95
CA LYS D 76 5.61 -46.54 26.21
C LYS D 76 7.10 -46.42 25.90
N ASN D 77 7.71 -47.49 25.37
CA ASN D 77 9.12 -47.52 24.93
C ASN D 77 10.07 -46.91 25.97
N ALA D 78 9.70 -47.00 27.25
CA ALA D 78 10.55 -46.61 28.36
C ALA D 78 10.82 -47.82 29.23
N VAL D 79 12.09 -48.11 29.47
CA VAL D 79 12.50 -49.29 30.20
C VAL D 79 12.68 -48.94 31.67
N TYR D 80 12.33 -49.89 32.53
CA TYR D 80 11.96 -49.63 33.91
C TYR D 80 12.79 -50.51 34.83
N LEU D 81 13.53 -49.91 35.75
CA LEU D 81 14.28 -50.66 36.76
C LEU D 81 13.65 -50.44 38.12
N GLU D 82 13.42 -51.54 38.84
CA GLU D 82 12.82 -51.50 40.17
C GLU D 82 13.88 -51.86 41.20
N MET D 83 14.22 -50.90 42.06
CA MET D 83 15.35 -51.03 42.98
C MET D 83 14.84 -51.02 44.41
N HIS D 84 14.85 -52.18 45.04
CA HIS D 84 14.22 -52.43 46.33
C HIS D 84 15.28 -52.68 47.39
N SER D 85 14.87 -52.46 48.65
CA SER D 85 15.73 -52.67 49.82
C SER D 85 16.98 -51.78 49.75
N LEU D 86 16.75 -50.47 49.72
CA LEU D 86 17.84 -49.53 49.55
C LEU D 86 18.73 -49.46 50.77
N LYS D 87 20.02 -49.32 50.52
CA LYS D 87 21.08 -49.19 51.52
C LYS D 87 21.96 -48.02 51.12
N PRO D 88 22.65 -47.40 52.08
CA PRO D 88 23.45 -46.20 51.76
C PRO D 88 24.54 -46.44 50.73
N GLU D 89 25.02 -47.67 50.56
CA GLU D 89 26.07 -47.93 49.58
C GLU D 89 25.62 -47.69 48.16
N ASP D 90 24.31 -47.59 47.91
CA ASP D 90 23.78 -47.52 46.57
C ASP D 90 23.81 -46.12 45.95
N THR D 91 24.09 -45.08 46.73
CA THR D 91 24.07 -43.73 46.19
C THR D 91 25.16 -43.56 45.13
N ALA D 92 24.79 -42.93 44.01
CA ALA D 92 25.69 -42.80 42.88
C ALA D 92 25.05 -41.92 41.82
N VAL D 93 25.79 -41.64 40.76
CA VAL D 93 25.27 -41.05 39.54
C VAL D 93 24.79 -42.21 38.67
N TYR D 94 23.48 -42.32 38.51
CA TYR D 94 22.86 -43.51 37.93
C TYR D 94 22.81 -43.34 36.41
N TYR D 95 23.75 -43.98 35.72
CA TYR D 95 23.85 -43.87 34.27
C TYR D 95 22.78 -44.71 33.59
N CYS D 96 22.48 -44.36 32.34
CA CYS D 96 21.56 -45.11 31.50
C CYS D 96 22.27 -45.34 30.17
N HIS D 97 23.06 -46.40 30.10
CA HIS D 97 23.88 -46.65 28.92
C HIS D 97 23.09 -47.46 27.90
N LEU D 98 23.11 -46.99 26.65
CA LEU D 98 22.29 -47.56 25.59
C LEU D 98 23.12 -48.41 24.65
N GLN D 99 22.42 -49.23 23.87
CA GLN D 99 23.07 -50.10 22.89
C GLN D 99 22.54 -49.77 21.51
N VAL D 100 22.51 -48.48 21.18
CA VAL D 100 22.19 -48.07 19.82
C VAL D 100 23.33 -48.55 18.92
N PRO D 101 23.06 -49.35 17.90
CA PRO D 101 24.14 -49.86 17.06
C PRO D 101 24.90 -48.75 16.38
N PHE D 102 26.22 -48.87 16.36
CA PHE D 102 27.08 -47.88 15.71
C PHE D 102 28.41 -48.55 15.38
N LEU D 103 28.66 -48.79 14.09
CA LEU D 103 29.85 -49.51 13.63
C LEU D 103 29.97 -50.87 14.29
N GLY D 104 28.85 -51.56 14.43
CA GLY D 104 28.80 -52.82 15.13
C GLY D 104 28.40 -52.73 16.58
N GLY D 105 27.88 -51.60 17.04
CA GLY D 105 27.44 -51.45 18.41
C GLY D 105 28.30 -50.49 19.19
N GLY D 106 27.70 -49.47 19.79
CA GLY D 106 28.46 -48.53 20.58
C GLY D 106 27.74 -47.20 20.74
N TYR D 107 28.50 -46.21 21.16
CA TYR D 107 28.03 -44.87 21.51
C TYR D 107 26.77 -44.92 22.39
N ASP D 108 26.99 -45.43 23.59
CA ASP D 108 25.96 -45.44 24.62
C ASP D 108 25.66 -44.02 25.10
N TYR D 109 24.42 -43.82 25.56
CA TYR D 109 23.92 -42.51 25.97
C TYR D 109 23.84 -42.35 27.48
N TRP D 110 24.80 -42.91 28.21
CA TRP D 110 24.75 -42.87 29.67
C TRP D 110 25.00 -41.48 30.23
N GLY D 111 25.54 -40.56 29.44
CA GLY D 111 25.94 -39.26 29.97
C GLY D 111 24.79 -38.52 30.62
N GLN D 112 23.61 -38.59 30.02
CA GLN D 112 22.41 -37.98 30.61
C GLN D 112 21.88 -38.94 31.66
N GLY D 113 22.32 -38.76 32.90
CA GLY D 113 21.96 -39.62 34.00
C GLY D 113 21.12 -38.89 35.04
N THR D 114 20.87 -39.61 36.14
CA THR D 114 20.05 -39.10 37.24
C THR D 114 20.78 -39.31 38.56
N GLN D 115 20.37 -38.54 39.56
CA GLN D 115 20.94 -38.62 40.90
C GLN D 115 19.95 -39.32 41.82
N VAL D 116 20.39 -40.43 42.42
CA VAL D 116 19.63 -41.15 43.43
C VAL D 116 20.55 -41.42 44.60
N THR D 117 20.20 -40.89 45.77
CA THR D 117 21.01 -41.01 46.97
C THR D 117 20.19 -41.66 48.07
N VAL D 118 20.77 -42.63 48.75
CA VAL D 118 20.11 -43.34 49.85
C VAL D 118 20.80 -42.91 51.14
N SER D 119 20.06 -42.22 52.01
CA SER D 119 20.60 -41.78 53.29
C SER D 119 19.45 -41.53 54.25
N SER D 120 19.70 -41.80 55.52
CA SER D 120 18.69 -41.62 56.56
C SER D 120 18.51 -40.17 56.98
N GLY D 121 19.41 -39.28 56.56
CA GLY D 121 19.31 -37.87 56.90
C GLY D 121 19.21 -36.98 55.69
N VAL E 4 35.67 22.38 -22.10
CA VAL E 4 35.75 20.94 -22.21
C VAL E 4 35.49 20.53 -23.66
N GLN E 5 34.21 20.33 -23.98
CA GLN E 5 33.72 20.02 -25.33
C GLN E 5 34.63 19.08 -26.09
N LEU E 6 35.52 19.62 -26.91
CA LEU E 6 36.36 18.80 -27.76
C LEU E 6 37.31 17.95 -26.93
N GLN E 7 37.42 16.67 -27.33
CA GLN E 7 38.26 15.70 -26.66
C GLN E 7 39.28 15.19 -27.68
N GLU E 8 40.55 15.13 -27.27
CA GLU E 8 41.65 14.89 -28.21
C GLU E 8 42.53 13.76 -27.69
N SER E 9 42.97 12.88 -28.60
CA SER E 9 43.83 11.77 -28.23
C SER E 9 44.46 11.15 -29.48
N GLY E 10 45.37 10.22 -29.26
CA GLY E 10 46.00 9.46 -30.32
C GLY E 10 47.51 9.44 -30.21
N GLY E 11 48.11 8.54 -30.98
CA GLY E 11 49.55 8.48 -31.12
C GLY E 11 50.24 7.62 -30.07
N GLY E 12 51.52 7.36 -30.30
CA GLY E 12 52.31 6.55 -29.39
C GLY E 12 53.79 6.67 -29.67
N LEU E 13 54.58 6.10 -28.76
CA LEU E 13 56.03 6.13 -28.89
C LEU E 13 56.49 5.27 -30.06
N VAL E 14 57.44 5.79 -30.84
CA VAL E 14 57.97 5.12 -32.02
C VAL E 14 59.49 5.24 -32.00
N GLN E 15 60.12 4.73 -33.06
CA GLN E 15 61.55 4.79 -33.27
C GLN E 15 61.87 5.60 -34.52
N PRO E 16 63.08 6.14 -34.63
CA PRO E 16 63.45 6.89 -35.84
C PRO E 16 63.33 6.04 -37.08
N GLY E 17 62.83 6.64 -38.15
CA GLY E 17 62.60 5.96 -39.40
C GLY E 17 61.18 5.48 -39.60
N GLY E 18 60.40 5.36 -38.53
CA GLY E 18 59.03 4.92 -38.62
C GLY E 18 58.09 6.05 -39.03
N SER E 19 56.82 5.69 -39.17
CA SER E 19 55.78 6.64 -39.52
C SER E 19 54.53 6.35 -38.73
N LEU E 20 53.96 7.38 -38.12
CA LEU E 20 52.71 7.27 -37.38
C LEU E 20 51.65 8.12 -38.06
N ARG E 21 50.46 7.55 -38.23
CA ARG E 21 49.31 8.28 -38.75
C ARG E 21 48.45 8.68 -37.55
N LEU E 22 48.87 9.74 -36.87
CA LEU E 22 48.13 10.28 -35.74
C LEU E 22 46.97 11.11 -36.26
N SER E 23 45.93 11.24 -35.42
CA SER E 23 44.79 12.08 -35.77
C SER E 23 44.39 12.92 -34.57
N CYS E 24 44.00 14.16 -34.83
CA CYS E 24 43.39 15.00 -33.81
C CYS E 24 41.92 14.61 -33.68
N VAL E 25 41.71 13.37 -33.26
CA VAL E 25 40.38 12.79 -33.22
C VAL E 25 39.48 13.67 -32.37
N ALA E 26 38.36 14.08 -32.95
CA ALA E 26 37.41 14.94 -32.27
C ALA E 26 36.36 14.07 -31.58
N SER E 27 35.27 14.69 -31.14
CA SER E 27 34.18 14.00 -30.49
C SER E 27 32.86 14.18 -31.21
N GLY E 28 32.79 15.10 -32.18
CA GLY E 28 31.59 15.31 -32.95
C GLY E 28 31.87 16.31 -34.06
N SER E 29 30.82 16.60 -34.82
CA SER E 29 30.93 17.58 -35.89
C SER E 29 31.22 18.97 -35.31
N VAL E 30 32.24 19.62 -35.84
CA VAL E 30 32.70 20.91 -35.32
C VAL E 30 32.83 21.90 -36.47
N THR E 31 32.86 23.18 -36.13
CA THR E 31 33.02 24.26 -37.08
C THR E 31 34.35 24.96 -36.82
N PHE E 32 35.15 25.10 -37.87
CA PHE E 32 36.44 25.79 -37.76
C PHE E 32 36.81 26.31 -39.14
N ASN E 33 37.83 27.18 -39.16
CA ASN E 33 38.30 27.78 -40.40
C ASN E 33 39.74 27.43 -40.75
N SER E 34 40.57 27.07 -39.77
CA SER E 34 41.95 26.69 -40.04
C SER E 34 42.41 25.75 -38.92
N MET E 35 42.39 24.45 -39.21
CA MET E 35 42.79 23.44 -38.24
C MET E 35 44.30 23.24 -38.32
N GLY E 36 44.95 23.14 -37.16
CA GLY E 36 46.38 23.02 -37.13
C GLY E 36 46.86 22.19 -35.96
N TRP E 37 48.12 21.75 -36.06
CA TRP E 37 48.74 20.90 -35.06
C TRP E 37 50.08 21.49 -34.65
N TYR E 38 50.36 21.47 -33.35
CA TYR E 38 51.60 22.00 -32.79
C TYR E 38 52.42 20.88 -32.15
N ARG E 39 53.61 21.28 -31.69
CA ARG E 39 54.47 20.43 -30.87
C ARG E 39 55.10 21.31 -29.80
N GLN E 40 55.57 20.69 -28.73
CA GLN E 40 56.29 21.43 -27.69
C GLN E 40 57.12 20.47 -26.87
N ALA E 41 58.43 20.64 -26.90
CA ALA E 41 59.36 19.87 -26.09
C ALA E 41 59.64 20.60 -24.77
N PRO E 42 60.02 19.86 -23.72
CA PRO E 42 60.36 20.53 -22.47
C PRO E 42 61.54 21.48 -22.64
N GLY E 43 61.41 22.69 -22.08
CA GLY E 43 62.40 23.72 -22.24
C GLY E 43 62.30 24.50 -23.54
N LYS E 44 61.42 24.09 -24.46
CA LYS E 44 61.24 24.76 -25.73
C LYS E 44 59.79 25.25 -25.84
N GLN E 45 59.60 26.31 -26.62
CA GLN E 45 58.27 26.83 -26.86
C GLN E 45 57.55 25.99 -27.92
N ARG E 46 56.24 26.19 -28.03
CA ARG E 46 55.47 25.52 -29.05
C ARG E 46 55.88 26.02 -30.43
N GLU E 47 56.01 25.09 -31.38
CA GLU E 47 56.32 25.44 -32.76
C GLU E 47 55.27 24.88 -33.70
N LEU E 48 54.93 25.67 -34.72
CA LEU E 48 53.94 25.25 -35.70
C LEU E 48 54.47 24.08 -36.51
N VAL E 49 53.56 23.16 -36.86
CA VAL E 49 53.88 22.00 -37.67
C VAL E 49 53.16 22.06 -39.02
N ALA E 50 51.84 22.13 -39.00
CA ALA E 50 51.06 22.13 -40.22
C ALA E 50 49.76 22.89 -39.99
N GLN E 51 49.15 23.32 -41.09
CA GLN E 51 47.92 24.09 -41.07
C GLN E 51 47.01 23.58 -42.18
N ILE E 52 45.76 23.25 -41.85
CA ILE E 52 44.75 22.94 -42.84
C ILE E 52 43.55 23.83 -42.59
N THR E 53 43.14 24.57 -43.61
CA THR E 53 42.02 25.48 -43.51
C THR E 53 40.78 24.86 -44.14
N ALA E 54 39.64 25.55 -43.97
CA ALA E 54 38.40 25.10 -44.59
C ALA E 54 38.53 25.10 -46.11
N GLY E 55 39.17 26.13 -46.66
CA GLY E 55 39.36 26.17 -48.11
C GLY E 55 40.27 25.06 -48.61
N GLY E 56 41.36 24.80 -47.90
CA GLY E 56 42.28 23.74 -48.29
C GLY E 56 43.74 24.14 -48.29
N ASP E 57 44.05 25.32 -47.79
CA ASP E 57 45.44 25.77 -47.72
C ASP E 57 46.20 24.90 -46.73
N THR E 58 47.39 24.46 -47.13
CA THR E 58 48.25 23.60 -46.31
C THR E 58 49.57 24.32 -46.06
N HIS E 59 49.72 24.89 -44.87
CA HIS E 59 50.93 25.59 -44.48
C HIS E 59 51.86 24.63 -43.73
N TYR E 60 53.15 24.65 -44.08
CA TYR E 60 54.14 23.79 -43.48
C TYR E 60 55.29 24.63 -42.92
N ALA E 61 55.83 24.20 -41.78
CA ALA E 61 57.01 24.82 -41.21
C ALA E 61 58.25 24.38 -41.99
N ASP E 62 59.38 25.04 -41.69
CA ASP E 62 60.60 24.82 -42.46
C ASP E 62 61.10 23.38 -42.32
N SER E 63 60.97 22.81 -41.13
CA SER E 63 61.53 21.49 -40.83
C SER E 63 60.60 20.34 -41.18
N VAL E 64 59.49 20.61 -41.87
CA VAL E 64 58.48 19.56 -42.02
C VAL E 64 58.08 19.28 -43.47
N LYS E 65 58.52 20.10 -44.42
CA LYS E 65 58.18 19.76 -45.81
C LYS E 65 58.92 18.49 -46.24
N GLY E 66 58.29 17.76 -47.17
CA GLY E 66 58.84 16.53 -47.69
C GLY E 66 58.55 15.29 -46.87
N ARG E 67 57.91 15.45 -45.70
CA ARG E 67 57.65 14.31 -44.83
C ARG E 67 56.25 14.27 -44.23
N PHE E 68 55.47 15.34 -44.31
CA PHE E 68 54.23 15.45 -43.57
C PHE E 68 53.06 15.69 -44.52
N THR E 69 51.97 14.96 -44.29
CA THR E 69 50.76 15.07 -45.09
C THR E 69 49.56 15.26 -44.18
N ILE E 70 48.59 16.05 -44.66
CA ILE E 70 47.38 16.37 -43.92
C ILE E 70 46.17 16.07 -44.79
N SER E 71 45.20 15.35 -44.24
CA SER E 71 43.96 15.03 -44.93
C SER E 71 42.79 15.16 -43.97
N GLU E 72 41.72 15.79 -44.44
CA GLU E 72 40.50 15.94 -43.65
C GLU E 72 39.49 14.88 -44.05
N HIS E 73 38.78 14.35 -43.06
CA HIS E 73 37.72 13.37 -43.28
C HIS E 73 36.43 13.98 -42.73
N ARG E 74 35.74 14.76 -43.56
CA ARG E 74 34.50 15.38 -43.14
C ARG E 74 33.40 14.36 -42.83
N GLY E 75 33.51 13.15 -43.39
CA GLY E 75 32.58 12.10 -43.02
C GLY E 75 32.66 11.75 -41.55
N LYS E 76 33.87 11.67 -41.01
CA LYS E 76 34.07 11.46 -39.58
C LYS E 76 34.47 12.75 -38.86
N ASN E 77 34.48 13.88 -39.56
CA ASN E 77 34.72 15.20 -38.97
C ASN E 77 36.09 15.32 -38.31
N ALA E 78 37.07 14.52 -38.75
CA ALA E 78 38.39 14.52 -38.14
C ALA E 78 39.45 14.72 -39.22
N VAL E 79 40.39 15.62 -38.95
CA VAL E 79 41.61 15.70 -39.77
C VAL E 79 42.52 14.55 -39.41
N TYR E 80 43.45 14.22 -40.31
CA TYR E 80 44.36 13.12 -40.07
C TYR E 80 45.78 13.63 -40.24
N LEU E 81 46.63 13.35 -39.24
CA LEU E 81 47.95 13.97 -39.09
C LEU E 81 49.01 12.89 -39.23
N GLU E 82 49.49 12.66 -40.44
CA GLU E 82 50.34 11.51 -40.74
C GLU E 82 51.79 11.95 -40.93
N MET E 83 52.65 11.58 -39.99
CA MET E 83 54.08 11.86 -40.06
C MET E 83 54.80 10.77 -40.83
N HIS E 84 55.96 11.13 -41.38
CA HIS E 84 56.82 10.19 -42.07
C HIS E 84 58.28 10.63 -41.91
N SER E 85 59.18 9.67 -42.08
CA SER E 85 60.61 9.89 -41.89
C SER E 85 60.89 10.48 -40.50
N LEU E 86 60.25 9.88 -39.49
CA LEU E 86 60.30 10.42 -38.14
C LEU E 86 61.73 10.37 -37.59
N LYS E 87 62.09 11.41 -36.85
CA LYS E 87 63.39 11.57 -36.23
C LYS E 87 63.19 11.99 -34.77
N PRO E 88 64.19 11.77 -33.92
CA PRO E 88 64.02 12.07 -32.49
C PRO E 88 63.69 13.52 -32.19
N GLU E 89 64.04 14.46 -33.09
CA GLU E 89 63.74 15.87 -32.85
C GLU E 89 62.23 16.13 -32.80
N ASP E 90 61.42 15.22 -33.35
CA ASP E 90 59.98 15.41 -33.40
C ASP E 90 59.29 15.11 -32.08
N THR E 91 60.00 14.55 -31.10
CA THR E 91 59.41 14.25 -29.81
C THR E 91 59.04 15.54 -29.10
N ALA E 92 57.78 15.65 -28.67
CA ALA E 92 57.28 16.88 -28.08
C ALA E 92 55.90 16.63 -27.50
N VAL E 93 55.33 17.66 -26.87
CA VAL E 93 53.96 17.62 -26.37
C VAL E 93 53.07 18.15 -27.50
N TYR E 94 52.56 17.23 -28.31
CA TYR E 94 51.81 17.60 -29.50
C TYR E 94 50.49 18.26 -29.10
N TYR E 95 50.15 19.34 -29.80
CA TYR E 95 48.95 20.13 -29.54
C TYR E 95 48.06 20.15 -30.78
N CYS E 96 46.76 20.36 -30.57
CA CYS E 96 45.81 20.49 -31.68
C CYS E 96 45.07 21.81 -31.50
N HIS E 97 45.66 22.90 -32.00
CA HIS E 97 45.00 24.19 -31.94
C HIS E 97 43.84 24.21 -32.94
N LEU E 98 42.68 24.67 -32.48
CA LEU E 98 41.46 24.70 -33.28
C LEU E 98 41.13 26.14 -33.66
N GLN E 99 40.31 26.26 -34.70
CA GLN E 99 39.84 27.54 -35.21
C GLN E 99 38.34 27.69 -35.01
N VAL E 100 37.85 27.25 -33.85
CA VAL E 100 36.45 27.53 -33.54
C VAL E 100 36.28 29.03 -33.39
N PRO E 101 35.34 29.65 -34.11
CA PRO E 101 35.19 31.11 -34.00
C PRO E 101 34.83 31.54 -32.59
N PHE E 102 35.44 32.63 -32.14
CA PHE E 102 35.15 33.19 -30.82
C PHE E 102 35.55 34.65 -30.85
N LEU E 103 34.56 35.55 -30.87
CA LEU E 103 34.76 36.98 -31.07
C LEU E 103 35.59 37.23 -32.34
N GLY E 104 35.22 36.54 -33.41
CA GLY E 104 35.95 36.63 -34.65
C GLY E 104 37.09 35.64 -34.79
N GLY E 105 37.08 34.55 -34.04
CA GLY E 105 38.10 33.54 -34.14
C GLY E 105 39.04 33.48 -32.95
N GLY E 106 39.29 32.29 -32.44
CA GLY E 106 40.21 32.11 -31.34
C GLY E 106 39.75 30.98 -30.44
N TYR E 107 40.29 31.00 -29.21
CA TYR E 107 40.09 29.95 -28.21
C TYR E 107 40.28 28.55 -28.80
N ASP E 108 41.52 28.29 -29.18
CA ASP E 108 41.90 26.96 -29.64
C ASP E 108 41.89 25.95 -28.51
N TYR E 109 41.72 24.67 -28.88
CA TYR E 109 41.63 23.57 -27.92
C TYR E 109 42.93 22.76 -27.85
N TRP E 110 44.08 23.42 -28.00
CA TRP E 110 45.36 22.72 -27.99
C TRP E 110 45.75 22.19 -26.62
N GLY E 111 45.07 22.60 -25.55
CA GLY E 111 45.47 22.19 -24.21
C GLY E 111 45.46 20.69 -24.03
N GLN E 112 44.44 20.03 -24.59
CA GLN E 112 44.39 18.57 -24.58
C GLN E 112 45.26 18.05 -25.70
N GLY E 113 46.48 17.64 -25.37
CA GLY E 113 47.44 17.18 -26.34
C GLY E 113 47.66 15.68 -26.28
N THR E 114 48.58 15.23 -27.14
CA THR E 114 48.98 13.84 -27.23
C THR E 114 50.48 13.73 -26.96
N GLN E 115 50.89 12.54 -26.51
CA GLN E 115 52.28 12.28 -26.18
C GLN E 115 52.84 11.28 -27.19
N VAL E 116 53.66 11.77 -28.11
CA VAL E 116 54.33 10.94 -29.10
C VAL E 116 55.83 11.20 -29.00
N THR E 117 56.59 10.16 -28.67
CA THR E 117 58.03 10.26 -28.48
C THR E 117 58.73 9.41 -29.53
N VAL E 118 59.71 9.99 -30.20
CA VAL E 118 60.50 9.29 -31.21
C VAL E 118 61.88 9.04 -30.61
N SER E 119 62.20 7.76 -30.38
CA SER E 119 63.49 7.39 -29.83
C SER E 119 63.76 5.93 -30.15
N SER E 120 65.04 5.59 -30.23
CA SER E 120 65.45 4.22 -30.55
C SER E 120 65.38 3.29 -29.35
N GLY E 121 65.11 3.80 -28.16
CA GLY E 121 65.02 2.98 -26.97
C GLY E 121 63.86 3.37 -26.08
N VAL F 4 -8.85 27.54 35.41
CA VAL F 4 -8.35 28.88 35.16
C VAL F 4 -9.51 29.87 35.15
N GLN F 5 -10.63 29.45 34.55
CA GLN F 5 -11.83 30.26 34.43
C GLN F 5 -11.54 31.62 33.81
N LEU F 6 -11.73 32.69 34.58
CA LEU F 6 -11.83 34.03 34.00
C LEU F 6 -10.45 34.65 33.81
N GLN F 7 -10.42 35.66 32.94
CA GLN F 7 -9.24 36.45 32.67
C GLN F 7 -9.63 37.91 32.52
N GLU F 8 -8.67 38.81 32.75
CA GLU F 8 -8.89 40.24 32.59
C GLU F 8 -7.64 40.86 31.96
N SER F 9 -7.85 41.99 31.29
CA SER F 9 -6.75 42.68 30.61
C SER F 9 -7.12 44.15 30.46
N GLY F 10 -6.16 44.93 29.99
CA GLY F 10 -6.34 46.35 29.74
C GLY F 10 -5.34 47.19 30.50
N GLY F 11 -5.64 48.48 30.58
CA GLY F 11 -4.83 49.44 31.31
C GLY F 11 -4.68 50.75 30.55
N GLY F 12 -3.90 51.68 31.11
CA GLY F 12 -3.59 52.91 30.40
C GLY F 12 -3.05 54.02 31.28
N LEU F 13 -2.02 54.70 30.78
CA LEU F 13 -1.42 55.85 31.46
C LEU F 13 -2.26 57.10 31.17
N VAL F 14 -2.25 58.05 32.11
CA VAL F 14 -3.08 59.23 32.00
C VAL F 14 -2.45 60.35 32.82
N GLN F 15 -2.69 61.59 32.41
CA GLN F 15 -2.39 62.88 33.01
C GLN F 15 -3.53 63.32 33.92
N PRO F 16 -3.22 63.97 35.06
CA PRO F 16 -4.28 64.34 36.01
C PRO F 16 -5.35 65.22 35.37
N GLY F 17 -6.60 64.97 35.75
CA GLY F 17 -7.73 65.67 35.20
C GLY F 17 -8.44 64.94 34.07
N GLY F 18 -7.87 63.85 33.57
CA GLY F 18 -8.47 63.08 32.50
C GLY F 18 -9.48 62.08 33.02
N SER F 19 -9.98 61.26 32.09
CA SER F 19 -10.94 60.22 32.39
C SER F 19 -10.58 58.94 31.66
N LEU F 20 -10.66 57.82 32.36
CA LEU F 20 -10.36 56.51 31.80
C LEU F 20 -11.60 55.62 31.83
N ARG F 21 -11.72 54.79 30.81
CA ARG F 21 -12.80 53.79 30.71
C ARG F 21 -12.14 52.42 30.56
N LEU F 22 -12.00 51.72 31.68
CA LEU F 22 -11.49 50.36 31.70
C LEU F 22 -12.59 49.40 32.13
N SER F 23 -12.77 48.35 31.35
CA SER F 23 -13.60 47.21 31.72
C SER F 23 -12.71 46.00 31.90
N CYS F 24 -12.80 45.35 33.06
CA CYS F 24 -12.10 44.09 33.27
C CYS F 24 -12.87 43.00 32.53
N VAL F 25 -12.74 43.04 31.20
CA VAL F 25 -13.51 42.20 30.29
C VAL F 25 -13.52 40.76 30.78
N ALA F 26 -14.72 40.21 30.94
CA ALA F 26 -14.85 38.81 31.32
C ALA F 26 -14.60 37.91 30.12
N SER F 27 -13.94 36.78 30.36
CA SER F 27 -13.61 35.85 29.31
C SER F 27 -14.79 34.98 28.89
N GLY F 28 -15.99 35.33 29.30
CA GLY F 28 -17.18 34.56 28.98
C GLY F 28 -18.27 34.85 29.99
N SER F 29 -19.47 34.37 29.66
CA SER F 29 -20.60 34.56 30.55
C SER F 29 -20.37 33.83 31.86
N VAL F 30 -20.42 34.56 32.97
CA VAL F 30 -20.11 34.00 34.29
C VAL F 30 -21.17 34.47 35.28
N THR F 31 -21.24 33.75 36.40
CA THR F 31 -22.15 34.06 37.49
C THR F 31 -21.36 34.55 38.70
N PHE F 32 -21.90 35.56 39.37
CA PHE F 32 -21.24 36.15 40.52
C PHE F 32 -22.29 36.84 41.38
N ASN F 33 -21.85 37.40 42.50
CA ASN F 33 -22.74 38.15 43.39
C ASN F 33 -22.28 39.56 43.67
N SER F 34 -20.98 39.86 43.54
CA SER F 34 -20.46 41.20 43.77
C SER F 34 -19.18 41.35 42.97
N MET F 35 -19.27 41.99 41.81
CA MET F 35 -18.14 42.20 40.91
C MET F 35 -17.65 43.63 41.13
N GLY F 36 -16.62 43.78 41.97
CA GLY F 36 -16.14 45.08 42.39
C GLY F 36 -14.74 45.38 41.85
N TRP F 37 -14.34 46.62 42.08
CA TRP F 37 -13.06 47.13 41.59
C TRP F 37 -12.15 47.45 42.76
N TYR F 38 -10.90 46.98 42.68
CA TYR F 38 -9.90 47.19 43.71
C TYR F 38 -8.67 47.85 43.08
N ARG F 39 -7.73 48.29 43.92
CA ARG F 39 -6.53 48.93 43.44
C ARG F 39 -5.40 48.74 44.43
N GLN F 40 -4.16 48.94 43.95
CA GLN F 40 -2.99 48.80 44.79
C GLN F 40 -1.82 49.58 44.19
N ALA F 41 -1.20 50.42 45.00
CA ALA F 41 0.05 51.07 44.66
C ALA F 41 1.15 50.60 45.61
N PRO F 42 2.39 50.53 45.16
CA PRO F 42 3.47 50.08 46.04
C PRO F 42 3.62 50.99 47.25
N GLY F 43 3.80 50.37 48.42
CA GLY F 43 3.95 51.08 49.67
C GLY F 43 2.79 50.96 50.63
N LYS F 44 1.62 50.51 50.18
CA LYS F 44 0.45 50.41 51.02
C LYS F 44 -0.35 49.16 50.68
N GLN F 45 -1.18 48.75 51.63
CA GLN F 45 -2.03 47.57 51.44
C GLN F 45 -3.17 47.87 50.49
N ARG F 46 -3.78 46.80 49.99
CA ARG F 46 -4.78 46.88 48.95
C ARG F 46 -6.10 47.37 49.52
N GLU F 47 -6.78 48.28 48.81
CA GLU F 47 -7.99 48.89 49.32
C GLU F 47 -9.17 48.69 48.37
N LEU F 48 -10.36 48.75 48.94
CA LEU F 48 -11.60 48.80 48.16
C LEU F 48 -11.71 50.14 47.46
N VAL F 49 -12.20 50.09 46.21
CA VAL F 49 -12.56 51.29 45.45
C VAL F 49 -14.08 51.44 45.33
N ALA F 50 -14.72 50.47 44.69
CA ALA F 50 -16.17 50.45 44.55
C ALA F 50 -16.60 49.06 44.08
N GLN F 51 -17.84 48.70 44.41
CA GLN F 51 -18.38 47.39 44.06
C GLN F 51 -19.80 47.54 43.53
N ILE F 52 -20.19 46.58 42.70
CA ILE F 52 -21.57 46.46 42.22
C ILE F 52 -21.99 45.01 42.36
N THR F 53 -23.17 44.78 42.93
CA THR F 53 -23.69 43.44 43.12
C THR F 53 -24.70 43.09 42.02
N ALA F 54 -25.20 41.86 42.07
CA ALA F 54 -26.20 41.43 41.10
C ALA F 54 -27.50 42.21 41.25
N GLY F 55 -27.89 42.49 42.49
CA GLY F 55 -29.12 43.22 42.73
C GLY F 55 -29.09 44.63 42.17
N GLY F 56 -27.97 45.33 42.37
CA GLY F 56 -27.83 46.69 41.87
C GLY F 56 -27.21 47.64 42.86
N ASP F 57 -26.95 47.16 44.08
CA ASP F 57 -26.31 48.01 45.08
C ASP F 57 -24.89 48.35 44.64
N THR F 58 -24.53 49.62 44.78
CA THR F 58 -23.22 50.13 44.37
C THR F 58 -22.52 50.70 45.60
N HIS F 59 -21.68 49.89 46.23
CA HIS F 59 -20.91 50.34 47.38
C HIS F 59 -19.69 51.14 46.91
N TYR F 60 -19.39 52.22 47.64
CA TYR F 60 -18.28 53.10 47.31
C TYR F 60 -17.40 53.32 48.52
N ALA F 61 -16.09 53.45 48.26
CA ALA F 61 -15.15 53.81 49.31
C ALA F 61 -15.33 55.27 49.70
N ASP F 62 -14.57 55.70 50.72
CA ASP F 62 -14.74 57.05 51.25
C ASP F 62 -14.24 58.13 50.30
N SER F 63 -13.23 57.81 49.49
CA SER F 63 -12.57 58.80 48.65
C SER F 63 -12.99 58.70 47.18
N VAL F 64 -14.12 58.08 46.88
CA VAL F 64 -14.51 57.81 45.50
C VAL F 64 -15.87 58.37 45.14
N LYS F 65 -16.57 59.03 46.06
CA LYS F 65 -17.87 59.60 45.72
C LYS F 65 -17.72 60.74 44.72
N GLY F 66 -18.68 60.83 43.80
CA GLY F 66 -18.77 61.95 42.89
C GLY F 66 -17.77 61.97 41.77
N ARG F 67 -16.88 60.98 41.69
CA ARG F 67 -15.85 60.95 40.67
C ARG F 67 -15.86 59.68 39.83
N PHE F 68 -16.14 58.53 40.44
CA PHE F 68 -16.06 57.26 39.72
C PHE F 68 -17.38 56.52 39.87
N THR F 69 -17.86 55.94 38.78
CA THR F 69 -19.09 55.16 38.77
C THR F 69 -18.84 53.85 38.02
N ILE F 70 -19.58 52.82 38.40
CA ILE F 70 -19.43 51.49 37.81
C ILE F 70 -20.74 51.09 37.14
N SER F 71 -20.63 50.58 35.91
CA SER F 71 -21.77 50.06 35.16
C SER F 71 -21.44 48.66 34.67
N GLU F 72 -22.46 47.96 34.18
CA GLU F 72 -22.31 46.59 33.74
C GLU F 72 -23.17 46.38 32.50
N HIS F 73 -22.65 45.64 31.54
CA HIS F 73 -23.36 45.33 30.30
C HIS F 73 -23.66 43.84 30.29
N ARG F 74 -24.92 43.49 30.58
CA ARG F 74 -25.32 42.08 30.64
C ARG F 74 -25.18 41.42 29.28
N GLY F 75 -25.59 42.10 28.21
CA GLY F 75 -25.43 41.56 26.87
C GLY F 75 -23.98 41.41 26.44
N LYS F 76 -23.06 42.08 27.12
CA LYS F 76 -21.64 41.98 26.83
C LYS F 76 -20.92 41.14 27.88
N ASN F 77 -21.46 41.07 29.09
CA ASN F 77 -20.82 40.41 30.24
C ASN F 77 -19.50 41.10 30.60
N ALA F 78 -19.62 42.35 31.02
CA ALA F 78 -18.47 43.13 31.46
C ALA F 78 -18.91 44.18 32.47
N VAL F 79 -18.18 44.26 33.59
CA VAL F 79 -18.30 45.43 34.45
C VAL F 79 -17.59 46.61 33.79
N TYR F 80 -17.92 47.82 34.22
CA TYR F 80 -17.36 49.01 33.59
C TYR F 80 -17.32 50.14 34.59
N LEU F 81 -16.13 50.44 35.09
CA LEU F 81 -15.93 51.58 35.98
C LEU F 81 -15.60 52.82 35.15
N GLU F 82 -16.40 53.86 35.31
CA GLU F 82 -16.20 55.12 34.60
C GLU F 82 -15.46 56.04 35.55
N MET F 83 -14.20 56.22 35.30
CA MET F 83 -13.35 56.92 36.22
C MET F 83 -13.14 58.32 35.64
N HIS F 84 -13.39 59.36 36.45
CA HIS F 84 -13.28 60.74 35.99
C HIS F 84 -12.51 61.60 36.99
N SER F 85 -11.94 62.72 36.49
CA SER F 85 -11.20 63.69 37.31
C SER F 85 -10.06 63.03 38.06
N LEU F 86 -9.21 62.31 37.33
CA LEU F 86 -8.01 61.70 37.88
C LEU F 86 -7.04 62.63 38.57
N LYS F 87 -6.44 62.10 39.62
CA LYS F 87 -5.41 62.74 40.40
C LYS F 87 -4.25 61.76 40.56
N PRO F 88 -3.04 62.27 40.78
CA PRO F 88 -1.89 61.37 40.94
C PRO F 88 -2.03 60.38 42.09
N GLU F 89 -2.76 60.73 43.15
CA GLU F 89 -2.95 59.80 44.26
C GLU F 89 -3.71 58.55 43.84
N ASP F 90 -4.50 58.63 42.76
CA ASP F 90 -5.19 57.46 42.25
C ASP F 90 -4.27 56.47 41.54
N THR F 91 -3.00 56.84 41.33
CA THR F 91 -2.07 55.94 40.65
C THR F 91 -1.93 54.63 41.43
N ALA F 92 -2.15 53.54 40.72
CA ALA F 92 -2.12 52.20 41.30
C ALA F 92 -2.30 51.19 40.17
N VAL F 93 -2.00 49.93 40.46
CA VAL F 93 -2.32 48.84 39.55
C VAL F 93 -3.74 48.38 39.88
N TYR F 94 -4.63 48.44 38.90
CA TYR F 94 -6.06 48.29 39.15
C TYR F 94 -6.52 46.88 38.81
N TYR F 95 -7.41 46.35 39.65
CA TYR F 95 -7.85 44.97 39.54
C TYR F 95 -9.37 44.91 39.61
N CYS F 96 -9.89 43.71 39.36
CA CYS F 96 -11.33 43.45 39.46
C CYS F 96 -11.52 42.06 40.05
N HIS F 97 -11.97 41.99 41.30
CA HIS F 97 -12.27 40.71 41.91
C HIS F 97 -13.61 40.20 41.39
N LEU F 98 -13.75 38.87 41.37
CA LEU F 98 -14.99 38.23 40.98
C LEU F 98 -15.54 37.45 42.16
N GLN F 99 -16.87 37.46 42.30
CA GLN F 99 -17.55 36.84 43.43
C GLN F 99 -18.19 35.52 43.03
N VAL F 100 -17.48 34.71 42.25
CA VAL F 100 -18.01 33.38 41.90
C VAL F 100 -18.29 32.60 43.18
N PRO F 101 -19.48 32.02 43.33
CA PRO F 101 -19.80 31.33 44.58
C PRO F 101 -19.06 30.01 44.73
N PHE F 102 -18.18 29.92 45.72
CA PHE F 102 -17.43 28.71 46.01
C PHE F 102 -17.54 28.41 47.49
N LEU F 103 -18.14 27.25 47.82
CA LEU F 103 -18.43 26.87 49.20
C LEU F 103 -19.28 27.95 49.89
N GLY F 104 -20.23 28.51 49.14
CA GLY F 104 -21.02 29.61 49.65
C GLY F 104 -20.42 30.98 49.40
N GLY F 105 -19.51 31.12 48.44
CA GLY F 105 -18.90 32.39 48.12
C GLY F 105 -17.42 32.40 48.40
N GLY F 106 -16.64 32.97 47.49
CA GLY F 106 -15.21 33.04 47.68
C GLY F 106 -14.47 32.74 46.39
N TYR F 107 -13.17 32.49 46.55
CA TYR F 107 -12.22 32.35 45.45
C TYR F 107 -12.40 33.44 44.40
N ASP F 108 -12.10 34.66 44.82
CA ASP F 108 -12.09 35.81 43.94
C ASP F 108 -10.98 35.73 42.90
N TYR F 109 -11.20 36.38 41.76
CA TYR F 109 -10.29 36.34 40.63
C TYR F 109 -9.63 37.70 40.37
N TRP F 110 -9.34 38.46 41.42
CA TRP F 110 -8.73 39.77 41.21
C TRP F 110 -7.27 39.68 40.77
N GLY F 111 -6.68 38.49 40.80
CA GLY F 111 -5.25 38.38 40.52
C GLY F 111 -4.87 38.94 39.16
N GLN F 112 -5.70 38.70 38.15
CA GLN F 112 -5.48 39.28 36.83
C GLN F 112 -6.02 40.70 36.83
N GLY F 113 -5.13 41.68 36.71
CA GLY F 113 -5.53 43.08 36.78
C GLY F 113 -4.95 43.94 35.69
N THR F 114 -5.07 45.27 35.85
CA THR F 114 -4.62 46.23 34.86
C THR F 114 -3.83 47.34 35.55
N GLN F 115 -2.99 48.02 34.77
CA GLN F 115 -2.20 49.14 35.27
C GLN F 115 -2.82 50.43 34.77
N VAL F 116 -3.25 51.27 35.71
CA VAL F 116 -3.83 52.58 35.40
C VAL F 116 -3.15 53.60 36.30
N THR F 117 -2.13 54.29 35.78
CA THR F 117 -1.35 55.25 36.52
C THR F 117 -1.69 56.66 36.06
N VAL F 118 -1.87 57.57 37.03
CA VAL F 118 -2.16 58.97 36.75
C VAL F 118 -0.90 59.77 37.03
N SER F 119 -0.33 60.36 35.99
CA SER F 119 0.89 61.15 36.12
C SER F 119 0.93 62.18 34.99
N SER F 120 1.43 63.37 35.30
CA SER F 120 1.51 64.46 34.34
C SER F 120 2.76 64.40 33.48
N GLY F 121 3.67 63.47 33.74
CA GLY F 121 4.88 63.33 32.95
C GLY F 121 5.05 61.94 32.36
C1 NAG G . -63.64 -8.67 -11.71
C2 NAG G . -65.14 -8.69 -11.48
C3 NAG G . -65.67 -7.28 -11.22
C4 NAG G . -64.90 -6.63 -10.08
C5 NAG G . -63.41 -6.67 -10.37
C6 NAG G . -62.55 -6.15 -9.24
C7 NAG G . -66.30 -10.54 -12.61
C8 NAG G . -66.99 -10.99 -13.87
N2 NAG G . -65.83 -9.28 -12.62
O3 NAG G . -67.06 -7.35 -10.89
O4 NAG G . -65.31 -5.28 -9.92
O5 NAG G . -63.00 -8.03 -10.60
O6 NAG G . -61.17 -6.37 -9.47
O7 NAG G . -66.19 -11.27 -11.64
C1 NAG G . -65.97 -5.13 -8.65
C2 NAG G . -66.06 -3.64 -8.32
C3 NAG G . -66.80 -3.44 -7.01
C4 NAG G . -68.16 -4.12 -7.06
C5 NAG G . -67.98 -5.60 -7.43
C6 NAG G . -69.29 -6.32 -7.60
C7 NAG G . -64.35 -2.05 -9.08
C8 NAG G . -62.95 -1.55 -8.89
N2 NAG G . -64.74 -3.03 -8.26
O3 NAG G . -66.97 -2.04 -6.77
O4 NAG G . -68.79 -4.04 -5.79
O5 NAG G . -67.28 -5.70 -8.68
O6 NAG G . -69.28 -7.59 -6.97
O7 NAG G . -65.09 -1.60 -9.95
C1 NAG H . -56.97 13.18 -11.68
C2 NAG H . -58.23 14.06 -11.70
C3 NAG H . -58.11 15.20 -10.69
C4 NAG H . -57.76 14.66 -9.31
C5 NAG H . -56.50 13.82 -9.40
C6 NAG H . -56.13 13.16 -8.09
C7 NAG H . -59.37 14.07 -13.88
C8 NAG H . -59.48 14.73 -15.22
N2 NAG H . -58.47 14.59 -13.04
O3 NAG H . -59.34 15.93 -10.64
O4 NAG H . -57.56 15.73 -8.39
O5 NAG H . -56.71 12.75 -10.33
O6 NAG H . -54.76 12.80 -8.07
O7 NAG H . -60.05 13.10 -13.57
C1 NAG H . -58.60 15.69 -7.38
C2 NAG H . -58.03 16.17 -6.05
C3 NAG H . -59.11 16.19 -4.99
C4 NAG H . -60.30 17.01 -5.46
C5 NAG H . -60.79 16.50 -6.81
C6 NAG H . -61.89 17.35 -7.41
C7 NAG H . -55.64 15.74 -5.63
C8 NAG H . -54.63 14.75 -5.15
N2 NAG H . -56.92 15.33 -5.63
O3 NAG H . -58.59 16.75 -3.78
O4 NAG H . -61.37 16.92 -4.53
O5 NAG H . -59.70 16.52 -7.76
O6 NAG H . -61.53 17.85 -8.69
O7 NAG H . -55.33 16.87 -6.01
C1 NAG I . -72.84 -25.73 -19.20
C2 NAG I . -74.03 -25.49 -18.28
C3 NAG I . -75.35 -25.63 -19.05
C4 NAG I . -75.34 -24.74 -20.30
C5 NAG I . -74.09 -25.01 -21.12
C6 NAG I . -73.94 -24.08 -22.31
C7 NAG I . -73.41 -26.11 -15.99
C8 NAG I . -73.48 -27.18 -14.94
N2 NAG I . -74.01 -26.40 -17.15
O3 NAG I . -76.43 -25.26 -18.20
O4 NAG I . -76.50 -25.01 -21.08
O5 NAG I . -72.91 -24.84 -20.32
O6 NAG I . -74.36 -24.70 -23.51
O7 NAG I . -72.84 -25.04 -15.80
C1 NAG I . -77.27 -23.79 -21.23
C2 NAG I . -78.37 -24.02 -22.28
C3 NAG I . -79.22 -22.76 -22.42
C4 NAG I . -79.74 -22.31 -21.06
C5 NAG I . -78.58 -22.16 -20.09
C6 NAG I . -79.04 -21.82 -18.69
C7 NAG I . -77.70 -25.68 -23.96
C8 NAG I . -77.11 -25.89 -25.33
N2 NAG I . -77.82 -24.41 -23.56
O3 NAG I . -80.31 -23.03 -23.29
O4 NAG I . -80.42 -21.06 -21.20
O5 NAG I . -77.84 -23.38 -19.99
O6 NAG I . -80.41 -22.13 -18.49
O7 NAG I . -78.05 -26.62 -23.25
C1 NAG J . -37.63 -43.57 -13.72
C2 NAG J . -38.49 -44.80 -13.46
C3 NAG J . -37.88 -45.64 -12.35
C4 NAG J . -36.43 -45.96 -12.65
C5 NAG J . -35.66 -44.68 -12.95
C6 NAG J . -34.23 -44.92 -13.39
C7 NAG J . -40.92 -45.15 -13.50
C8 NAG J . -42.26 -44.61 -13.08
N2 NAG J . -39.86 -44.43 -13.14
O3 NAG J . -38.62 -46.85 -12.20
O4 NAG J . -35.83 -46.62 -11.54
O5 NAG J . -36.29 -43.96 -14.01
O6 NAG J . -33.72 -43.82 -14.12
O7 NAG J . -40.81 -46.17 -14.17
C1 NAG J . -35.42 -47.95 -11.90
C2 NAG J . -34.16 -48.30 -11.10
C3 NAG J . -33.72 -49.72 -11.41
C4 NAG J . -34.88 -50.70 -11.18
C5 NAG J . -36.10 -50.26 -11.97
C6 NAG J . -37.31 -51.11 -11.69
C7 NAG J . -32.68 -46.44 -10.51
C8 NAG J . -31.56 -45.55 -10.96
N2 NAG J . -33.08 -47.36 -11.38
O3 NAG J . -32.62 -50.08 -10.58
O4 NAG J . -34.49 -52.01 -11.59
O5 NAG J . -36.44 -48.91 -11.62
O6 NAG J . -38.26 -51.02 -12.76
O7 NAG J . -33.19 -46.31 -9.40
C1 NAG K . -44.58 -36.33 -54.94
C2 NAG K . -44.26 -37.71 -55.49
C3 NAG K . -45.47 -38.29 -56.22
C4 NAG K . -46.71 -38.26 -55.31
C5 NAG K . -46.92 -36.85 -54.78
C6 NAG K . -48.06 -36.76 -53.79
C7 NAG K . -41.89 -38.05 -56.01
C8 NAG K . -40.82 -37.93 -57.05
N2 NAG K . -43.11 -37.67 -56.38
O3 NAG K . -45.20 -39.63 -56.61
O4 NAG K . -47.85 -38.66 -56.05
O5 NAG K . -45.74 -36.40 -54.09
O6 NAG K . -47.78 -37.52 -52.61
O7 NAG K . -41.66 -38.48 -54.88
C1 NAG K . -48.37 -39.88 -55.48
C2 NAG K . -49.81 -40.08 -55.98
C3 NAG K . -50.39 -41.38 -55.42
C4 NAG K . -49.47 -42.55 -55.75
C5 NAG K . -48.05 -42.26 -55.29
C6 NAG K . -47.06 -43.32 -55.71
C7 NAG K . -50.94 -37.95 -56.45
C8 NAG K . -51.81 -36.87 -55.90
N2 NAG K . -50.64 -38.95 -55.61
O3 NAG K . -51.68 -41.59 -55.97
O4 NAG K . -49.94 -43.73 -55.12
O5 NAG K . -47.58 -41.02 -55.85
O6 NAG K . -45.78 -43.10 -55.14
O7 NAG K . -50.51 -37.93 -57.60
C1 NAG L . -47.75 -19.53 -66.24
C2 NAG L . -46.45 -19.18 -66.95
C3 NAG L . -46.66 -17.96 -67.86
C4 NAG L . -47.84 -18.20 -68.80
C5 NAG L . -49.08 -18.59 -68.00
C6 NAG L . -50.24 -18.96 -68.89
C7 NAG L . -44.28 -19.67 -65.93
C8 NAG L . -43.28 -19.27 -64.89
N2 NAG L . -45.38 -18.92 -66.00
O3 NAG L . -45.47 -17.73 -68.60
O4 NAG L . -48.12 -17.02 -69.54
O5 NAG L . -48.78 -19.74 -67.20
O6 NAG L . -51.29 -19.56 -68.13
O7 NAG L . -44.09 -20.63 -66.68
C1 NAG L . -47.57 -17.18 -70.86
C2 NAG L . -48.39 -16.35 -71.85
C3 NAG L . -47.77 -16.44 -73.25
C4 NAG L . -46.31 -16.06 -73.21
C5 NAG L . -45.57 -16.90 -72.17
C6 NAG L . -44.12 -16.50 -72.00
C7 NAG L . -50.73 -16.24 -71.12
C8 NAG L . -52.11 -16.82 -71.27
N2 NAG L . -49.78 -16.79 -71.87
O3 NAG L . -48.49 -15.56 -74.13
O4 NAG L . -45.71 -16.28 -74.49
O5 NAG L . -46.21 -16.74 -70.89
O6 NAG L . -43.50 -17.25 -70.97
O7 NAG L . -50.50 -15.31 -70.35
C1 NAG M . -40.31 5.24 -50.99
C2 NAG M . -40.93 5.60 -52.34
C3 NAG M . -39.95 5.33 -53.46
C4 NAG M . -38.62 6.03 -53.20
C5 NAG M . -38.10 5.66 -51.81
C6 NAG M . -36.86 6.43 -51.42
C7 NAG M . -43.37 5.42 -52.51
C8 NAG M . -44.54 4.51 -52.75
N2 NAG M . -42.17 4.85 -52.56
O3 NAG M . -40.49 5.79 -54.70
O4 NAG M . -37.66 5.63 -54.17
O5 NAG M . -39.09 5.96 -50.82
O6 NAG M . -36.03 5.68 -50.55
O7 NAG M . -43.52 6.62 -52.28
C1 NAG M . -37.23 6.76 -54.95
C2 NAG M . -35.94 6.38 -55.69
C3 NAG M . -35.48 7.54 -56.56
C4 NAG M . -36.60 7.99 -57.50
C5 NAG M . -37.85 8.31 -56.69
C6 NAG M . -39.05 8.64 -57.55
C7 NAG M . -34.32 4.79 -54.75
C8 NAG M . -33.27 4.56 -53.72
N2 NAG M . -34.90 6.00 -54.75
O3 NAG M . -34.35 7.12 -57.33
O4 NAG M . -36.20 9.15 -58.22
O5 NAG M . -38.23 7.16 -55.90
O6 NAG M . -40.25 8.10 -57.02
O7 NAG M . -34.65 3.91 -55.56
C1 NAG N . -20.87 -4.90 -55.45
C2 NAG N . -20.82 -5.40 -56.89
C3 NAG N . -19.40 -5.25 -57.45
C4 NAG N . -18.90 -3.82 -57.27
C5 NAG N . -19.06 -3.38 -55.81
C6 NAG N . -18.71 -1.92 -55.59
C7 NAG N . -21.84 -7.29 -58.07
C8 NAG N . -22.22 -8.73 -57.99
N2 NAG N . -21.26 -6.78 -56.98
O3 NAG N . -19.39 -5.59 -58.82
O4 NAG N . -17.53 -3.75 -57.62
O5 NAG N . -20.42 -3.54 -55.39
O6 NAG N . -19.07 -1.50 -54.28
O7 NAG N . -22.03 -6.62 -59.07
C1 NAG N . -17.38 -2.98 -58.84
C2 NAG N . -16.05 -2.24 -58.78
C3 NAG N . -15.83 -1.46 -60.07
C4 NAG N . -15.96 -2.37 -61.28
C5 NAG N . -17.30 -3.11 -61.23
C6 NAG N . -17.45 -4.12 -62.34
C7 NAG N . -15.18 -1.55 -56.59
C8 NAG N . -15.24 -0.54 -55.49
N2 NAG N . -15.99 -1.35 -57.62
O3 NAG N . -14.53 -0.87 -60.05
O4 NAG N . -15.89 -1.61 -62.47
O5 NAG N . -17.42 -3.82 -59.99
O6 NAG N . -17.28 -5.45 -61.86
O7 NAG N . -14.41 -2.51 -56.54
C1 NAG O . -61.08 6.52 -50.29
C2 NAG O . -61.31 7.53 -51.41
C3 NAG O . -62.40 7.03 -52.34
C4 NAG O . -62.10 5.62 -52.84
C5 NAG O . -61.79 4.69 -51.67
C6 NAG O . -61.33 3.32 -52.11
C7 NAG O . -60.78 9.85 -50.82
C8 NAG O . -61.30 11.13 -50.24
N2 NAG O . -61.64 8.84 -50.88
O3 NAG O . -62.51 7.92 -53.46
O4 NAG O . -63.22 5.11 -53.55
O5 NAG O . -60.76 5.25 -50.85
O6 NAG O . -60.34 3.41 -53.12
O7 NAG O . -59.62 9.73 -51.21
C1 NAG O . -62.85 4.83 -54.92
C2 NAG O . -64.06 4.24 -55.65
C3 NAG O . -63.71 3.96 -57.10
C4 NAG O . -63.13 5.22 -57.76
C5 NAG O . -61.97 5.76 -56.94
C6 NAG O . -61.43 7.06 -57.46
C7 NAG O . -65.72 2.92 -54.42
C8 NAG O . -66.03 1.59 -53.80
N2 NAG O . -64.52 3.02 -55.00
O3 NAG O . -64.87 3.54 -57.81
O4 NAG O . -62.68 4.92 -59.08
O5 NAG O . -62.40 6.01 -55.59
O6 NAG O . -60.01 7.11 -57.37
O7 NAG O . -66.51 3.85 -54.38
C1 NAG P . -75.56 2.70 -37.19
C2 NAG P . -75.80 3.84 -36.13
C3 NAG P . -76.89 3.45 -35.16
C4 NAG P . -78.18 3.07 -35.85
C5 NAG P . -77.93 2.02 -36.96
C6 NAG P . -79.14 1.89 -37.85
C7 NAG P . -74.14 5.29 -34.98
C8 NAG P . -72.89 5.28 -34.16
N2 NAG P . -74.58 4.09 -35.38
O3 NAG P . -77.13 4.56 -34.31
O4 NAG P . -79.07 2.55 -34.87
O5 NAG P . -76.83 2.36 -37.82
O6 NAG P . -79.75 0.61 -37.84
O7 NAG P . -74.74 6.33 -35.25
C1 NAG P . -80.03 3.50 -34.32
C2 NAG P . -81.32 2.72 -34.06
C3 NAG P . -82.41 3.64 -33.52
C4 NAG P . -81.90 4.42 -32.31
C5 NAG P . -80.57 5.12 -32.60
C6 NAG P . -79.96 5.77 -31.39
C7 NAG P . -82.31 0.82 -35.25
C8 NAG P . -82.71 0.26 -36.58
N2 NAG P . -81.77 2.04 -35.26
O3 NAG P . -83.54 2.88 -33.17
O4 NAG P . -82.87 5.41 -31.95
O5 NAG P . -79.61 4.17 -33.11
O6 NAG P . -80.09 4.95 -30.23
O7 NAG P . -82.45 0.19 -34.20
C1 NAG Q . -11.13 12.18 72.68
C2 NAG Q . -10.64 12.06 71.23
C3 NAG Q . -9.12 11.93 71.18
C4 NAG Q . -8.47 12.67 72.33
C5 NAG Q . -8.87 12.04 73.65
C6 NAG Q . -8.85 13.02 74.82
C7 NAG Q . -12.35 11.08 69.78
C8 NAG Q . -12.88 9.82 69.16
N2 NAG Q . -11.27 10.95 70.55
O3 NAG Q . -8.68 12.49 69.94
O4 NAG Q . -7.04 12.68 72.23
O5 NAG Q . -10.20 11.50 73.58
O6 NAG Q . -8.85 14.36 74.35
O7 NAG Q . -12.89 12.17 69.59
C1 NAG Q . -6.43 11.51 71.65
C2 NAG Q . -4.91 11.70 71.75
C3 NAG Q . -4.18 10.50 71.16
C4 NAG Q . -4.68 9.20 71.79
C5 NAG Q . -6.20 9.11 71.72
C6 NAG Q . -6.77 7.93 72.46
C7 NAG Q . -4.45 14.11 71.69
C8 NAG Q . -4.01 15.27 70.85
N2 NAG Q . -4.49 12.92 71.07
O3 NAG Q . -2.79 10.65 71.37
O4 NAG Q . -4.11 8.08 71.13
O5 NAG Q . -6.78 10.28 72.31
O6 NAG Q . -8.18 7.86 72.30
O7 NAG Q . -4.79 14.25 72.86
C1 NAG R . -66.38 -41.43 -30.38
C2 NAG R . -66.30 -42.63 -29.39
C3 NAG R . -65.76 -43.89 -30.08
C4 NAG R . -66.61 -44.21 -31.30
C5 NAG R . -66.50 -43.04 -32.27
C6 NAG R . -67.33 -43.25 -33.51
C7 NAG R . -64.20 -42.19 -28.15
C8 NAG R . -63.61 -41.87 -26.80
N2 NAG R . -65.53 -42.32 -28.20
O3 NAG R . -65.78 -44.97 -29.16
O4 NAG R . -66.17 -45.41 -31.92
O5 NAG R . -67.01 -41.86 -31.64
O6 NAG R . -67.39 -44.62 -33.87
O7 NAG R . -63.49 -42.29 -29.15
C1 NAG S . 14.73 -31.72 39.78
C2 NAG S . 15.26 -30.84 40.93
C3 NAG S . 14.26 -30.83 42.09
C4 NAG S . 12.87 -30.43 41.59
C5 NAG S . 12.45 -31.35 40.45
C6 NAG S . 11.12 -30.96 39.84
C7 NAG S . 17.45 -30.45 41.97
C8 NAG S . 18.76 -31.08 42.37
N2 NAG S . 16.56 -31.28 41.38
O3 NAG S . 14.70 -29.91 43.09
O4 NAG S . 11.93 -30.54 42.66
O5 NAG S . 13.42 -31.28 39.39
O6 NAG S . 11.22 -30.81 38.43
O7 NAG S . 17.22 -29.27 42.16
C1 NAG T . 36.83 -12.39 41.01
C2 NAG T . 35.62 -13.06 41.66
C3 NAG T . 35.14 -12.25 42.87
C4 NAG T . 36.30 -12.01 43.84
C5 NAG T . 37.47 -11.37 43.10
C6 NAG T . 38.70 -11.21 43.98
C7 NAG T . 33.54 -14.10 40.86
C8 NAG T . 32.50 -14.11 39.78
N2 NAG T . 34.53 -13.20 40.70
O3 NAG T . 34.09 -12.94 43.53
O4 NAG T . 35.88 -11.16 44.89
O5 NAG T . 37.86 -12.21 42.00
O6 NAG T . 39.81 -11.92 43.46
O7 NAG T . 33.48 -14.85 41.83
C1 NAG U . -20.12 -28.34 24.02
C2 NAG U . -20.31 -29.06 22.68
C3 NAG U . -21.14 -30.32 22.87
C4 NAG U . -20.52 -31.20 23.94
C5 NAG U . -20.31 -30.41 25.22
C6 NAG U . -19.58 -31.20 26.29
C7 NAG U . -20.32 -27.77 20.59
C8 NAG U . -21.11 -26.86 19.70
N2 NAG U . -20.94 -28.17 21.70
O3 NAG U . -21.22 -31.03 21.64
O4 NAG U . -21.37 -32.32 24.20
O5 NAG U . -19.52 -29.24 24.97
O6 NAG U . -19.88 -32.59 26.19
O7 NAG U . -19.18 -28.12 20.31
C1 NAG V . -40.93 -27.92 21.22
C2 NAG V . -40.29 -27.65 22.58
C3 NAG V . -39.64 -28.93 23.12
C4 NAG V . -40.65 -30.06 23.14
C5 NAG V . -41.28 -30.25 21.76
C6 NAG V . -42.38 -31.27 21.74
C7 NAG V . -39.45 -25.42 23.16
C8 NAG V . -38.34 -24.42 22.97
N2 NAG V . -39.30 -26.58 22.51
O3 NAG V . -39.13 -28.70 24.42
O4 NAG V . -40.02 -31.27 23.53
O5 NAG V . -41.86 -29.00 21.32
O6 NAG V . -42.68 -31.70 20.42
O7 NAG V . -40.44 -25.18 23.85
C1 NAG W . -55.73 -40.17 -16.27
C2 NAG W . -56.04 -40.95 -17.56
C3 NAG W . -57.10 -42.00 -17.28
C4 NAG W . -56.69 -42.88 -16.11
C5 NAG W . -56.36 -42.02 -14.90
C6 NAG W . -55.84 -42.82 -13.73
C7 NAG W . -55.70 -39.69 -19.64
C8 NAG W . -56.31 -38.74 -20.63
N2 NAG W . -56.48 -40.04 -18.61
O3 NAG W . -57.29 -42.79 -18.45
O4 NAG W . -57.76 -43.78 -15.78
O5 NAG W . -55.34 -41.08 -15.25
O6 NAG W . -55.43 -41.97 -12.67
O7 NAG W . -54.56 -40.12 -19.77
C1 NAG X . -62.30 -28.74 -8.92
C2 NAG X . -62.48 -30.24 -8.90
C3 NAG X . -61.99 -30.81 -7.57
C4 NAG X . -60.54 -30.41 -7.32
C5 NAG X . -60.49 -28.88 -7.27
C6 NAG X . -59.14 -28.30 -6.88
C7 NAG X . -64.40 -31.23 -10.07
C8 NAG X . -65.88 -31.31 -10.11
N2 NAG X . -63.89 -30.51 -9.08
O3 NAG X . -62.11 -32.22 -7.58
O4 NAG X . -60.05 -31.00 -6.11
O5 NAG X . -60.84 -28.37 -8.56
O6 NAG X . -59.20 -27.57 -5.66
O7 NAG X . -63.69 -31.83 -10.91
C1 NAG Y . -24.34 -1.24 46.69
C2 NAG Y . -23.58 -2.47 47.20
C3 NAG Y . -24.51 -3.39 47.99
C4 NAG Y . -25.24 -2.61 49.08
C5 NAG Y . -25.95 -1.41 48.47
C6 NAG Y . -26.63 -0.55 49.50
C7 NAG Y . -21.77 -2.85 45.59
C8 NAG Y . -21.28 -3.72 44.47
N2 NAG Y . -22.96 -3.19 46.11
O3 NAG Y . -23.75 -4.44 48.57
O4 NAG Y . -26.18 -3.45 49.73
O5 NAG Y . -24.99 -0.58 47.79
O6 NAG Y . -27.99 -0.32 49.17
O7 NAG Y . -21.12 -1.90 46.01
C1 NAG Z . -36.06 10.37 71.50
C2 NAG Z . -36.73 9.44 72.51
C3 NAG Z . -36.15 8.04 72.38
C4 NAG Z . -36.25 7.57 70.93
C5 NAG Z . -35.69 8.61 69.97
C6 NAG Z . -35.88 8.24 68.52
C7 NAG Z . -37.59 10.47 74.57
C8 NAG Z . -37.23 10.95 75.94
N2 NAG Z . -36.57 9.95 73.87
O3 NAG Z . -36.88 7.17 73.23
O4 NAG Z . -35.54 6.34 70.80
O5 NAG Z . -36.30 9.90 70.18
O6 NAG Z . -37.19 7.73 68.27
O7 NAG Z . -38.72 10.55 74.12
C1 NAG AA . 9.65 23.43 58.08
C2 NAG AA . 11.04 23.12 57.51
C3 NAG AA . 11.94 22.55 58.60
C4 NAG AA . 11.95 23.45 59.82
C5 NAG AA . 10.53 23.75 60.28
C6 NAG AA . 10.47 24.76 61.41
C7 NAG AA . 10.75 22.64 55.12
C8 NAG AA . 10.69 21.56 54.07
N2 NAG AA . 10.95 22.22 56.38
O3 NAG AA . 13.25 22.39 58.09
O4 NAG AA . 12.66 22.82 60.88
O5 NAG AA . 9.77 24.32 59.19
O6 NAG AA . 9.13 25.02 61.81
O7 NAG AA . 10.61 23.83 54.85
C1 NAG BA . -40.69 5.43 17.86
C2 NAG BA . -40.27 5.70 16.42
C3 NAG BA . -41.49 5.76 15.52
C4 NAG BA . -42.32 4.48 15.68
C5 NAG BA . -42.64 4.25 17.16
C6 NAG BA . -43.35 2.93 17.41
C7 NAG BA . -38.21 6.96 15.98
C8 NAG BA . -37.56 8.32 15.92
N2 NAG BA . -39.50 6.93 16.31
O3 NAG BA . -41.07 5.89 14.16
O4 NAG BA . -43.54 4.61 14.96
O5 NAG BA . -41.43 4.21 17.93
O6 NAG BA . -42.91 2.33 18.62
O7 NAG BA . -37.57 5.94 15.74
C1 NAG CA . -10.73 32.90 59.20
C2 NAG CA . -10.62 33.51 60.60
C3 NAG CA . -9.74 34.77 60.57
C4 NAG CA . -8.39 34.44 59.95
C5 NAG CA . -8.58 33.79 58.58
C6 NAG CA . -7.28 33.34 57.96
C7 NAG CA . -12.53 33.10 62.09
C8 NAG CA . -13.89 33.56 62.52
N2 NAG CA . -11.94 33.83 61.14
O3 NAG CA . -9.57 35.24 61.90
O4 NAG CA . -7.63 35.63 59.81
O5 NAG CA . -9.41 32.63 58.70
O6 NAG CA . -6.56 32.48 58.82
O7 NAG CA . -11.99 32.11 62.57
C1 NAG DA . 2.35 9.13 48.79
C2 NAG DA . 3.01 8.20 47.78
C3 NAG DA . 2.61 6.75 48.03
C4 NAG DA . 2.90 6.37 49.48
C5 NAG DA . 2.22 7.35 50.42
C6 NAG DA . 2.55 7.10 51.88
C7 NAG DA . 3.57 9.00 45.52
C8 NAG DA . 3.04 9.37 44.17
N2 NAG DA . 2.66 8.59 46.42
O3 NAG DA . 3.32 5.89 47.15
O4 NAG DA . 2.42 5.05 49.74
O5 NAG DA . 2.66 8.68 50.13
O6 NAG DA . 1.50 7.55 52.73
O7 NAG DA . 4.76 9.08 45.79
C1 NAG EA . 42.24 -25.57 6.99
C2 NAG EA . 42.20 -24.05 6.78
C3 NAG EA . 42.48 -23.71 5.33
C4 NAG EA . 43.80 -24.34 4.87
C5 NAG EA . 43.78 -25.84 5.16
C6 NAG EA . 45.11 -26.50 4.87
C7 NAG EA . 40.70 -23.00 8.41
C8 NAG EA . 39.32 -22.48 8.68
N2 NAG EA . 40.92 -23.51 7.19
O3 NAG EA . 42.54 -22.30 5.17
O4 NAG EA . 43.99 -24.13 3.49
O5 NAG EA . 43.51 -26.08 6.55
O6 NAG EA . 45.09 -27.89 5.21
O7 NAG EA . 41.58 -22.97 9.27
C1 NAG FA . 46.96 4.38 -23.64
C2 NAG FA . 48.48 4.48 -23.44
C3 NAG FA . 49.17 3.22 -23.95
C4 NAG FA . 48.56 1.99 -23.30
C5 NAG FA . 47.04 1.97 -23.50
C6 NAG FA . 46.36 0.84 -22.77
C7 NAG FA . 48.96 5.94 -25.38
C8 NAG FA . 49.59 7.23 -25.82
N2 NAG FA . 49.03 5.67 -24.07
O3 NAG FA . 50.56 3.29 -23.65
O4 NAG FA . 49.11 0.81 -23.87
O5 NAG FA . 46.47 3.20 -23.00
O6 NAG FA . 46.24 1.11 -21.38
O7 NAG FA . 48.41 5.18 -26.18
C1 NAG GA . -3.40 -41.68 -13.43
C2 NAG GA . -3.96 -41.35 -14.82
C3 NAG GA . -5.44 -41.76 -14.91
C4 NAG GA . -5.62 -43.21 -14.49
C5 NAG GA . -5.03 -43.44 -13.10
C6 NAG GA . -5.09 -44.88 -12.66
C7 NAG GA . -3.81 -39.45 -16.37
C8 NAG GA . -3.64 -37.97 -16.49
N2 NAG GA . -3.81 -39.94 -15.12
O3 NAG GA . -5.90 -41.58 -16.24
O4 NAG GA . -7.01 -43.54 -14.47
O5 NAG GA . -3.65 -43.06 -13.12
O6 NAG GA . -3.82 -45.33 -12.22
O7 NAG GA . -3.96 -40.17 -17.35
C1 NAG HA . 16.19 -14.71 -34.41
C2 NAG HA . 17.22 -15.29 -35.39
C3 NAG HA . 16.80 -14.99 -36.83
C4 NAG HA . 15.38 -15.47 -37.07
C5 NAG HA . 14.43 -14.88 -36.02
C6 NAG HA . 13.02 -15.41 -36.14
C7 NAG HA . 19.67 -15.47 -35.24
C8 NAG HA . 20.94 -14.76 -34.93
N2 NAG HA . 18.55 -14.75 -35.13
O3 NAG HA . 17.70 -15.63 -37.72
O4 NAG HA . 14.95 -15.06 -38.36
O5 NAG HA . 14.90 -15.23 -34.72
O6 NAG HA . 12.13 -14.38 -36.59
O7 NAG HA . 19.64 -16.65 -35.58
C1 NAG IA . 5.59 -31.06 -43.59
C2 NAG IA . 5.38 -29.91 -44.58
C3 NAG IA . 6.72 -29.46 -45.15
C4 NAG IA . 7.69 -29.12 -44.02
C5 NAG IA . 7.80 -30.30 -43.05
C6 NAG IA . 8.65 -29.99 -41.84
C7 NAG IA . 3.24 -29.82 -45.76
C8 NAG IA . 2.45 -30.33 -46.93
N2 NAG IA . 4.47 -30.31 -45.65
O3 NAG IA . 6.52 -28.32 -45.96
O4 NAG IA . 8.98 -28.84 -44.55
O5 NAG IA . 6.50 -30.66 -42.56
O6 NAG IA . 8.14 -30.61 -40.67
O7 NAG IA . 2.77 -29.01 -44.97
C1 NAG JA . -31.57 -18.83 -60.34
C2 NAG JA . -32.51 -18.01 -61.24
C3 NAG JA . -32.56 -18.59 -62.64
C4 NAG JA . -31.15 -18.76 -63.20
C5 NAG JA . -30.28 -19.55 -62.22
C6 NAG JA . -28.83 -19.66 -62.66
C7 NAG JA . -34.28 -16.91 -59.94
C8 NAG JA . -35.68 -17.03 -59.42
N2 NAG JA . -33.84 -17.95 -60.66
O3 NAG JA . -33.32 -17.75 -63.49
O4 NAG JA . -31.19 -19.43 -64.45
O5 NAG JA . -30.28 -18.90 -60.95
O6 NAG JA . -28.21 -20.80 -62.08
O7 NAG JA . -33.59 -15.94 -59.71
C1 NAG KA . -36.81 -40.07 -35.66
C2 NAG KA . -37.51 -41.13 -36.52
C3 NAG KA . -37.90 -42.33 -35.65
C4 NAG KA . -36.68 -42.87 -34.91
C5 NAG KA . -36.04 -41.74 -34.10
C6 NAG KA . -34.77 -42.16 -33.40
C7 NAG KA . -38.93 -40.74 -38.48
C8 NAG KA . -40.18 -40.10 -38.99
N2 NAG KA . -38.68 -40.58 -37.17
O3 NAG KA . -38.43 -43.36 -36.49
O4 NAG KA . -37.08 -43.91 -34.02
O5 NAG KA . -35.70 -40.66 -34.98
O6 NAG KA . -34.26 -41.11 -32.59
O7 NAG KA . -38.17 -41.37 -39.21
C1 NAG LA . -29.44 -30.51 -51.75
C2 NAG LA . -28.97 -31.97 -51.71
C3 NAG LA . -27.69 -32.12 -52.53
C4 NAG LA . -27.87 -31.56 -53.93
C5 NAG LA . -28.41 -30.14 -53.87
C6 NAG LA . -28.73 -29.55 -55.22
C7 NAG LA . -28.76 -33.68 -49.97
C8 NAG LA . -28.53 -33.94 -48.51
N2 NAG LA . -28.76 -32.40 -50.33
O3 NAG LA . -27.33 -33.50 -52.60
O4 NAG LA . -26.62 -31.55 -54.61
O5 NAG LA . -29.64 -30.11 -53.11
O6 NAG LA . -28.79 -28.13 -55.17
O7 NAG LA . -28.94 -34.59 -50.77
C1 NAG MA . 56.68 -48.06 4.44
C2 NAG MA . 57.35 -47.04 3.53
C3 NAG MA . 57.99 -45.93 4.36
C4 NAG MA . 56.97 -45.33 5.32
C5 NAG MA . 56.32 -46.42 6.16
C6 NAG MA . 55.21 -45.91 7.05
C7 NAG MA . 58.06 -48.20 1.49
C8 NAG MA . 59.20 -48.82 0.74
N2 NAG MA . 58.34 -47.67 2.68
O3 NAG MA . 58.49 -44.92 3.49
O5 NAG MA . 55.73 -47.41 5.30
O6 NAG MA . 54.22 -46.90 7.28
O7 NAG MA . 56.91 -48.18 1.03
C1 NAG NA . 30.93 -40.09 -13.55
C2 NAG NA . 32.33 -39.66 -13.10
C3 NAG NA . 33.36 -40.09 -14.13
C4 NAG NA . 33.25 -41.57 -14.40
C5 NAG NA . 31.82 -41.95 -14.78
C6 NAG NA . 31.62 -43.44 -14.93
C7 NAG NA . 32.11 -37.65 -11.70
C8 NAG NA . 32.22 -36.16 -11.65
N2 NAG NA . 32.38 -38.22 -12.88
O3 NAG NA . 34.66 -39.78 -13.64
O4 NAG NA . 34.13 -41.95 -15.47
O5 NAG NA . 30.91 -41.51 -13.75
O6 NAG NA . 30.24 -43.79 -14.88
O7 NAG NA . 31.79 -38.31 -10.71
C1 NAG OA . 46.38 -65.93 -10.86
C2 NAG OA . 46.47 -66.82 -12.13
C3 NAG OA . 46.87 -65.99 -13.37
C4 NAG OA . 45.99 -64.80 -13.55
C5 NAG OA . 46.28 -63.94 -12.38
C6 NAG OA . 45.73 -62.57 -12.46
C7 NAG OA . 47.22 -69.23 -11.89
C8 NAG OA . 48.44 -70.02 -11.57
N2 NAG OA . 47.42 -67.87 -11.93
O3 NAG OA . 46.73 -66.75 -14.57
O4 NAG OA . 46.07 -64.11 -14.80
O5 NAG OA . 45.60 -64.56 -11.27
O6 NAG OA . 44.34 -62.66 -12.70
O7 NAG OA . 46.08 -69.81 -12.07
C1 NAG PA . 49.84 -30.27 23.00
C2 NAG PA . 50.00 -28.78 23.29
C3 NAG PA . 50.88 -28.12 22.22
C4 NAG PA . 52.18 -28.86 22.06
C5 NAG PA . 51.93 -30.33 21.78
C6 NAG PA . 53.19 -31.16 21.71
C7 NAG PA . 48.05 -28.00 24.54
C8 NAG PA . 46.73 -27.28 24.46
N2 NAG PA . 48.72 -28.11 23.40
O3 NAG PA . 51.12 -26.77 22.58
O4 NAG PA . 52.94 -28.30 20.99
O5 NAG PA . 51.12 -30.89 22.84
O6 NAG PA . 52.98 -32.46 22.25
O7 NAG PA . 48.47 -28.46 25.60
C1 NAG QA . 2.81 -45.29 12.50
C2 NAG QA . 1.75 -45.86 11.55
C3 NAG QA . 1.11 -47.11 12.15
C4 NAG QA . 2.18 -48.12 12.55
C5 NAG QA . 3.19 -47.45 13.49
C6 NAG QA . 4.34 -48.35 13.85
C7 NAG QA . -0.03 -44.92 10.14
C8 NAG QA . -1.04 -43.82 10.00
N2 NAG QA . 0.72 -44.88 11.25
O3 NAG QA . 0.23 -47.71 11.20
O4 NAG QA . 1.58 -49.22 13.23
O5 NAG QA . 3.76 -46.31 12.83
O6 NAG QA . 5.59 -47.69 13.69
O7 NAG QA . 0.10 -45.79 9.30
C1 NAG RA . 40.32 -50.69 21.46
C2 NAG RA . 40.98 -51.71 22.37
C3 NAG RA . 40.75 -51.33 23.81
C4 NAG RA . 41.27 -49.93 24.06
C5 NAG RA . 40.75 -48.92 23.03
C6 NAG RA . 41.49 -47.61 23.09
C7 NAG RA . 41.31 -54.07 21.75
C8 NAG RA . 40.64 -55.39 21.50
N2 NAG RA . 40.50 -53.07 22.09
O3 NAG RA . 41.40 -52.27 24.66
O4 NAG RA . 40.87 -49.49 25.36
O5 NAG RA . 40.92 -49.41 21.68
O6 NAG RA . 42.90 -47.80 23.05
O7 NAG RA . 42.53 -53.92 21.65
C1 NAG SA . 9.44 46.32 -21.37
C2 NAG SA . 9.36 47.26 -20.16
C3 NAG SA . 8.27 48.32 -20.39
C4 NAG SA . 8.51 49.05 -21.70
C5 NAG SA . 8.61 48.04 -22.84
C6 NAG SA . 8.96 48.68 -24.17
C7 NAG SA . 9.75 46.75 -17.80
C8 NAG SA . 9.35 45.89 -16.64
N2 NAG SA . 9.09 46.53 -18.94
O3 NAG SA . 8.29 49.25 -19.31
O4 NAG SA . 7.45 49.95 -21.96
O5 NAG SA . 9.66 47.09 -22.57
O6 NAG SA . 8.80 47.77 -25.24
O7 NAG SA . 10.60 47.63 -17.70
C1 NAG TA . 47.08 40.72 -27.55
C2 NAG TA . 48.48 40.79 -28.14
C3 NAG TA . 49.51 40.52 -27.05
C4 NAG TA . 49.31 41.47 -25.89
C5 NAG TA . 47.86 41.42 -25.40
C6 NAG TA . 47.56 42.45 -24.34
C7 NAG TA . 48.70 40.24 -30.53
C8 NAG TA . 48.60 41.72 -30.78
N2 NAG TA . 48.64 39.86 -29.25
O3 NAG TA . 50.82 40.67 -27.59
O4 NAG TA . 50.17 41.11 -24.82
O5 NAG TA . 46.96 41.67 -26.50
O6 NAG TA . 46.18 42.49 -24.03
O7 NAG TA . 48.84 39.43 -31.44
C1 NAG UA . 18.98 14.41 -40.19
C2 NAG UA . 18.01 15.24 -41.03
C3 NAG UA . 18.05 14.78 -42.49
C4 NAG UA . 19.47 14.77 -43.01
C5 NAG UA . 20.38 13.96 -42.09
C6 NAG UA . 21.83 14.01 -42.49
C7 NAG UA . 15.75 16.13 -40.68
C8 NAG UA . 14.40 15.89 -40.07
N2 NAG UA . 16.66 15.17 -40.51
O3 NAG UA . 17.25 15.64 -43.28
O4 NAG UA . 19.51 14.21 -44.32
O5 NAG UA . 20.29 14.47 -40.76
O6 NAG UA . 22.66 14.30 -41.37
O7 NAG UA . 16.00 17.15 -41.31
C1 NAG VA . -1.07 45.52 26.36
C2 NAG VA . 0.15 46.12 25.64
C3 NAG VA . -0.21 47.46 24.99
C4 NAG VA . -1.44 47.32 24.11
C5 NAG VA . -2.59 46.71 24.91
C6 NAG VA . -3.81 46.46 24.07
C7 NAG VA . 2.54 46.40 26.17
C8 NAG VA . 3.55 46.57 27.25
N2 NAG VA . 1.27 46.28 26.56
O3 NAG VA . 0.89 47.91 24.20
O4 NAG VA . -1.83 48.59 23.62
O5 NAG VA . -2.18 45.45 25.45
O6 NAG VA . -4.45 45.24 24.44
O7 NAG VA . 2.86 46.38 24.98
C1 NAG WA . -19.44 36.33 -3.91
C2 NAG WA . -19.39 37.80 -3.53
C3 NAG WA . -20.81 38.32 -3.27
C4 NAG WA . -21.72 38.01 -4.44
C5 NAG WA . -21.65 36.52 -4.79
C6 NAG WA . -22.43 36.16 -6.03
C7 NAG WA . -17.55 38.90 -2.35
C8 NAG WA . -16.78 39.00 -1.06
N2 NAG WA . -18.54 38.01 -2.37
O3 NAG WA . -20.76 39.73 -3.05
O4 NAG WA . -23.06 38.33 -4.11
O5 NAG WA . -20.28 36.15 -5.04
O6 NAG WA . -22.41 34.76 -6.26
O7 NAG WA . -17.27 39.60 -3.32
C1 NAG XA . -30.68 37.24 -23.19
C2 NAG XA . -29.54 38.12 -22.68
C3 NAG XA . -29.98 38.89 -21.44
C4 NAG XA . -31.26 39.67 -21.72
C5 NAG XA . -32.33 38.73 -22.28
C6 NAG XA . -33.59 39.45 -22.70
C7 NAG XA . -27.42 37.03 -23.31
C8 NAG XA . -26.27 36.19 -22.84
N2 NAG XA . -28.35 37.32 -22.40
O3 NAG XA . -28.94 39.78 -21.05
O4 NAG XA . -31.73 40.27 -20.53
O5 NAG XA . -31.83 38.05 -23.45
O6 NAG XA . -34.62 38.54 -23.06
O7 NAG XA . -27.52 37.43 -24.47
C1 NAG YA . -63.49 11.94 -28.78
C2 NAG YA . -64.71 11.13 -28.36
C3 NAG YA . -65.99 11.84 -28.79
C4 NAG YA . -65.98 13.29 -28.30
C5 NAG YA . -64.70 13.99 -28.72
C6 NAG YA . -64.57 15.39 -28.16
C7 NAG YA . -64.21 8.74 -28.23
C8 NAG YA . -64.21 7.43 -28.96
N2 NAG YA . -64.66 9.79 -28.91
O3 NAG YA . -67.12 11.16 -28.28
O4 NAG YA . -67.09 13.99 -28.84
O5 NAG YA . -63.56 13.26 -28.24
O6 NAG YA . -63.44 16.06 -28.71
O7 NAG YA . -63.81 8.82 -27.07
C1 NAG ZA . -52.22 15.58 -39.05
C2 NAG ZA . -51.21 16.35 -39.89
C3 NAG ZA . -50.45 17.35 -39.02
C4 NAG ZA . -51.42 18.25 -38.28
C5 NAG ZA . -52.43 17.41 -37.50
C6 NAG ZA . -53.52 18.25 -36.85
C7 NAG ZA . -50.38 15.19 -41.88
C8 NAG ZA . -49.35 14.23 -42.43
N2 NAG ZA . -50.30 15.45 -40.58
O3 NAG ZA . -49.59 18.12 -39.84
O4 NAG ZA . -50.71 19.09 -37.37
O5 NAG ZA . -53.09 16.49 -38.37
O6 NAG ZA . -52.97 19.29 -36.04
O7 NAG ZA . -51.25 15.67 -42.59
C1 NAG AB . 38.53 60.92 -15.85
C2 NAG AB . 37.26 60.90 -15.00
C3 NAG AB . 37.64 60.85 -13.52
C4 NAG AB . 38.57 59.68 -13.24
C5 NAG AB . 39.77 59.73 -14.18
C6 NAG AB . 40.68 58.53 -14.05
C7 NAG AB . 35.44 62.05 -16.18
C8 NAG AB . 34.68 63.34 -16.32
N2 NAG AB . 36.43 62.06 -15.27
O3 NAG AB . 36.45 60.71 -12.74
O4 NAG AB . 39.02 59.73 -11.90
O5 NAG AB . 39.33 59.77 -15.55
O6 NAG AB . 40.22 57.44 -14.84
O7 NAG AB . 35.17 61.06 -16.83
C1 NAG BB . 48.37 40.95 -4.21
C2 NAG BB . 48.61 40.21 -2.89
C3 NAG BB . 49.17 41.17 -1.84
C4 NAG BB . 50.41 41.88 -2.37
C5 NAG BB . 50.11 42.55 -3.71
C6 NAG BB . 51.34 43.15 -4.34
C7 NAG BB . 47.36 38.50 -1.65
C8 NAG BB . 46.00 38.01 -1.25
N2 NAG BB . 47.38 39.60 -2.41
O3 NAG BB . 49.49 40.45 -0.66
O4 NAG BB . 50.84 42.86 -1.44
O5 NAG BB . 49.60 41.57 -4.63
O6 NAG BB . 52.24 43.65 -3.37
O7 NAG BB . 48.39 37.94 -1.29
C1 NAG CB . 26.17 35.84 37.88
C2 NAG CB . 26.21 35.65 36.36
C3 NAG CB . 27.07 36.74 35.71
C4 NAG CB . 26.61 38.13 36.16
C5 NAG CB . 26.59 38.22 37.67
C6 NAG CB . 26.04 39.52 38.19
C7 NAG CB . 26.32 33.69 34.90
C8 NAG CB . 26.93 32.33 34.69
N2 NAG CB . 26.70 34.34 36.00
O3 NAG CB . 27.00 36.63 34.30
O4 NAG CB . 27.48 39.12 35.64
O5 NAG CB . 25.75 37.17 38.20
O6 NAG CB . 24.92 39.32 39.04
O7 NAG CB . 25.51 34.17 34.11
C1 NAG DB . -5.46 19.55 -38.26
C2 NAG DB . -6.51 18.99 -39.21
C3 NAG DB . -5.85 18.54 -40.50
C4 NAG DB . -5.20 19.73 -41.19
C5 NAG DB . -4.08 20.25 -40.30
C6 NAG DB . -3.33 21.45 -40.85
C7 NAG DB . -8.58 17.70 -38.76
C8 NAG DB . -9.15 16.56 -37.99
N2 NAG DB . -7.26 17.89 -38.60
O3 NAG DB . -6.82 17.99 -41.37
O4 NAG DB . -4.65 19.33 -42.44
O5 NAG DB . -4.60 20.62 -39.02
O6 NAG DB . -4.07 22.21 -41.80
O7 NAG DB . -9.29 18.39 -39.53
#